data_2CRH
#
_entry.id   2CRH
#
_entity_poly.entity_id   1
_entity_poly.type   'polypeptide(L)'
_entity_poly.pdbx_seq_one_letter_code
;GSSGSSGKAEAEQNWWEGPPQDLSVHLWYAGPMERAGAESILANRSDGTFLVRQRVKDAAEFAISIKYNVEVKHIKIMTA
EGLYRITEKKAFRGLTELVEFYQQNSLKDCFKSLDTTLQFPFKEPEKRTISRSGPSSG
;
_entity_poly.pdbx_strand_id   A
#
# COMPACT_ATOMS: atom_id res chain seq x y z
N GLY A 1 -36.41 40.40 -28.64
CA GLY A 1 -36.09 39.10 -28.10
C GLY A 1 -35.79 38.07 -29.19
N SER A 2 -34.92 37.12 -28.86
CA SER A 2 -34.54 36.09 -29.82
C SER A 2 -34.24 34.77 -29.12
N SER A 3 -34.65 33.66 -29.73
CA SER A 3 -34.44 32.34 -29.16
C SER A 3 -33.13 31.73 -29.66
N GLY A 4 -32.64 30.73 -28.93
CA GLY A 4 -31.40 30.09 -29.32
C GLY A 4 -31.37 28.61 -28.95
N SER A 5 -30.43 27.88 -29.53
CA SER A 5 -30.31 26.44 -29.27
C SER A 5 -28.87 26.08 -28.94
N SER A 6 -28.64 25.64 -27.71
CA SER A 6 -27.29 25.26 -27.27
C SER A 6 -27.36 24.23 -26.15
N GLY A 7 -26.46 23.25 -26.20
CA GLY A 7 -26.44 22.22 -25.18
C GLY A 7 -26.04 20.86 -25.75
N LYS A 8 -25.47 20.01 -24.89
CA LYS A 8 -25.04 18.69 -25.30
C LYS A 8 -25.16 17.69 -24.15
N ALA A 9 -25.55 16.47 -24.47
CA ALA A 9 -25.70 15.43 -23.46
C ALA A 9 -24.47 14.52 -23.43
N GLU A 10 -24.45 13.60 -22.46
CA GLU A 10 -23.33 12.67 -22.33
C GLU A 10 -23.84 11.24 -22.17
N ALA A 11 -22.90 10.30 -22.09
CA ALA A 11 -23.25 8.89 -21.93
C ALA A 11 -22.29 8.19 -20.98
N GLU A 12 -22.84 7.36 -20.09
CA GLU A 12 -22.03 6.63 -19.13
C GLU A 12 -22.18 5.12 -19.31
N GLN A 13 -21.34 4.54 -20.15
CA GLN A 13 -21.39 3.11 -20.42
C GLN A 13 -19.98 2.52 -20.53
N ASN A 14 -19.58 1.73 -19.54
CA ASN A 14 -18.26 1.12 -19.53
C ASN A 14 -18.20 -0.03 -20.53
N TRP A 15 -17.70 0.25 -21.73
CA TRP A 15 -17.58 -0.77 -22.77
C TRP A 15 -16.12 -1.04 -23.10
N TRP A 16 -15.21 -0.35 -22.41
CA TRP A 16 -13.79 -0.51 -22.64
C TRP A 16 -13.22 -1.63 -21.77
N GLU A 17 -11.95 -1.95 -21.98
CA GLU A 17 -11.29 -3.00 -21.21
C GLU A 17 -10.87 -2.48 -19.83
N GLY A 18 -11.77 -1.73 -19.19
CA GLY A 18 -11.48 -1.18 -17.88
C GLY A 18 -10.62 -2.12 -17.04
N PRO A 19 -9.73 -1.54 -16.22
CA PRO A 19 -8.84 -2.31 -15.36
C PRO A 19 -9.58 -2.99 -14.21
N PRO A 20 -8.88 -3.89 -13.50
CA PRO A 20 -9.46 -4.63 -12.37
C PRO A 20 -9.72 -3.73 -11.17
N GLN A 21 -10.05 -4.35 -10.04
CA GLN A 21 -10.33 -3.60 -8.81
C GLN A 21 -9.43 -2.38 -8.71
N ASP A 22 -10.03 -1.22 -8.41
CA ASP A 22 -9.28 0.01 -8.27
C ASP A 22 -8.69 0.13 -6.87
N LEU A 23 -7.47 -0.39 -6.69
CA LEU A 23 -6.80 -0.34 -5.40
C LEU A 23 -6.81 1.08 -4.84
N SER A 24 -7.05 2.06 -5.70
CA SER A 24 -7.09 3.46 -5.29
C SER A 24 -8.18 3.68 -4.25
N VAL A 25 -9.26 2.92 -4.37
CA VAL A 25 -10.38 3.03 -3.44
C VAL A 25 -9.91 2.87 -1.99
N HIS A 26 -8.76 2.24 -1.81
CA HIS A 26 -8.20 2.02 -0.48
C HIS A 26 -7.60 3.31 0.07
N LEU A 27 -7.44 3.37 1.38
CA LEU A 27 -6.89 4.55 2.04
C LEU A 27 -5.36 4.49 2.07
N TRP A 28 -4.84 3.27 2.16
CA TRP A 28 -3.39 3.06 2.20
C TRP A 28 -2.80 3.01 0.80
N TYR A 29 -3.56 3.52 -0.17
CA TYR A 29 -3.12 3.54 -1.56
C TYR A 29 -2.85 4.96 -2.03
N ALA A 30 -1.60 5.37 -1.96
CA ALA A 30 -1.20 6.71 -2.38
C ALA A 30 -0.54 6.69 -3.76
N GLY A 31 -1.04 5.80 -4.63
CA GLY A 31 -0.49 5.69 -5.96
C GLY A 31 1.00 5.94 -6.01
N PRO A 32 1.49 6.44 -7.15
CA PRO A 32 2.91 6.74 -7.34
C PRO A 32 3.37 7.93 -6.52
N MET A 33 3.79 7.68 -5.29
CA MET A 33 4.25 8.74 -4.40
C MET A 33 5.75 8.60 -4.13
N GLU A 34 6.44 9.74 -4.09
CA GLU A 34 7.88 9.75 -3.85
C GLU A 34 8.18 9.57 -2.36
N ARG A 35 9.31 8.93 -2.06
CA ARG A 35 9.71 8.70 -0.68
C ARG A 35 9.43 9.92 0.19
N ALA A 36 10.06 11.04 -0.15
CA ALA A 36 9.87 12.28 0.60
C ALA A 36 8.44 12.40 1.10
N GLY A 37 7.48 12.39 0.16
CA GLY A 37 6.08 12.51 0.53
C GLY A 37 5.71 11.61 1.70
N ALA A 38 5.85 10.30 1.50
CA ALA A 38 5.53 9.34 2.54
C ALA A 38 6.25 9.67 3.84
N GLU A 39 7.46 10.21 3.73
CA GLU A 39 8.25 10.57 4.90
C GLU A 39 7.72 11.85 5.53
N SER A 40 7.08 12.69 4.73
CA SER A 40 6.53 13.95 5.21
C SER A 40 5.06 13.79 5.58
N ILE A 41 4.44 12.72 5.08
CA ILE A 41 3.03 12.46 5.36
C ILE A 41 2.86 11.79 6.72
N LEU A 42 3.56 10.68 6.91
CA LEU A 42 3.49 9.94 8.16
C LEU A 42 4.32 10.62 9.25
N ALA A 43 5.16 11.55 8.84
CA ALA A 43 6.02 12.28 9.77
C ALA A 43 5.20 12.84 10.94
N ASN A 44 4.09 13.49 10.61
CA ASN A 44 3.22 14.06 11.64
C ASN A 44 2.22 13.04 12.15
N ARG A 45 1.82 12.12 11.27
CA ARG A 45 0.86 11.08 11.63
C ARG A 45 1.25 10.42 12.95
N SER A 46 0.42 9.49 13.40
CA SER A 46 0.68 8.77 14.65
C SER A 46 1.32 7.41 14.37
N ASP A 47 2.32 7.07 15.17
CA ASP A 47 3.02 5.79 15.02
C ASP A 47 2.05 4.69 14.64
N GLY A 48 2.36 3.97 13.57
CA GLY A 48 1.50 2.88 13.12
C GLY A 48 0.83 3.19 11.80
N THR A 49 0.75 4.47 11.45
CA THR A 49 0.13 4.89 10.20
C THR A 49 0.91 4.38 9.00
N PHE A 50 0.37 3.35 8.35
CA PHE A 50 1.03 2.77 7.17
C PHE A 50 0.46 3.37 5.89
N LEU A 51 1.26 3.35 4.83
CA LEU A 51 0.85 3.89 3.54
C LEU A 51 1.58 3.19 2.39
N VAL A 52 0.82 2.73 1.41
CA VAL A 52 1.39 2.05 0.25
C VAL A 52 1.51 2.99 -0.94
N ARG A 53 2.70 3.05 -1.52
CA ARG A 53 2.95 3.91 -2.67
C ARG A 53 3.67 3.14 -3.79
N GLN A 54 3.73 3.75 -4.97
CA GLN A 54 4.39 3.12 -6.10
C GLN A 54 5.69 3.83 -6.43
N ARG A 55 6.41 3.32 -7.43
CA ARG A 55 7.68 3.89 -7.85
C ARG A 55 7.48 4.84 -9.03
N VAL A 56 6.80 5.95 -8.78
CA VAL A 56 6.54 6.94 -9.83
C VAL A 56 6.37 6.27 -11.19
N LYS A 57 5.56 5.21 -11.23
CA LYS A 57 5.31 4.48 -12.46
C LYS A 57 4.02 3.66 -12.35
N ASP A 58 3.46 3.30 -13.51
CA ASP A 58 2.24 2.50 -13.54
C ASP A 58 2.50 1.09 -13.03
N ALA A 59 1.65 0.63 -12.12
CA ALA A 59 1.78 -0.71 -11.56
C ALA A 59 3.24 -1.08 -11.33
N ALA A 60 4.02 -0.11 -10.87
CA ALA A 60 5.44 -0.32 -10.61
C ALA A 60 5.65 -1.06 -9.30
N GLU A 61 6.92 -1.26 -8.93
CA GLU A 61 7.25 -1.96 -7.69
C GLU A 61 6.62 -1.26 -6.49
N PHE A 62 5.53 -1.83 -6.00
CA PHE A 62 4.83 -1.27 -4.84
C PHE A 62 5.72 -1.27 -3.61
N ALA A 63 5.43 -0.37 -2.68
CA ALA A 63 6.21 -0.26 -1.45
C ALA A 63 5.34 0.20 -0.28
N ILE A 64 5.51 -0.44 0.86
CA ILE A 64 4.73 -0.09 2.05
C ILE A 64 5.58 0.71 3.04
N SER A 65 5.10 1.89 3.40
CA SER A 65 5.81 2.75 4.34
C SER A 65 4.89 3.18 5.48
N ILE A 66 5.39 3.05 6.71
CA ILE A 66 4.61 3.43 7.89
C ILE A 66 5.48 4.16 8.91
N LYS A 67 4.84 4.75 9.90
CA LYS A 67 5.55 5.49 10.94
C LYS A 67 5.96 4.57 12.08
N TYR A 68 7.26 4.37 12.23
CA TYR A 68 7.78 3.50 13.29
C TYR A 68 9.10 4.04 13.83
N ASN A 69 9.31 3.88 15.13
CA ASN A 69 10.53 4.35 15.78
C ASN A 69 10.79 5.82 15.45
N VAL A 70 9.71 6.58 15.27
CA VAL A 70 9.82 8.00 14.94
C VAL A 70 10.49 8.19 13.59
N GLU A 71 10.39 7.19 12.73
CA GLU A 71 10.99 7.26 11.40
C GLU A 71 10.09 6.56 10.37
N VAL A 72 9.95 7.18 9.21
CA VAL A 72 9.13 6.62 8.13
C VAL A 72 9.87 5.51 7.40
N LYS A 73 9.60 4.27 7.80
CA LYS A 73 10.23 3.11 7.18
C LYS A 73 9.51 2.72 5.89
N HIS A 74 10.21 2.02 5.02
CA HIS A 74 9.62 1.59 3.76
C HIS A 74 9.95 0.11 3.53
N ILE A 75 9.02 -0.57 2.86
CA ILE A 75 9.17 -1.99 2.56
C ILE A 75 8.88 -2.28 1.08
N LYS A 76 9.75 -3.05 0.45
CA LYS A 76 9.58 -3.40 -0.96
C LYS A 76 8.51 -4.48 -1.12
N ILE A 77 7.71 -4.35 -2.18
CA ILE A 77 6.66 -5.32 -2.45
C ILE A 77 6.95 -6.10 -3.72
N MET A 78 7.15 -7.41 -3.57
CA MET A 78 7.43 -8.28 -4.70
C MET A 78 6.15 -8.91 -5.25
N THR A 79 6.04 -8.99 -6.56
CA THR A 79 4.87 -9.57 -7.21
C THR A 79 5.24 -10.81 -8.00
N ALA A 80 4.47 -11.88 -7.81
CA ALA A 80 4.71 -13.13 -8.51
C ALA A 80 3.40 -13.84 -8.84
N GLU A 81 3.19 -14.12 -10.12
CA GLU A 81 1.98 -14.79 -10.57
C GLU A 81 0.75 -13.93 -10.31
N GLY A 82 0.95 -12.62 -10.23
CA GLY A 82 -0.14 -11.70 -9.99
C GLY A 82 -0.35 -11.43 -8.51
N LEU A 83 0.30 -12.23 -7.67
CA LEU A 83 0.18 -12.07 -6.22
C LEU A 83 1.15 -11.00 -5.72
N TYR A 84 0.80 -10.38 -4.59
CA TYR A 84 1.64 -9.34 -3.99
C TYR A 84 2.17 -9.78 -2.64
N ARG A 85 3.48 -9.68 -2.46
CA ARG A 85 4.13 -10.05 -1.21
C ARG A 85 5.52 -9.45 -1.10
N ILE A 86 5.81 -8.84 0.04
CA ILE A 86 7.11 -8.22 0.27
C ILE A 86 8.19 -9.27 0.47
N THR A 87 7.79 -10.48 0.86
CA THR A 87 8.73 -11.57 1.07
C THR A 87 8.23 -12.86 0.43
N GLU A 88 9.17 -13.72 0.05
CA GLU A 88 8.81 -14.99 -0.58
C GLU A 88 8.36 -16.01 0.47
N LYS A 89 7.48 -15.56 1.36
CA LYS A 89 6.96 -16.43 2.41
C LYS A 89 5.50 -16.79 2.15
N LYS A 90 4.72 -15.79 1.77
CA LYS A 90 3.30 -16.00 1.50
C LYS A 90 2.75 -14.92 0.58
N ALA A 91 2.12 -15.33 -0.51
CA ALA A 91 1.55 -14.39 -1.47
C ALA A 91 0.03 -14.31 -1.33
N PHE A 92 -0.54 -13.20 -1.78
CA PHE A 92 -1.98 -13.00 -1.70
C PHE A 92 -2.52 -12.47 -3.02
N ARG A 93 -3.84 -12.57 -3.20
CA ARG A 93 -4.49 -12.11 -4.42
C ARG A 93 -4.05 -10.68 -4.76
N GLY A 94 -4.10 -9.80 -3.77
CA GLY A 94 -3.71 -8.42 -3.99
C GLY A 94 -3.32 -7.71 -2.70
N LEU A 95 -2.95 -6.45 -2.82
CA LEU A 95 -2.54 -5.66 -1.65
C LEU A 95 -3.52 -5.86 -0.50
N THR A 96 -4.77 -5.48 -0.70
CA THR A 96 -5.80 -5.62 0.31
C THR A 96 -5.59 -6.87 1.14
N GLU A 97 -5.32 -7.99 0.46
CA GLU A 97 -5.10 -9.26 1.13
C GLU A 97 -3.76 -9.27 1.84
N LEU A 98 -2.68 -9.03 1.08
CA LEU A 98 -1.35 -9.02 1.64
C LEU A 98 -1.28 -8.16 2.90
N VAL A 99 -1.68 -6.90 2.78
CA VAL A 99 -1.67 -5.98 3.91
C VAL A 99 -2.52 -6.52 5.06
N GLU A 100 -3.75 -6.93 4.73
CA GLU A 100 -4.66 -7.46 5.73
C GLU A 100 -4.00 -8.56 6.55
N PHE A 101 -3.12 -9.33 5.90
CA PHE A 101 -2.41 -10.41 6.57
C PHE A 101 -1.39 -9.86 7.57
N TYR A 102 -0.54 -8.96 7.10
CA TYR A 102 0.48 -8.36 7.95
C TYR A 102 -0.15 -7.61 9.12
N GLN A 103 -1.39 -7.17 8.93
CA GLN A 103 -2.11 -6.43 9.97
C GLN A 103 -2.17 -7.25 11.26
N GLN A 104 -1.83 -8.53 11.16
CA GLN A 104 -1.86 -9.41 12.33
C GLN A 104 -0.45 -9.95 12.63
N ASN A 105 0.40 -9.95 11.61
CA ASN A 105 1.77 -10.42 11.77
C ASN A 105 2.77 -9.32 11.47
N SER A 106 3.75 -9.16 12.36
CA SER A 106 4.77 -8.13 12.20
C SER A 106 5.54 -8.34 10.89
N LEU A 107 6.10 -7.25 10.36
CA LEU A 107 6.87 -7.32 9.13
C LEU A 107 8.27 -7.86 9.39
N LYS A 108 8.65 -7.95 10.66
CA LYS A 108 9.96 -8.46 11.03
C LYS A 108 10.33 -9.69 10.21
N ASP A 109 9.33 -10.49 9.86
CA ASP A 109 9.55 -11.69 9.08
C ASP A 109 10.48 -11.41 7.90
N CYS A 110 10.30 -10.25 7.27
CA CYS A 110 11.13 -9.87 6.13
C CYS A 110 12.27 -8.95 6.58
N PHE A 111 12.00 -8.13 7.59
CA PHE A 111 13.01 -7.20 8.10
C PHE A 111 13.05 -7.25 9.63
N LYS A 112 13.77 -8.24 10.16
CA LYS A 112 13.89 -8.39 11.61
C LYS A 112 14.06 -7.04 12.29
N SER A 113 14.69 -6.10 11.59
CA SER A 113 14.91 -4.76 12.13
C SER A 113 13.59 -4.00 12.24
N LEU A 114 12.75 -4.14 11.23
CA LEU A 114 11.45 -3.47 11.21
C LEU A 114 10.36 -4.36 11.81
N ASP A 115 10.15 -4.23 13.11
CA ASP A 115 9.14 -5.03 13.80
C ASP A 115 7.88 -4.22 14.02
N THR A 116 7.12 -3.99 12.95
CA THR A 116 5.89 -3.23 13.03
C THR A 116 4.73 -3.98 12.37
N THR A 117 3.55 -3.36 12.36
CA THR A 117 2.37 -3.96 11.76
C THR A 117 1.44 -2.90 11.19
N LEU A 118 0.77 -3.23 10.09
CA LEU A 118 -0.15 -2.31 9.45
C LEU A 118 -1.28 -1.91 10.40
N GLN A 119 -1.14 -0.72 10.99
CA GLN A 119 -2.15 -0.21 11.92
C GLN A 119 -3.28 0.49 11.18
N PHE A 120 -2.99 1.67 10.65
CA PHE A 120 -3.98 2.45 9.93
C PHE A 120 -3.35 3.15 8.73
N PRO A 121 -4.16 3.39 7.69
CA PRO A 121 -3.70 4.06 6.46
C PRO A 121 -3.40 5.53 6.69
N PHE A 122 -2.65 6.13 5.75
CA PHE A 122 -2.28 7.54 5.86
C PHE A 122 -3.48 8.43 5.53
N LYS A 123 -4.27 8.01 4.55
CA LYS A 123 -5.44 8.77 4.13
C LYS A 123 -6.50 8.77 5.22
N GLU A 124 -6.46 7.76 6.09
CA GLU A 124 -7.42 7.66 7.18
C GLU A 124 -7.82 9.03 7.69
N PRO A 125 -9.14 9.28 7.74
CA PRO A 125 -9.69 10.56 8.22
C PRO A 125 -9.48 10.76 9.71
N GLU A 126 -9.34 12.01 10.12
CA GLU A 126 -9.14 12.33 11.54
C GLU A 126 -9.94 11.40 12.43
N LYS A 127 -9.45 11.17 13.64
CA LYS A 127 -10.12 10.28 14.59
C LYS A 127 -10.42 11.02 15.89
N ARG A 128 -11.33 11.98 15.83
CA ARG A 128 -11.71 12.75 17.01
C ARG A 128 -13.20 12.61 17.30
N THR A 129 -13.57 11.56 18.02
CA THR A 129 -14.97 11.33 18.36
C THR A 129 -15.13 11.07 19.86
N ILE A 130 -15.86 11.96 20.52
CA ILE A 130 -16.11 11.83 21.95
C ILE A 130 -16.28 10.37 22.35
N SER A 131 -17.08 9.65 21.59
CA SER A 131 -17.35 8.23 21.86
C SER A 131 -17.16 7.39 20.60
N ARG A 132 -16.53 6.23 20.76
CA ARG A 132 -16.30 5.33 19.63
C ARG A 132 -17.54 4.50 19.33
N SER A 133 -17.58 3.93 18.13
CA SER A 133 -18.72 3.12 17.71
C SER A 133 -18.48 1.65 18.02
N GLY A 134 -19.57 0.91 18.19
CA GLY A 134 -19.46 -0.51 18.49
C GLY A 134 -20.80 -1.17 18.70
N PRO A 135 -21.56 -1.33 17.61
CA PRO A 135 -22.89 -1.95 17.66
C PRO A 135 -22.83 -3.44 17.95
N SER A 136 -23.13 -3.82 19.19
CA SER A 136 -23.10 -5.21 19.60
C SER A 136 -24.28 -5.97 19.00
N SER A 137 -24.02 -7.22 18.59
CA SER A 137 -25.05 -8.05 17.99
C SER A 137 -26.07 -8.50 19.05
N GLY A 138 -25.57 -9.04 20.15
CA GLY A 138 -26.44 -9.50 21.21
C GLY A 138 -27.19 -10.76 20.85
N GLY A 1 24.86 14.44 -21.08
CA GLY A 1 23.65 13.70 -21.41
C GLY A 1 23.81 12.85 -22.64
N SER A 2 24.13 11.57 -22.43
CA SER A 2 24.32 10.64 -23.54
C SER A 2 23.19 10.78 -24.56
N SER A 3 21.96 10.63 -24.11
CA SER A 3 20.80 10.74 -24.99
C SER A 3 20.73 12.13 -25.62
N GLY A 4 20.96 12.17 -26.93
CA GLY A 4 20.91 13.44 -27.64
C GLY A 4 19.76 13.52 -28.62
N SER A 5 19.45 14.73 -29.07
CA SER A 5 18.35 14.93 -30.02
C SER A 5 18.82 14.70 -31.46
N SER A 6 19.92 15.35 -31.82
CA SER A 6 20.48 15.21 -33.17
C SER A 6 19.36 15.17 -34.21
N GLY A 7 18.36 16.03 -34.03
CA GLY A 7 17.25 16.09 -34.96
C GLY A 7 16.65 14.71 -35.23
N LYS A 8 15.90 14.20 -34.27
CA LYS A 8 15.26 12.89 -34.41
C LYS A 8 13.83 12.92 -33.89
N ALA A 9 13.07 11.89 -34.21
CA ALA A 9 11.68 11.80 -33.78
C ALA A 9 11.48 10.61 -32.84
N GLU A 10 11.35 10.89 -31.55
CA GLU A 10 11.15 9.85 -30.55
C GLU A 10 9.68 9.75 -30.14
N ALA A 11 9.26 8.55 -29.77
CA ALA A 11 7.88 8.32 -29.35
C ALA A 11 7.70 6.94 -28.75
N GLU A 12 6.97 6.86 -27.65
CA GLU A 12 6.73 5.59 -26.98
C GLU A 12 5.24 5.32 -26.84
N GLN A 13 4.72 4.39 -27.64
CA GLN A 13 3.31 4.05 -27.61
C GLN A 13 3.06 2.90 -26.64
N ASN A 14 2.37 3.20 -25.54
CA ASN A 14 2.07 2.19 -24.53
C ASN A 14 1.26 1.04 -25.13
N TRP A 15 1.46 -0.15 -24.60
CA TRP A 15 0.76 -1.34 -25.09
C TRP A 15 0.18 -2.15 -23.93
N TRP A 16 -0.31 -1.45 -22.91
CA TRP A 16 -0.88 -2.10 -21.74
C TRP A 16 -2.40 -2.15 -21.84
N GLU A 17 -2.97 -3.31 -21.53
CA GLU A 17 -4.42 -3.49 -21.59
C GLU A 17 -5.11 -2.62 -20.54
N GLY A 18 -4.61 -2.67 -19.31
CA GLY A 18 -5.18 -1.89 -18.23
C GLY A 18 -4.58 -2.23 -16.88
N PRO A 19 -4.76 -1.32 -15.91
CA PRO A 19 -4.25 -1.50 -14.55
C PRO A 19 -4.97 -2.61 -13.80
N PRO A 20 -4.40 -3.02 -12.66
CA PRO A 20 -4.98 -4.08 -11.82
C PRO A 20 -6.26 -3.63 -11.11
N GLN A 21 -6.75 -4.46 -10.22
CA GLN A 21 -7.97 -4.14 -9.47
C GLN A 21 -7.93 -2.71 -8.96
N ASP A 22 -9.07 -2.24 -8.46
CA ASP A 22 -9.17 -0.88 -7.93
C ASP A 22 -8.57 -0.79 -6.53
N LEU A 23 -7.33 -0.31 -6.45
CA LEU A 23 -6.64 -0.17 -5.17
C LEU A 23 -6.73 1.26 -4.65
N SER A 24 -7.10 2.18 -5.53
CA SER A 24 -7.22 3.59 -5.16
C SER A 24 -8.29 3.77 -4.09
N VAL A 25 -9.37 2.99 -4.19
CA VAL A 25 -10.46 3.07 -3.24
C VAL A 25 -9.96 2.92 -1.80
N HIS A 26 -8.79 2.31 -1.67
CA HIS A 26 -8.19 2.11 -0.35
C HIS A 26 -7.58 3.40 0.18
N LEU A 27 -7.41 3.47 1.49
CA LEU A 27 -6.83 4.66 2.12
C LEU A 27 -5.31 4.58 2.14
N TRP A 28 -4.78 3.37 2.25
CA TRP A 28 -3.33 3.16 2.28
C TRP A 28 -2.77 3.08 0.86
N TYR A 29 -3.52 3.61 -0.10
CA TYR A 29 -3.10 3.60 -1.50
C TYR A 29 -2.82 5.01 -1.99
N ALA A 30 -1.54 5.39 -1.98
CA ALA A 30 -1.13 6.72 -2.43
C ALA A 30 -0.49 6.65 -3.81
N GLY A 31 -0.95 5.73 -4.64
CA GLY A 31 -0.40 5.58 -5.97
C GLY A 31 1.08 5.84 -6.02
N PRO A 32 1.58 6.28 -7.19
CA PRO A 32 3.00 6.57 -7.39
C PRO A 32 3.45 7.80 -6.62
N MET A 33 3.85 7.60 -5.36
CA MET A 33 4.31 8.70 -4.52
C MET A 33 5.80 8.58 -4.23
N GLU A 34 6.48 9.72 -4.14
CA GLU A 34 7.91 9.75 -3.87
C GLU A 34 8.20 9.40 -2.41
N ARG A 35 9.47 9.16 -2.10
CA ARG A 35 9.87 8.81 -0.75
C ARG A 35 9.60 9.96 0.21
N ALA A 36 10.08 11.15 -0.13
CA ALA A 36 9.89 12.33 0.69
C ALA A 36 8.42 12.48 1.10
N GLY A 37 7.53 12.32 0.14
CA GLY A 37 6.11 12.44 0.41
C GLY A 37 5.67 11.58 1.58
N ALA A 38 5.94 10.28 1.50
CA ALA A 38 5.57 9.35 2.56
C ALA A 38 6.27 9.70 3.86
N GLU A 39 7.53 10.12 3.76
CA GLU A 39 8.30 10.49 4.94
C GLU A 39 7.79 11.79 5.55
N SER A 40 7.13 12.60 4.74
CA SER A 40 6.58 13.87 5.21
C SER A 40 5.11 13.71 5.59
N ILE A 41 4.44 12.74 4.98
CA ILE A 41 3.03 12.49 5.27
C ILE A 41 2.85 11.83 6.63
N LEU A 42 3.54 10.71 6.84
CA LEU A 42 3.46 9.98 8.09
C LEU A 42 4.22 10.71 9.20
N ALA A 43 5.03 11.70 8.80
CA ALA A 43 5.81 12.47 9.74
C ALA A 43 4.96 12.94 10.91
N ASN A 44 3.84 13.60 10.59
CA ASN A 44 2.94 14.11 11.61
C ASN A 44 1.99 13.01 12.10
N ARG A 45 1.66 12.09 11.21
CA ARG A 45 0.77 10.99 11.54
C ARG A 45 1.16 10.35 12.86
N SER A 46 0.32 9.46 13.36
CA SER A 46 0.57 8.77 14.63
C SER A 46 1.24 7.43 14.39
N ASP A 47 2.26 7.14 15.19
CA ASP A 47 2.99 5.87 15.06
C ASP A 47 2.04 4.73 14.68
N GLY A 48 2.39 4.03 13.61
CA GLY A 48 1.57 2.92 13.16
C GLY A 48 0.88 3.22 11.84
N THR A 49 0.78 4.50 11.49
CA THR A 49 0.14 4.91 10.26
C THR A 49 0.91 4.41 9.04
N PHE A 50 0.42 3.34 8.43
CA PHE A 50 1.06 2.78 7.25
C PHE A 50 0.50 3.39 5.97
N LEU A 51 1.32 3.38 4.92
CA LEU A 51 0.91 3.94 3.63
C LEU A 51 1.63 3.23 2.48
N VAL A 52 0.86 2.75 1.51
CA VAL A 52 1.41 2.06 0.36
C VAL A 52 1.53 3.00 -0.84
N ARG A 53 2.68 2.98 -1.49
CA ARG A 53 2.92 3.83 -2.66
C ARG A 53 3.66 3.05 -3.75
N GLN A 54 3.74 3.65 -4.94
CA GLN A 54 4.42 3.02 -6.06
C GLN A 54 5.71 3.77 -6.40
N ARG A 55 6.45 3.24 -7.37
CA ARG A 55 7.70 3.85 -7.79
C ARG A 55 7.52 4.60 -9.11
N VAL A 56 6.66 5.62 -9.10
CA VAL A 56 6.41 6.41 -10.29
C VAL A 56 6.42 5.53 -11.55
N LYS A 57 5.74 4.40 -11.47
CA LYS A 57 5.65 3.48 -12.60
C LYS A 57 4.35 2.68 -12.56
N ASP A 58 3.72 2.54 -13.72
CA ASP A 58 2.47 1.80 -13.83
C ASP A 58 2.61 0.40 -13.24
N ALA A 59 1.88 0.14 -12.15
CA ALA A 59 1.93 -1.15 -11.50
C ALA A 59 3.37 -1.55 -11.17
N ALA A 60 4.15 -0.59 -10.69
CA ALA A 60 5.54 -0.84 -10.34
C ALA A 60 5.64 -1.61 -9.02
N GLU A 61 6.87 -1.94 -8.63
CA GLU A 61 7.10 -2.68 -7.39
C GLU A 61 6.58 -1.89 -6.19
N PHE A 62 5.30 -2.04 -5.90
CA PHE A 62 4.67 -1.35 -4.78
C PHE A 62 5.60 -1.33 -3.57
N ALA A 63 5.34 -0.43 -2.64
CA ALA A 63 6.15 -0.31 -1.43
C ALA A 63 5.33 0.22 -0.27
N ILE A 64 5.39 -0.47 0.86
CA ILE A 64 4.66 -0.06 2.05
C ILE A 64 5.56 0.69 3.03
N SER A 65 5.08 1.82 3.53
CA SER A 65 5.84 2.62 4.48
C SER A 65 4.96 3.12 5.61
N ILE A 66 5.37 2.85 6.85
CA ILE A 66 4.61 3.26 8.01
C ILE A 66 5.50 4.01 9.01
N LYS A 67 4.87 4.69 9.96
CA LYS A 67 5.61 5.43 10.97
C LYS A 67 6.01 4.53 12.14
N TYR A 68 7.31 4.35 12.31
CA TYR A 68 7.82 3.51 13.38
C TYR A 68 9.13 4.06 13.93
N ASN A 69 9.30 3.98 15.24
CA ASN A 69 10.50 4.48 15.89
C ASN A 69 10.80 5.91 15.49
N VAL A 70 9.74 6.67 15.19
CA VAL A 70 9.89 8.06 14.78
C VAL A 70 10.61 8.17 13.44
N GLU A 71 10.52 7.11 12.65
CA GLU A 71 11.16 7.08 11.34
C GLU A 71 10.29 6.38 10.31
N VAL A 72 10.07 7.04 9.17
CA VAL A 72 9.25 6.47 8.11
C VAL A 72 9.99 5.37 7.37
N LYS A 73 9.70 4.12 7.72
CA LYS A 73 10.34 2.97 7.08
C LYS A 73 9.63 2.61 5.78
N HIS A 74 10.35 1.93 4.90
CA HIS A 74 9.79 1.53 3.62
C HIS A 74 10.02 0.04 3.40
N ILE A 75 9.05 -0.60 2.78
CA ILE A 75 9.12 -2.03 2.49
C ILE A 75 8.79 -2.31 1.03
N LYS A 76 9.68 -3.06 0.38
CA LYS A 76 9.48 -3.41 -1.03
C LYS A 76 8.42 -4.49 -1.18
N ILE A 77 7.56 -4.33 -2.18
CA ILE A 77 6.50 -5.29 -2.44
C ILE A 77 6.76 -6.09 -3.71
N MET A 78 7.19 -7.34 -3.54
CA MET A 78 7.48 -8.21 -4.66
C MET A 78 6.20 -8.78 -5.26
N THR A 79 6.26 -9.18 -6.53
CA THR A 79 5.11 -9.74 -7.21
C THR A 79 5.47 -11.02 -7.94
N ALA A 80 4.55 -11.98 -7.95
CA ALA A 80 4.77 -13.26 -8.61
C ALA A 80 3.45 -13.95 -8.93
N GLU A 81 3.27 -14.31 -10.20
CA GLU A 81 2.04 -14.98 -10.63
C GLU A 81 0.83 -14.06 -10.46
N GLY A 82 1.08 -12.75 -10.46
CA GLY A 82 0.00 -11.79 -10.30
C GLY A 82 -0.35 -11.56 -8.85
N LEU A 83 0.56 -11.91 -7.96
CA LEU A 83 0.34 -11.75 -6.52
C LEU A 83 1.22 -10.64 -5.96
N TYR A 84 0.92 -10.20 -4.75
CA TYR A 84 1.68 -9.14 -4.09
C TYR A 84 2.15 -9.57 -2.71
N ARG A 85 3.47 -9.53 -2.50
CA ARG A 85 4.04 -9.92 -1.22
C ARG A 85 5.46 -9.37 -1.07
N ILE A 86 5.69 -8.66 0.03
CA ILE A 86 7.00 -8.07 0.29
C ILE A 86 8.07 -9.16 0.47
N THR A 87 7.62 -10.34 0.86
CA THR A 87 8.53 -11.47 1.06
C THR A 87 7.97 -12.75 0.46
N GLU A 88 8.87 -13.67 0.10
CA GLU A 88 8.46 -14.94 -0.49
C GLU A 88 7.98 -15.91 0.58
N LYS A 89 7.18 -15.41 1.52
CA LYS A 89 6.66 -16.22 2.61
C LYS A 89 5.19 -16.56 2.37
N LYS A 90 4.45 -15.60 1.83
CA LYS A 90 3.03 -15.80 1.54
C LYS A 90 2.52 -14.75 0.58
N ALA A 91 2.02 -15.20 -0.57
CA ALA A 91 1.49 -14.29 -1.59
C ALA A 91 -0.03 -14.19 -1.49
N PHE A 92 -0.57 -13.06 -1.94
CA PHE A 92 -2.01 -12.84 -1.91
C PHE A 92 -2.51 -12.32 -3.25
N ARG A 93 -3.81 -12.46 -3.49
CA ARG A 93 -4.41 -12.01 -4.73
C ARG A 93 -4.08 -10.54 -5.00
N GLY A 94 -4.17 -9.73 -3.96
CA GLY A 94 -3.87 -8.31 -4.11
C GLY A 94 -3.39 -7.68 -2.81
N LEU A 95 -3.13 -6.38 -2.84
CA LEU A 95 -2.66 -5.66 -1.67
C LEU A 95 -3.64 -5.82 -0.50
N THR A 96 -4.87 -5.35 -0.71
CA THR A 96 -5.90 -5.44 0.32
C THR A 96 -5.73 -6.70 1.16
N GLU A 97 -5.43 -7.81 0.50
CA GLU A 97 -5.24 -9.08 1.19
C GLU A 97 -3.87 -9.15 1.85
N LEU A 98 -2.82 -8.98 1.04
CA LEU A 98 -1.45 -9.02 1.55
C LEU A 98 -1.32 -8.19 2.82
N VAL A 99 -1.79 -6.94 2.76
CA VAL A 99 -1.72 -6.05 3.90
C VAL A 99 -2.51 -6.60 5.08
N GLU A 100 -3.71 -7.12 4.80
CA GLU A 100 -4.56 -7.68 5.84
C GLU A 100 -3.79 -8.69 6.68
N PHE A 101 -3.04 -9.56 6.02
CA PHE A 101 -2.25 -10.58 6.71
C PHE A 101 -1.21 -9.95 7.61
N TYR A 102 -0.54 -8.90 7.11
CA TYR A 102 0.48 -8.21 7.87
C TYR A 102 -0.13 -7.43 9.03
N GLN A 103 -1.41 -7.10 8.90
CA GLN A 103 -2.12 -6.36 9.94
C GLN A 103 -2.27 -7.19 11.20
N GLN A 104 -1.93 -8.48 11.10
CA GLN A 104 -2.04 -9.37 12.24
C GLN A 104 -0.66 -9.94 12.61
N ASN A 105 0.27 -9.86 11.68
CA ASN A 105 1.62 -10.35 11.90
C ASN A 105 2.65 -9.24 11.73
N SER A 106 3.71 -9.28 12.53
CA SER A 106 4.76 -8.28 12.47
C SER A 106 5.59 -8.44 11.19
N LEU A 107 5.94 -7.31 10.57
CA LEU A 107 6.73 -7.34 9.35
C LEU A 107 8.10 -7.93 9.60
N LYS A 108 8.45 -8.11 10.87
CA LYS A 108 9.74 -8.69 11.24
C LYS A 108 10.10 -9.86 10.34
N ASP A 109 9.08 -10.60 9.91
CA ASP A 109 9.30 -11.75 9.04
C ASP A 109 10.28 -11.41 7.92
N CYS A 110 10.15 -10.21 7.36
CA CYS A 110 11.02 -9.77 6.28
C CYS A 110 12.19 -8.94 6.83
N PHE A 111 11.90 -8.17 7.87
CA PHE A 111 12.93 -7.32 8.50
C PHE A 111 12.88 -7.44 10.02
N LYS A 112 13.58 -8.44 10.54
CA LYS A 112 13.62 -8.66 11.98
C LYS A 112 13.80 -7.35 12.73
N SER A 113 14.70 -6.51 12.25
CA SER A 113 14.97 -5.22 12.87
C SER A 113 13.69 -4.38 12.94
N LEU A 114 12.85 -4.52 11.93
CA LEU A 114 11.59 -3.77 11.86
C LEU A 114 10.42 -4.65 12.29
N ASP A 115 10.05 -4.56 13.57
CA ASP A 115 8.94 -5.33 14.10
C ASP A 115 7.70 -4.47 14.27
N THR A 116 6.99 -4.23 13.18
CA THR A 116 5.77 -3.41 13.22
C THR A 116 4.62 -4.11 12.50
N THR A 117 3.47 -3.43 12.45
CA THR A 117 2.30 -3.98 11.80
C THR A 117 1.44 -2.87 11.20
N LEU A 118 0.69 -3.21 10.16
CA LEU A 118 -0.18 -2.25 9.50
C LEU A 118 -1.32 -1.81 10.41
N GLN A 119 -1.07 -0.75 11.18
CA GLN A 119 -2.08 -0.24 12.10
C GLN A 119 -3.22 0.44 11.34
N PHE A 120 -2.94 1.62 10.79
CA PHE A 120 -3.93 2.37 10.05
C PHE A 120 -3.30 3.07 8.84
N PRO A 121 -4.11 3.33 7.81
CA PRO A 121 -3.66 3.99 6.58
C PRO A 121 -3.33 5.47 6.82
N PHE A 122 -2.65 6.07 5.84
CA PHE A 122 -2.27 7.48 5.94
C PHE A 122 -3.45 8.39 5.59
N LYS A 123 -4.22 7.99 4.58
CA LYS A 123 -5.37 8.76 4.14
C LYS A 123 -6.44 8.82 5.23
N GLU A 124 -6.44 7.80 6.09
CA GLU A 124 -7.41 7.74 7.18
C GLU A 124 -7.79 9.15 7.65
N PRO A 125 -9.10 9.42 7.72
CA PRO A 125 -9.62 10.72 8.16
C PRO A 125 -9.40 10.96 9.65
N GLU A 126 -9.23 12.23 10.02
CA GLU A 126 -9.01 12.58 11.41
C GLU A 126 -10.02 11.86 12.32
N LYS A 127 -9.56 11.50 13.52
CA LYS A 127 -10.41 10.81 14.48
C LYS A 127 -10.75 11.72 15.65
N ARG A 128 -11.95 11.53 16.21
CA ARG A 128 -12.39 12.33 17.34
C ARG A 128 -13.56 11.67 18.05
N THR A 129 -13.89 12.17 19.24
CA THR A 129 -14.98 11.61 20.03
C THR A 129 -16.33 12.14 19.55
N ILE A 130 -16.49 12.23 18.24
CA ILE A 130 -17.73 12.72 17.65
C ILE A 130 -18.57 11.57 17.09
N SER A 131 -19.80 11.46 17.57
CA SER A 131 -20.70 10.40 17.11
C SER A 131 -20.94 10.51 15.62
N ARG A 132 -20.33 9.61 14.85
CA ARG A 132 -20.48 9.60 13.40
C ARG A 132 -20.96 8.24 12.92
N SER A 133 -21.94 8.24 12.02
CA SER A 133 -22.48 7.01 11.47
C SER A 133 -21.56 6.43 10.41
N GLY A 134 -21.37 7.19 9.34
CA GLY A 134 -20.50 6.73 8.26
C GLY A 134 -21.19 5.73 7.35
N PRO A 135 -20.39 4.84 6.74
CA PRO A 135 -20.91 3.80 5.84
C PRO A 135 -21.70 2.73 6.58
N SER A 136 -22.73 2.20 5.92
CA SER A 136 -23.57 1.17 6.51
C SER A 136 -24.30 0.37 5.44
N SER A 137 -24.53 -0.91 5.72
CA SER A 137 -25.21 -1.79 4.78
C SER A 137 -26.12 -2.76 5.51
N GLY A 138 -27.42 -2.69 5.22
CA GLY A 138 -28.38 -3.58 5.84
C GLY A 138 -29.05 -2.95 7.04
N GLY A 1 21.34 12.45 -31.96
CA GLY A 1 20.05 12.81 -32.51
C GLY A 1 18.94 12.80 -31.47
N SER A 2 17.73 12.50 -31.91
CA SER A 2 16.57 12.46 -31.01
C SER A 2 16.27 13.86 -30.47
N SER A 3 16.31 14.85 -31.34
CA SER A 3 16.05 16.23 -30.95
C SER A 3 14.78 16.74 -31.61
N GLY A 4 14.11 17.69 -30.96
CA GLY A 4 12.89 18.26 -31.51
C GLY A 4 11.76 18.30 -30.49
N SER A 5 10.55 18.01 -30.95
CA SER A 5 9.38 18.02 -30.08
C SER A 5 9.46 16.89 -29.05
N SER A 6 8.80 17.07 -27.92
CA SER A 6 8.79 16.08 -26.86
C SER A 6 8.11 14.80 -27.33
N GLY A 7 6.88 14.94 -27.84
CA GLY A 7 6.13 13.79 -28.31
C GLY A 7 4.86 13.55 -27.52
N LYS A 8 4.65 12.30 -27.12
CA LYS A 8 3.46 11.94 -26.35
C LYS A 8 3.74 10.75 -25.44
N ALA A 9 2.81 10.48 -24.53
CA ALA A 9 2.96 9.35 -23.61
C ALA A 9 2.17 8.14 -24.07
N GLU A 10 2.36 7.02 -23.40
CA GLU A 10 1.65 5.78 -23.75
C GLU A 10 0.28 5.74 -23.09
N ALA A 11 -0.53 4.76 -23.50
CA ALA A 11 -1.87 4.61 -22.94
C ALA A 11 -2.00 3.27 -22.22
N GLU A 12 -3.14 3.07 -21.56
CA GLU A 12 -3.40 1.84 -20.83
C GLU A 12 -2.99 0.63 -21.65
N GLN A 13 -1.96 -0.07 -21.17
CA GLN A 13 -1.46 -1.26 -21.85
C GLN A 13 -2.00 -2.53 -21.22
N ASN A 14 -3.29 -2.51 -20.87
CA ASN A 14 -3.93 -3.65 -20.24
C ASN A 14 -4.59 -4.54 -21.30
N TRP A 15 -4.07 -5.75 -21.45
CA TRP A 15 -4.61 -6.70 -22.43
C TRP A 15 -5.25 -7.89 -21.73
N TRP A 16 -5.91 -7.63 -20.60
CA TRP A 16 -6.57 -8.68 -19.84
C TRP A 16 -8.04 -8.81 -20.23
N GLU A 17 -8.64 -9.94 -19.90
CA GLU A 17 -10.05 -10.18 -20.22
C GLU A 17 -10.96 -9.54 -19.18
N GLY A 18 -10.58 -8.36 -18.72
CA GLY A 18 -11.38 -7.66 -17.72
C GLY A 18 -10.52 -6.82 -16.78
N PRO A 19 -11.14 -5.79 -16.18
CA PRO A 19 -10.46 -4.89 -15.25
C PRO A 19 -10.10 -5.58 -13.94
N PRO A 20 -8.86 -5.34 -13.46
CA PRO A 20 -8.38 -5.92 -12.21
C PRO A 20 -9.07 -5.34 -10.98
N GLN A 21 -8.65 -5.78 -9.80
CA GLN A 21 -9.23 -5.30 -8.55
C GLN A 21 -8.86 -3.84 -8.31
N ASP A 22 -9.80 -3.08 -7.75
CA ASP A 22 -9.57 -1.67 -7.45
C ASP A 22 -8.84 -1.51 -6.13
N LEU A 23 -7.60 -1.02 -6.20
CA LEU A 23 -6.79 -0.81 -5.00
C LEU A 23 -6.84 0.66 -4.57
N SER A 24 -7.04 1.55 -5.53
CA SER A 24 -7.10 2.98 -5.24
C SER A 24 -8.21 3.28 -4.25
N VAL A 25 -9.30 2.52 -4.33
CA VAL A 25 -10.44 2.70 -3.44
C VAL A 25 -10.02 2.58 -1.98
N HIS A 26 -8.87 1.97 -1.76
CA HIS A 26 -8.36 1.79 -0.40
C HIS A 26 -7.76 3.09 0.13
N LEU A 27 -7.66 3.18 1.46
CA LEU A 27 -7.11 4.37 2.09
C LEU A 27 -5.58 4.32 2.14
N TRP A 28 -5.05 3.11 2.32
CA TRP A 28 -3.60 2.93 2.38
C TRP A 28 -3.00 2.85 0.98
N TYR A 29 -3.74 3.35 0.00
CA TYR A 29 -3.29 3.34 -1.39
C TYR A 29 -3.07 4.76 -1.90
N ALA A 30 -1.82 5.22 -1.81
CA ALA A 30 -1.46 6.56 -2.26
C ALA A 30 -0.86 6.53 -3.65
N GLY A 31 -1.37 5.63 -4.50
CA GLY A 31 -0.86 5.51 -5.86
C GLY A 31 0.64 5.77 -5.94
N PRO A 32 1.09 6.25 -7.10
CA PRO A 32 2.50 6.55 -7.34
C PRO A 32 2.99 7.74 -6.53
N MET A 33 3.82 7.48 -5.53
CA MET A 33 4.36 8.54 -4.68
C MET A 33 5.85 8.33 -4.43
N GLU A 34 6.58 9.43 -4.29
CA GLU A 34 8.02 9.36 -4.04
C GLU A 34 8.31 9.06 -2.58
N ARG A 35 9.57 8.77 -2.27
CA ARG A 35 9.97 8.47 -0.91
C ARG A 35 9.66 9.63 0.03
N ALA A 36 10.28 10.77 -0.22
CA ALA A 36 10.08 11.95 0.60
C ALA A 36 8.62 12.07 1.04
N GLY A 37 7.71 12.11 0.07
CA GLY A 37 6.30 12.22 0.38
C GLY A 37 5.89 11.32 1.52
N ALA A 38 6.05 10.01 1.34
CA ALA A 38 5.69 9.05 2.37
C ALA A 38 6.30 9.42 3.71
N GLU A 39 7.59 9.77 3.69
CA GLU A 39 8.29 10.16 4.91
C GLU A 39 7.72 11.45 5.48
N SER A 40 7.08 12.24 4.62
CA SER A 40 6.50 13.51 5.04
C SER A 40 5.03 13.35 5.41
N ILE A 41 4.43 12.25 4.95
CA ILE A 41 3.04 11.98 5.23
C ILE A 41 2.84 11.52 6.67
N LEU A 42 3.51 10.43 7.03
CA LEU A 42 3.42 9.89 8.38
C LEU A 42 4.28 10.71 9.36
N ALA A 43 4.98 11.71 8.82
CA ALA A 43 5.83 12.56 9.64
C ALA A 43 5.05 13.15 10.82
N ASN A 44 3.81 13.54 10.57
CA ASN A 44 2.96 14.11 11.61
C ASN A 44 1.99 13.07 12.15
N ARG A 45 1.66 12.08 11.33
CA ARG A 45 0.75 11.02 11.73
C ARG A 45 1.20 10.38 13.04
N SER A 46 0.36 9.51 13.60
CA SER A 46 0.67 8.84 14.85
C SER A 46 1.33 7.49 14.59
N ASP A 47 2.31 7.16 15.41
CA ASP A 47 3.03 5.89 15.28
C ASP A 47 2.07 4.76 14.92
N GLY A 48 2.34 4.10 13.80
CA GLY A 48 1.49 3.01 13.36
C GLY A 48 0.82 3.28 12.03
N THR A 49 0.76 4.56 11.65
CA THR A 49 0.13 4.95 10.40
C THR A 49 0.91 4.41 9.20
N PHE A 50 0.28 3.50 8.47
CA PHE A 50 0.91 2.91 7.29
C PHE A 50 0.29 3.44 6.00
N LEU A 51 1.08 3.46 4.94
CA LEU A 51 0.60 3.95 3.64
C LEU A 51 1.36 3.28 2.50
N VAL A 52 0.62 2.77 1.52
CA VAL A 52 1.23 2.12 0.37
C VAL A 52 1.34 3.07 -0.82
N ARG A 53 2.41 2.92 -1.60
CA ARG A 53 2.62 3.77 -2.76
C ARG A 53 3.34 3.00 -3.86
N GLN A 54 3.31 3.55 -5.08
CA GLN A 54 3.95 2.91 -6.22
C GLN A 54 5.30 3.54 -6.51
N ARG A 55 6.11 2.87 -7.32
CA ARG A 55 7.43 3.37 -7.68
C ARG A 55 7.34 4.50 -8.70
N VAL A 56 6.44 5.44 -8.45
CA VAL A 56 6.25 6.58 -9.34
C VAL A 56 6.06 6.11 -10.78
N LYS A 57 5.59 4.88 -10.94
CA LYS A 57 5.37 4.32 -12.27
C LYS A 57 4.19 3.34 -12.25
N ASP A 58 3.48 3.26 -13.38
CA ASP A 58 2.33 2.38 -13.50
C ASP A 58 2.67 0.98 -12.97
N ALA A 59 1.77 0.44 -12.15
CA ALA A 59 1.96 -0.88 -11.57
C ALA A 59 3.44 -1.15 -11.30
N ALA A 60 4.11 -0.17 -10.69
CA ALA A 60 5.53 -0.31 -10.37
C ALA A 60 5.72 -0.94 -8.99
N GLU A 61 6.84 -1.62 -8.82
CA GLU A 61 7.14 -2.28 -7.56
C GLU A 61 6.58 -1.48 -6.39
N PHE A 62 5.41 -1.91 -5.90
CA PHE A 62 4.76 -1.24 -4.78
C PHE A 62 5.66 -1.23 -3.55
N ALA A 63 5.30 -0.42 -2.57
CA ALA A 63 6.07 -0.32 -1.34
C ALA A 63 5.22 0.20 -0.18
N ILE A 64 5.36 -0.42 0.98
CA ILE A 64 4.60 -0.03 2.15
C ILE A 64 5.47 0.73 3.15
N SER A 65 4.95 1.85 3.64
CA SER A 65 5.69 2.67 4.59
C SER A 65 4.79 3.11 5.74
N ILE A 66 5.27 2.94 6.97
CA ILE A 66 4.50 3.32 8.15
C ILE A 66 5.38 4.05 9.16
N LYS A 67 4.75 4.64 10.16
CA LYS A 67 5.46 5.37 11.20
C LYS A 67 5.94 4.43 12.30
N TYR A 68 7.26 4.33 12.45
CA TYR A 68 7.84 3.45 13.47
C TYR A 68 9.11 4.06 14.04
N ASN A 69 9.28 3.97 15.36
CA ASN A 69 10.45 4.52 16.03
C ASN A 69 10.68 5.97 15.64
N VAL A 70 9.59 6.68 15.36
CA VAL A 70 9.67 8.08 14.98
C VAL A 70 10.36 8.25 13.63
N GLU A 71 10.31 7.19 12.81
CA GLU A 71 10.93 7.22 11.50
C GLU A 71 10.06 6.49 10.47
N VAL A 72 9.83 7.15 9.34
CA VAL A 72 9.01 6.56 8.28
C VAL A 72 9.78 5.48 7.53
N LYS A 73 9.50 4.23 7.87
CA LYS A 73 10.16 3.09 7.23
C LYS A 73 9.47 2.73 5.91
N HIS A 74 10.21 2.07 5.03
CA HIS A 74 9.66 1.67 3.75
C HIS A 74 9.95 0.19 3.50
N ILE A 75 8.99 -0.48 2.88
CA ILE A 75 9.12 -1.90 2.56
C ILE A 75 8.86 -2.16 1.08
N LYS A 76 9.76 -2.89 0.45
CA LYS A 76 9.63 -3.22 -0.97
C LYS A 76 8.60 -4.33 -1.17
N ILE A 77 7.74 -4.16 -2.18
CA ILE A 77 6.72 -5.15 -2.48
C ILE A 77 6.99 -5.84 -3.82
N MET A 78 7.11 -7.15 -3.79
CA MET A 78 7.37 -7.93 -5.00
C MET A 78 6.08 -8.52 -5.55
N THR A 79 6.08 -8.82 -6.85
CA THR A 79 4.90 -9.39 -7.50
C THR A 79 5.26 -10.63 -8.31
N ALA A 80 4.39 -11.63 -8.28
CA ALA A 80 4.62 -12.87 -9.01
C ALA A 80 3.31 -13.63 -9.23
N GLU A 81 3.04 -13.97 -10.49
CA GLU A 81 1.83 -14.69 -10.83
C GLU A 81 0.59 -13.85 -10.54
N GLY A 82 0.77 -12.53 -10.53
CA GLY A 82 -0.35 -11.64 -10.25
C GLY A 82 -0.60 -11.46 -8.76
N LEU A 83 0.42 -11.75 -7.96
CA LEU A 83 0.30 -11.62 -6.52
C LEU A 83 1.18 -10.48 -5.99
N TYR A 84 1.00 -10.14 -4.72
CA TYR A 84 1.78 -9.07 -4.11
C TYR A 84 2.31 -9.50 -2.75
N ARG A 85 3.63 -9.44 -2.60
CA ARG A 85 4.28 -9.83 -1.34
C ARG A 85 5.68 -9.24 -1.26
N ILE A 86 6.00 -8.65 -0.12
CA ILE A 86 7.32 -8.06 0.10
C ILE A 86 8.39 -9.13 0.25
N THR A 87 7.96 -10.35 0.59
CA THR A 87 8.88 -11.46 0.76
C THR A 87 8.35 -12.72 0.10
N GLU A 88 9.27 -13.56 -0.37
CA GLU A 88 8.88 -14.81 -1.04
C GLU A 88 8.49 -15.87 -0.01
N LYS A 89 7.66 -15.47 0.95
CA LYS A 89 7.21 -16.39 2.00
C LYS A 89 5.71 -16.66 1.87
N LYS A 90 4.95 -15.63 1.57
CA LYS A 90 3.50 -15.75 1.41
C LYS A 90 2.96 -14.69 0.46
N ALA A 91 2.33 -15.14 -0.62
CA ALA A 91 1.77 -14.22 -1.62
C ALA A 91 0.25 -14.16 -1.49
N PHE A 92 -0.32 -13.02 -1.85
CA PHE A 92 -1.77 -12.83 -1.79
C PHE A 92 -2.31 -12.33 -3.12
N ARG A 93 -3.60 -12.54 -3.35
CA ARG A 93 -4.25 -12.11 -4.59
C ARG A 93 -3.91 -10.66 -4.88
N GLY A 94 -3.95 -9.81 -3.86
CA GLY A 94 -3.66 -8.40 -4.04
C GLY A 94 -3.23 -7.74 -2.74
N LEU A 95 -2.87 -6.46 -2.84
CA LEU A 95 -2.44 -5.70 -1.67
C LEU A 95 -3.43 -5.86 -0.52
N THR A 96 -4.68 -5.51 -0.77
CA THR A 96 -5.72 -5.62 0.24
C THR A 96 -5.48 -6.81 1.16
N GLU A 97 -5.13 -7.95 0.56
CA GLU A 97 -4.86 -9.16 1.33
C GLU A 97 -3.51 -9.07 2.02
N LEU A 98 -2.45 -8.90 1.23
CA LEU A 98 -1.11 -8.82 1.76
C LEU A 98 -1.07 -7.92 3.00
N VAL A 99 -1.64 -6.73 2.89
CA VAL A 99 -1.67 -5.79 3.99
C VAL A 99 -2.53 -6.32 5.14
N GLU A 100 -3.71 -6.82 4.81
CA GLU A 100 -4.62 -7.36 5.81
C GLU A 100 -3.94 -8.46 6.63
N PHE A 101 -3.06 -9.21 5.99
CA PHE A 101 -2.34 -10.29 6.64
C PHE A 101 -1.34 -9.74 7.66
N TYR A 102 -0.53 -8.78 7.21
CA TYR A 102 0.48 -8.17 8.08
C TYR A 102 -0.18 -7.45 9.25
N GLN A 103 -1.42 -7.02 9.05
CA GLN A 103 -2.16 -6.31 10.08
C GLN A 103 -2.25 -7.15 11.36
N GLN A 104 -1.92 -8.43 11.24
CA GLN A 104 -1.97 -9.34 12.38
C GLN A 104 -0.58 -9.85 12.72
N ASN A 105 0.31 -9.87 11.72
CA ASN A 105 1.67 -10.33 11.92
C ASN A 105 2.67 -9.21 11.68
N SER A 106 3.71 -9.14 12.52
CA SER A 106 4.73 -8.12 12.40
C SER A 106 5.60 -8.35 11.16
N LEU A 107 5.97 -7.26 10.50
CA LEU A 107 6.80 -7.34 9.30
C LEU A 107 8.19 -7.88 9.63
N LYS A 108 8.46 -8.05 10.92
CA LYS A 108 9.75 -8.55 11.37
C LYS A 108 10.20 -9.73 10.51
N ASP A 109 9.27 -10.62 10.18
CA ASP A 109 9.58 -11.78 9.36
C ASP A 109 10.46 -11.39 8.18
N CYS A 110 10.06 -10.33 7.47
CA CYS A 110 10.82 -9.86 6.32
C CYS A 110 12.01 -9.02 6.75
N PHE A 111 11.82 -8.22 7.79
CA PHE A 111 12.87 -7.36 8.31
C PHE A 111 12.94 -7.43 9.83
N LYS A 112 13.70 -8.40 10.34
CA LYS A 112 13.85 -8.58 11.78
C LYS A 112 14.03 -7.23 12.48
N SER A 113 14.64 -6.29 11.78
CA SER A 113 14.88 -4.96 12.34
C SER A 113 13.58 -4.17 12.42
N LEU A 114 12.71 -4.34 11.43
CA LEU A 114 11.44 -3.65 11.40
C LEU A 114 10.32 -4.52 11.96
N ASP A 115 10.11 -4.40 13.27
CA ASP A 115 9.08 -5.18 13.95
C ASP A 115 7.83 -4.33 14.16
N THR A 116 7.07 -4.11 13.09
CA THR A 116 5.86 -3.31 13.17
C THR A 116 4.72 -4.00 12.43
N THR A 117 3.55 -3.34 12.40
CA THR A 117 2.38 -3.89 11.73
C THR A 117 1.49 -2.77 11.18
N LEU A 118 0.66 -3.12 10.20
CA LEU A 118 -0.24 -2.15 9.59
C LEU A 118 -1.35 -1.75 10.56
N GLN A 119 -1.12 -0.67 11.29
CA GLN A 119 -2.11 -0.17 12.24
C GLN A 119 -3.27 0.51 11.53
N PHE A 120 -3.01 1.69 11.00
CA PHE A 120 -4.04 2.45 10.29
C PHE A 120 -3.46 3.15 9.06
N PRO A 121 -4.30 3.33 8.03
CA PRO A 121 -3.89 3.99 6.79
C PRO A 121 -3.64 5.48 6.96
N PHE A 122 -3.09 6.11 5.94
CA PHE A 122 -2.80 7.54 5.98
C PHE A 122 -4.01 8.35 5.54
N LYS A 123 -4.66 7.89 4.46
CA LYS A 123 -5.83 8.58 3.93
C LYS A 123 -6.95 8.64 4.98
N GLU A 124 -6.92 7.71 5.92
CA GLU A 124 -7.93 7.66 6.97
C GLU A 124 -8.40 9.07 7.34
N PRO A 125 -9.72 9.25 7.44
CA PRO A 125 -10.32 10.54 7.79
C PRO A 125 -10.06 10.93 9.24
N GLU A 126 -9.98 12.23 9.50
CA GLU A 126 -9.73 12.74 10.84
C GLU A 126 -10.43 11.86 11.89
N LYS A 127 -9.88 11.86 13.10
CA LYS A 127 -10.46 11.07 14.19
C LYS A 127 -10.95 11.98 15.30
N ARG A 128 -11.57 13.10 14.94
CA ARG A 128 -12.09 14.04 15.91
C ARG A 128 -13.02 13.35 16.91
N THR A 129 -13.05 13.86 18.13
CA THR A 129 -13.89 13.29 19.17
C THR A 129 -15.34 13.75 19.03
N ILE A 130 -15.83 13.77 17.80
CA ILE A 130 -17.20 14.20 17.53
C ILE A 130 -18.13 13.00 17.38
N SER A 131 -17.81 12.12 16.44
CA SER A 131 -18.61 10.93 16.19
C SER A 131 -17.83 9.92 15.34
N ARG A 132 -18.04 8.64 15.63
CA ARG A 132 -17.37 7.57 14.89
C ARG A 132 -17.37 7.86 13.41
N SER A 133 -16.24 7.56 12.75
CA SER A 133 -16.11 7.78 11.32
C SER A 133 -17.42 7.49 10.59
N GLY A 134 -17.86 6.24 10.67
CA GLY A 134 -19.09 5.83 10.02
C GLY A 134 -19.32 4.35 10.06
N PRO A 135 -20.42 3.89 9.45
CA PRO A 135 -20.78 2.47 9.41
C PRO A 135 -19.84 1.66 8.53
N SER A 136 -19.11 2.35 7.66
CA SER A 136 -18.17 1.70 6.75
C SER A 136 -17.11 2.68 6.26
N SER A 137 -15.87 2.21 6.16
CA SER A 137 -14.77 3.05 5.71
C SER A 137 -15.01 3.55 4.29
N GLY A 138 -15.39 2.64 3.40
CA GLY A 138 -15.66 3.02 2.02
C GLY A 138 -15.09 2.02 1.03
N GLY A 1 -34.50 39.85 -10.23
CA GLY A 1 -34.88 38.81 -11.16
C GLY A 1 -34.81 37.43 -10.53
N SER A 2 -35.24 36.42 -11.28
CA SER A 2 -35.22 35.04 -10.79
C SER A 2 -35.21 34.05 -11.94
N SER A 3 -34.29 33.09 -11.89
CA SER A 3 -34.18 32.07 -12.93
C SER A 3 -33.58 30.79 -12.38
N GLY A 4 -33.86 29.67 -13.05
CA GLY A 4 -33.35 28.40 -12.61
C GLY A 4 -32.35 27.80 -13.59
N SER A 5 -31.90 26.58 -13.31
CA SER A 5 -30.93 25.91 -14.17
C SER A 5 -30.70 24.47 -13.70
N SER A 6 -30.65 23.56 -14.66
CA SER A 6 -30.44 22.15 -14.36
C SER A 6 -29.15 21.63 -15.00
N GLY A 7 -28.38 20.86 -14.24
CA GLY A 7 -27.13 20.33 -14.74
C GLY A 7 -26.56 19.25 -13.84
N LYS A 8 -26.48 18.02 -14.36
CA LYS A 8 -25.95 16.90 -13.60
C LYS A 8 -25.68 15.70 -14.51
N ALA A 9 -24.66 14.93 -14.18
CA ALA A 9 -24.30 13.75 -14.96
C ALA A 9 -24.17 12.52 -14.07
N GLU A 10 -25.21 11.70 -14.03
CA GLU A 10 -25.21 10.49 -13.21
C GLU A 10 -25.89 9.34 -13.95
N ALA A 11 -25.66 8.12 -13.47
CA ALA A 11 -26.25 6.94 -14.07
C ALA A 11 -25.90 6.84 -15.56
N GLU A 12 -24.76 7.40 -15.92
CA GLU A 12 -24.30 7.37 -17.31
C GLU A 12 -24.14 5.94 -17.80
N GLN A 13 -25.01 5.52 -18.71
CA GLN A 13 -24.96 4.17 -19.26
C GLN A 13 -23.56 3.84 -19.76
N ASN A 14 -23.21 2.55 -19.73
CA ASN A 14 -21.90 2.12 -20.17
C ASN A 14 -21.97 0.71 -20.78
N TRP A 15 -21.08 0.43 -21.71
CA TRP A 15 -21.05 -0.87 -22.37
C TRP A 15 -19.78 -1.63 -22.02
N TRP A 16 -18.93 -1.00 -21.20
CA TRP A 16 -17.67 -1.62 -20.79
C TRP A 16 -17.86 -2.45 -19.53
N GLU A 17 -17.17 -3.58 -19.46
CA GLU A 17 -17.26 -4.46 -18.31
C GLU A 17 -16.76 -3.77 -17.05
N GLY A 18 -15.67 -3.02 -17.18
CA GLY A 18 -15.11 -2.30 -16.05
C GLY A 18 -13.61 -2.49 -15.93
N PRO A 19 -12.96 -1.56 -15.23
CA PRO A 19 -11.50 -1.60 -15.03
C PRO A 19 -11.06 -2.74 -14.12
N PRO A 20 -9.75 -3.01 -14.10
CA PRO A 20 -9.18 -4.08 -13.27
C PRO A 20 -9.24 -3.75 -11.78
N GLN A 21 -8.61 -4.60 -10.97
CA GLN A 21 -8.60 -4.41 -9.53
C GLN A 21 -8.36 -2.94 -9.18
N ASP A 22 -9.25 -2.39 -8.35
CA ASP A 22 -9.14 -1.00 -7.93
C ASP A 22 -8.50 -0.89 -6.55
N LEU A 23 -7.26 -0.42 -6.51
CA LEU A 23 -6.52 -0.28 -5.26
C LEU A 23 -6.59 1.17 -4.76
N SER A 24 -6.79 2.10 -5.68
CA SER A 24 -6.88 3.51 -5.35
C SER A 24 -7.99 3.77 -4.33
N VAL A 25 -9.08 3.02 -4.47
CA VAL A 25 -10.22 3.17 -3.56
C VAL A 25 -9.78 3.02 -2.11
N HIS A 26 -8.77 2.21 -1.88
CA HIS A 26 -8.25 1.99 -0.53
C HIS A 26 -7.67 3.27 0.05
N LEU A 27 -7.47 3.28 1.37
CA LEU A 27 -6.92 4.46 2.04
C LEU A 27 -5.40 4.39 2.09
N TRP A 28 -4.87 3.18 2.21
CA TRP A 28 -3.42 2.97 2.28
C TRP A 28 -2.82 2.95 0.87
N TYR A 29 -3.55 3.50 -0.08
CA TYR A 29 -3.08 3.54 -1.46
C TYR A 29 -2.87 4.98 -1.93
N ALA A 30 -1.63 5.45 -1.81
CA ALA A 30 -1.28 6.81 -2.20
C ALA A 30 -0.80 6.85 -3.66
N GLY A 31 -1.25 5.88 -4.45
CA GLY A 31 -0.86 5.82 -5.85
C GLY A 31 0.60 6.17 -6.05
N PRO A 32 0.91 6.83 -7.17
CA PRO A 32 2.28 7.23 -7.50
C PRO A 32 2.80 8.34 -6.59
N MET A 33 3.50 7.94 -5.53
CA MET A 33 4.05 8.90 -4.57
C MET A 33 5.53 8.64 -4.34
N GLU A 34 6.31 9.71 -4.23
CA GLU A 34 7.75 9.59 -4.01
C GLU A 34 8.05 9.34 -2.54
N ARG A 35 9.29 8.97 -2.25
CA ARG A 35 9.70 8.68 -0.88
C ARG A 35 9.39 9.87 0.04
N ALA A 36 9.91 11.04 -0.33
CA ALA A 36 9.70 12.26 0.46
C ALA A 36 8.26 12.33 0.96
N GLY A 37 7.32 12.47 0.02
CA GLY A 37 5.92 12.55 0.38
C GLY A 37 5.56 11.65 1.53
N ALA A 38 5.92 10.38 1.43
CA ALA A 38 5.63 9.41 2.47
C ALA A 38 6.33 9.78 3.78
N GLU A 39 7.58 10.21 3.67
CA GLU A 39 8.36 10.60 4.84
C GLU A 39 7.82 11.89 5.44
N SER A 40 7.13 12.68 4.62
CA SER A 40 6.55 13.95 5.08
C SER A 40 5.10 13.77 5.49
N ILE A 41 4.46 12.74 4.95
CA ILE A 41 3.06 12.47 5.26
C ILE A 41 2.93 11.75 6.60
N LEU A 42 3.62 10.62 6.74
CA LEU A 42 3.58 9.84 7.97
C LEU A 42 4.43 10.49 9.05
N ALA A 43 5.32 11.40 8.63
CA ALA A 43 6.18 12.11 9.56
C ALA A 43 5.38 12.70 10.72
N ASN A 44 4.29 13.37 10.39
CA ASN A 44 3.44 14.00 11.40
C ASN A 44 2.41 13.00 11.93
N ARG A 45 1.97 12.09 11.06
CA ARG A 45 0.99 11.08 11.45
C ARG A 45 1.38 10.42 12.77
N SER A 46 0.50 9.56 13.26
CA SER A 46 0.74 8.86 14.53
C SER A 46 1.39 7.50 14.29
N ASP A 47 2.39 7.18 15.09
CA ASP A 47 3.10 5.90 14.97
C ASP A 47 2.13 4.78 14.63
N GLY A 48 2.43 4.04 13.57
CA GLY A 48 1.57 2.93 13.16
C GLY A 48 0.88 3.20 11.83
N THR A 49 0.79 4.47 11.46
CA THR A 49 0.15 4.85 10.21
C THR A 49 0.93 4.33 9.01
N PHE A 50 0.37 3.32 8.34
CA PHE A 50 1.02 2.73 7.17
C PHE A 50 0.46 3.31 5.88
N LEU A 51 1.27 3.31 4.83
CA LEU A 51 0.85 3.84 3.54
C LEU A 51 1.58 3.13 2.40
N VAL A 52 0.81 2.64 1.43
CA VAL A 52 1.37 1.94 0.29
C VAL A 52 1.58 2.89 -0.89
N ARG A 53 2.82 2.99 -1.35
CA ARG A 53 3.14 3.87 -2.47
C ARG A 53 3.81 3.08 -3.61
N GLN A 54 3.80 3.66 -4.80
CA GLN A 54 4.40 3.01 -5.96
C GLN A 54 5.13 4.03 -6.83
N ARG A 55 6.46 3.95 -6.84
CA ARG A 55 7.27 4.87 -7.64
C ARG A 55 6.62 5.13 -8.99
N VAL A 56 7.03 6.22 -9.63
CA VAL A 56 6.49 6.59 -10.94
C VAL A 56 7.29 5.95 -12.06
N LYS A 57 7.32 4.62 -12.07
CA LYS A 57 8.06 3.87 -13.08
C LYS A 57 7.31 2.60 -13.47
N ASP A 58 7.73 1.98 -14.57
CA ASP A 58 7.11 0.75 -15.04
C ASP A 58 6.78 -0.18 -13.88
N ALA A 59 5.49 -0.48 -13.71
CA ALA A 59 5.04 -1.35 -12.64
C ALA A 59 5.88 -1.16 -11.38
N ALA A 60 6.27 0.09 -11.12
CA ALA A 60 7.07 0.42 -9.95
C ALA A 60 6.78 -0.54 -8.81
N GLU A 61 7.83 -1.19 -8.30
CA GLU A 61 7.69 -2.14 -7.21
C GLU A 61 7.04 -1.47 -5.99
N PHE A 62 5.75 -1.72 -5.80
CA PHE A 62 5.01 -1.14 -4.67
C PHE A 62 5.85 -1.19 -3.40
N ALA A 63 5.45 -0.41 -2.40
CA ALA A 63 6.16 -0.37 -1.13
C ALA A 63 5.24 0.13 -0.02
N ILE A 64 5.30 -0.53 1.14
CA ILE A 64 4.49 -0.15 2.28
C ILE A 64 5.31 0.61 3.32
N SER A 65 5.07 1.91 3.40
CA SER A 65 5.80 2.75 4.36
C SER A 65 4.88 3.19 5.50
N ILE A 66 5.37 3.04 6.72
CA ILE A 66 4.60 3.40 7.91
C ILE A 66 5.48 4.12 8.94
N LYS A 67 4.84 4.78 9.89
CA LYS A 67 5.56 5.50 10.94
C LYS A 67 5.90 4.57 12.10
N TYR A 68 7.19 4.32 12.29
CA TYR A 68 7.66 3.45 13.35
C TYR A 68 8.98 3.95 13.94
N ASN A 69 9.15 3.76 15.24
CA ASN A 69 10.37 4.19 15.91
C ASN A 69 10.67 5.66 15.60
N VAL A 70 9.62 6.44 15.40
CA VAL A 70 9.77 7.87 15.09
C VAL A 70 10.46 8.07 13.75
N GLU A 71 10.35 7.07 12.87
CA GLU A 71 10.97 7.14 11.56
C GLU A 71 10.08 6.46 10.51
N VAL A 72 10.01 7.07 9.32
CA VAL A 72 9.20 6.52 8.25
C VAL A 72 9.93 5.39 7.54
N LYS A 73 9.61 4.16 7.92
CA LYS A 73 10.23 2.98 7.32
C LYS A 73 9.53 2.60 6.03
N HIS A 74 10.27 1.95 5.14
CA HIS A 74 9.70 1.53 3.86
C HIS A 74 9.76 0.01 3.75
N ILE A 75 8.73 -0.56 3.13
CA ILE A 75 8.65 -2.00 2.94
C ILE A 75 8.51 -2.35 1.46
N LYS A 76 9.60 -2.83 0.87
CA LYS A 76 9.60 -3.20 -0.54
C LYS A 76 8.57 -4.29 -0.81
N ILE A 77 7.82 -4.14 -1.90
CA ILE A 77 6.80 -5.11 -2.28
C ILE A 77 7.19 -5.85 -3.55
N MET A 78 7.17 -7.17 -3.50
CA MET A 78 7.51 -7.99 -4.66
C MET A 78 6.27 -8.61 -5.27
N THR A 79 6.22 -8.62 -6.61
CA THR A 79 5.08 -9.18 -7.32
C THR A 79 5.49 -10.39 -8.16
N ALA A 80 4.65 -11.42 -8.15
CA ALA A 80 4.93 -12.64 -8.91
C ALA A 80 3.64 -13.37 -9.24
N GLU A 81 3.47 -13.73 -10.51
CA GLU A 81 2.28 -14.44 -10.96
C GLU A 81 1.03 -13.60 -10.75
N GLY A 82 1.22 -12.28 -10.71
CA GLY A 82 0.09 -11.38 -10.51
C GLY A 82 -0.27 -11.22 -9.05
N LEU A 83 0.59 -11.73 -8.18
CA LEU A 83 0.36 -11.63 -6.73
C LEU A 83 1.25 -10.56 -6.11
N TYR A 84 0.86 -10.10 -4.92
CA TYR A 84 1.62 -9.08 -4.22
C TYR A 84 2.16 -9.60 -2.90
N ARG A 85 3.47 -9.47 -2.71
CA ARG A 85 4.11 -9.94 -1.49
C ARG A 85 5.48 -9.30 -1.31
N ILE A 86 5.76 -8.83 -0.09
CA ILE A 86 7.03 -8.20 0.22
C ILE A 86 8.14 -9.24 0.41
N THR A 87 7.73 -10.49 0.62
CA THR A 87 8.68 -11.57 0.83
C THR A 87 8.19 -12.86 0.18
N GLU A 88 9.13 -13.71 -0.22
CA GLU A 88 8.80 -14.99 -0.85
C GLU A 88 8.34 -16.01 0.19
N LYS A 89 7.47 -15.57 1.09
CA LYS A 89 6.95 -16.44 2.14
C LYS A 89 5.47 -16.72 1.94
N LYS A 90 4.74 -15.71 1.46
CA LYS A 90 3.31 -15.84 1.23
C LYS A 90 2.82 -14.77 0.25
N ALA A 91 2.10 -15.21 -0.77
CA ALA A 91 1.58 -14.29 -1.78
C ALA A 91 0.06 -14.20 -1.69
N PHE A 92 -0.48 -13.04 -2.06
CA PHE A 92 -1.92 -12.81 -2.02
C PHE A 92 -2.43 -12.28 -3.36
N ARG A 93 -3.74 -12.36 -3.57
CA ARG A 93 -4.34 -11.88 -4.80
C ARG A 93 -4.00 -10.42 -5.05
N GLY A 94 -4.10 -9.61 -4.00
CA GLY A 94 -3.79 -8.19 -4.12
C GLY A 94 -3.35 -7.58 -2.80
N LEU A 95 -3.00 -6.30 -2.84
CA LEU A 95 -2.56 -5.60 -1.64
C LEU A 95 -3.56 -5.80 -0.50
N THR A 96 -4.80 -5.40 -0.72
CA THR A 96 -5.85 -5.53 0.28
C THR A 96 -5.63 -6.77 1.14
N GLU A 97 -5.33 -7.89 0.49
CA GLU A 97 -5.10 -9.15 1.20
C GLU A 97 -3.72 -9.14 1.88
N LEU A 98 -2.67 -9.02 1.07
CA LEU A 98 -1.31 -9.01 1.58
C LEU A 98 -1.22 -8.18 2.87
N VAL A 99 -1.78 -6.99 2.83
CA VAL A 99 -1.77 -6.10 3.99
C VAL A 99 -2.59 -6.69 5.14
N GLU A 100 -3.76 -7.22 4.81
CA GLU A 100 -4.64 -7.81 5.82
C GLU A 100 -3.87 -8.82 6.67
N PHE A 101 -3.10 -9.68 6.01
CA PHE A 101 -2.32 -10.69 6.71
C PHE A 101 -1.30 -10.05 7.65
N TYR A 102 -0.60 -9.03 7.14
CA TYR A 102 0.41 -8.33 7.93
C TYR A 102 -0.25 -7.52 9.05
N GLN A 103 -1.52 -7.20 8.87
CA GLN A 103 -2.26 -6.43 9.86
C GLN A 103 -2.48 -7.24 11.13
N GLN A 104 -2.21 -8.53 11.05
CA GLN A 104 -2.39 -9.43 12.20
C GLN A 104 -1.05 -10.01 12.64
N ASN A 105 -0.07 -9.97 11.74
CA ASN A 105 1.25 -10.52 12.03
C ASN A 105 2.33 -9.45 11.86
N SER A 106 3.38 -9.53 12.66
CA SER A 106 4.48 -8.56 12.60
C SER A 106 5.20 -8.65 11.26
N LEU A 107 5.70 -7.51 10.79
CA LEU A 107 6.41 -7.46 9.52
C LEU A 107 7.83 -8.01 9.67
N LYS A 108 8.27 -8.17 10.91
CA LYS A 108 9.61 -8.68 11.20
C LYS A 108 9.96 -9.83 10.25
N ASP A 109 8.97 -10.66 9.93
CA ASP A 109 9.17 -11.79 9.04
C ASP A 109 10.13 -11.42 7.91
N CYS A 110 9.99 -10.21 7.38
CA CYS A 110 10.85 -9.74 6.30
C CYS A 110 12.00 -8.91 6.84
N PHE A 111 11.75 -8.19 7.92
CA PHE A 111 12.77 -7.35 8.54
C PHE A 111 12.84 -7.58 10.05
N LYS A 112 13.50 -8.66 10.46
CA LYS A 112 13.63 -8.99 11.87
C LYS A 112 13.88 -7.74 12.71
N SER A 113 14.54 -6.75 12.10
CA SER A 113 14.85 -5.51 12.78
C SER A 113 13.59 -4.65 12.96
N LEU A 114 12.74 -4.66 11.94
CA LEU A 114 11.50 -3.88 11.97
C LEU A 114 10.32 -4.76 12.36
N ASP A 115 9.97 -4.75 13.64
CA ASP A 115 8.85 -5.55 14.14
C ASP A 115 7.61 -4.69 14.32
N THR A 116 6.96 -4.35 13.20
CA THR A 116 5.75 -3.53 13.24
C THR A 116 4.58 -4.25 12.57
N THR A 117 3.46 -3.53 12.43
CA THR A 117 2.27 -4.09 11.81
C THR A 117 1.38 -2.99 11.24
N LEU A 118 0.74 -3.28 10.11
CA LEU A 118 -0.14 -2.32 9.47
C LEU A 118 -1.26 -1.89 10.41
N GLN A 119 -1.06 -0.76 11.07
CA GLN A 119 -2.06 -0.23 12.00
C GLN A 119 -3.21 0.44 11.25
N PHE A 120 -2.95 1.63 10.73
CA PHE A 120 -3.96 2.37 9.98
C PHE A 120 -3.34 3.08 8.77
N PRO A 121 -4.16 3.29 7.74
CA PRO A 121 -3.72 3.96 6.50
C PRO A 121 -3.43 5.44 6.71
N PHE A 122 -2.67 6.03 5.80
CA PHE A 122 -2.33 7.44 5.88
C PHE A 122 -3.52 8.32 5.51
N LYS A 123 -4.32 7.85 4.56
CA LYS A 123 -5.49 8.59 4.11
C LYS A 123 -6.57 8.60 5.19
N GLU A 124 -6.53 7.60 6.08
CA GLU A 124 -7.51 7.49 7.15
C GLU A 124 -7.95 8.87 7.62
N PRO A 125 -9.27 9.03 7.79
CA PRO A 125 -9.87 10.30 8.24
C PRO A 125 -9.53 10.62 9.69
N GLU A 126 -9.44 11.90 10.01
CA GLU A 126 -9.12 12.34 11.36
C GLU A 126 -9.73 11.39 12.39
N LYS A 127 -8.95 11.04 13.40
CA LYS A 127 -9.41 10.14 14.46
C LYS A 127 -10.86 10.43 14.82
N ARG A 128 -11.16 11.71 15.07
CA ARG A 128 -12.51 12.11 15.44
C ARG A 128 -13.41 12.15 14.21
N THR A 129 -13.37 11.09 13.41
CA THR A 129 -14.18 11.00 12.21
C THR A 129 -15.57 10.44 12.52
N ILE A 130 -16.51 10.66 11.60
CA ILE A 130 -17.87 10.17 11.77
C ILE A 130 -17.93 8.65 11.63
N SER A 131 -17.58 7.95 12.70
CA SER A 131 -17.59 6.49 12.69
C SER A 131 -18.83 5.96 11.99
N ARG A 132 -18.65 4.98 11.11
CA ARG A 132 -19.76 4.39 10.38
C ARG A 132 -19.52 2.89 10.15
N SER A 133 -20.60 2.13 10.13
CA SER A 133 -20.52 0.69 9.93
C SER A 133 -20.11 0.37 8.49
N GLY A 134 -19.85 -0.91 8.23
CA GLY A 134 -19.44 -1.33 6.90
C GLY A 134 -17.96 -1.16 6.66
N PRO A 135 -17.30 -2.24 6.20
CA PRO A 135 -15.86 -2.22 5.94
C PRO A 135 -15.51 -1.37 4.72
N SER A 136 -14.23 -1.41 4.32
CA SER A 136 -13.77 -0.64 3.18
C SER A 136 -13.79 -1.49 1.91
N SER A 137 -14.85 -2.26 1.74
CA SER A 137 -14.99 -3.12 0.57
C SER A 137 -13.67 -3.81 0.25
N GLY A 138 -12.99 -4.28 1.29
CA GLY A 138 -11.72 -4.96 1.10
C GLY A 138 -11.70 -5.82 -0.16
N GLY A 1 26.06 -13.57 -2.34
CA GLY A 1 26.13 -13.29 -3.76
C GLY A 1 25.54 -11.95 -4.13
N SER A 2 26.37 -11.07 -4.68
CA SER A 2 25.92 -9.74 -5.07
C SER A 2 25.45 -9.72 -6.52
N SER A 3 24.72 -10.76 -6.91
CA SER A 3 24.21 -10.86 -8.29
C SER A 3 22.70 -10.63 -8.32
N GLY A 4 21.98 -11.34 -7.46
CA GLY A 4 20.53 -11.20 -7.42
C GLY A 4 19.85 -11.85 -8.61
N SER A 5 19.72 -13.17 -8.55
CA SER A 5 19.08 -13.92 -9.64
C SER A 5 17.60 -13.55 -9.75
N SER A 6 17.27 -12.65 -10.66
CA SER A 6 15.90 -12.23 -10.87
C SER A 6 15.78 -11.37 -12.13
N GLY A 7 14.54 -11.04 -12.48
CA GLY A 7 14.30 -10.23 -13.67
C GLY A 7 13.48 -10.96 -14.71
N LYS A 8 12.21 -11.18 -14.41
CA LYS A 8 11.30 -11.87 -15.33
C LYS A 8 10.18 -10.95 -15.79
N ALA A 9 10.45 -10.17 -16.84
CA ALA A 9 9.46 -9.25 -17.38
C ALA A 9 8.45 -9.99 -18.27
N GLU A 10 7.18 -9.66 -18.09
CA GLU A 10 6.12 -10.29 -18.88
C GLU A 10 4.77 -9.63 -18.61
N ALA A 11 3.92 -9.58 -19.63
CA ALA A 11 2.60 -8.98 -19.49
C ALA A 11 1.54 -9.82 -20.19
N GLU A 12 0.47 -10.13 -19.48
CA GLU A 12 -0.62 -10.93 -20.03
C GLU A 12 -1.87 -10.07 -20.24
N GLN A 13 -2.01 -9.53 -21.44
CA GLN A 13 -3.16 -8.69 -21.78
C GLN A 13 -4.44 -9.29 -21.21
N ASN A 14 -5.36 -8.43 -20.82
CA ASN A 14 -6.65 -8.86 -20.26
C ASN A 14 -7.78 -8.60 -21.24
N TRP A 15 -8.99 -9.00 -20.86
CA TRP A 15 -10.17 -8.81 -21.70
C TRP A 15 -11.44 -9.20 -20.96
N TRP A 16 -12.20 -8.21 -20.54
CA TRP A 16 -13.44 -8.45 -19.82
C TRP A 16 -14.37 -7.24 -19.91
N GLU A 17 -15.67 -7.49 -19.73
CA GLU A 17 -16.65 -6.41 -19.79
C GLU A 17 -16.80 -5.73 -18.43
N GLY A 18 -15.67 -5.50 -17.78
CA GLY A 18 -15.69 -4.84 -16.47
C GLY A 18 -14.32 -4.38 -16.04
N PRO A 19 -14.27 -3.24 -15.34
CA PRO A 19 -13.03 -2.65 -14.85
C PRO A 19 -12.39 -3.48 -13.74
N PRO A 20 -11.05 -3.58 -13.77
CA PRO A 20 -10.30 -4.35 -12.76
C PRO A 20 -10.31 -3.68 -11.39
N GLN A 21 -9.77 -4.36 -10.40
CA GLN A 21 -9.72 -3.85 -9.04
C GLN A 21 -9.09 -2.46 -9.02
N ASP A 22 -9.61 -1.58 -8.16
CA ASP A 22 -9.09 -0.23 -8.04
C ASP A 22 -8.53 0.02 -6.64
N LEU A 23 -7.28 -0.39 -6.44
CA LEU A 23 -6.62 -0.22 -5.15
C LEU A 23 -6.76 1.22 -4.66
N SER A 24 -7.00 2.14 -5.59
CA SER A 24 -7.15 3.55 -5.24
C SER A 24 -8.29 3.74 -4.25
N VAL A 25 -9.33 2.92 -4.37
CA VAL A 25 -10.48 3.01 -3.47
C VAL A 25 -10.05 2.90 -2.01
N HIS A 26 -8.94 2.21 -1.79
CA HIS A 26 -8.42 2.02 -0.44
C HIS A 26 -7.93 3.35 0.15
N LEU A 27 -7.48 3.31 1.40
CA LEU A 27 -6.99 4.50 2.07
C LEU A 27 -5.47 4.55 2.04
N TRP A 28 -4.84 3.46 2.46
CA TRP A 28 -3.38 3.38 2.48
C TRP A 28 -2.80 3.57 1.09
N TYR A 29 -3.61 3.25 0.08
CA TYR A 29 -3.17 3.39 -1.31
C TYR A 29 -2.99 4.86 -1.68
N ALA A 30 -1.74 5.25 -1.95
CA ALA A 30 -1.44 6.63 -2.33
C ALA A 30 -0.85 6.69 -3.72
N GLY A 31 -1.35 5.86 -4.63
CA GLY A 31 -0.85 5.84 -5.99
C GLY A 31 0.65 6.06 -6.06
N PRO A 32 1.11 6.59 -7.20
CA PRO A 32 2.54 6.87 -7.41
C PRO A 32 3.06 8.00 -6.54
N MET A 33 3.55 7.66 -5.36
CA MET A 33 4.08 8.65 -4.43
C MET A 33 5.56 8.43 -4.18
N GLU A 34 6.32 9.52 -4.14
CA GLU A 34 7.76 9.44 -3.91
C GLU A 34 8.07 9.03 -2.48
N ARG A 35 9.30 8.60 -2.24
CA ARG A 35 9.71 8.17 -0.90
C ARG A 35 9.57 9.30 0.10
N ALA A 36 10.16 10.45 -0.21
CA ALA A 36 10.09 11.62 0.66
C ALA A 36 8.65 11.92 1.05
N GLY A 37 7.76 11.96 0.06
CA GLY A 37 6.36 12.24 0.32
C GLY A 37 5.82 11.45 1.50
N ALA A 38 6.03 10.14 1.47
CA ALA A 38 5.56 9.26 2.53
C ALA A 38 6.22 9.61 3.86
N GLU A 39 7.50 9.97 3.79
CA GLU A 39 8.25 10.33 4.99
C GLU A 39 7.76 11.64 5.57
N SER A 40 7.13 12.46 4.74
CA SER A 40 6.60 13.74 5.17
C SER A 40 5.14 13.63 5.57
N ILE A 41 4.43 12.69 4.96
CA ILE A 41 3.03 12.48 5.26
C ILE A 41 2.84 11.81 6.61
N LEU A 42 3.51 10.68 6.81
CA LEU A 42 3.43 9.94 8.06
C LEU A 42 4.23 10.63 9.15
N ALA A 43 5.03 11.61 8.76
CA ALA A 43 5.86 12.35 9.71
C ALA A 43 5.03 12.79 10.93
N ASN A 44 3.96 13.53 10.68
CA ASN A 44 3.10 14.01 11.75
C ASN A 44 2.16 12.91 12.22
N ARG A 45 1.76 12.04 11.29
CA ARG A 45 0.86 10.94 11.62
C ARG A 45 1.27 10.27 12.92
N SER A 46 0.38 9.45 13.47
CA SER A 46 0.64 8.75 14.72
C SER A 46 1.30 7.39 14.45
N ASP A 47 2.31 7.06 15.23
CA ASP A 47 3.02 5.80 15.09
C ASP A 47 2.05 4.67 14.71
N GLY A 48 2.37 3.97 13.62
CA GLY A 48 1.51 2.89 13.17
C GLY A 48 0.81 3.21 11.88
N THR A 49 0.72 4.49 11.54
CA THR A 49 0.06 4.92 10.32
C THR A 49 0.83 4.44 9.09
N PHE A 50 0.34 3.36 8.49
CA PHE A 50 0.97 2.80 7.30
C PHE A 50 0.41 3.43 6.03
N LEU A 51 1.17 3.37 4.95
CA LEU A 51 0.74 3.93 3.67
C LEU A 51 1.45 3.23 2.51
N VAL A 52 0.67 2.87 1.49
CA VAL A 52 1.21 2.20 0.31
C VAL A 52 1.30 3.15 -0.87
N ARG A 53 2.33 2.98 -1.69
CA ARG A 53 2.52 3.82 -2.86
C ARG A 53 3.30 3.08 -3.95
N GLN A 54 3.31 3.64 -5.16
CA GLN A 54 4.01 3.03 -6.27
C GLN A 54 5.39 3.64 -6.45
N ARG A 55 6.29 2.90 -7.09
CA ARG A 55 7.65 3.37 -7.32
C ARG A 55 7.68 4.39 -8.45
N VAL A 56 7.10 5.56 -8.21
CA VAL A 56 7.06 6.62 -9.21
C VAL A 56 7.05 6.05 -10.62
N LYS A 57 6.17 5.08 -10.85
CA LYS A 57 6.06 4.45 -12.16
C LYS A 57 4.84 3.53 -12.22
N ASP A 58 4.14 3.54 -13.35
CA ASP A 58 2.97 2.70 -13.52
C ASP A 58 3.26 1.27 -13.10
N ALA A 59 2.68 0.86 -11.98
CA ALA A 59 2.87 -0.50 -11.46
C ALA A 59 4.35 -0.86 -11.43
N ALA A 60 5.19 0.14 -11.18
CA ALA A 60 6.63 -0.08 -11.13
C ALA A 60 6.99 -1.05 -10.01
N GLU A 61 6.71 -0.66 -8.77
CA GLU A 61 7.01 -1.50 -7.62
C GLU A 61 6.38 -0.92 -6.36
N PHE A 62 5.29 -1.55 -5.90
CA PHE A 62 4.59 -1.10 -4.70
C PHE A 62 5.52 -1.15 -3.49
N ALA A 63 5.32 -0.20 -2.57
CA ALA A 63 6.14 -0.13 -1.36
C ALA A 63 5.31 0.32 -0.17
N ILE A 64 5.40 -0.42 0.93
CA ILE A 64 4.65 -0.09 2.14
C ILE A 64 5.53 0.69 3.13
N SER A 65 5.09 1.89 3.49
CA SER A 65 5.82 2.73 4.43
C SER A 65 4.93 3.20 5.56
N ILE A 66 5.33 2.91 6.79
CA ILE A 66 4.56 3.31 7.96
C ILE A 66 5.43 4.06 8.96
N LYS A 67 4.79 4.68 9.95
CA LYS A 67 5.51 5.43 10.98
C LYS A 67 5.91 4.51 12.14
N TYR A 68 7.21 4.38 12.35
CA TYR A 68 7.73 3.54 13.42
C TYR A 68 9.00 4.14 14.03
N ASN A 69 9.12 4.03 15.35
CA ASN A 69 10.29 4.56 16.05
C ASN A 69 10.53 6.02 15.66
N VAL A 70 9.45 6.75 15.39
CA VAL A 70 9.56 8.15 15.01
C VAL A 70 10.26 8.31 13.68
N GLU A 71 10.20 7.27 12.86
CA GLU A 71 10.84 7.28 11.54
C GLU A 71 9.97 6.58 10.50
N VAL A 72 9.85 7.18 9.33
CA VAL A 72 9.05 6.61 8.25
C VAL A 72 9.83 5.52 7.51
N LYS A 73 9.55 4.27 7.84
CA LYS A 73 10.22 3.15 7.20
C LYS A 73 9.56 2.80 5.86
N HIS A 74 10.31 2.15 4.99
CA HIS A 74 9.77 1.76 3.70
C HIS A 74 10.01 0.28 3.46
N ILE A 75 9.04 -0.36 2.83
CA ILE A 75 9.12 -1.79 2.52
C ILE A 75 8.75 -2.07 1.07
N LYS A 76 9.65 -2.74 0.36
CA LYS A 76 9.41 -3.07 -1.05
C LYS A 76 8.39 -4.20 -1.17
N ILE A 77 7.62 -4.17 -2.25
CA ILE A 77 6.61 -5.20 -2.49
C ILE A 77 6.92 -6.01 -3.75
N MET A 78 7.33 -7.26 -3.55
CA MET A 78 7.65 -8.13 -4.67
C MET A 78 6.40 -8.72 -5.29
N THR A 79 6.36 -8.77 -6.62
CA THR A 79 5.21 -9.31 -7.33
C THR A 79 5.61 -10.51 -8.19
N ALA A 80 4.77 -11.55 -8.17
CA ALA A 80 5.04 -12.76 -8.93
C ALA A 80 3.75 -13.52 -9.21
N GLU A 81 3.51 -13.84 -10.48
CA GLU A 81 2.32 -14.57 -10.88
C GLU A 81 1.06 -13.74 -10.61
N GLY A 82 1.22 -12.43 -10.59
CA GLY A 82 0.10 -11.54 -10.35
C GLY A 82 -0.18 -11.35 -8.87
N LEU A 83 0.69 -11.90 -8.03
CA LEU A 83 0.53 -11.79 -6.58
C LEU A 83 1.42 -10.68 -6.02
N TYR A 84 1.08 -10.24 -4.81
CA TYR A 84 1.86 -9.18 -4.15
C TYR A 84 2.32 -9.62 -2.78
N ARG A 85 3.63 -9.54 -2.54
CA ARG A 85 4.20 -9.93 -1.27
C ARG A 85 5.61 -9.34 -1.10
N ILE A 86 5.81 -8.60 -0.02
CA ILE A 86 7.09 -7.98 0.26
C ILE A 86 8.18 -9.04 0.46
N THR A 87 7.75 -10.26 0.79
CA THR A 87 8.68 -11.35 1.01
C THR A 87 8.18 -12.64 0.35
N GLU A 88 9.11 -13.51 -0.02
CA GLU A 88 8.76 -14.78 -0.65
C GLU A 88 8.36 -15.81 0.38
N LYS A 89 7.51 -15.40 1.33
CA LYS A 89 7.04 -16.29 2.38
C LYS A 89 5.55 -16.56 2.23
N LYS A 90 4.80 -15.55 1.80
CA LYS A 90 3.36 -15.67 1.62
C LYS A 90 2.85 -14.66 0.59
N ALA A 91 2.25 -15.16 -0.48
CA ALA A 91 1.72 -14.30 -1.52
C ALA A 91 0.20 -14.18 -1.43
N PHE A 92 -0.34 -13.06 -1.88
CA PHE A 92 -1.78 -12.83 -1.84
C PHE A 92 -2.29 -12.36 -3.20
N ARG A 93 -3.59 -12.50 -3.42
CA ARG A 93 -4.21 -12.09 -4.67
C ARG A 93 -3.94 -10.61 -4.94
N GLY A 94 -4.05 -9.80 -3.90
CA GLY A 94 -3.82 -8.37 -4.04
C GLY A 94 -3.37 -7.71 -2.75
N LEU A 95 -3.06 -6.43 -2.83
CA LEU A 95 -2.60 -5.69 -1.65
C LEU A 95 -3.59 -5.83 -0.50
N THR A 96 -4.83 -5.41 -0.74
CA THR A 96 -5.87 -5.49 0.27
C THR A 96 -5.68 -6.70 1.17
N GLU A 97 -5.37 -7.85 0.55
CA GLU A 97 -5.16 -9.08 1.29
C GLU A 97 -3.79 -9.09 1.95
N LEU A 98 -2.75 -8.98 1.13
CA LEU A 98 -1.37 -8.98 1.63
C LEU A 98 -1.26 -8.13 2.90
N VAL A 99 -1.80 -6.92 2.84
CA VAL A 99 -1.75 -6.00 3.97
C VAL A 99 -2.55 -6.56 5.15
N GLU A 100 -3.75 -7.06 4.86
CA GLU A 100 -4.61 -7.61 5.89
C GLU A 100 -3.84 -8.62 6.76
N PHE A 101 -3.10 -9.49 6.11
CA PHE A 101 -2.32 -10.51 6.81
C PHE A 101 -1.24 -9.86 7.67
N TYR A 102 -0.58 -8.85 7.13
CA TYR A 102 0.48 -8.14 7.85
C TYR A 102 -0.10 -7.31 8.98
N GLN A 103 -1.39 -7.01 8.89
CA GLN A 103 -2.07 -6.21 9.91
C GLN A 103 -2.19 -6.99 11.21
N GLN A 104 -1.99 -8.31 11.14
CA GLN A 104 -2.08 -9.16 12.32
C GLN A 104 -0.71 -9.70 12.70
N ASN A 105 0.21 -9.74 11.73
CA ASN A 105 1.56 -10.23 11.97
C ASN A 105 2.58 -9.12 11.76
N SER A 106 3.59 -9.08 12.61
CA SER A 106 4.65 -8.08 12.51
C SER A 106 5.49 -8.29 11.26
N LEU A 107 5.95 -7.19 10.67
CA LEU A 107 6.76 -7.27 9.46
C LEU A 107 8.14 -7.85 9.76
N LYS A 108 8.45 -7.99 11.05
CA LYS A 108 9.72 -8.55 11.49
C LYS A 108 10.11 -9.74 10.62
N ASP A 109 9.12 -10.54 10.24
CA ASP A 109 9.36 -11.71 9.41
C ASP A 109 10.23 -11.36 8.21
N CYS A 110 9.87 -10.29 7.51
CA CYS A 110 10.61 -9.84 6.34
C CYS A 110 11.82 -8.99 6.75
N PHE A 111 11.63 -8.13 7.74
CA PHE A 111 12.69 -7.27 8.23
C PHE A 111 12.73 -7.26 9.75
N LYS A 112 13.43 -8.24 10.33
CA LYS A 112 13.56 -8.34 11.77
C LYS A 112 13.68 -6.96 12.41
N SER A 113 14.75 -6.25 12.07
CA SER A 113 14.99 -4.91 12.61
C SER A 113 13.71 -4.10 12.64
N LEU A 114 12.86 -4.32 11.65
CA LEU A 114 11.58 -3.60 11.55
C LEU A 114 10.44 -4.46 12.06
N ASP A 115 10.15 -4.33 13.36
CA ASP A 115 9.06 -5.10 13.98
C ASP A 115 7.83 -4.23 14.15
N THR A 116 7.09 -4.02 13.07
CA THR A 116 5.87 -3.21 13.10
C THR A 116 4.71 -3.93 12.44
N THR A 117 3.56 -3.27 12.38
CA THR A 117 2.37 -3.85 11.78
C THR A 117 1.49 -2.77 11.16
N LEU A 118 0.73 -3.14 10.14
CA LEU A 118 -0.17 -2.20 9.48
C LEU A 118 -1.32 -1.79 10.39
N GLN A 119 -1.09 -0.74 11.17
CA GLN A 119 -2.10 -0.24 12.09
C GLN A 119 -3.24 0.44 11.34
N PHE A 120 -2.97 1.62 10.80
CA PHE A 120 -3.97 2.38 10.06
C PHE A 120 -3.34 3.09 8.86
N PRO A 121 -4.16 3.30 7.81
CA PRO A 121 -3.71 3.97 6.59
C PRO A 121 -3.42 5.45 6.80
N PHE A 122 -2.75 6.07 5.83
CA PHE A 122 -2.41 7.48 5.92
C PHE A 122 -3.63 8.34 5.62
N LYS A 123 -4.44 7.90 4.67
CA LYS A 123 -5.65 8.64 4.29
C LYS A 123 -6.71 8.54 5.38
N GLU A 124 -6.57 7.56 6.26
CA GLU A 124 -7.51 7.37 7.36
C GLU A 124 -8.04 8.70 7.86
N PRO A 125 -9.36 8.78 8.04
CA PRO A 125 -10.02 10.00 8.53
C PRO A 125 -9.70 10.28 10.00
N GLU A 126 -10.12 11.46 10.47
CA GLU A 126 -9.87 11.86 11.85
C GLU A 126 -9.93 10.65 12.78
N LYS A 127 -8.99 10.58 13.71
CA LYS A 127 -8.94 9.47 14.66
C LYS A 127 -10.35 9.10 15.14
N ARG A 128 -10.88 8.03 14.57
CA ARG A 128 -12.22 7.56 14.93
C ARG A 128 -12.47 6.14 14.41
N THR A 129 -12.69 5.21 15.33
CA THR A 129 -12.94 3.82 14.97
C THR A 129 -14.42 3.48 15.09
N ILE A 130 -15.14 3.60 13.98
CA ILE A 130 -16.56 3.29 13.96
C ILE A 130 -16.81 1.81 13.78
N SER A 131 -15.79 1.00 14.08
CA SER A 131 -15.90 -0.45 13.95
C SER A 131 -15.02 -1.15 14.98
N ARG A 132 -15.26 -2.45 15.17
CA ARG A 132 -14.50 -3.24 16.13
C ARG A 132 -13.39 -4.01 15.42
N SER A 133 -12.19 -3.96 15.98
CA SER A 133 -11.04 -4.66 15.40
C SER A 133 -11.27 -6.17 15.41
N GLY A 134 -10.47 -6.88 14.62
CA GLY A 134 -10.60 -8.32 14.54
C GLY A 134 -10.02 -9.02 15.77
N PRO A 135 -10.67 -10.11 16.19
CA PRO A 135 -10.24 -10.88 17.36
C PRO A 135 -8.94 -11.64 17.10
N SER A 136 -8.06 -11.68 18.10
CA SER A 136 -6.78 -12.37 17.98
C SER A 136 -6.65 -13.46 19.02
N SER A 137 -5.68 -14.35 18.83
CA SER A 137 -5.46 -15.45 19.76
C SER A 137 -3.97 -15.63 20.04
N GLY A 138 -3.63 -15.67 21.32
CA GLY A 138 -2.23 -15.83 21.70
C GLY A 138 -1.36 -14.69 21.22
N GLY A 1 -44.25 -11.85 -3.26
CA GLY A 1 -44.68 -12.83 -2.30
C GLY A 1 -43.65 -13.09 -1.21
N SER A 2 -43.66 -14.30 -0.65
CA SER A 2 -42.72 -14.66 0.40
C SER A 2 -42.14 -16.06 0.15
N SER A 3 -40.84 -16.11 -0.06
CA SER A 3 -40.15 -17.38 -0.32
C SER A 3 -38.97 -17.55 0.61
N GLY A 4 -38.71 -18.79 1.02
CA GLY A 4 -37.59 -19.07 1.90
C GLY A 4 -36.55 -19.96 1.26
N SER A 5 -35.80 -19.40 0.31
CA SER A 5 -34.76 -20.15 -0.38
C SER A 5 -33.43 -19.41 -0.34
N SER A 6 -32.63 -19.71 0.68
CA SER A 6 -31.33 -19.06 0.84
C SER A 6 -30.25 -20.09 1.20
N GLY A 7 -29.00 -19.74 0.93
CA GLY A 7 -27.90 -20.64 1.23
C GLY A 7 -27.15 -21.07 -0.01
N LYS A 8 -27.52 -22.22 -0.56
CA LYS A 8 -26.89 -22.74 -1.76
C LYS A 8 -27.01 -21.76 -2.92
N ALA A 9 -25.88 -21.42 -3.53
CA ALA A 9 -25.86 -20.49 -4.65
C ALA A 9 -25.15 -21.10 -5.86
N GLU A 10 -25.94 -21.52 -6.84
CA GLU A 10 -25.38 -22.12 -8.05
C GLU A 10 -25.10 -21.06 -9.11
N ALA A 11 -23.83 -20.95 -9.50
CA ALA A 11 -23.43 -19.98 -10.51
C ALA A 11 -22.10 -20.38 -11.16
N GLU A 12 -21.93 -19.98 -12.42
CA GLU A 12 -20.72 -20.31 -13.16
C GLU A 12 -20.35 -19.18 -14.12
N GLN A 13 -19.20 -18.55 -13.90
CA GLN A 13 -18.74 -17.47 -14.74
C GLN A 13 -17.23 -17.53 -14.95
N ASN A 14 -16.76 -17.00 -16.08
CA ASN A 14 -15.34 -17.00 -16.39
C ASN A 14 -14.68 -15.70 -15.93
N TRP A 15 -13.36 -15.70 -15.87
CA TRP A 15 -12.61 -14.53 -15.45
C TRP A 15 -11.86 -13.91 -16.62
N TRP A 16 -12.48 -13.93 -17.79
CA TRP A 16 -11.87 -13.37 -18.99
C TRP A 16 -12.06 -11.86 -19.04
N GLU A 17 -11.06 -11.15 -19.57
CA GLU A 17 -11.12 -9.70 -19.69
C GLU A 17 -11.77 -9.09 -18.45
N GLY A 18 -11.69 -9.81 -17.33
CA GLY A 18 -12.28 -9.32 -16.09
C GLY A 18 -11.85 -7.90 -15.77
N PRO A 19 -12.55 -7.27 -14.80
CA PRO A 19 -12.25 -5.90 -14.39
C PRO A 19 -10.92 -5.79 -13.65
N PRO A 20 -10.34 -4.58 -13.66
CA PRO A 20 -9.06 -4.31 -12.99
C PRO A 20 -9.19 -4.34 -11.48
N GLN A 21 -8.06 -4.11 -10.80
CA GLN A 21 -8.05 -4.11 -9.34
C GLN A 21 -8.27 -2.71 -8.79
N ASP A 22 -9.31 -2.57 -7.97
CA ASP A 22 -9.63 -1.27 -7.37
C ASP A 22 -8.92 -1.09 -6.04
N LEU A 23 -7.72 -0.53 -6.09
CA LEU A 23 -6.92 -0.30 -4.89
C LEU A 23 -7.07 1.13 -4.41
N SER A 24 -7.37 2.04 -5.34
CA SER A 24 -7.54 3.45 -5.01
C SER A 24 -8.62 3.64 -3.94
N VAL A 25 -9.63 2.78 -3.99
CA VAL A 25 -10.73 2.86 -3.03
C VAL A 25 -10.21 2.71 -1.60
N HIS A 26 -9.01 2.16 -1.46
CA HIS A 26 -8.40 1.97 -0.14
C HIS A 26 -7.84 3.29 0.38
N LEU A 27 -7.57 3.32 1.69
CA LEU A 27 -7.02 4.51 2.33
C LEU A 27 -5.50 4.51 2.29
N TRP A 28 -4.92 3.32 2.44
CA TRP A 28 -3.46 3.16 2.43
C TRP A 28 -2.93 3.17 0.99
N TYR A 29 -3.77 3.60 0.06
CA TYR A 29 -3.37 3.65 -1.35
C TYR A 29 -3.15 5.09 -1.80
N ALA A 30 -1.90 5.53 -1.75
CA ALA A 30 -1.55 6.89 -2.15
C ALA A 30 -1.01 6.90 -3.58
N GLY A 31 -1.56 6.04 -4.43
CA GLY A 31 -1.13 5.97 -5.81
C GLY A 31 0.36 6.18 -5.96
N PRO A 32 0.78 6.67 -7.14
CA PRO A 32 2.20 6.93 -7.43
C PRO A 32 2.74 8.11 -6.63
N MET A 33 3.19 7.83 -5.42
CA MET A 33 3.75 8.87 -4.55
C MET A 33 5.26 8.67 -4.37
N GLU A 34 5.98 9.78 -4.23
CA GLU A 34 7.42 9.74 -4.06
C GLU A 34 7.79 9.48 -2.59
N ARG A 35 8.89 8.77 -2.37
CA ARG A 35 9.33 8.46 -1.03
C ARG A 35 9.15 9.65 -0.10
N ALA A 36 9.73 10.79 -0.48
CA ALA A 36 9.63 12.01 0.31
C ALA A 36 8.23 12.17 0.88
N GLY A 37 7.24 12.29 0.00
CA GLY A 37 5.86 12.45 0.43
C GLY A 37 5.51 11.53 1.59
N ALA A 38 5.81 10.24 1.44
CA ALA A 38 5.52 9.26 2.47
C ALA A 38 6.26 9.59 3.76
N GLU A 39 7.48 10.08 3.63
CA GLU A 39 8.30 10.44 4.79
C GLU A 39 7.79 11.74 5.42
N SER A 40 7.11 12.55 4.63
CA SER A 40 6.58 13.82 5.11
C SER A 40 5.15 13.65 5.65
N ILE A 41 4.44 12.68 5.09
CA ILE A 41 3.06 12.41 5.51
C ILE A 41 3.02 11.72 6.87
N LEU A 42 3.68 10.57 6.95
CA LEU A 42 3.72 9.81 8.20
C LEU A 42 4.49 10.57 9.28
N ALA A 43 5.33 11.49 8.85
CA ALA A 43 6.12 12.29 9.78
C ALA A 43 5.25 12.82 10.92
N ASN A 44 4.08 13.34 10.57
CA ASN A 44 3.16 13.88 11.56
C ASN A 44 2.23 12.79 12.09
N ARG A 45 1.92 11.82 11.24
CA ARG A 45 1.05 10.72 11.64
C ARG A 45 1.49 10.12 12.95
N SER A 46 0.76 9.11 13.41
CA SER A 46 1.09 8.43 14.67
C SER A 46 1.86 7.14 14.42
N ASP A 47 2.73 6.80 15.37
CA ASP A 47 3.54 5.59 15.25
C ASP A 47 2.66 4.39 14.90
N GLY A 48 2.70 3.98 13.64
CA GLY A 48 1.91 2.84 13.21
C GLY A 48 1.14 3.12 11.92
N THR A 49 0.98 4.39 11.61
CA THR A 49 0.26 4.79 10.41
C THR A 49 0.99 4.33 9.15
N PHE A 50 0.50 3.26 8.54
CA PHE A 50 1.12 2.71 7.33
C PHE A 50 0.53 3.36 6.09
N LEU A 51 1.29 3.36 5.00
CA LEU A 51 0.86 3.96 3.75
C LEU A 51 1.54 3.30 2.57
N VAL A 52 0.75 2.87 1.58
CA VAL A 52 1.29 2.23 0.39
C VAL A 52 1.38 3.21 -0.77
N ARG A 53 2.45 3.10 -1.56
CA ARG A 53 2.65 3.97 -2.70
C ARG A 53 3.29 3.22 -3.85
N GLN A 54 3.29 3.83 -5.03
CA GLN A 54 3.87 3.21 -6.22
C GLN A 54 5.18 3.90 -6.62
N ARG A 55 6.10 3.14 -7.18
CA ARG A 55 7.38 3.68 -7.61
C ARG A 55 7.27 4.34 -8.98
N VAL A 56 6.13 4.99 -9.23
CA VAL A 56 5.90 5.66 -10.51
C VAL A 56 6.49 4.86 -11.66
N LYS A 57 6.12 3.58 -11.73
CA LYS A 57 6.60 2.70 -12.80
C LYS A 57 5.60 1.59 -13.09
N ASP A 58 5.63 1.07 -14.30
CA ASP A 58 4.72 0.00 -14.70
C ASP A 58 4.67 -1.10 -13.65
N ALA A 59 3.54 -1.23 -12.98
CA ALA A 59 3.37 -2.24 -11.94
C ALA A 59 4.56 -2.25 -10.99
N ALA A 60 5.21 -1.11 -10.84
CA ALA A 60 6.35 -0.98 -9.96
C ALA A 60 6.10 -1.68 -8.62
N GLU A 61 7.01 -2.59 -8.25
CA GLU A 61 6.88 -3.33 -7.01
C GLU A 61 6.41 -2.41 -5.88
N PHE A 62 5.10 -2.39 -5.66
CA PHE A 62 4.52 -1.56 -4.60
C PHE A 62 5.42 -1.50 -3.38
N ALA A 63 5.30 -0.43 -2.61
CA ALA A 63 6.11 -0.25 -1.41
C ALA A 63 5.27 0.25 -0.24
N ILE A 64 5.39 -0.42 0.90
CA ILE A 64 4.65 -0.04 2.09
C ILE A 64 5.52 0.71 3.08
N SER A 65 5.06 1.88 3.50
CA SER A 65 5.81 2.70 4.45
C SER A 65 4.93 3.15 5.60
N ILE A 66 5.43 3.01 6.83
CA ILE A 66 4.68 3.40 8.01
C ILE A 66 5.58 4.12 9.01
N LYS A 67 4.96 4.72 10.03
CA LYS A 67 5.69 5.46 11.06
C LYS A 67 6.06 4.53 12.21
N TYR A 68 7.36 4.32 12.39
CA TYR A 68 7.85 3.46 13.47
C TYR A 68 9.15 3.99 14.05
N ASN A 69 9.30 3.87 15.36
CA ASN A 69 10.51 4.33 16.04
C ASN A 69 10.81 5.78 15.67
N VAL A 70 9.76 6.56 15.44
CA VAL A 70 9.91 7.96 15.07
C VAL A 70 10.61 8.10 13.71
N GLU A 71 10.49 7.07 12.88
CA GLU A 71 11.10 7.08 11.56
C GLU A 71 10.18 6.42 10.53
N VAL A 72 10.14 6.99 9.33
CA VAL A 72 9.31 6.46 8.25
C VAL A 72 10.02 5.33 7.52
N LYS A 73 9.70 4.10 7.88
CA LYS A 73 10.30 2.93 7.24
C LYS A 73 9.59 2.58 5.93
N HIS A 74 10.30 1.89 5.05
CA HIS A 74 9.72 1.50 3.78
C HIS A 74 9.93 0.00 3.54
N ILE A 75 8.94 -0.61 2.90
CA ILE A 75 9.00 -2.03 2.60
C ILE A 75 8.68 -2.31 1.15
N LYS A 76 9.56 -3.05 0.48
CA LYS A 76 9.36 -3.38 -0.93
C LYS A 76 8.39 -4.55 -1.08
N ILE A 77 7.49 -4.45 -2.06
CA ILE A 77 6.52 -5.50 -2.31
C ILE A 77 6.83 -6.25 -3.61
N MET A 78 7.38 -7.44 -3.47
CA MET A 78 7.72 -8.26 -4.64
C MET A 78 6.46 -8.87 -5.27
N THR A 79 6.46 -8.94 -6.59
CA THR A 79 5.32 -9.50 -7.32
C THR A 79 5.71 -10.75 -8.08
N ALA A 80 4.87 -11.77 -8.01
CA ALA A 80 5.12 -13.02 -8.71
C ALA A 80 3.83 -13.80 -8.93
N GLU A 81 3.60 -14.20 -10.19
CA GLU A 81 2.41 -14.95 -10.54
C GLU A 81 1.16 -14.08 -10.37
N GLY A 82 1.33 -12.77 -10.46
CA GLY A 82 0.22 -11.86 -10.31
C GLY A 82 -0.14 -11.60 -8.86
N LEU A 83 0.79 -11.91 -7.96
CA LEU A 83 0.58 -11.72 -6.54
C LEU A 83 1.50 -10.63 -5.99
N TYR A 84 1.25 -10.24 -4.74
CA TYR A 84 2.06 -9.21 -4.09
C TYR A 84 2.49 -9.64 -2.71
N ARG A 85 3.80 -9.61 -2.46
CA ARG A 85 4.34 -10.01 -1.16
C ARG A 85 5.76 -9.47 -0.98
N ILE A 86 5.98 -8.73 0.09
CA ILE A 86 7.28 -8.16 0.37
C ILE A 86 8.33 -9.26 0.60
N THR A 87 7.85 -10.46 0.94
CA THR A 87 8.74 -11.59 1.19
C THR A 87 8.21 -12.85 0.52
N GLU A 88 9.13 -13.72 0.11
CA GLU A 88 8.75 -14.97 -0.54
C GLU A 88 8.30 -16.01 0.48
N LYS A 89 7.46 -15.57 1.43
CA LYS A 89 6.95 -16.45 2.47
C LYS A 89 5.47 -16.73 2.26
N LYS A 90 4.74 -15.72 1.78
CA LYS A 90 3.31 -15.85 1.54
C LYS A 90 2.83 -14.78 0.56
N ALA A 91 2.25 -15.22 -0.55
CA ALA A 91 1.73 -14.30 -1.56
C ALA A 91 0.22 -14.18 -1.47
N PHE A 92 -0.30 -13.04 -1.91
CA PHE A 92 -1.74 -12.79 -1.87
C PHE A 92 -2.24 -12.28 -3.22
N ARG A 93 -3.54 -12.38 -3.44
CA ARG A 93 -4.14 -11.92 -4.69
C ARG A 93 -3.79 -10.47 -4.97
N GLY A 94 -3.87 -9.64 -3.94
CA GLY A 94 -3.56 -8.22 -4.09
C GLY A 94 -3.16 -7.57 -2.79
N LEU A 95 -2.91 -6.27 -2.83
CA LEU A 95 -2.51 -5.53 -1.64
C LEU A 95 -3.52 -5.73 -0.51
N THR A 96 -4.77 -5.36 -0.75
CA THR A 96 -5.83 -5.51 0.24
C THR A 96 -5.59 -6.74 1.11
N GLU A 97 -5.24 -7.85 0.47
CA GLU A 97 -4.97 -9.09 1.19
C GLU A 97 -3.64 -9.04 1.91
N LEU A 98 -2.57 -8.86 1.14
CA LEU A 98 -1.22 -8.79 1.69
C LEU A 98 -1.20 -7.91 2.94
N VAL A 99 -1.73 -6.70 2.83
CA VAL A 99 -1.77 -5.78 3.95
C VAL A 99 -2.65 -6.30 5.08
N GLU A 100 -3.85 -6.75 4.72
CA GLU A 100 -4.80 -7.29 5.70
C GLU A 100 -4.16 -8.42 6.49
N PHE A 101 -3.28 -9.19 5.84
CA PHE A 101 -2.61 -10.31 6.49
C PHE A 101 -1.59 -9.81 7.50
N TYR A 102 -0.71 -8.92 7.05
CA TYR A 102 0.33 -8.37 7.91
C TYR A 102 -0.28 -7.65 9.11
N GLN A 103 -1.51 -7.19 8.95
CA GLN A 103 -2.21 -6.49 10.01
C GLN A 103 -2.28 -7.34 11.27
N GLN A 104 -1.96 -8.62 11.13
CA GLN A 104 -2.00 -9.53 12.27
C GLN A 104 -0.60 -10.10 12.54
N ASN A 105 0.26 -10.06 11.53
CA ASN A 105 1.62 -10.56 11.66
C ASN A 105 2.64 -9.45 11.42
N SER A 106 3.54 -9.26 12.38
CA SER A 106 4.57 -8.23 12.26
C SER A 106 5.41 -8.45 11.00
N LEU A 107 5.83 -7.34 10.39
CA LEU A 107 6.64 -7.40 9.18
C LEU A 107 8.01 -7.98 9.47
N LYS A 108 8.33 -8.13 10.76
CA LYS A 108 9.61 -8.68 11.17
C LYS A 108 10.00 -9.87 10.32
N ASP A 109 9.00 -10.66 9.93
CA ASP A 109 9.23 -11.84 9.10
C ASP A 109 10.27 -11.55 8.01
N CYS A 110 10.14 -10.39 7.39
CA CYS A 110 11.06 -9.99 6.33
C CYS A 110 12.19 -9.13 6.89
N PHE A 111 11.89 -8.39 7.95
CA PHE A 111 12.89 -7.52 8.57
C PHE A 111 12.86 -7.67 10.09
N LYS A 112 13.50 -8.72 10.59
CA LYS A 112 13.55 -8.98 12.02
C LYS A 112 13.83 -7.69 12.80
N SER A 113 14.48 -6.74 12.14
CA SER A 113 14.82 -5.46 12.77
C SER A 113 13.57 -4.59 12.90
N LEU A 114 12.72 -4.63 11.89
CA LEU A 114 11.49 -3.85 11.89
C LEU A 114 10.31 -4.67 12.40
N ASP A 115 9.99 -4.51 13.68
CA ASP A 115 8.89 -5.22 14.29
C ASP A 115 7.65 -4.33 14.41
N THR A 116 6.92 -4.19 13.31
CA THR A 116 5.72 -3.35 13.29
C THR A 116 4.63 -3.99 12.44
N THR A 117 3.38 -3.62 12.71
CA THR A 117 2.24 -4.15 11.97
C THR A 117 1.39 -3.03 11.40
N LEU A 118 0.75 -3.31 10.27
CA LEU A 118 -0.11 -2.32 9.62
C LEU A 118 -1.20 -1.84 10.57
N GLN A 119 -0.93 -0.76 11.29
CA GLN A 119 -1.89 -0.20 12.23
C GLN A 119 -3.05 0.47 11.49
N PHE A 120 -2.77 1.64 10.92
CA PHE A 120 -3.78 2.39 10.19
C PHE A 120 -3.18 3.07 8.96
N PRO A 121 -4.02 3.32 7.95
CA PRO A 121 -3.59 3.97 6.71
C PRO A 121 -3.25 5.44 6.92
N PHE A 122 -2.68 6.06 5.88
CA PHE A 122 -2.31 7.47 5.95
C PHE A 122 -3.52 8.36 5.69
N LYS A 123 -4.36 7.97 4.75
CA LYS A 123 -5.55 8.73 4.41
C LYS A 123 -6.56 8.70 5.54
N GLU A 124 -6.44 7.70 6.41
CA GLU A 124 -7.34 7.56 7.55
C GLU A 124 -7.80 8.92 8.05
N PRO A 125 -9.11 9.11 8.15
CA PRO A 125 -9.71 10.37 8.63
C PRO A 125 -9.47 10.59 10.11
N GLU A 126 -9.38 11.86 10.51
CA GLU A 126 -9.15 12.22 11.91
C GLU A 126 -10.25 11.64 12.80
N LYS A 127 -11.30 11.14 12.17
CA LYS A 127 -12.43 10.56 12.90
C LYS A 127 -11.94 9.77 14.12
N ARG A 128 -10.86 9.02 13.93
CA ARG A 128 -10.29 8.22 14.99
C ARG A 128 -11.34 7.27 15.57
N THR A 129 -12.12 6.64 14.69
CA THR A 129 -13.15 5.71 15.12
C THR A 129 -13.39 4.63 14.06
N ILE A 130 -13.67 3.41 14.52
CA ILE A 130 -13.93 2.30 13.61
C ILE A 130 -15.01 2.65 12.60
N SER A 131 -14.88 2.13 11.39
CA SER A 131 -15.85 2.38 10.33
C SER A 131 -15.81 1.28 9.28
N ARG A 132 -16.88 1.18 8.50
CA ARG A 132 -16.97 0.17 7.45
C ARG A 132 -17.09 0.82 6.08
N SER A 133 -16.33 1.88 5.86
CA SER A 133 -16.36 2.60 4.59
C SER A 133 -16.41 1.62 3.41
N GLY A 134 -17.35 1.86 2.51
CA GLY A 134 -17.48 0.99 1.35
C GLY A 134 -17.01 1.65 0.07
N PRO A 135 -17.96 1.98 -0.82
CA PRO A 135 -17.65 2.62 -2.11
C PRO A 135 -17.17 4.06 -1.93
N SER A 136 -15.99 4.36 -2.43
CA SER A 136 -15.41 5.68 -2.34
C SER A 136 -15.95 6.59 -3.44
N SER A 137 -15.91 6.10 -4.67
CA SER A 137 -16.39 6.87 -5.82
C SER A 137 -17.84 7.29 -5.62
N GLY A 138 -18.67 6.34 -5.21
CA GLY A 138 -20.08 6.62 -5.00
C GLY A 138 -20.97 6.07 -6.09
N GLY A 1 13.05 -28.65 -30.93
CA GLY A 1 12.06 -29.46 -31.61
C GLY A 1 12.05 -30.90 -31.13
N SER A 2 11.43 -31.12 -29.97
CA SER A 2 11.35 -32.46 -29.40
C SER A 2 9.93 -32.99 -29.45
N SER A 3 9.80 -34.32 -29.47
CA SER A 3 8.49 -34.96 -29.53
C SER A 3 7.94 -35.17 -28.12
N GLY A 4 8.10 -34.16 -27.27
CA GLY A 4 7.61 -34.25 -25.91
C GLY A 4 6.35 -33.44 -25.69
N SER A 5 5.19 -34.06 -25.87
CA SER A 5 3.92 -33.38 -25.70
C SER A 5 3.58 -33.23 -24.22
N SER A 6 3.74 -34.31 -23.46
CA SER A 6 3.46 -34.30 -22.03
C SER A 6 4.43 -33.40 -21.29
N GLY A 7 3.90 -32.32 -20.71
CA GLY A 7 4.74 -31.39 -19.98
C GLY A 7 3.94 -30.33 -19.25
N LYS A 8 3.24 -29.50 -20.01
CA LYS A 8 2.42 -28.43 -19.44
C LYS A 8 1.00 -28.50 -19.97
N ALA A 9 0.09 -29.02 -19.16
CA ALA A 9 -1.31 -29.13 -19.55
C ALA A 9 -2.14 -28.01 -18.94
N GLU A 10 -1.51 -26.87 -18.69
CA GLU A 10 -2.19 -25.72 -18.11
C GLU A 10 -1.58 -24.41 -18.61
N ALA A 11 -2.45 -23.44 -18.90
CA ALA A 11 -2.00 -22.15 -19.39
C ALA A 11 -2.81 -21.01 -18.77
N GLU A 12 -2.23 -19.82 -18.75
CA GLU A 12 -2.90 -18.66 -18.17
C GLU A 12 -3.20 -17.62 -19.26
N GLN A 13 -3.57 -18.10 -20.43
CA GLN A 13 -3.89 -17.21 -21.55
C GLN A 13 -5.38 -17.26 -21.89
N ASN A 14 -5.92 -16.12 -22.29
CA ASN A 14 -7.33 -16.02 -22.63
C ASN A 14 -7.62 -14.78 -23.47
N TRP A 15 -8.84 -14.68 -23.97
CA TRP A 15 -9.24 -13.53 -24.78
C TRP A 15 -9.99 -12.50 -23.95
N TRP A 16 -9.51 -12.27 -22.73
CA TRP A 16 -10.14 -11.30 -21.84
C TRP A 16 -9.20 -10.14 -21.54
N GLU A 17 -9.75 -8.93 -21.49
CA GLU A 17 -8.96 -7.74 -21.22
C GLU A 17 -8.23 -7.87 -19.88
N GLY A 18 -8.91 -8.45 -18.90
CA GLY A 18 -8.32 -8.63 -17.59
C GLY A 18 -9.30 -8.38 -16.47
N PRO A 19 -9.03 -8.97 -15.30
CA PRO A 19 -9.89 -8.83 -14.11
C PRO A 19 -9.85 -7.42 -13.53
N PRO A 20 -11.00 -6.95 -13.03
CA PRO A 20 -11.12 -5.63 -12.44
C PRO A 20 -10.39 -5.52 -11.10
N GLN A 21 -9.55 -4.50 -10.96
CA GLN A 21 -8.79 -4.30 -9.74
C GLN A 21 -8.84 -2.83 -9.32
N ASP A 22 -9.53 -2.55 -8.22
CA ASP A 22 -9.65 -1.19 -7.71
C ASP A 22 -8.97 -1.06 -6.35
N LEU A 23 -7.72 -0.61 -6.35
CA LEU A 23 -6.97 -0.44 -5.12
C LEU A 23 -7.00 1.01 -4.65
N SER A 24 -7.24 1.92 -5.59
CA SER A 24 -7.30 3.34 -5.28
C SER A 24 -8.34 3.62 -4.20
N VAL A 25 -9.45 2.89 -4.25
CA VAL A 25 -10.52 3.05 -3.28
C VAL A 25 -10.00 2.93 -1.86
N HIS A 26 -8.88 2.22 -1.70
CA HIS A 26 -8.28 2.02 -0.39
C HIS A 26 -7.68 3.33 0.14
N LEU A 27 -7.52 3.40 1.45
CA LEU A 27 -6.96 4.59 2.09
C LEU A 27 -5.43 4.53 2.12
N TRP A 28 -4.90 3.32 2.25
CA TRP A 28 -3.45 3.14 2.30
C TRP A 28 -2.86 3.08 0.89
N TYR A 29 -3.62 3.58 -0.08
CA TYR A 29 -3.18 3.59 -1.46
C TYR A 29 -2.94 5.02 -1.95
N ALA A 30 -1.67 5.43 -1.91
CA ALA A 30 -1.30 6.77 -2.35
C ALA A 30 -0.73 6.74 -3.76
N GLY A 31 -1.27 5.87 -4.60
CA GLY A 31 -0.80 5.77 -5.97
C GLY A 31 0.70 6.01 -6.09
N PRO A 32 1.12 6.58 -7.23
CA PRO A 32 2.52 6.87 -7.50
C PRO A 32 3.05 8.01 -6.62
N MET A 33 3.53 7.67 -5.44
CA MET A 33 4.06 8.66 -4.52
C MET A 33 5.54 8.41 -4.23
N GLU A 34 6.33 9.48 -4.21
CA GLU A 34 7.75 9.37 -3.95
C GLU A 34 8.02 9.10 -2.47
N ARG A 35 9.24 8.64 -2.17
CA ARG A 35 9.61 8.35 -0.80
C ARG A 35 9.41 9.57 0.10
N ALA A 36 9.98 10.70 -0.31
CA ALA A 36 9.87 11.93 0.46
C ALA A 36 8.44 12.14 0.94
N GLY A 37 7.49 12.17 0.01
CA GLY A 37 6.09 12.36 0.37
C GLY A 37 5.68 11.50 1.54
N ALA A 38 5.92 10.21 1.43
CA ALA A 38 5.56 9.27 2.49
C ALA A 38 6.27 9.62 3.79
N GLU A 39 7.51 10.09 3.69
CA GLU A 39 8.30 10.46 4.85
C GLU A 39 7.78 11.76 5.47
N SER A 40 7.16 12.60 4.64
CA SER A 40 6.62 13.87 5.10
C SER A 40 5.16 13.74 5.48
N ILE A 41 4.49 12.72 4.92
CA ILE A 41 3.09 12.48 5.21
C ILE A 41 2.91 11.80 6.56
N LEU A 42 3.57 10.66 6.73
CA LEU A 42 3.48 9.91 7.99
C LEU A 42 4.32 10.57 9.07
N ALA A 43 5.25 11.43 8.65
CA ALA A 43 6.11 12.13 9.60
C ALA A 43 5.31 12.71 10.76
N ASN A 44 4.18 13.33 10.44
CA ASN A 44 3.32 13.93 11.45
C ASN A 44 2.31 12.92 11.98
N ARG A 45 1.91 11.99 11.12
CA ARG A 45 0.95 10.96 11.50
C ARG A 45 1.35 10.31 12.82
N SER A 46 0.47 9.47 13.36
CA SER A 46 0.73 8.77 14.61
C SER A 46 1.42 7.43 14.37
N ASP A 47 2.42 7.13 15.18
CA ASP A 47 3.16 5.88 15.05
C ASP A 47 2.21 4.73 14.72
N GLY A 48 2.47 4.06 13.59
CA GLY A 48 1.63 2.94 13.19
C GLY A 48 0.91 3.21 11.88
N THR A 49 0.80 4.47 11.51
CA THR A 49 0.13 4.86 10.27
C THR A 49 0.89 4.35 9.05
N PHE A 50 0.36 3.32 8.42
CA PHE A 50 1.00 2.74 7.23
C PHE A 50 0.42 3.35 5.96
N LEU A 51 1.24 3.41 4.92
CA LEU A 51 0.82 3.95 3.63
C LEU A 51 1.53 3.27 2.47
N VAL A 52 0.75 2.79 1.50
CA VAL A 52 1.31 2.12 0.34
C VAL A 52 1.46 3.07 -0.84
N ARG A 53 2.57 2.95 -1.55
CA ARG A 53 2.84 3.81 -2.70
C ARG A 53 3.55 3.04 -3.80
N GLN A 54 3.42 3.51 -5.03
CA GLN A 54 4.06 2.87 -6.17
C GLN A 54 5.21 3.72 -6.72
N ARG A 55 6.41 3.15 -6.70
CA ARG A 55 7.58 3.85 -7.19
C ARG A 55 7.24 4.72 -8.40
N VAL A 56 8.05 5.75 -8.64
CA VAL A 56 7.83 6.65 -9.76
C VAL A 56 8.24 6.00 -11.07
N LYS A 57 7.74 4.79 -11.30
CA LYS A 57 8.05 4.06 -12.53
C LYS A 57 6.89 3.15 -12.93
N ASP A 58 6.84 2.80 -14.21
CA ASP A 58 5.78 1.93 -14.72
C ASP A 58 5.41 0.87 -13.70
N ALA A 59 4.29 1.07 -13.02
CA ALA A 59 3.83 0.13 -12.00
C ALA A 59 5.00 -0.54 -11.30
N ALA A 60 6.05 0.23 -11.04
CA ALA A 60 7.23 -0.28 -10.37
C ALA A 60 6.87 -0.94 -9.04
N GLU A 61 7.61 -1.98 -8.67
CA GLU A 61 7.35 -2.70 -7.43
C GLU A 61 6.84 -1.75 -6.35
N PHE A 62 5.66 -2.07 -5.81
CA PHE A 62 5.05 -1.25 -4.77
C PHE A 62 5.91 -1.23 -3.51
N ALA A 63 5.51 -0.41 -2.54
CA ALA A 63 6.24 -0.30 -1.28
C ALA A 63 5.35 0.23 -0.17
N ILE A 64 5.46 -0.38 1.01
CA ILE A 64 4.65 0.03 2.16
C ILE A 64 5.50 0.78 3.18
N SER A 65 5.09 2.00 3.48
CA SER A 65 5.81 2.83 4.44
C SER A 65 4.90 3.24 5.60
N ILE A 66 5.38 3.06 6.82
CA ILE A 66 4.61 3.42 8.00
C ILE A 66 5.50 4.09 9.05
N LYS A 67 4.87 4.76 10.01
CA LYS A 67 5.58 5.45 11.07
C LYS A 67 5.90 4.50 12.22
N TYR A 68 7.18 4.23 12.43
CA TYR A 68 7.61 3.33 13.50
C TYR A 68 8.91 3.81 14.13
N ASN A 69 9.06 3.59 15.43
CA ASN A 69 10.26 4.00 16.14
C ASN A 69 10.59 5.47 15.87
N VAL A 70 9.54 6.27 15.68
CA VAL A 70 9.71 7.70 15.42
C VAL A 70 10.41 7.93 14.08
N GLU A 71 10.29 6.96 13.18
CA GLU A 71 10.91 7.06 11.87
C GLU A 71 10.02 6.43 10.80
N VAL A 72 9.95 7.09 9.64
CA VAL A 72 9.14 6.59 8.54
C VAL A 72 9.85 5.46 7.79
N LYS A 73 9.52 4.22 8.14
CA LYS A 73 10.12 3.06 7.51
C LYS A 73 9.41 2.73 6.20
N HIS A 74 10.14 2.09 5.29
CA HIS A 74 9.57 1.72 4.00
C HIS A 74 9.74 0.22 3.78
N ILE A 75 8.77 -0.36 3.07
CA ILE A 75 8.78 -1.79 2.78
C ILE A 75 8.82 -2.03 1.27
N LYS A 76 9.50 -3.10 0.86
CA LYS A 76 9.60 -3.44 -0.55
C LYS A 76 8.57 -4.50 -0.93
N ILE A 77 7.63 -4.11 -1.79
CA ILE A 77 6.59 -5.02 -2.23
C ILE A 77 6.98 -5.72 -3.53
N MET A 78 6.90 -7.05 -3.53
CA MET A 78 7.26 -7.84 -4.70
C MET A 78 6.00 -8.42 -5.35
N THR A 79 6.12 -8.78 -6.63
CA THR A 79 5.00 -9.35 -7.36
C THR A 79 5.44 -10.57 -8.17
N ALA A 80 4.59 -11.59 -8.20
CA ALA A 80 4.89 -12.82 -8.94
C ALA A 80 3.63 -13.64 -9.17
N GLU A 81 3.36 -13.95 -10.43
CA GLU A 81 2.19 -14.73 -10.80
C GLU A 81 0.90 -13.93 -10.55
N GLY A 82 1.03 -12.60 -10.57
CA GLY A 82 -0.13 -11.75 -10.35
C GLY A 82 -0.44 -11.58 -8.88
N LEU A 83 0.55 -11.84 -8.03
CA LEU A 83 0.36 -11.72 -6.59
C LEU A 83 1.21 -10.57 -6.02
N TYR A 84 0.93 -10.20 -4.78
CA TYR A 84 1.68 -9.13 -4.13
C TYR A 84 2.20 -9.58 -2.76
N ARG A 85 3.51 -9.45 -2.57
CA ARG A 85 4.13 -9.84 -1.31
C ARG A 85 5.52 -9.21 -1.18
N ILE A 86 5.77 -8.61 -0.02
CA ILE A 86 7.05 -7.97 0.23
C ILE A 86 8.16 -8.99 0.42
N THR A 87 7.76 -10.26 0.56
CA THR A 87 8.72 -11.34 0.74
C THR A 87 8.21 -12.63 0.12
N GLU A 88 9.10 -13.61 -0.02
CA GLU A 88 8.74 -14.90 -0.60
C GLU A 88 8.27 -15.87 0.48
N LYS A 89 7.56 -15.35 1.47
CA LYS A 89 7.05 -16.15 2.57
C LYS A 89 5.58 -16.52 2.34
N LYS A 90 4.81 -15.57 1.82
CA LYS A 90 3.40 -15.80 1.56
C LYS A 90 2.85 -14.73 0.61
N ALA A 91 2.33 -15.16 -0.53
CA ALA A 91 1.76 -14.25 -1.52
C ALA A 91 0.25 -14.14 -1.35
N PHE A 92 -0.31 -13.06 -1.89
CA PHE A 92 -1.75 -12.83 -1.80
C PHE A 92 -2.30 -12.32 -3.13
N ARG A 93 -3.60 -12.49 -3.33
CA ARG A 93 -4.25 -12.06 -4.57
C ARG A 93 -3.89 -10.61 -4.88
N GLY A 94 -4.02 -9.75 -3.89
CA GLY A 94 -3.71 -8.34 -4.08
C GLY A 94 -3.31 -7.65 -2.80
N LEU A 95 -2.98 -6.37 -2.88
CA LEU A 95 -2.58 -5.59 -1.71
C LEU A 95 -3.55 -5.80 -0.55
N THR A 96 -4.80 -5.38 -0.75
CA THR A 96 -5.83 -5.52 0.26
C THR A 96 -5.60 -6.77 1.11
N GLU A 97 -5.38 -7.90 0.43
CA GLU A 97 -5.15 -9.17 1.12
C GLU A 97 -3.78 -9.18 1.78
N LEU A 98 -2.74 -8.99 0.99
CA LEU A 98 -1.36 -8.98 1.50
C LEU A 98 -1.28 -8.18 2.79
N VAL A 99 -1.77 -6.94 2.76
CA VAL A 99 -1.75 -6.08 3.93
C VAL A 99 -2.54 -6.69 5.08
N GLU A 100 -3.72 -7.20 4.77
CA GLU A 100 -4.58 -7.82 5.78
C GLU A 100 -3.79 -8.81 6.63
N PHE A 101 -2.89 -9.54 5.99
CA PHE A 101 -2.07 -10.52 6.69
C PHE A 101 -1.08 -9.84 7.63
N TYR A 102 -0.27 -8.95 7.09
CA TYR A 102 0.72 -8.23 7.89
C TYR A 102 0.04 -7.43 9.01
N GLN A 103 -1.26 -7.21 8.86
CA GLN A 103 -2.03 -6.46 9.85
C GLN A 103 -2.18 -7.28 11.13
N GLN A 104 -1.89 -8.57 11.05
CA GLN A 104 -2.00 -9.45 12.20
C GLN A 104 -0.64 -9.99 12.61
N ASN A 105 0.30 -9.98 11.67
CA ASN A 105 1.65 -10.48 11.94
C ASN A 105 2.69 -9.37 11.69
N SER A 106 3.75 -9.39 12.49
CA SER A 106 4.81 -8.40 12.35
C SER A 106 5.56 -8.57 11.04
N LEU A 107 5.96 -7.46 10.44
CA LEU A 107 6.70 -7.49 9.18
C LEU A 107 8.13 -7.94 9.39
N LYS A 108 8.52 -8.09 10.66
CA LYS A 108 9.87 -8.52 11.00
C LYS A 108 10.33 -9.65 10.08
N ASP A 109 9.40 -10.52 9.71
CA ASP A 109 9.71 -11.64 8.83
C ASP A 109 10.63 -11.21 7.70
N CYS A 110 10.35 -10.06 7.11
CA CYS A 110 11.15 -9.54 6.02
C CYS A 110 12.26 -8.63 6.54
N PHE A 111 11.98 -7.92 7.63
CA PHE A 111 12.95 -7.02 8.24
C PHE A 111 13.02 -7.22 9.74
N LYS A 112 13.75 -8.25 10.17
CA LYS A 112 13.89 -8.55 11.59
C LYS A 112 14.03 -7.27 12.41
N SER A 113 14.84 -6.34 11.92
CA SER A 113 15.07 -5.08 12.60
C SER A 113 13.77 -4.30 12.73
N LEU A 114 12.93 -4.37 11.71
CA LEU A 114 11.65 -3.67 11.70
C LEU A 114 10.51 -4.62 12.08
N ASP A 115 10.16 -4.63 13.35
CA ASP A 115 9.08 -5.49 13.83
C ASP A 115 7.80 -4.69 14.05
N THR A 116 7.22 -4.20 12.96
CA THR A 116 6.00 -3.41 13.02
C THR A 116 4.87 -4.09 12.25
N THR A 117 3.70 -3.43 12.23
CA THR A 117 2.55 -3.97 11.53
C THR A 117 1.69 -2.85 10.95
N LEU A 118 0.76 -3.22 10.08
CA LEU A 118 -0.14 -2.24 9.46
C LEU A 118 -1.24 -1.83 10.42
N GLN A 119 -1.02 -0.72 11.13
CA GLN A 119 -2.01 -0.23 12.08
C GLN A 119 -3.17 0.45 11.37
N PHE A 120 -2.91 1.62 10.80
CA PHE A 120 -3.94 2.36 10.09
C PHE A 120 -3.35 3.08 8.87
N PRO A 121 -4.19 3.31 7.86
CA PRO A 121 -3.78 3.99 6.62
C PRO A 121 -3.47 5.46 6.83
N PHE A 122 -2.77 6.06 5.88
CA PHE A 122 -2.41 7.48 5.97
C PHE A 122 -3.59 8.36 5.60
N LYS A 123 -4.32 7.97 4.57
CA LYS A 123 -5.48 8.73 4.11
C LYS A 123 -6.54 8.79 5.20
N GLU A 124 -6.55 7.80 6.07
CA GLU A 124 -7.53 7.75 7.17
C GLU A 124 -7.92 9.15 7.61
N PRO A 125 -9.22 9.41 7.68
CA PRO A 125 -9.76 10.71 8.08
C PRO A 125 -9.55 10.98 9.57
N GLU A 126 -9.44 12.25 9.92
CA GLU A 126 -9.23 12.64 11.31
C GLU A 126 -10.56 12.84 12.04
N LYS A 127 -10.53 12.72 13.35
CA LYS A 127 -11.73 12.88 14.16
C LYS A 127 -11.81 14.28 14.75
N ARG A 128 -12.33 15.22 13.98
CA ARG A 128 -12.46 16.60 14.43
C ARG A 128 -13.43 16.70 15.60
N THR A 129 -12.87 16.89 16.80
CA THR A 129 -13.68 17.00 18.01
C THR A 129 -13.28 18.21 18.83
N ILE A 130 -14.19 18.66 19.69
CA ILE A 130 -13.92 19.81 20.54
C ILE A 130 -13.25 19.40 21.84
N SER A 131 -12.85 20.38 22.65
CA SER A 131 -12.18 20.11 23.92
C SER A 131 -13.22 19.83 25.01
N ARG A 132 -13.55 18.55 25.19
CA ARG A 132 -14.52 18.16 26.20
C ARG A 132 -13.85 17.99 27.57
N SER A 133 -14.67 17.97 28.62
CA SER A 133 -14.15 17.83 29.97
C SER A 133 -14.40 16.42 30.51
N GLY A 134 -15.65 15.97 30.39
CA GLY A 134 -15.99 14.63 30.85
C GLY A 134 -15.64 14.42 32.32
N PRO A 135 -16.41 15.05 33.21
CA PRO A 135 -16.19 14.94 34.66
C PRO A 135 -16.53 13.55 35.19
N SER A 136 -15.81 13.14 36.24
CA SER A 136 -16.03 11.83 36.84
C SER A 136 -17.12 11.90 37.90
N SER A 137 -18.18 11.11 37.71
CA SER A 137 -19.29 11.07 38.64
C SER A 137 -20.23 9.91 38.33
N GLY A 138 -21.11 9.60 39.28
CA GLY A 138 -22.05 8.51 39.09
C GLY A 138 -21.63 7.24 39.83
N GLY A 1 13.62 -6.63 -25.55
CA GLY A 1 14.76 -6.16 -26.31
C GLY A 1 14.37 -5.12 -27.35
N SER A 2 14.07 -5.58 -28.56
CA SER A 2 13.69 -4.68 -29.64
C SER A 2 12.88 -3.51 -29.12
N SER A 3 13.42 -2.30 -29.27
CA SER A 3 12.75 -1.09 -28.81
C SER A 3 11.65 -0.68 -29.78
N GLY A 4 10.41 -1.01 -29.43
CA GLY A 4 9.28 -0.66 -30.28
C GLY A 4 8.54 0.57 -29.80
N SER A 5 8.71 1.67 -30.51
CA SER A 5 8.05 2.93 -30.15
C SER A 5 6.53 2.77 -30.15
N SER A 6 5.85 3.76 -29.59
CA SER A 6 4.38 3.73 -29.52
C SER A 6 3.78 4.65 -30.58
N GLY A 7 2.45 4.67 -30.64
CA GLY A 7 1.77 5.51 -31.60
C GLY A 7 0.91 4.71 -32.57
N LYS A 8 1.43 3.57 -33.00
CA LYS A 8 0.71 2.71 -33.94
C LYS A 8 0.06 1.54 -33.20
N ALA A 9 0.81 0.90 -32.32
CA ALA A 9 0.30 -0.23 -31.55
C ALA A 9 -0.35 0.24 -30.25
N GLU A 10 -0.89 1.45 -30.27
CA GLU A 10 -1.54 2.02 -29.09
C GLU A 10 -2.84 1.29 -28.79
N ALA A 11 -3.29 1.38 -27.53
CA ALA A 11 -4.52 0.72 -27.11
C ALA A 11 -5.35 1.64 -26.23
N GLU A 12 -6.52 1.15 -25.81
CA GLU A 12 -7.40 1.93 -24.96
C GLU A 12 -6.63 2.61 -23.83
N GLN A 13 -6.57 3.93 -23.88
CA GLN A 13 -5.86 4.70 -22.86
C GLN A 13 -6.80 5.11 -21.73
N ASN A 14 -6.84 4.29 -20.68
CA ASN A 14 -7.70 4.57 -19.54
C ASN A 14 -9.02 5.20 -19.99
N TRP A 15 -9.60 4.66 -21.04
CA TRP A 15 -10.86 5.18 -21.57
C TRP A 15 -12.05 4.38 -21.03
N TRP A 16 -11.75 3.39 -20.18
CA TRP A 16 -12.79 2.56 -19.59
C TRP A 16 -13.27 3.14 -18.27
N GLU A 17 -14.53 2.85 -17.93
CA GLU A 17 -15.11 3.36 -16.69
C GLU A 17 -14.07 3.39 -15.57
N GLY A 18 -13.24 2.35 -15.52
CA GLY A 18 -12.22 2.27 -14.50
C GLY A 18 -11.40 1.00 -14.58
N PRO A 19 -10.12 1.08 -14.18
CA PRO A 19 -9.22 -0.07 -14.21
C PRO A 19 -9.58 -1.12 -13.17
N PRO A 20 -9.11 -2.36 -13.39
CA PRO A 20 -9.37 -3.48 -12.48
C PRO A 20 -8.63 -3.34 -11.16
N GLN A 21 -8.75 -4.34 -10.31
CA GLN A 21 -8.09 -4.33 -9.01
C GLN A 21 -7.98 -2.91 -8.47
N ASP A 22 -9.12 -2.22 -8.39
CA ASP A 22 -9.14 -0.85 -7.89
C ASP A 22 -8.54 -0.77 -6.50
N LEU A 23 -7.31 -0.26 -6.42
CA LEU A 23 -6.61 -0.13 -5.15
C LEU A 23 -6.75 1.29 -4.60
N SER A 24 -7.08 2.23 -5.48
CA SER A 24 -7.23 3.63 -5.09
C SER A 24 -8.33 3.78 -4.05
N VAL A 25 -9.39 3.00 -4.19
CA VAL A 25 -10.52 3.04 -3.26
C VAL A 25 -10.03 2.85 -1.81
N HIS A 26 -8.84 2.28 -1.66
CA HIS A 26 -8.27 2.05 -0.35
C HIS A 26 -7.67 3.33 0.22
N LEU A 27 -7.55 3.39 1.55
CA LEU A 27 -6.99 4.56 2.22
C LEU A 27 -5.47 4.50 2.24
N TRP A 28 -4.93 3.30 2.33
CA TRP A 28 -3.49 3.12 2.35
C TRP A 28 -2.91 3.10 0.94
N TYR A 29 -3.68 3.64 0.00
CA TYR A 29 -3.25 3.70 -1.40
C TYR A 29 -3.07 5.13 -1.86
N ALA A 30 -1.83 5.62 -1.80
CA ALA A 30 -1.52 6.97 -2.21
C ALA A 30 -1.00 7.01 -3.65
N GLY A 31 -1.56 6.16 -4.50
CA GLY A 31 -1.14 6.11 -5.88
C GLY A 31 0.34 6.38 -6.05
N PRO A 32 0.70 7.01 -7.18
CA PRO A 32 2.11 7.34 -7.48
C PRO A 32 2.65 8.43 -6.57
N MET A 33 3.31 8.03 -5.49
CA MET A 33 3.89 8.97 -4.55
C MET A 33 5.37 8.69 -4.31
N GLU A 34 6.17 9.75 -4.28
CA GLU A 34 7.61 9.61 -4.07
C GLU A 34 7.92 9.37 -2.61
N ARG A 35 9.05 8.70 -2.34
CA ARG A 35 9.47 8.40 -0.98
C ARG A 35 9.26 9.62 -0.07
N ALA A 36 9.93 10.72 -0.42
CA ALA A 36 9.81 11.95 0.36
C ALA A 36 8.41 12.14 0.88
N GLY A 37 7.45 12.30 -0.03
CA GLY A 37 6.07 12.49 0.37
C GLY A 37 5.67 11.62 1.53
N ALA A 38 5.88 10.32 1.40
CA ALA A 38 5.54 9.37 2.45
C ALA A 38 6.27 9.70 3.75
N GLU A 39 7.52 10.14 3.62
CA GLU A 39 8.33 10.48 4.79
C GLU A 39 7.83 11.77 5.43
N SER A 40 7.22 12.63 4.61
CA SER A 40 6.69 13.90 5.10
C SER A 40 5.24 13.75 5.54
N ILE A 41 4.57 12.76 5.00
CA ILE A 41 3.16 12.51 5.33
C ILE A 41 3.04 11.83 6.69
N LEU A 42 3.66 10.66 6.82
CA LEU A 42 3.62 9.91 8.07
C LEU A 42 4.41 10.62 9.16
N ALA A 43 5.29 11.53 8.75
CA ALA A 43 6.10 12.29 9.70
C ALA A 43 5.25 12.82 10.84
N ASN A 44 4.13 13.45 10.49
CA ASN A 44 3.22 14.01 11.49
C ASN A 44 2.25 12.96 12.00
N ARG A 45 1.88 12.02 11.12
CA ARG A 45 0.95 10.96 11.48
C ARG A 45 1.34 10.33 12.81
N SER A 46 0.47 9.47 13.33
CA SER A 46 0.72 8.79 14.60
C SER A 46 1.39 7.43 14.37
N ASP A 47 2.40 7.14 15.17
CA ASP A 47 3.12 5.88 15.06
C ASP A 47 2.17 4.74 14.73
N GLY A 48 2.46 4.03 13.63
CA GLY A 48 1.62 2.92 13.22
C GLY A 48 0.92 3.20 11.91
N THR A 49 0.77 4.47 11.56
CA THR A 49 0.11 4.87 10.32
C THR A 49 0.89 4.38 9.11
N PHE A 50 0.35 3.35 8.44
CA PHE A 50 1.00 2.79 7.25
C PHE A 50 0.43 3.42 5.98
N LEU A 51 1.21 3.38 4.92
CA LEU A 51 0.79 3.93 3.63
C LEU A 51 1.49 3.23 2.47
N VAL A 52 0.71 2.81 1.49
CA VAL A 52 1.26 2.13 0.32
C VAL A 52 1.37 3.08 -0.87
N ARG A 53 2.54 3.10 -1.49
CA ARG A 53 2.80 3.97 -2.64
C ARG A 53 3.32 3.16 -3.82
N GLN A 54 3.00 3.62 -5.03
CA GLN A 54 3.43 2.94 -6.25
C GLN A 54 4.30 3.86 -7.09
N ARG A 55 5.62 3.77 -6.89
CA ARG A 55 6.56 4.59 -7.63
C ARG A 55 6.03 4.91 -9.02
N VAL A 56 6.14 6.18 -9.42
CA VAL A 56 5.66 6.61 -10.72
C VAL A 56 6.22 5.73 -11.83
N LYS A 57 5.55 4.62 -12.09
CA LYS A 57 5.98 3.68 -13.13
C LYS A 57 4.85 2.70 -13.47
N ASP A 58 5.07 1.92 -14.52
CA ASP A 58 4.07 0.94 -14.96
C ASP A 58 3.71 -0.01 -13.83
N ALA A 59 4.64 -0.90 -13.48
CA ALA A 59 4.42 -1.87 -12.42
C ALA A 59 5.40 -1.64 -11.27
N ALA A 60 5.83 -0.40 -11.10
CA ALA A 60 6.77 -0.05 -10.04
C ALA A 60 6.58 -0.95 -8.82
N GLU A 61 7.68 -1.47 -8.29
CA GLU A 61 7.63 -2.35 -7.12
C GLU A 61 6.99 -1.64 -5.94
N PHE A 62 5.69 -1.85 -5.75
CA PHE A 62 4.96 -1.23 -4.65
C PHE A 62 5.78 -1.26 -3.37
N ALA A 63 5.37 -0.46 -2.39
CA ALA A 63 6.06 -0.39 -1.11
C ALA A 63 5.14 0.11 -0.01
N ILE A 64 5.29 -0.44 1.19
CA ILE A 64 4.47 -0.05 2.33
C ILE A 64 5.29 0.71 3.36
N SER A 65 5.00 2.00 3.49
CA SER A 65 5.71 2.85 4.44
C SER A 65 4.81 3.23 5.61
N ILE A 66 5.32 3.07 6.82
CA ILE A 66 4.57 3.40 8.02
C ILE A 66 5.43 4.10 9.06
N LYS A 67 4.80 4.76 10.01
CA LYS A 67 5.53 5.47 11.06
C LYS A 67 5.91 4.53 12.20
N TYR A 68 7.20 4.31 12.37
CA TYR A 68 7.70 3.41 13.41
C TYR A 68 9.02 3.94 13.98
N ASN A 69 9.18 3.81 15.29
CA ASN A 69 10.39 4.27 15.97
C ASN A 69 10.70 5.71 15.60
N VAL A 70 9.66 6.49 15.34
CA VAL A 70 9.82 7.90 14.97
C VAL A 70 10.54 8.04 13.64
N GLU A 71 10.43 7.01 12.81
CA GLU A 71 11.07 7.02 11.49
C GLU A 71 10.19 6.32 10.46
N VAL A 72 10.06 6.94 9.28
CA VAL A 72 9.25 6.38 8.21
C VAL A 72 10.00 5.25 7.49
N LYS A 73 9.68 4.01 7.86
CA LYS A 73 10.30 2.85 7.25
C LYS A 73 9.62 2.48 5.94
N HIS A 74 10.33 1.78 5.08
CA HIS A 74 9.78 1.37 3.80
C HIS A 74 9.78 -0.16 3.71
N ILE A 75 8.78 -0.68 3.02
CA ILE A 75 8.63 -2.12 2.84
C ILE A 75 8.49 -2.48 1.36
N LYS A 76 9.60 -2.86 0.74
CA LYS A 76 9.60 -3.23 -0.67
C LYS A 76 8.59 -4.35 -0.94
N ILE A 77 7.70 -4.12 -1.89
CA ILE A 77 6.69 -5.11 -2.25
C ILE A 77 7.06 -5.82 -3.54
N MET A 78 7.28 -7.13 -3.45
CA MET A 78 7.63 -7.93 -4.62
C MET A 78 6.40 -8.57 -5.22
N THR A 79 6.37 -8.65 -6.55
CA THR A 79 5.24 -9.23 -7.26
C THR A 79 5.67 -10.42 -8.11
N ALA A 80 4.93 -11.51 -8.02
CA ALA A 80 5.24 -12.71 -8.79
C ALA A 80 3.97 -13.42 -9.25
N GLU A 81 3.80 -13.52 -10.56
CA GLU A 81 2.63 -14.17 -11.13
C GLU A 81 1.37 -13.35 -10.87
N GLY A 82 1.55 -12.04 -10.68
CA GLY A 82 0.42 -11.17 -10.42
C GLY A 82 0.14 -10.99 -8.94
N LEU A 83 0.75 -11.85 -8.13
CA LEU A 83 0.56 -11.79 -6.68
C LEU A 83 1.43 -10.70 -6.06
N TYR A 84 0.99 -10.17 -4.93
CA TYR A 84 1.72 -9.11 -4.24
C TYR A 84 2.25 -9.60 -2.89
N ARG A 85 3.55 -9.45 -2.68
CA ARG A 85 4.18 -9.87 -1.44
C ARG A 85 5.54 -9.21 -1.27
N ILE A 86 5.81 -8.73 -0.06
CA ILE A 86 7.08 -8.07 0.23
C ILE A 86 8.17 -9.10 0.54
N THR A 87 7.76 -10.34 0.77
CA THR A 87 8.70 -11.41 1.07
C THR A 87 8.29 -12.71 0.40
N GLU A 88 9.27 -13.51 0.02
CA GLU A 88 9.00 -14.79 -0.63
C GLU A 88 8.57 -15.85 0.37
N LYS A 89 7.64 -15.47 1.24
CA LYS A 89 7.13 -16.38 2.26
C LYS A 89 5.67 -16.73 2.01
N LYS A 90 4.88 -15.73 1.65
CA LYS A 90 3.47 -15.93 1.37
C LYS A 90 2.93 -14.85 0.43
N ALA A 91 2.41 -15.28 -0.72
CA ALA A 91 1.88 -14.36 -1.71
C ALA A 91 0.35 -14.29 -1.61
N PHE A 92 -0.20 -13.12 -1.95
CA PHE A 92 -1.64 -12.93 -1.90
C PHE A 92 -2.17 -12.44 -3.25
N ARG A 93 -3.49 -12.48 -3.41
CA ARG A 93 -4.11 -12.06 -4.65
C ARG A 93 -3.80 -10.60 -4.95
N GLY A 94 -3.94 -9.75 -3.93
CA GLY A 94 -3.67 -8.33 -4.10
C GLY A 94 -3.25 -7.66 -2.82
N LEU A 95 -2.97 -6.37 -2.88
CA LEU A 95 -2.56 -5.61 -1.71
C LEU A 95 -3.53 -5.81 -0.55
N THR A 96 -4.78 -5.38 -0.77
CA THR A 96 -5.81 -5.52 0.26
C THR A 96 -5.59 -6.76 1.10
N GLU A 97 -5.29 -7.87 0.45
CA GLU A 97 -5.05 -9.13 1.14
C GLU A 97 -3.69 -9.13 1.82
N LEU A 98 -2.64 -8.95 1.03
CA LEU A 98 -1.28 -8.92 1.55
C LEU A 98 -1.20 -8.10 2.84
N VAL A 99 -1.78 -6.90 2.81
CA VAL A 99 -1.77 -6.03 3.97
C VAL A 99 -2.57 -6.64 5.11
N GLU A 100 -3.75 -7.17 4.81
CA GLU A 100 -4.61 -7.78 5.81
C GLU A 100 -3.83 -8.78 6.66
N PHE A 101 -3.02 -9.60 5.99
CA PHE A 101 -2.22 -10.60 6.69
C PHE A 101 -1.23 -9.94 7.64
N TYR A 102 -0.50 -8.95 7.14
CA TYR A 102 0.48 -8.24 7.95
C TYR A 102 -0.20 -7.46 9.07
N GLN A 103 -1.47 -7.15 8.87
CA GLN A 103 -2.24 -6.40 9.87
C GLN A 103 -2.47 -7.24 11.12
N GLN A 104 -2.17 -8.53 11.02
CA GLN A 104 -2.36 -9.44 12.15
C GLN A 104 -1.03 -10.04 12.57
N ASN A 105 -0.04 -10.00 11.68
CA ASN A 105 1.28 -10.55 11.97
C ASN A 105 2.35 -9.49 11.77
N SER A 106 3.40 -9.56 12.59
CA SER A 106 4.50 -8.60 12.50
C SER A 106 5.19 -8.68 11.14
N LEU A 107 5.68 -7.54 10.67
CA LEU A 107 6.36 -7.48 9.38
C LEU A 107 7.78 -8.03 9.49
N LYS A 108 8.25 -8.22 10.73
CA LYS A 108 9.58 -8.74 10.96
C LYS A 108 9.91 -9.88 10.00
N ASP A 109 8.90 -10.67 9.66
CA ASP A 109 9.08 -11.79 8.75
C ASP A 109 10.06 -11.43 7.63
N CYS A 110 9.99 -10.19 7.16
CA CYS A 110 10.86 -9.72 6.09
C CYS A 110 11.99 -8.87 6.66
N PHE A 111 11.71 -8.15 7.74
CA PHE A 111 12.70 -7.30 8.38
C PHE A 111 12.75 -7.55 9.89
N LYS A 112 13.44 -8.61 10.29
CA LYS A 112 13.58 -8.95 11.69
C LYS A 112 13.79 -7.70 12.54
N SER A 113 14.49 -6.72 11.97
CA SER A 113 14.76 -5.48 12.68
C SER A 113 13.49 -4.66 12.87
N LEU A 114 12.64 -4.67 11.85
CA LEU A 114 11.39 -3.93 11.90
C LEU A 114 10.24 -4.83 12.31
N ASP A 115 9.91 -4.80 13.59
CA ASP A 115 8.82 -5.63 14.12
C ASP A 115 7.55 -4.79 14.32
N THR A 116 6.92 -4.41 13.22
CA THR A 116 5.71 -3.61 13.27
C THR A 116 4.57 -4.26 12.49
N THR A 117 3.42 -3.61 12.46
CA THR A 117 2.26 -4.13 11.75
C THR A 117 1.40 -3.00 11.20
N LEU A 118 0.70 -3.27 10.11
CA LEU A 118 -0.17 -2.28 9.49
C LEU A 118 -1.28 -1.86 10.44
N GLN A 119 -1.06 -0.74 11.14
CA GLN A 119 -2.05 -0.23 12.07
C GLN A 119 -3.20 0.45 11.35
N PHE A 120 -2.94 1.63 10.79
CA PHE A 120 -3.96 2.37 10.06
C PHE A 120 -3.34 3.11 8.86
N PRO A 121 -4.17 3.35 7.84
CA PRO A 121 -3.74 4.05 6.62
C PRO A 121 -3.45 5.53 6.87
N PHE A 122 -2.72 6.14 5.95
CA PHE A 122 -2.37 7.56 6.07
C PHE A 122 -3.57 8.44 5.74
N LYS A 123 -4.38 8.00 4.78
CA LYS A 123 -5.55 8.76 4.37
C LYS A 123 -6.63 8.72 5.46
N GLU A 124 -6.56 7.70 6.31
CA GLU A 124 -7.53 7.55 7.39
C GLU A 124 -7.98 8.91 7.91
N PRO A 125 -9.31 9.07 8.07
CA PRO A 125 -9.90 10.32 8.56
C PRO A 125 -9.59 10.58 10.03
N GLU A 126 -10.18 11.63 10.58
CA GLU A 126 -9.96 11.99 11.98
C GLU A 126 -9.79 10.74 12.83
N LYS A 127 -8.80 10.78 13.73
CA LYS A 127 -8.53 9.66 14.62
C LYS A 127 -9.23 9.84 15.97
N ARG A 128 -9.64 8.74 16.57
CA ARG A 128 -10.31 8.78 17.87
C ARG A 128 -10.56 7.38 18.39
N THR A 129 -10.72 7.26 19.70
CA THR A 129 -10.97 5.97 20.34
C THR A 129 -11.92 5.12 19.51
N ILE A 130 -11.38 4.12 18.82
CA ILE A 130 -12.19 3.24 17.99
C ILE A 130 -11.74 1.79 18.14
N SER A 131 -12.71 0.87 18.10
CA SER A 131 -12.42 -0.55 18.23
C SER A 131 -13.41 -1.39 17.43
N ARG A 132 -12.91 -2.05 16.40
CA ARG A 132 -13.74 -2.89 15.54
C ARG A 132 -13.47 -4.37 15.80
N SER A 133 -14.37 -5.22 15.30
CA SER A 133 -14.22 -6.66 15.48
C SER A 133 -14.78 -7.41 14.27
N GLY A 134 -14.57 -8.73 14.24
CA GLY A 134 -15.05 -9.54 13.14
C GLY A 134 -14.20 -9.37 11.89
N PRO A 135 -13.17 -10.21 11.76
CA PRO A 135 -12.26 -10.18 10.60
C PRO A 135 -12.94 -10.65 9.32
N SER A 136 -12.27 -10.45 8.19
CA SER A 136 -12.81 -10.85 6.90
C SER A 136 -13.38 -12.26 6.97
N SER A 137 -14.19 -12.62 5.96
CA SER A 137 -14.79 -13.94 5.91
C SER A 137 -15.37 -14.22 4.53
N GLY A 138 -15.08 -15.40 4.00
CA GLY A 138 -15.57 -15.77 2.68
C GLY A 138 -16.57 -16.91 2.74
N GLY A 1 5.47 50.43 -18.73
CA GLY A 1 4.72 49.36 -19.36
C GLY A 1 5.58 48.15 -19.67
N SER A 2 5.22 47.01 -19.09
CA SER A 2 5.97 45.78 -19.31
C SER A 2 5.17 44.79 -20.13
N SER A 3 5.79 43.66 -20.47
CA SER A 3 5.14 42.63 -21.26
C SER A 3 5.76 41.26 -21.00
N GLY A 4 5.16 40.22 -21.58
CA GLY A 4 5.67 38.88 -21.40
C GLY A 4 4.59 37.91 -20.94
N SER A 5 5.00 36.90 -20.19
CA SER A 5 4.05 35.89 -19.69
C SER A 5 3.34 35.19 -20.84
N SER A 6 4.11 34.82 -21.86
CA SER A 6 3.54 34.15 -23.03
C SER A 6 4.42 32.97 -23.44
N GLY A 7 3.79 31.81 -23.63
CA GLY A 7 4.52 30.62 -24.03
C GLY A 7 3.71 29.71 -24.93
N LYS A 8 3.88 28.41 -24.76
CA LYS A 8 3.16 27.43 -25.57
C LYS A 8 2.44 26.42 -24.68
N ALA A 9 1.48 25.72 -25.26
CA ALA A 9 0.71 24.72 -24.52
C ALA A 9 0.97 23.31 -25.06
N GLU A 10 1.32 22.40 -24.16
CA GLU A 10 1.60 21.02 -24.55
C GLU A 10 0.72 20.05 -23.77
N ALA A 11 0.28 18.99 -24.46
CA ALA A 11 -0.57 17.98 -23.83
C ALA A 11 0.01 16.58 -24.03
N GLU A 12 -0.59 15.61 -23.35
CA GLU A 12 -0.14 14.22 -23.44
C GLU A 12 -1.31 13.26 -23.42
N GLN A 13 -1.53 12.58 -24.54
CA GLN A 13 -2.63 11.62 -24.66
C GLN A 13 -2.30 10.33 -23.92
N ASN A 14 -3.32 9.51 -23.68
CA ASN A 14 -3.14 8.24 -22.99
C ASN A 14 -3.61 7.07 -23.86
N TRP A 15 -2.66 6.33 -24.42
CA TRP A 15 -2.97 5.19 -25.26
C TRP A 15 -2.51 3.89 -24.63
N TRP A 16 -2.80 3.74 -23.33
CA TRP A 16 -2.42 2.55 -22.60
C TRP A 16 -3.55 1.53 -22.58
N GLU A 17 -3.20 0.25 -22.46
CA GLU A 17 -4.19 -0.82 -22.43
C GLU A 17 -5.23 -0.56 -21.35
N GLY A 18 -4.82 0.11 -20.28
CA GLY A 18 -5.72 0.41 -19.19
C GLY A 18 -5.06 0.31 -17.83
N PRO A 19 -5.65 0.98 -16.82
CA PRO A 19 -5.11 0.97 -15.46
C PRO A 19 -5.27 -0.37 -14.78
N PRO A 20 -4.46 -0.61 -13.73
CA PRO A 20 -4.49 -1.86 -12.97
C PRO A 20 -5.76 -2.01 -12.15
N GLN A 21 -5.78 -2.99 -11.25
CA GLN A 21 -6.93 -3.24 -10.41
C GLN A 21 -7.38 -1.96 -9.71
N ASP A 22 -8.45 -2.06 -8.93
CA ASP A 22 -8.98 -0.91 -8.21
C ASP A 22 -8.41 -0.84 -6.80
N LEU A 23 -7.18 -0.37 -6.69
CA LEU A 23 -6.52 -0.25 -5.39
C LEU A 23 -6.61 1.17 -4.86
N SER A 24 -6.78 2.14 -5.77
CA SER A 24 -6.88 3.53 -5.39
C SER A 24 -8.04 3.76 -4.42
N VAL A 25 -9.09 2.96 -4.58
CA VAL A 25 -10.26 3.07 -3.71
C VAL A 25 -9.87 2.97 -2.24
N HIS A 26 -8.80 2.23 -1.97
CA HIS A 26 -8.33 2.05 -0.60
C HIS A 26 -7.82 3.38 -0.03
N LEU A 27 -7.45 3.36 1.25
CA LEU A 27 -6.94 4.56 1.91
C LEU A 27 -5.42 4.58 1.91
N TRP A 28 -4.82 3.50 2.39
CA TRP A 28 -3.36 3.40 2.44
C TRP A 28 -2.76 3.53 1.05
N TYR A 29 -3.57 3.28 0.03
CA TYR A 29 -3.11 3.37 -1.35
C TYR A 29 -2.91 4.84 -1.76
N ALA A 30 -1.66 5.22 -1.97
CA ALA A 30 -1.34 6.58 -2.37
C ALA A 30 -0.70 6.62 -3.75
N GLY A 31 -1.15 5.73 -4.62
CA GLY A 31 -0.62 5.67 -5.98
C GLY A 31 0.88 5.92 -6.01
N PRO A 32 1.38 6.40 -7.16
CA PRO A 32 2.80 6.68 -7.35
C PRO A 32 3.26 7.90 -6.55
N MET A 33 3.88 7.64 -5.40
CA MET A 33 4.37 8.72 -4.54
C MET A 33 5.84 8.51 -4.18
N GLU A 34 6.60 9.59 -4.18
CA GLU A 34 8.02 9.52 -3.86
C GLU A 34 8.24 9.23 -2.38
N ARG A 35 9.43 8.76 -2.04
CA ARG A 35 9.76 8.43 -0.67
C ARG A 35 9.48 9.61 0.26
N ALA A 36 9.99 10.78 -0.11
CA ALA A 36 9.79 11.99 0.68
C ALA A 36 8.34 12.12 1.14
N GLY A 37 7.44 12.26 0.18
CA GLY A 37 6.02 12.39 0.50
C GLY A 37 5.61 11.47 1.64
N ALA A 38 5.95 10.20 1.52
CA ALA A 38 5.60 9.21 2.55
C ALA A 38 6.29 9.53 3.87
N GLU A 39 7.52 10.04 3.78
CA GLU A 39 8.28 10.40 4.97
C GLU A 39 7.80 11.71 5.56
N SER A 40 7.15 12.53 4.74
CA SER A 40 6.64 13.81 5.18
C SER A 40 5.17 13.71 5.58
N ILE A 41 4.50 12.72 5.02
CA ILE A 41 3.08 12.51 5.32
C ILE A 41 2.89 11.86 6.69
N LEU A 42 3.51 10.71 6.88
CA LEU A 42 3.42 9.99 8.15
C LEU A 42 4.28 10.66 9.21
N ALA A 43 5.11 11.60 8.79
CA ALA A 43 5.98 12.32 9.71
C ALA A 43 5.21 12.85 10.91
N ASN A 44 4.10 13.53 10.64
CA ASN A 44 3.26 14.09 11.68
C ASN A 44 2.27 13.04 12.21
N ARG A 45 1.84 12.15 11.32
CA ARG A 45 0.89 11.10 11.68
C ARG A 45 1.32 10.41 12.97
N SER A 46 0.47 9.52 13.46
CA SER A 46 0.76 8.79 14.69
C SER A 46 1.43 7.45 14.38
N ASP A 47 2.43 7.11 15.19
CA ASP A 47 3.17 5.86 15.00
C ASP A 47 2.21 4.72 14.65
N GLY A 48 2.51 4.01 13.56
CA GLY A 48 1.67 2.91 13.14
C GLY A 48 0.95 3.19 11.83
N THR A 49 0.83 4.47 11.48
CA THR A 49 0.17 4.86 10.24
C THR A 49 0.94 4.37 9.02
N PHE A 50 0.41 3.36 8.37
CA PHE A 50 1.03 2.79 7.18
C PHE A 50 0.45 3.41 5.91
N LEU A 51 1.25 3.42 4.84
CA LEU A 51 0.82 3.97 3.57
C LEU A 51 1.53 3.28 2.41
N VAL A 52 0.75 2.80 1.45
CA VAL A 52 1.31 2.13 0.28
C VAL A 52 1.44 3.08 -0.90
N ARG A 53 2.53 2.94 -1.65
CA ARG A 53 2.77 3.80 -2.80
C ARG A 53 3.48 3.03 -3.91
N GLN A 54 3.52 3.61 -5.10
CA GLN A 54 4.17 2.97 -6.24
C GLN A 54 5.53 3.60 -6.51
N ARG A 55 6.26 3.01 -7.46
CA ARG A 55 7.58 3.52 -7.81
C ARG A 55 7.52 4.44 -9.03
N VAL A 56 6.86 5.58 -8.86
CA VAL A 56 6.73 6.55 -9.95
C VAL A 56 6.58 5.85 -11.29
N LYS A 57 5.80 4.77 -11.30
CA LYS A 57 5.55 4.00 -12.53
C LYS A 57 4.29 3.17 -12.40
N ASP A 58 3.64 2.90 -13.54
CA ASP A 58 2.43 2.12 -13.56
C ASP A 58 2.67 0.72 -13.02
N ALA A 59 1.77 0.25 -12.17
CA ALA A 59 1.89 -1.09 -11.57
C ALA A 59 3.36 -1.45 -11.35
N ALA A 60 4.12 -0.50 -10.81
CA ALA A 60 5.53 -0.73 -10.54
C ALA A 60 5.73 -1.45 -9.22
N GLU A 61 6.99 -1.62 -8.83
CA GLU A 61 7.31 -2.30 -7.58
C GLU A 61 6.71 -1.55 -6.39
N PHE A 62 5.48 -1.93 -6.02
CA PHE A 62 4.80 -1.30 -4.90
C PHE A 62 5.69 -1.26 -3.66
N ALA A 63 5.36 -0.38 -2.74
CA ALA A 63 6.13 -0.24 -1.50
C ALA A 63 5.25 0.25 -0.36
N ILE A 64 5.47 -0.30 0.83
CA ILE A 64 4.70 0.08 2.00
C ILE A 64 5.55 0.88 2.98
N SER A 65 5.05 2.06 3.38
CA SER A 65 5.76 2.92 4.31
C SER A 65 4.86 3.32 5.47
N ILE A 66 5.36 3.14 6.69
CA ILE A 66 4.61 3.49 7.88
C ILE A 66 5.48 4.22 8.90
N LYS A 67 4.85 4.77 9.93
CA LYS A 67 5.58 5.49 10.97
C LYS A 67 5.94 4.56 12.12
N TYR A 68 7.24 4.37 12.34
CA TYR A 68 7.72 3.50 13.40
C TYR A 68 9.00 4.05 14.01
N ASN A 69 9.15 3.90 15.33
CA ASN A 69 10.33 4.38 16.02
C ASN A 69 10.61 5.83 15.70
N VAL A 70 9.55 6.60 15.47
CA VAL A 70 9.68 8.01 15.14
C VAL A 70 10.37 8.20 13.79
N GLU A 71 10.27 7.19 12.94
CA GLU A 71 10.89 7.25 11.62
C GLU A 71 10.00 6.57 10.58
N VAL A 72 9.92 7.17 9.40
CA VAL A 72 9.10 6.62 8.31
C VAL A 72 9.83 5.48 7.60
N LYS A 73 9.51 4.25 7.98
CA LYS A 73 10.12 3.07 7.38
C LYS A 73 9.44 2.71 6.06
N HIS A 74 10.16 1.98 5.21
CA HIS A 74 9.60 1.58 3.94
C HIS A 74 9.79 0.07 3.75
N ILE A 75 8.92 -0.50 2.93
CA ILE A 75 8.97 -1.94 2.65
C ILE A 75 8.73 -2.22 1.17
N LYS A 76 9.65 -2.97 0.57
CA LYS A 76 9.55 -3.31 -0.85
C LYS A 76 8.51 -4.40 -1.06
N ILE A 77 7.71 -4.24 -2.11
CA ILE A 77 6.67 -5.22 -2.43
C ILE A 77 7.00 -5.98 -3.71
N MET A 78 6.90 -7.30 -3.65
CA MET A 78 7.19 -8.14 -4.81
C MET A 78 5.90 -8.71 -5.40
N THR A 79 5.97 -9.11 -6.67
CA THR A 79 4.80 -9.67 -7.36
C THR A 79 5.18 -10.93 -8.13
N ALA A 80 4.30 -11.92 -8.10
CA ALA A 80 4.54 -13.18 -8.79
C ALA A 80 3.23 -13.92 -9.04
N GLU A 81 2.96 -14.22 -10.30
CA GLU A 81 1.73 -14.94 -10.67
C GLU A 81 0.51 -14.08 -10.39
N GLY A 82 0.69 -12.76 -10.39
CA GLY A 82 -0.42 -11.86 -10.14
C GLY A 82 -0.68 -11.67 -8.66
N LEU A 83 0.33 -11.94 -7.84
CA LEU A 83 0.20 -11.79 -6.39
C LEU A 83 1.10 -10.68 -5.87
N TYR A 84 0.95 -10.36 -4.59
CA TYR A 84 1.76 -9.31 -3.98
C TYR A 84 2.29 -9.76 -2.62
N ARG A 85 3.60 -9.67 -2.44
CA ARG A 85 4.24 -10.06 -1.20
C ARG A 85 5.63 -9.46 -1.08
N ILE A 86 5.91 -8.81 0.05
CA ILE A 86 7.20 -8.19 0.27
C ILE A 86 8.27 -9.25 0.53
N THR A 87 7.85 -10.45 0.91
CA THR A 87 8.77 -11.54 1.18
C THR A 87 8.25 -12.85 0.58
N GLU A 88 9.18 -13.74 0.24
CA GLU A 88 8.82 -15.03 -0.35
C GLU A 88 8.36 -16.01 0.74
N LYS A 89 7.48 -15.53 1.62
CA LYS A 89 6.96 -16.36 2.70
C LYS A 89 5.48 -16.65 2.49
N LYS A 90 4.75 -15.67 1.98
CA LYS A 90 3.33 -15.82 1.73
C LYS A 90 2.83 -14.77 0.74
N ALA A 91 2.11 -15.22 -0.28
CA ALA A 91 1.56 -14.32 -1.29
C ALA A 91 0.04 -14.24 -1.21
N PHE A 92 -0.52 -13.16 -1.74
CA PHE A 92 -1.96 -12.96 -1.72
C PHE A 92 -2.45 -12.41 -3.05
N ARG A 93 -3.74 -12.59 -3.33
CA ARG A 93 -4.34 -12.11 -4.57
C ARG A 93 -3.86 -10.69 -4.88
N GLY A 94 -4.12 -9.77 -3.97
CA GLY A 94 -3.73 -8.39 -4.16
C GLY A 94 -3.28 -7.72 -2.88
N LEU A 95 -2.91 -6.46 -2.96
CA LEU A 95 -2.46 -5.70 -1.79
C LEU A 95 -3.44 -5.85 -0.64
N THR A 96 -4.69 -5.45 -0.87
CA THR A 96 -5.73 -5.53 0.14
C THR A 96 -5.52 -6.76 1.04
N GLU A 97 -5.27 -7.90 0.41
CA GLU A 97 -5.06 -9.14 1.16
C GLU A 97 -3.69 -9.12 1.86
N LEU A 98 -2.63 -9.02 1.06
CA LEU A 98 -1.28 -8.99 1.60
C LEU A 98 -1.20 -8.14 2.86
N VAL A 99 -1.75 -6.93 2.78
CA VAL A 99 -1.75 -6.01 3.91
C VAL A 99 -2.59 -6.56 5.06
N GLU A 100 -3.75 -7.13 4.72
CA GLU A 100 -4.64 -7.68 5.73
C GLU A 100 -3.89 -8.66 6.63
N PHE A 101 -2.94 -9.39 6.06
CA PHE A 101 -2.15 -10.36 6.81
C PHE A 101 -1.14 -9.65 7.71
N TYR A 102 -0.27 -8.85 7.10
CA TYR A 102 0.75 -8.12 7.84
C TYR A 102 0.12 -7.27 8.93
N GLN A 103 -1.20 -7.13 8.89
CA GLN A 103 -1.92 -6.33 9.87
C GLN A 103 -2.00 -7.07 11.20
N GLN A 104 -1.86 -8.39 11.16
CA GLN A 104 -1.92 -9.20 12.36
C GLN A 104 -0.58 -9.88 12.62
N ASN A 105 0.32 -9.79 11.66
CA ASN A 105 1.64 -10.40 11.78
C ASN A 105 2.74 -9.37 11.52
N SER A 106 3.58 -9.14 12.52
CA SER A 106 4.67 -8.18 12.39
C SER A 106 5.43 -8.38 11.08
N LEU A 107 5.97 -7.29 10.54
CA LEU A 107 6.73 -7.36 9.30
C LEU A 107 8.12 -7.94 9.53
N LYS A 108 8.50 -8.06 10.79
CA LYS A 108 9.80 -8.60 11.15
C LYS A 108 10.14 -9.83 10.30
N ASP A 109 9.11 -10.52 9.84
CA ASP A 109 9.28 -11.71 9.02
C ASP A 109 10.27 -11.44 7.89
N CYS A 110 10.18 -10.25 7.30
CA CYS A 110 11.07 -9.87 6.20
C CYS A 110 12.22 -9.01 6.71
N PHE A 111 11.95 -8.22 7.74
CA PHE A 111 12.97 -7.35 8.32
C PHE A 111 12.97 -7.45 9.84
N LYS A 112 13.70 -8.42 10.36
CA LYS A 112 13.79 -8.64 11.81
C LYS A 112 14.02 -7.32 12.53
N SER A 113 14.69 -6.38 11.85
CA SER A 113 14.98 -5.07 12.43
C SER A 113 13.71 -4.23 12.52
N LEU A 114 12.82 -4.40 11.55
CA LEU A 114 11.57 -3.64 11.53
C LEU A 114 10.42 -4.48 12.06
N ASP A 115 10.16 -4.35 13.36
CA ASP A 115 9.09 -5.09 14.00
C ASP A 115 7.84 -4.22 14.16
N THR A 116 7.10 -4.04 13.06
CA THR A 116 5.90 -3.22 13.08
C THR A 116 4.73 -3.96 12.43
N THR A 117 3.59 -3.28 12.33
CA THR A 117 2.40 -3.87 11.73
C THR A 117 1.50 -2.80 11.13
N LEU A 118 0.77 -3.15 10.07
CA LEU A 118 -0.13 -2.22 9.42
C LEU A 118 -1.25 -1.79 10.37
N GLN A 119 -1.03 -0.71 11.09
CA GLN A 119 -2.02 -0.19 12.02
C GLN A 119 -3.17 0.48 11.29
N PHE A 120 -2.90 1.66 10.74
CA PHE A 120 -3.92 2.41 10.00
C PHE A 120 -3.31 3.11 8.80
N PRO A 121 -4.14 3.31 7.75
CA PRO A 121 -3.70 3.97 6.52
C PRO A 121 -3.43 5.46 6.71
N PHE A 122 -2.71 6.06 5.77
CA PHE A 122 -2.39 7.47 5.84
C PHE A 122 -3.60 8.33 5.48
N LYS A 123 -4.41 7.84 4.55
CA LYS A 123 -5.61 8.56 4.13
C LYS A 123 -6.67 8.54 5.23
N GLU A 124 -6.59 7.54 6.09
CA GLU A 124 -7.55 7.41 7.19
C GLU A 124 -8.03 8.78 7.66
N PRO A 125 -9.35 8.92 7.86
CA PRO A 125 -9.96 10.17 8.31
C PRO A 125 -9.62 10.49 9.76
N GLU A 126 -9.54 11.78 10.09
CA GLU A 126 -9.23 12.21 11.44
C GLU A 126 -9.80 11.25 12.47
N LYS A 127 -9.05 11.01 13.53
CA LYS A 127 -9.49 10.11 14.60
C LYS A 127 -10.84 10.55 15.16
N ARG A 128 -10.95 11.83 15.48
CA ARG A 128 -12.19 12.38 16.03
C ARG A 128 -13.28 12.41 14.97
N THR A 129 -13.87 11.26 14.69
CA THR A 129 -14.93 11.15 13.69
C THR A 129 -15.95 10.10 14.09
N ILE A 130 -17.18 10.54 14.33
CA ILE A 130 -18.26 9.62 14.70
C ILE A 130 -18.64 8.71 13.55
N SER A 131 -17.91 7.60 13.41
CA SER A 131 -18.17 6.65 12.34
C SER A 131 -17.85 5.22 12.80
N ARG A 132 -18.10 4.25 11.93
CA ARG A 132 -17.85 2.85 12.23
C ARG A 132 -16.78 2.28 11.30
N SER A 133 -15.54 2.19 11.80
CA SER A 133 -14.44 1.66 11.03
C SER A 133 -13.65 0.64 11.83
N GLY A 134 -13.33 -0.49 11.19
CA GLY A 134 -12.58 -1.53 11.86
C GLY A 134 -11.80 -2.39 10.89
N PRO A 135 -10.50 -2.60 11.17
CA PRO A 135 -9.62 -3.40 10.33
C PRO A 135 -9.96 -4.89 10.40
N SER A 136 -10.58 -5.30 11.50
CA SER A 136 -10.95 -6.69 11.68
C SER A 136 -12.44 -6.82 11.98
N SER A 137 -13.23 -7.10 10.93
CA SER A 137 -14.67 -7.24 11.07
C SER A 137 -15.01 -8.16 12.24
N GLY A 138 -14.31 -9.29 12.32
CA GLY A 138 -14.56 -10.24 13.39
C GLY A 138 -16.03 -10.58 13.54
N GLY A 1 -28.24 -18.97 -15.82
CA GLY A 1 -28.44 -19.63 -17.09
C GLY A 1 -27.35 -19.30 -18.10
N SER A 2 -26.99 -18.03 -18.18
CA SER A 2 -25.95 -17.59 -19.10
C SER A 2 -24.57 -17.95 -18.59
N SER A 3 -23.62 -18.12 -19.52
CA SER A 3 -22.25 -18.48 -19.16
C SER A 3 -21.30 -18.20 -20.33
N GLY A 4 -20.21 -17.52 -20.03
CA GLY A 4 -19.22 -17.21 -21.06
C GLY A 4 -17.90 -17.89 -20.82
N SER A 5 -17.28 -18.38 -21.89
CA SER A 5 -15.99 -19.06 -21.80
C SER A 5 -15.24 -19.00 -23.13
N SER A 6 -13.99 -18.55 -23.06
CA SER A 6 -13.16 -18.42 -24.26
C SER A 6 -11.99 -19.41 -24.21
N GLY A 7 -11.48 -19.76 -25.38
CA GLY A 7 -10.36 -20.69 -25.45
C GLY A 7 -9.32 -20.26 -26.47
N LYS A 8 -8.55 -19.23 -26.13
CA LYS A 8 -7.52 -18.73 -27.02
C LYS A 8 -6.42 -18.02 -26.22
N ALA A 9 -5.25 -17.89 -26.83
CA ALA A 9 -4.11 -17.23 -26.19
C ALA A 9 -3.83 -15.87 -26.82
N GLU A 10 -4.32 -14.81 -26.18
CA GLU A 10 -4.11 -13.46 -26.69
C GLU A 10 -3.87 -12.49 -25.54
N ALA A 11 -3.22 -11.37 -25.85
CA ALA A 11 -2.92 -10.36 -24.85
C ALA A 11 -4.09 -9.39 -24.68
N GLU A 12 -5.30 -9.88 -24.94
CA GLU A 12 -6.50 -9.06 -24.82
C GLU A 12 -7.40 -9.58 -23.70
N GLN A 13 -6.79 -9.90 -22.56
CA GLN A 13 -7.55 -10.41 -21.42
C GLN A 13 -8.22 -9.28 -20.66
N ASN A 14 -8.84 -8.36 -21.40
CA ASN A 14 -9.52 -7.22 -20.79
C ASN A 14 -10.99 -7.18 -21.21
N TRP A 15 -11.80 -7.98 -20.52
CA TRP A 15 -13.23 -8.04 -20.80
C TRP A 15 -14.04 -7.34 -19.72
N TRP A 16 -13.50 -6.23 -19.21
CA TRP A 16 -14.17 -5.48 -18.16
C TRP A 16 -14.30 -4.00 -18.55
N GLU A 17 -15.43 -3.39 -18.23
CA GLU A 17 -15.67 -1.99 -18.55
C GLU A 17 -14.42 -1.15 -18.28
N GLY A 18 -13.80 -1.40 -17.13
CA GLY A 18 -12.60 -0.66 -16.76
C GLY A 18 -11.53 -1.55 -16.19
N PRO A 19 -10.38 -0.95 -15.83
CA PRO A 19 -9.24 -1.67 -15.26
C PRO A 19 -9.53 -2.17 -13.84
N PRO A 20 -9.40 -3.50 -13.64
CA PRO A 20 -9.64 -4.13 -12.34
C PRO A 20 -8.57 -3.77 -11.31
N GLN A 21 -8.55 -4.49 -10.21
CA GLN A 21 -7.58 -4.25 -9.15
C GLN A 21 -7.68 -2.82 -8.64
N ASP A 22 -8.90 -2.40 -8.29
CA ASP A 22 -9.13 -1.06 -7.77
C ASP A 22 -8.51 -0.89 -6.39
N LEU A 23 -7.29 -0.36 -6.37
CA LEU A 23 -6.58 -0.14 -5.11
C LEU A 23 -6.71 1.31 -4.66
N SER A 24 -7.05 2.19 -5.59
CA SER A 24 -7.20 3.61 -5.29
C SER A 24 -8.29 3.82 -4.24
N VAL A 25 -9.34 3.00 -4.29
CA VAL A 25 -10.44 3.10 -3.35
C VAL A 25 -9.94 2.97 -1.92
N HIS A 26 -8.88 2.20 -1.73
CA HIS A 26 -8.31 1.99 -0.41
C HIS A 26 -7.70 3.29 0.13
N LEU A 27 -7.52 3.35 1.44
CA LEU A 27 -6.95 4.53 2.08
C LEU A 27 -5.42 4.44 2.13
N TRP A 28 -4.92 3.23 2.28
CA TRP A 28 -3.47 3.01 2.34
C TRP A 28 -2.88 2.97 0.93
N TYR A 29 -3.61 3.49 -0.03
CA TYR A 29 -3.16 3.50 -1.42
C TYR A 29 -2.90 4.94 -1.89
N ALA A 30 -1.64 5.38 -1.76
CA ALA A 30 -1.26 6.71 -2.18
C ALA A 30 -0.78 6.72 -3.62
N GLY A 31 -1.25 5.76 -4.41
CA GLY A 31 -0.86 5.68 -5.81
C GLY A 31 0.61 5.98 -6.01
N PRO A 32 0.92 6.65 -7.12
CA PRO A 32 2.30 7.02 -7.47
C PRO A 32 2.87 8.09 -6.53
N MET A 33 3.46 7.64 -5.42
CA MET A 33 4.04 8.56 -4.45
C MET A 33 5.51 8.22 -4.19
N GLU A 34 6.33 9.25 -4.03
CA GLU A 34 7.76 9.06 -3.78
C GLU A 34 8.03 8.92 -2.29
N ARG A 35 9.25 8.52 -1.95
CA ARG A 35 9.64 8.35 -0.56
C ARG A 35 9.39 9.62 0.24
N ALA A 36 9.94 10.73 -0.24
CA ALA A 36 9.77 12.02 0.43
C ALA A 36 8.34 12.21 0.90
N GLY A 37 7.41 12.21 -0.05
CA GLY A 37 6.00 12.39 0.29
C GLY A 37 5.59 11.57 1.49
N ALA A 38 5.87 10.27 1.45
CA ALA A 38 5.54 9.37 2.55
C ALA A 38 6.24 9.79 3.83
N GLU A 39 7.51 10.17 3.71
CA GLU A 39 8.30 10.58 4.87
C GLU A 39 7.77 11.89 5.45
N SER A 40 7.14 12.69 4.59
CA SER A 40 6.60 13.98 5.02
C SER A 40 5.13 13.84 5.42
N ILE A 41 4.50 12.76 4.96
CA ILE A 41 3.09 12.51 5.27
C ILE A 41 2.95 11.80 6.62
N LEU A 42 3.62 10.67 6.76
CA LEU A 42 3.56 9.90 8.00
C LEU A 42 4.40 10.56 9.08
N ALA A 43 5.26 11.50 8.68
CA ALA A 43 6.12 12.21 9.62
C ALA A 43 5.30 12.79 10.77
N ASN A 44 4.17 13.41 10.44
CA ASN A 44 3.30 14.01 11.44
C ASN A 44 2.27 13.01 11.95
N ARG A 45 1.88 12.08 11.07
CA ARG A 45 0.89 11.07 11.43
C ARG A 45 1.24 10.43 12.77
N SER A 46 0.35 9.57 13.25
CA SER A 46 0.55 8.90 14.52
C SER A 46 1.22 7.54 14.31
N ASP A 47 2.24 7.26 15.13
CA ASP A 47 2.96 6.00 15.04
C ASP A 47 2.01 4.85 14.70
N GLY A 48 2.24 4.22 13.55
CA GLY A 48 1.40 3.11 13.13
C GLY A 48 0.72 3.38 11.80
N THR A 49 0.62 4.65 11.43
CA THR A 49 -0.01 5.03 10.18
C THR A 49 0.76 4.51 8.98
N PHE A 50 0.28 3.42 8.38
CA PHE A 50 0.93 2.82 7.23
C PHE A 50 0.37 3.39 5.93
N LEU A 51 1.19 3.40 4.89
CA LEU A 51 0.78 3.91 3.59
C LEU A 51 1.51 3.20 2.46
N VAL A 52 0.77 2.76 1.45
CA VAL A 52 1.34 2.07 0.32
C VAL A 52 1.50 3.00 -0.88
N ARG A 53 2.61 2.86 -1.60
CA ARG A 53 2.87 3.69 -2.77
C ARG A 53 3.65 2.90 -3.83
N GLN A 54 3.73 3.48 -5.03
CA GLN A 54 4.45 2.83 -6.12
C GLN A 54 5.60 3.71 -6.61
N ARG A 55 6.42 3.16 -7.50
CA ARG A 55 7.56 3.89 -8.05
C ARG A 55 7.11 4.83 -9.16
N VAL A 56 6.00 5.52 -8.94
CA VAL A 56 5.47 6.45 -9.94
C VAL A 56 5.67 5.91 -11.35
N LYS A 57 5.18 4.71 -11.60
CA LYS A 57 5.30 4.08 -12.91
C LYS A 57 4.27 2.97 -13.08
N ASP A 58 3.77 2.80 -14.30
CA ASP A 58 2.78 1.78 -14.59
C ASP A 58 3.02 0.54 -13.73
N ALA A 59 2.05 0.21 -12.89
CA ALA A 59 2.15 -0.95 -12.02
C ALA A 59 3.57 -1.13 -11.51
N ALA A 60 4.19 -0.03 -11.07
CA ALA A 60 5.55 -0.08 -10.57
C ALA A 60 5.62 -0.85 -9.25
N GLU A 61 6.84 -1.16 -8.81
CA GLU A 61 7.05 -1.90 -7.57
C GLU A 61 6.47 -1.13 -6.38
N PHE A 62 5.39 -1.65 -5.81
CA PHE A 62 4.75 -1.02 -4.67
C PHE A 62 5.64 -1.09 -3.44
N ALA A 63 5.30 -0.29 -2.43
CA ALA A 63 6.06 -0.27 -1.18
C ALA A 63 5.19 0.17 -0.01
N ILE A 64 5.39 -0.46 1.13
CA ILE A 64 4.62 -0.14 2.33
C ILE A 64 5.46 0.68 3.31
N SER A 65 5.03 1.92 3.54
CA SER A 65 5.74 2.81 4.46
C SER A 65 4.83 3.25 5.61
N ILE A 66 5.32 3.10 6.83
CA ILE A 66 4.56 3.47 8.02
C ILE A 66 5.45 4.15 9.06
N LYS A 67 4.82 4.85 9.99
CA LYS A 67 5.56 5.55 11.05
C LYS A 67 5.85 4.61 12.21
N TYR A 68 7.13 4.36 12.46
CA TYR A 68 7.53 3.48 13.55
C TYR A 68 8.82 3.98 14.21
N ASN A 69 8.90 3.84 15.52
CA ASN A 69 10.08 4.28 16.27
C ASN A 69 10.44 5.73 15.92
N VAL A 70 9.42 6.53 15.64
CA VAL A 70 9.63 7.93 15.28
C VAL A 70 10.38 8.06 13.97
N GLU A 71 10.27 7.04 13.12
CA GLU A 71 10.94 7.04 11.83
C GLU A 71 10.06 6.40 10.76
N VAL A 72 10.04 7.01 9.58
CA VAL A 72 9.23 6.49 8.47
C VAL A 72 9.93 5.32 7.78
N LYS A 73 9.52 4.11 8.13
CA LYS A 73 10.10 2.91 7.55
C LYS A 73 9.45 2.60 6.20
N HIS A 74 10.16 1.85 5.37
CA HIS A 74 9.65 1.48 4.06
C HIS A 74 9.83 -0.02 3.84
N ILE A 75 8.92 -0.58 3.05
CA ILE A 75 8.96 -2.00 2.73
C ILE A 75 8.77 -2.25 1.24
N LYS A 76 9.69 -3.01 0.64
CA LYS A 76 9.62 -3.31 -0.78
C LYS A 76 8.58 -4.40 -1.05
N ILE A 77 7.77 -4.19 -2.07
CA ILE A 77 6.73 -5.16 -2.44
C ILE A 77 7.06 -5.84 -3.76
N MET A 78 7.03 -7.17 -3.76
CA MET A 78 7.32 -7.95 -4.96
C MET A 78 6.05 -8.54 -5.54
N THR A 79 6.09 -8.86 -6.84
CA THR A 79 4.94 -9.43 -7.51
C THR A 79 5.32 -10.69 -8.29
N ALA A 80 4.44 -11.68 -8.27
CA ALA A 80 4.69 -12.93 -8.97
C ALA A 80 3.38 -13.69 -9.23
N GLU A 81 3.13 -14.02 -10.49
CA GLU A 81 1.92 -14.73 -10.87
C GLU A 81 0.68 -13.88 -10.62
N GLY A 82 0.86 -12.56 -10.62
CA GLY A 82 -0.25 -11.66 -10.39
C GLY A 82 -0.54 -11.46 -8.92
N LEU A 83 0.43 -11.78 -8.08
CA LEU A 83 0.27 -11.64 -6.64
C LEU A 83 1.16 -10.53 -6.09
N TYR A 84 0.93 -10.15 -4.84
CA TYR A 84 1.71 -9.09 -4.20
C TYR A 84 2.23 -9.55 -2.85
N ARG A 85 3.55 -9.49 -2.67
CA ARG A 85 4.17 -9.90 -1.43
C ARG A 85 5.59 -9.35 -1.32
N ILE A 86 5.89 -8.72 -0.20
CA ILE A 86 7.21 -8.14 0.03
C ILE A 86 8.27 -9.23 0.18
N THR A 87 7.82 -10.42 0.57
CA THR A 87 8.73 -11.55 0.77
C THR A 87 8.18 -12.80 0.10
N GLU A 88 9.09 -13.67 -0.35
CA GLU A 88 8.70 -14.91 -1.01
C GLU A 88 8.27 -15.96 0.02
N LYS A 89 7.42 -15.55 0.94
CA LYS A 89 6.92 -16.44 1.99
C LYS A 89 5.46 -16.79 1.76
N LYS A 90 4.66 -15.76 1.45
CA LYS A 90 3.23 -15.96 1.20
C LYS A 90 2.67 -14.85 0.31
N ALA A 91 2.21 -15.24 -0.87
CA ALA A 91 1.65 -14.28 -1.81
C ALA A 91 0.13 -14.16 -1.66
N PHE A 92 -0.41 -13.03 -2.05
CA PHE A 92 -1.85 -12.79 -1.95
C PHE A 92 -2.41 -12.27 -3.27
N ARG A 93 -3.72 -12.42 -3.45
CA ARG A 93 -4.37 -11.98 -4.67
C ARG A 93 -4.05 -10.52 -4.96
N GLY A 94 -4.05 -9.70 -3.92
CA GLY A 94 -3.75 -8.28 -4.07
C GLY A 94 -3.33 -7.63 -2.77
N LEU A 95 -2.95 -6.36 -2.84
CA LEU A 95 -2.53 -5.62 -1.66
C LEU A 95 -3.51 -5.80 -0.52
N THR A 96 -4.76 -5.41 -0.76
CA THR A 96 -5.81 -5.53 0.26
C THR A 96 -5.57 -6.75 1.14
N GLU A 97 -5.19 -7.87 0.52
CA GLU A 97 -4.94 -9.10 1.26
C GLU A 97 -3.56 -9.07 1.90
N LEU A 98 -2.53 -8.90 1.08
CA LEU A 98 -1.16 -8.86 1.58
C LEU A 98 -1.06 -8.02 2.85
N VAL A 99 -1.72 -6.86 2.83
CA VAL A 99 -1.70 -5.96 3.98
C VAL A 99 -2.50 -6.55 5.14
N GLU A 100 -3.67 -7.10 4.83
CA GLU A 100 -4.53 -7.69 5.85
C GLU A 100 -3.75 -8.72 6.67
N PHE A 101 -3.00 -9.57 5.99
CA PHE A 101 -2.21 -10.61 6.65
C PHE A 101 -1.17 -9.99 7.58
N TYR A 102 -0.59 -8.88 7.15
CA TYR A 102 0.42 -8.19 7.94
C TYR A 102 -0.21 -7.38 9.07
N GLN A 103 -1.50 -7.09 8.92
CA GLN A 103 -2.24 -6.33 9.92
C GLN A 103 -2.40 -7.14 11.21
N GLN A 104 -2.26 -8.46 11.09
CA GLN A 104 -2.39 -9.33 12.25
C GLN A 104 -1.03 -9.87 12.68
N ASN A 105 -0.08 -9.90 11.74
CA ASN A 105 1.26 -10.39 12.02
C ASN A 105 2.29 -9.29 11.81
N SER A 106 3.28 -9.24 12.69
CA SER A 106 4.33 -8.23 12.60
C SER A 106 5.20 -8.47 11.38
N LEU A 107 5.72 -7.38 10.81
CA LEU A 107 6.57 -7.46 9.62
C LEU A 107 7.93 -8.03 9.97
N LYS A 108 8.21 -8.15 11.27
CA LYS A 108 9.48 -8.68 11.75
C LYS A 108 9.91 -9.89 10.92
N ASP A 109 8.96 -10.78 10.64
CA ASP A 109 9.24 -11.97 9.86
C ASP A 109 10.08 -11.64 8.63
N CYS A 110 9.64 -10.63 7.88
CA CYS A 110 10.35 -10.21 6.68
C CYS A 110 11.50 -9.27 7.03
N PHE A 111 11.28 -8.42 8.02
CA PHE A 111 12.30 -7.47 8.45
C PHE A 111 12.42 -7.43 9.97
N LYS A 112 13.23 -8.32 10.52
CA LYS A 112 13.43 -8.40 11.96
C LYS A 112 13.56 -7.00 12.56
N SER A 113 14.38 -6.17 11.93
CA SER A 113 14.60 -4.80 12.40
C SER A 113 13.28 -4.05 12.50
N LEU A 114 12.36 -4.36 11.60
CA LEU A 114 11.06 -3.70 11.58
C LEU A 114 9.98 -4.60 12.18
N ASP A 115 9.75 -4.46 13.48
CA ASP A 115 8.75 -5.26 14.16
C ASP A 115 7.48 -4.45 14.41
N THR A 116 6.71 -4.23 13.34
CA THR A 116 5.47 -3.47 13.44
C THR A 116 4.37 -4.12 12.60
N THR A 117 3.19 -3.51 12.61
CA THR A 117 2.06 -4.02 11.86
C THR A 117 1.24 -2.88 11.26
N LEU A 118 0.54 -3.18 10.17
CA LEU A 118 -0.29 -2.17 9.49
C LEU A 118 -1.41 -1.71 10.41
N GLN A 119 -1.14 -0.69 11.21
CA GLN A 119 -2.13 -0.13 12.13
C GLN A 119 -3.29 0.51 11.36
N PHE A 120 -3.03 1.67 10.78
CA PHE A 120 -4.05 2.38 10.02
C PHE A 120 -3.43 3.09 8.81
N PRO A 121 -4.26 3.32 7.78
CA PRO A 121 -3.81 3.99 6.55
C PRO A 121 -3.52 5.47 6.77
N PHE A 122 -2.81 6.08 5.83
CA PHE A 122 -2.45 7.49 5.92
C PHE A 122 -3.64 8.37 5.54
N LYS A 123 -4.37 7.96 4.51
CA LYS A 123 -5.53 8.70 4.05
C LYS A 123 -6.62 8.76 5.13
N GLU A 124 -6.60 7.77 6.01
CA GLU A 124 -7.59 7.70 7.09
C GLU A 124 -7.99 9.10 7.56
N PRO A 125 -9.29 9.32 7.71
CA PRO A 125 -9.83 10.62 8.14
C PRO A 125 -9.53 10.91 9.60
N GLU A 126 -9.43 12.19 9.94
CA GLU A 126 -9.14 12.59 11.31
C GLU A 126 -9.90 11.74 12.31
N LYS A 127 -9.49 11.80 13.57
CA LYS A 127 -10.14 11.02 14.63
C LYS A 127 -11.62 10.86 14.34
N ARG A 128 -12.32 11.97 14.13
CA ARG A 128 -13.75 11.95 13.84
C ARG A 128 -14.08 10.88 12.81
N THR A 129 -14.64 9.77 13.28
CA THR A 129 -15.01 8.67 12.40
C THR A 129 -15.95 7.70 13.09
N ILE A 130 -16.65 6.88 12.30
CA ILE A 130 -17.58 5.91 12.85
C ILE A 130 -16.85 4.75 13.51
N SER A 131 -17.59 3.94 14.28
CA SER A 131 -17.00 2.80 14.96
C SER A 131 -17.44 1.50 14.31
N ARG A 132 -16.49 0.58 14.14
CA ARG A 132 -16.78 -0.71 13.52
C ARG A 132 -16.98 -1.79 14.59
N SER A 133 -18.20 -1.89 15.11
CA SER A 133 -18.51 -2.87 16.13
C SER A 133 -19.91 -3.43 15.93
N GLY A 134 -20.05 -4.74 16.16
CA GLY A 134 -21.35 -5.38 15.99
C GLY A 134 -21.24 -6.89 15.95
N PRO A 135 -20.94 -7.51 17.09
CA PRO A 135 -20.79 -8.97 17.19
C PRO A 135 -22.12 -9.69 17.05
N SER A 136 -22.27 -10.45 15.98
CA SER A 136 -23.50 -11.20 15.72
C SER A 136 -23.67 -12.32 16.74
N SER A 137 -24.30 -11.99 17.87
CA SER A 137 -24.54 -12.97 18.92
C SER A 137 -26.00 -13.41 18.95
N GLY A 138 -26.26 -14.53 19.60
CA GLY A 138 -27.61 -15.05 19.69
C GLY A 138 -28.65 -13.94 19.76
N GLY A 1 -37.97 39.36 -3.41
CA GLY A 1 -36.60 39.01 -3.08
C GLY A 1 -36.22 37.65 -3.62
N SER A 2 -35.11 37.10 -3.13
CA SER A 2 -34.62 35.80 -3.58
C SER A 2 -34.24 34.92 -2.40
N SER A 3 -34.23 33.61 -2.62
CA SER A 3 -33.87 32.66 -1.58
C SER A 3 -33.73 31.25 -2.14
N GLY A 4 -32.58 30.64 -1.90
CA GLY A 4 -32.35 29.30 -2.39
C GLY A 4 -31.04 28.70 -1.87
N SER A 5 -30.83 27.42 -2.14
CA SER A 5 -29.63 26.74 -1.70
C SER A 5 -28.82 26.21 -2.89
N SER A 6 -27.55 25.90 -2.65
CA SER A 6 -26.68 25.38 -3.69
C SER A 6 -26.37 23.91 -3.47
N GLY A 7 -26.15 23.19 -4.56
CA GLY A 7 -25.84 21.77 -4.47
C GLY A 7 -26.09 21.04 -5.77
N LYS A 8 -25.06 20.38 -6.29
CA LYS A 8 -25.17 19.64 -7.53
C LYS A 8 -24.50 18.27 -7.42
N ALA A 9 -25.30 17.21 -7.44
CA ALA A 9 -24.78 15.85 -7.35
C ALA A 9 -24.72 15.19 -8.72
N GLU A 10 -23.52 15.11 -9.27
CA GLU A 10 -23.32 14.50 -10.59
C GLU A 10 -22.24 13.43 -10.53
N ALA A 11 -22.44 12.35 -11.29
CA ALA A 11 -21.49 11.26 -11.34
C ALA A 11 -20.46 11.46 -12.46
N GLU A 12 -19.31 10.80 -12.32
CA GLU A 12 -18.26 10.90 -13.33
C GLU A 12 -17.92 9.54 -13.90
N GLN A 13 -17.98 9.43 -15.23
CA GLN A 13 -17.69 8.17 -15.91
C GLN A 13 -16.78 8.41 -17.11
N ASN A 14 -15.73 7.60 -17.22
CA ASN A 14 -14.79 7.72 -18.32
C ASN A 14 -14.83 6.47 -19.21
N TRP A 15 -14.78 6.70 -20.52
CA TRP A 15 -14.82 5.60 -21.47
C TRP A 15 -13.44 4.95 -21.61
N TRP A 16 -12.80 4.71 -20.47
CA TRP A 16 -11.48 4.09 -20.46
C TRP A 16 -11.54 2.67 -19.91
N GLU A 17 -10.64 1.81 -20.38
CA GLU A 17 -10.60 0.43 -19.93
C GLU A 17 -9.89 0.31 -18.59
N GLY A 18 -10.21 1.22 -17.67
CA GLY A 18 -9.60 1.20 -16.36
C GLY A 18 -9.35 -0.21 -15.85
N PRO A 19 -8.25 -0.40 -15.10
CA PRO A 19 -7.88 -1.70 -14.54
C PRO A 19 -8.83 -2.14 -13.43
N PRO A 20 -9.03 -3.45 -13.32
CA PRO A 20 -9.91 -4.04 -12.29
C PRO A 20 -9.33 -3.91 -10.89
N GLN A 21 -9.91 -4.64 -9.94
CA GLN A 21 -9.45 -4.61 -8.57
C GLN A 21 -8.86 -3.24 -8.22
N ASP A 22 -9.65 -2.19 -8.43
CA ASP A 22 -9.22 -0.83 -8.14
C ASP A 22 -8.65 -0.74 -6.73
N LEU A 23 -7.36 -0.42 -6.64
CA LEU A 23 -6.69 -0.29 -5.35
C LEU A 23 -6.85 1.12 -4.78
N SER A 24 -7.14 2.08 -5.67
CA SER A 24 -7.31 3.46 -5.26
C SER A 24 -8.44 3.60 -4.25
N VAL A 25 -9.44 2.71 -4.36
CA VAL A 25 -10.58 2.72 -3.47
C VAL A 25 -10.14 2.60 -2.01
N HIS A 26 -8.92 2.11 -1.81
CA HIS A 26 -8.39 1.94 -0.46
C HIS A 26 -7.84 3.27 0.08
N LEU A 27 -7.56 3.30 1.37
CA LEU A 27 -7.04 4.51 2.01
C LEU A 27 -5.52 4.49 2.04
N TRP A 28 -4.94 3.30 2.17
CA TRP A 28 -3.49 3.15 2.21
C TRP A 28 -2.91 3.12 0.80
N TYR A 29 -3.69 3.58 -0.17
CA TYR A 29 -3.25 3.60 -1.56
C TYR A 29 -3.01 5.03 -2.03
N ALA A 30 -1.74 5.46 -1.97
CA ALA A 30 -1.37 6.80 -2.40
C ALA A 30 -0.81 6.79 -3.81
N GLY A 31 -1.29 5.86 -4.64
CA GLY A 31 -0.81 5.77 -6.00
C GLY A 31 0.67 6.03 -6.13
N PRO A 32 1.07 6.67 -7.24
CA PRO A 32 2.49 6.99 -7.49
C PRO A 32 3.01 8.07 -6.56
N MET A 33 3.52 7.64 -5.40
CA MET A 33 4.06 8.57 -4.41
C MET A 33 5.55 8.33 -4.21
N GLU A 34 6.30 9.42 -4.00
CA GLU A 34 7.73 9.32 -3.79
C GLU A 34 8.06 9.15 -2.31
N ARG A 35 9.25 8.64 -2.02
CA ARG A 35 9.68 8.43 -0.65
C ARG A 35 9.42 9.66 0.20
N ALA A 36 9.91 10.81 -0.26
CA ALA A 36 9.74 12.07 0.45
C ALA A 36 8.30 12.23 0.92
N GLY A 37 7.37 12.17 -0.03
CA GLY A 37 5.96 12.31 0.31
C GLY A 37 5.55 11.45 1.48
N ALA A 38 5.88 10.17 1.42
CA ALA A 38 5.54 9.24 2.49
C ALA A 38 6.25 9.61 3.79
N GLU A 39 7.50 10.07 3.66
CA GLU A 39 8.28 10.46 4.82
C GLU A 39 7.77 11.77 5.42
N SER A 40 7.15 12.59 4.57
CA SER A 40 6.62 13.88 5.00
C SER A 40 5.16 13.75 5.42
N ILE A 41 4.49 12.73 4.90
CA ILE A 41 3.09 12.49 5.21
C ILE A 41 2.94 11.81 6.57
N LEU A 42 3.56 10.65 6.72
CA LEU A 42 3.50 9.90 7.97
C LEU A 42 4.34 10.58 9.05
N ALA A 43 5.12 11.57 8.65
CA ALA A 43 5.97 12.29 9.59
C ALA A 43 5.17 12.81 10.77
N ASN A 44 4.10 13.55 10.48
CA ASN A 44 3.25 14.11 11.52
C ASN A 44 2.25 13.06 12.01
N ARG A 45 1.83 12.19 11.12
CA ARG A 45 0.88 11.14 11.46
C ARG A 45 1.25 10.46 12.78
N SER A 46 0.34 9.66 13.31
CA SER A 46 0.58 8.96 14.56
C SER A 46 1.28 7.63 14.31
N ASP A 47 2.33 7.36 15.10
CA ASP A 47 3.09 6.13 14.96
C ASP A 47 2.17 4.95 14.65
N GLY A 48 2.41 4.29 13.52
CA GLY A 48 1.59 3.16 13.13
C GLY A 48 0.86 3.40 11.83
N THR A 49 0.73 4.66 11.44
CA THR A 49 0.05 5.02 10.21
C THR A 49 0.81 4.50 8.99
N PHE A 50 0.36 3.39 8.43
CA PHE A 50 0.99 2.79 7.27
C PHE A 50 0.44 3.39 5.98
N LEU A 51 1.26 3.40 4.94
CA LEU A 51 0.86 3.94 3.65
C LEU A 51 1.56 3.22 2.50
N VAL A 52 0.78 2.78 1.52
CA VAL A 52 1.32 2.08 0.37
C VAL A 52 1.51 3.03 -0.81
N ARG A 53 2.69 2.96 -1.43
CA ARG A 53 3.00 3.81 -2.57
C ARG A 53 3.69 3.02 -3.67
N GLN A 54 3.71 3.57 -4.88
CA GLN A 54 4.32 2.91 -6.02
C GLN A 54 5.21 3.88 -6.80
N ARG A 55 6.51 3.83 -6.53
CA ARG A 55 7.47 4.70 -7.20
C ARG A 55 7.02 5.00 -8.63
N VAL A 56 7.34 6.19 -9.11
CA VAL A 56 6.96 6.60 -10.47
C VAL A 56 7.84 5.90 -11.50
N LYS A 57 7.49 4.65 -11.82
CA LYS A 57 8.24 3.88 -12.81
C LYS A 57 7.41 2.70 -13.32
N ASP A 58 7.86 2.10 -14.40
CA ASP A 58 7.17 0.95 -14.99
C ASP A 58 6.78 -0.05 -13.91
N ALA A 59 5.51 -0.03 -13.51
CA ALA A 59 5.01 -0.94 -12.48
C ALA A 59 5.93 -0.94 -11.27
N ALA A 60 6.60 0.16 -11.03
CA ALA A 60 7.51 0.28 -9.90
C ALA A 60 7.03 -0.55 -8.72
N GLU A 61 7.71 -1.66 -8.46
CA GLU A 61 7.34 -2.55 -7.37
C GLU A 61 6.79 -1.75 -6.18
N PHE A 62 5.53 -2.01 -5.85
CA PHE A 62 4.87 -1.32 -4.74
C PHE A 62 5.72 -1.39 -3.48
N ALA A 63 5.39 -0.56 -2.50
CA ALA A 63 6.12 -0.53 -1.23
C ALA A 63 5.25 0.01 -0.11
N ILE A 64 5.42 -0.56 1.08
CA ILE A 64 4.65 -0.13 2.25
C ILE A 64 5.51 0.67 3.21
N SER A 65 5.06 1.88 3.54
CA SER A 65 5.79 2.75 4.45
C SER A 65 4.88 3.22 5.59
N ILE A 66 5.35 3.05 6.82
CA ILE A 66 4.60 3.47 7.99
C ILE A 66 5.48 4.19 8.99
N LYS A 67 4.85 4.82 9.98
CA LYS A 67 5.58 5.56 11.01
C LYS A 67 5.91 4.64 12.18
N TYR A 68 7.21 4.44 12.41
CA TYR A 68 7.66 3.58 13.50
C TYR A 68 8.97 4.12 14.10
N ASN A 69 9.07 4.06 15.43
CA ASN A 69 10.25 4.53 16.13
C ASN A 69 10.61 5.95 15.69
N VAL A 70 9.59 6.74 15.37
CA VAL A 70 9.79 8.11 14.95
C VAL A 70 10.55 8.18 13.63
N GLU A 71 10.45 7.11 12.85
CA GLU A 71 11.14 7.04 11.56
C GLU A 71 10.26 6.38 10.51
N VAL A 72 10.10 7.04 9.36
CA VAL A 72 9.29 6.50 8.28
C VAL A 72 9.99 5.36 7.58
N LYS A 73 9.61 4.13 7.94
CA LYS A 73 10.19 2.94 7.33
C LYS A 73 9.52 2.61 6.00
N HIS A 74 10.24 1.88 5.15
CA HIS A 74 9.70 1.52 3.85
C HIS A 74 9.95 0.02 3.61
N ILE A 75 8.95 -0.63 3.04
CA ILE A 75 9.03 -2.05 2.73
C ILE A 75 8.73 -2.32 1.26
N LYS A 76 9.63 -3.04 0.60
CA LYS A 76 9.46 -3.36 -0.81
C LYS A 76 8.43 -4.46 -1.00
N ILE A 77 7.58 -4.31 -2.01
CA ILE A 77 6.54 -5.28 -2.29
C ILE A 77 6.83 -6.03 -3.59
N MET A 78 7.26 -7.28 -3.47
CA MET A 78 7.56 -8.11 -4.63
C MET A 78 6.29 -8.64 -5.27
N THR A 79 6.23 -8.62 -6.60
CA THR A 79 5.07 -9.10 -7.33
C THR A 79 5.44 -10.29 -8.22
N ALA A 80 4.55 -11.27 -8.26
CA ALA A 80 4.77 -12.46 -9.08
C ALA A 80 3.46 -13.18 -9.37
N GLU A 81 3.23 -13.46 -10.65
CA GLU A 81 2.00 -14.14 -11.08
C GLU A 81 0.77 -13.28 -10.79
N GLY A 82 0.98 -11.96 -10.73
CA GLY A 82 -0.12 -11.05 -10.46
C GLY A 82 -0.43 -10.94 -8.97
N LEU A 83 0.51 -11.38 -8.14
CA LEU A 83 0.34 -11.32 -6.70
C LEU A 83 1.21 -10.22 -6.09
N TYR A 84 0.93 -9.88 -4.84
CA TYR A 84 1.69 -8.84 -4.14
C TYR A 84 2.18 -9.35 -2.79
N ARG A 85 3.50 -9.32 -2.61
CA ARG A 85 4.11 -9.78 -1.37
C ARG A 85 5.53 -9.24 -1.22
N ILE A 86 5.84 -8.69 -0.06
CA ILE A 86 7.15 -8.14 0.20
C ILE A 86 8.18 -9.25 0.42
N THR A 87 7.69 -10.46 0.67
CA THR A 87 8.57 -11.61 0.89
C THR A 87 8.05 -12.84 0.15
N GLU A 88 8.97 -13.65 -0.35
CA GLU A 88 8.61 -14.86 -1.07
C GLU A 88 8.19 -15.97 -0.11
N LYS A 89 7.35 -15.62 0.86
CA LYS A 89 6.88 -16.58 1.84
C LYS A 89 5.39 -16.84 1.67
N LYS A 90 4.63 -15.79 1.36
CA LYS A 90 3.20 -15.91 1.17
C LYS A 90 2.67 -14.78 0.28
N ALA A 91 2.19 -15.15 -0.91
CA ALA A 91 1.66 -14.18 -1.85
C ALA A 91 0.15 -14.06 -1.72
N PHE A 92 -0.39 -12.90 -2.10
CA PHE A 92 -1.83 -12.66 -2.03
C PHE A 92 -2.36 -12.17 -3.37
N ARG A 93 -3.66 -12.28 -3.56
CA ARG A 93 -4.31 -11.85 -4.79
C ARG A 93 -4.04 -10.37 -5.05
N GLY A 94 -4.09 -9.57 -3.99
CA GLY A 94 -3.86 -8.15 -4.11
C GLY A 94 -3.41 -7.50 -2.81
N LEU A 95 -3.05 -6.24 -2.86
CA LEU A 95 -2.59 -5.51 -1.68
C LEU A 95 -3.56 -5.72 -0.52
N THR A 96 -4.80 -5.28 -0.71
CA THR A 96 -5.81 -5.42 0.33
C THR A 96 -5.61 -6.69 1.15
N GLU A 97 -5.34 -7.80 0.45
CA GLU A 97 -5.12 -9.07 1.11
C GLU A 97 -3.76 -9.12 1.79
N LEU A 98 -2.71 -8.88 1.00
CA LEU A 98 -1.35 -8.88 1.52
C LEU A 98 -1.27 -8.11 2.84
N VAL A 99 -1.80 -6.90 2.84
CA VAL A 99 -1.79 -6.06 4.03
C VAL A 99 -2.58 -6.72 5.17
N GLU A 100 -3.74 -7.25 4.84
CA GLU A 100 -4.59 -7.91 5.84
C GLU A 100 -3.78 -8.87 6.68
N PHE A 101 -2.98 -9.70 6.02
CA PHE A 101 -2.14 -10.68 6.72
C PHE A 101 -1.15 -9.99 7.65
N TYR A 102 -0.45 -8.99 7.12
CA TYR A 102 0.53 -8.25 7.90
C TYR A 102 -0.15 -7.43 8.99
N GLN A 103 -1.43 -7.17 8.81
CA GLN A 103 -2.20 -6.40 9.78
C GLN A 103 -2.41 -7.17 11.07
N GLN A 104 -2.09 -8.47 11.03
CA GLN A 104 -2.24 -9.33 12.19
C GLN A 104 -0.88 -9.85 12.66
N ASN A 105 0.10 -9.85 11.76
CA ASN A 105 1.44 -10.31 12.09
C ASN A 105 2.46 -9.20 11.92
N SER A 106 3.52 -9.24 12.72
CA SER A 106 4.56 -8.24 12.66
C SER A 106 5.46 -8.44 11.44
N LEU A 107 5.82 -7.35 10.79
CA LEU A 107 6.67 -7.42 9.60
C LEU A 107 8.04 -7.99 9.95
N LYS A 108 8.34 -8.06 11.24
CA LYS A 108 9.62 -8.59 11.70
C LYS A 108 10.02 -9.83 10.90
N ASP A 109 9.03 -10.64 10.55
CA ASP A 109 9.28 -11.85 9.79
C ASP A 109 10.13 -11.56 8.56
N CYS A 110 9.77 -10.50 7.85
CA CYS A 110 10.50 -10.11 6.64
C CYS A 110 11.70 -9.23 7.00
N PHE A 111 11.51 -8.35 7.97
CA PHE A 111 12.58 -7.45 8.40
C PHE A 111 12.67 -7.39 9.92
N LYS A 112 13.41 -8.32 10.50
CA LYS A 112 13.57 -8.37 11.95
C LYS A 112 13.56 -6.97 12.55
N SER A 113 14.56 -6.17 12.20
CA SER A 113 14.66 -4.81 12.71
C SER A 113 13.29 -4.14 12.75
N LEU A 114 12.49 -4.38 11.72
CA LEU A 114 11.15 -3.80 11.64
C LEU A 114 10.11 -4.75 12.25
N ASP A 115 9.77 -4.51 13.51
CA ASP A 115 8.78 -5.34 14.20
C ASP A 115 7.50 -4.55 14.46
N THR A 116 6.81 -4.18 13.38
CA THR A 116 5.57 -3.42 13.50
C THR A 116 4.46 -4.08 12.69
N THR A 117 3.29 -3.42 12.65
CA THR A 117 2.15 -3.93 11.92
C THR A 117 1.35 -2.80 11.27
N LEU A 118 0.57 -3.14 10.26
CA LEU A 118 -0.25 -2.14 9.55
C LEU A 118 -1.38 -1.66 10.45
N GLN A 119 -1.12 -0.61 11.22
CA GLN A 119 -2.12 -0.04 12.11
C GLN A 119 -3.25 0.60 11.32
N PHE A 120 -2.98 1.76 10.74
CA PHE A 120 -3.98 2.47 9.95
C PHE A 120 -3.35 3.14 8.73
N PRO A 121 -4.16 3.37 7.70
CA PRO A 121 -3.71 4.00 6.45
C PRO A 121 -3.36 5.47 6.65
N PHE A 122 -2.74 6.06 5.63
CA PHE A 122 -2.36 7.47 5.68
C PHE A 122 -3.54 8.37 5.36
N LYS A 123 -4.37 7.94 4.41
CA LYS A 123 -5.54 8.71 4.00
C LYS A 123 -6.57 8.76 5.13
N GLU A 124 -6.52 7.76 6.01
CA GLU A 124 -7.46 7.70 7.13
C GLU A 124 -7.83 9.10 7.61
N PRO A 125 -9.15 9.35 7.70
CA PRO A 125 -9.67 10.65 8.16
C PRO A 125 -9.40 10.89 9.64
N GLU A 126 -9.25 12.16 10.00
CA GLU A 126 -9.00 12.53 11.39
C GLU A 126 -10.07 11.95 12.31
N LYS A 127 -11.15 11.48 11.72
CA LYS A 127 -12.25 10.90 12.49
C LYS A 127 -11.72 10.15 13.71
N ARG A 128 -11.87 10.76 14.88
CA ARG A 128 -11.42 10.15 16.12
C ARG A 128 -12.17 8.86 16.41
N THR A 129 -11.50 7.73 16.20
CA THR A 129 -12.10 6.43 16.43
C THR A 129 -11.27 5.60 17.40
N ILE A 130 -11.68 5.59 18.67
CA ILE A 130 -10.97 4.84 19.69
C ILE A 130 -10.86 3.36 19.31
N SER A 131 -11.96 2.82 18.78
CA SER A 131 -11.99 1.43 18.37
C SER A 131 -12.47 1.28 16.94
N ARG A 132 -11.53 1.26 16.00
CA ARG A 132 -11.85 1.14 14.58
C ARG A 132 -12.12 -0.33 14.21
N SER A 133 -12.24 -1.17 15.23
CA SER A 133 -12.50 -2.59 15.02
C SER A 133 -13.95 -2.83 14.62
N GLY A 134 -14.15 -3.48 13.48
CA GLY A 134 -15.49 -3.76 13.01
C GLY A 134 -15.59 -3.74 11.49
N PRO A 135 -16.78 -4.07 10.97
CA PRO A 135 -17.03 -4.10 9.54
C PRO A 135 -17.05 -2.71 8.92
N SER A 136 -17.02 -2.64 7.59
CA SER A 136 -17.02 -1.37 6.88
C SER A 136 -18.03 -1.38 5.75
N SER A 137 -18.37 -0.19 5.24
CA SER A 137 -19.33 -0.06 4.15
C SER A 137 -18.65 -0.29 2.81
N GLY A 138 -19.25 -1.18 2.01
CA GLY A 138 -18.70 -1.48 0.70
C GLY A 138 -19.29 -2.73 0.09
N GLY A 1 15.77 16.71 -53.29
CA GLY A 1 15.95 17.68 -52.23
C GLY A 1 16.01 17.05 -50.86
N SER A 2 15.26 17.59 -49.91
CA SER A 2 15.25 17.08 -48.56
C SER A 2 14.05 17.62 -47.78
N SER A 3 13.42 16.76 -46.98
CA SER A 3 12.26 17.15 -46.18
C SER A 3 12.34 16.54 -44.79
N GLY A 4 11.37 16.90 -43.95
CA GLY A 4 11.33 16.38 -42.59
C GLY A 4 9.94 15.94 -42.17
N SER A 5 9.75 14.64 -42.01
CA SER A 5 8.46 14.10 -41.62
C SER A 5 8.46 13.69 -40.15
N SER A 6 7.28 13.66 -39.55
CA SER A 6 7.16 13.28 -38.14
C SER A 6 6.98 11.78 -37.99
N GLY A 7 6.31 11.16 -38.97
CA GLY A 7 6.09 9.73 -38.93
C GLY A 7 5.75 9.23 -37.55
N LYS A 8 4.53 9.49 -37.11
CA LYS A 8 4.08 9.07 -35.79
C LYS A 8 2.59 9.32 -35.61
N ALA A 9 1.93 8.45 -34.84
CA ALA A 9 0.50 8.59 -34.60
C ALA A 9 0.09 7.85 -33.32
N GLU A 10 -1.13 8.10 -32.86
CA GLU A 10 -1.63 7.46 -31.66
C GLU A 10 -1.96 5.99 -31.92
N ALA A 11 -1.85 5.18 -30.88
CA ALA A 11 -2.15 3.75 -31.00
C ALA A 11 -2.24 3.09 -29.62
N GLU A 12 -3.39 2.48 -29.36
CA GLU A 12 -3.61 1.81 -28.07
C GLU A 12 -3.41 0.30 -28.20
N GLN A 13 -2.29 -0.19 -27.69
CA GLN A 13 -1.98 -1.62 -27.76
C GLN A 13 -1.68 -2.17 -26.37
N ASN A 14 -2.67 -2.12 -25.49
CA ASN A 14 -2.52 -2.61 -24.13
C ASN A 14 -1.81 -3.97 -24.12
N TRP A 15 -1.01 -4.21 -23.09
CA TRP A 15 -0.29 -5.46 -22.97
C TRP A 15 -0.61 -6.15 -21.63
N TRP A 16 -1.86 -6.05 -21.21
CA TRP A 16 -2.30 -6.66 -19.96
C TRP A 16 -3.44 -7.64 -20.21
N GLU A 17 -3.43 -8.75 -19.47
CA GLU A 17 -4.47 -9.76 -19.61
C GLU A 17 -5.85 -9.13 -19.60
N GLY A 18 -6.06 -8.18 -18.69
CA GLY A 18 -7.35 -7.52 -18.59
C GLY A 18 -7.26 -6.18 -17.88
N PRO A 19 -8.41 -5.67 -17.43
CA PRO A 19 -8.48 -4.38 -16.72
C PRO A 19 -7.86 -4.45 -15.33
N PRO A 20 -7.41 -3.30 -14.82
CA PRO A 20 -6.79 -3.20 -13.50
C PRO A 20 -7.78 -3.42 -12.37
N GLN A 21 -7.27 -3.47 -11.14
CA GLN A 21 -8.12 -3.68 -9.97
C GLN A 21 -8.54 -2.35 -9.35
N ASP A 22 -9.28 -2.42 -8.26
CA ASP A 22 -9.75 -1.22 -7.57
C ASP A 22 -9.08 -1.08 -6.20
N LEU A 23 -7.85 -0.58 -6.20
CA LEU A 23 -7.11 -0.40 -4.97
C LEU A 23 -7.19 1.04 -4.48
N SER A 24 -7.49 1.96 -5.40
CA SER A 24 -7.61 3.37 -5.07
C SER A 24 -8.66 3.59 -3.97
N VAL A 25 -9.72 2.79 -4.03
CA VAL A 25 -10.79 2.90 -3.05
C VAL A 25 -10.25 2.74 -1.63
N HIS A 26 -9.09 2.12 -1.51
CA HIS A 26 -8.46 1.91 -0.21
C HIS A 26 -7.91 3.21 0.36
N LEU A 27 -7.65 3.22 1.66
CA LEU A 27 -7.12 4.41 2.32
C LEU A 27 -5.59 4.41 2.29
N TRP A 28 -5.00 3.23 2.39
CA TRP A 28 -3.55 3.10 2.38
C TRP A 28 -3.01 3.15 0.94
N TYR A 29 -3.84 3.62 0.03
CA TYR A 29 -3.45 3.71 -1.38
C TYR A 29 -3.19 5.17 -1.77
N ALA A 30 -1.93 5.57 -1.72
CA ALA A 30 -1.54 6.93 -2.07
C ALA A 30 -1.00 7.00 -3.49
N GLY A 31 -1.55 6.17 -4.37
CA GLY A 31 -1.10 6.15 -5.76
C GLY A 31 0.39 6.41 -5.88
N PRO A 32 0.78 7.06 -6.99
CA PRO A 32 2.19 7.38 -7.26
C PRO A 32 2.72 8.46 -6.32
N MET A 33 3.92 8.24 -5.78
CA MET A 33 4.54 9.19 -4.87
C MET A 33 5.97 8.78 -4.55
N GLU A 34 6.82 9.77 -4.31
CA GLU A 34 8.22 9.50 -3.99
C GLU A 34 8.40 9.22 -2.50
N ARG A 35 9.59 8.79 -2.12
CA ARG A 35 9.89 8.48 -0.73
C ARG A 35 9.71 9.71 0.16
N ALA A 36 10.32 10.82 -0.25
CA ALA A 36 10.22 12.07 0.50
C ALA A 36 8.79 12.31 0.96
N GLY A 37 7.86 12.37 0.02
CA GLY A 37 6.47 12.60 0.36
C GLY A 37 6.00 11.73 1.51
N ALA A 38 6.01 10.42 1.29
CA ALA A 38 5.59 9.47 2.32
C ALA A 38 6.27 9.76 3.66
N GLU A 39 7.56 10.10 3.59
CA GLU A 39 8.33 10.40 4.79
C GLU A 39 7.84 11.69 5.45
N SER A 40 7.19 12.54 4.67
CA SER A 40 6.67 13.81 5.17
C SER A 40 5.20 13.68 5.55
N ILE A 41 4.54 12.66 5.00
CA ILE A 41 3.14 12.43 5.28
C ILE A 41 2.94 11.75 6.63
N LEU A 42 3.66 10.66 6.85
CA LEU A 42 3.58 9.92 8.10
C LEU A 42 4.41 10.60 9.19
N ALA A 43 5.21 11.58 8.79
CA ALA A 43 6.05 12.31 9.73
C ALA A 43 5.25 12.79 10.93
N ASN A 44 4.04 13.27 10.67
CA ASN A 44 3.17 13.77 11.73
C ASN A 44 2.22 12.68 12.21
N ARG A 45 1.91 11.73 11.31
CA ARG A 45 1.02 10.63 11.65
C ARG A 45 1.42 9.98 12.97
N SER A 46 0.63 9.01 13.41
CA SER A 46 0.90 8.31 14.66
C SER A 46 1.69 7.02 14.41
N ASP A 47 2.61 6.72 15.32
CA ASP A 47 3.44 5.53 15.20
C ASP A 47 2.58 4.31 14.84
N GLY A 48 2.61 3.92 13.57
CA GLY A 48 1.84 2.79 13.13
C GLY A 48 1.07 3.07 11.85
N THR A 49 0.89 4.35 11.54
CA THR A 49 0.17 4.76 10.34
C THR A 49 0.89 4.32 9.08
N PHE A 50 0.43 3.22 8.49
CA PHE A 50 1.04 2.70 7.27
C PHE A 50 0.43 3.34 6.02
N LEU A 51 1.17 3.34 4.94
CA LEU A 51 0.71 3.92 3.69
C LEU A 51 1.41 3.29 2.49
N VAL A 52 0.62 2.83 1.52
CA VAL A 52 1.17 2.19 0.32
C VAL A 52 1.30 3.20 -0.81
N ARG A 53 2.49 3.24 -1.42
CA ARG A 53 2.75 4.16 -2.53
C ARG A 53 3.47 3.45 -3.66
N GLN A 54 2.92 3.53 -4.87
CA GLN A 54 3.50 2.90 -6.04
C GLN A 54 4.58 3.80 -6.65
N ARG A 55 5.74 3.21 -6.94
CA ARG A 55 6.84 3.96 -7.53
C ARG A 55 6.37 4.83 -8.68
N VAL A 56 7.25 5.66 -9.20
CA VAL A 56 6.92 6.55 -10.30
C VAL A 56 6.85 5.78 -11.62
N LYS A 57 6.09 4.69 -11.63
CA LYS A 57 5.93 3.87 -12.81
C LYS A 57 4.55 3.24 -12.87
N ASP A 58 4.13 2.84 -14.06
CA ASP A 58 2.82 2.21 -14.24
C ASP A 58 2.56 1.17 -13.16
N ALA A 59 3.19 0.01 -13.30
CA ALA A 59 3.04 -1.08 -12.34
C ALA A 59 4.35 -1.37 -11.61
N ALA A 60 4.99 -0.31 -11.11
CA ALA A 60 6.25 -0.44 -10.39
C ALA A 60 6.10 -1.37 -9.19
N GLU A 61 7.18 -1.54 -8.44
CA GLU A 61 7.17 -2.39 -7.25
C GLU A 61 6.58 -1.66 -6.06
N PHE A 62 5.27 -1.80 -5.86
CA PHE A 62 4.60 -1.15 -4.76
C PHE A 62 5.46 -1.16 -3.50
N ALA A 63 5.18 -0.24 -2.58
CA ALA A 63 5.93 -0.15 -1.33
C ALA A 63 5.03 0.31 -0.19
N ILE A 64 5.18 -0.33 0.96
CA ILE A 64 4.39 0.02 2.14
C ILE A 64 5.23 0.75 3.17
N SER A 65 4.95 2.04 3.35
CA SER A 65 5.67 2.86 4.30
C SER A 65 4.78 3.27 5.46
N ILE A 66 5.30 3.11 6.68
CA ILE A 66 4.54 3.46 7.88
C ILE A 66 5.41 4.23 8.87
N LYS A 67 4.78 4.82 9.87
CA LYS A 67 5.49 5.59 10.89
C LYS A 67 5.91 4.68 12.05
N TYR A 68 7.20 4.41 12.14
CA TYR A 68 7.73 3.56 13.20
C TYR A 68 9.12 4.01 13.63
N ASN A 69 9.49 3.69 14.86
CA ASN A 69 10.80 4.07 15.39
C ASN A 69 11.07 5.55 15.15
N VAL A 70 10.04 6.37 15.26
CA VAL A 70 10.16 7.81 15.06
C VAL A 70 10.72 8.12 13.67
N GLU A 71 10.49 7.20 12.73
CA GLU A 71 10.96 7.37 11.36
C GLU A 71 10.01 6.70 10.37
N VAL A 72 9.95 7.25 9.16
CA VAL A 72 9.08 6.71 8.12
C VAL A 72 9.77 5.59 7.35
N LYS A 73 9.56 4.35 7.79
CA LYS A 73 10.16 3.19 7.15
C LYS A 73 9.34 2.77 5.93
N HIS A 74 10.02 2.14 4.96
CA HIS A 74 9.35 1.69 3.76
C HIS A 74 9.52 0.18 3.61
N ILE A 75 8.55 -0.43 2.94
CA ILE A 75 8.57 -1.88 2.71
C ILE A 75 8.47 -2.20 1.22
N LYS A 76 9.48 -2.88 0.70
CA LYS A 76 9.52 -3.26 -0.71
C LYS A 76 8.54 -4.39 -0.98
N ILE A 77 7.59 -4.14 -1.87
CA ILE A 77 6.60 -5.15 -2.23
C ILE A 77 6.99 -5.89 -3.51
N MET A 78 7.01 -7.21 -3.45
CA MET A 78 7.36 -8.03 -4.60
C MET A 78 6.12 -8.64 -5.24
N THR A 79 6.23 -8.96 -6.53
CA THR A 79 5.11 -9.55 -7.26
C THR A 79 5.54 -10.80 -8.01
N ALA A 80 4.69 -11.82 -7.99
CA ALA A 80 4.99 -13.07 -8.68
C ALA A 80 3.71 -13.88 -8.90
N GLU A 81 3.48 -14.27 -10.16
CA GLU A 81 2.30 -15.05 -10.51
C GLU A 81 1.03 -14.23 -10.33
N GLY A 82 1.18 -12.91 -10.40
CA GLY A 82 0.03 -12.03 -10.24
C GLY A 82 -0.32 -11.79 -8.78
N LEU A 83 0.61 -12.13 -7.89
CA LEU A 83 0.40 -11.96 -6.46
C LEU A 83 1.29 -10.85 -5.90
N TYR A 84 0.98 -10.39 -4.69
CA TYR A 84 1.76 -9.33 -4.05
C TYR A 84 2.24 -9.77 -2.68
N ARG A 85 3.54 -9.63 -2.46
CA ARG A 85 4.14 -10.01 -1.18
C ARG A 85 5.51 -9.37 -1.01
N ILE A 86 5.72 -8.72 0.14
CA ILE A 86 6.99 -8.07 0.42
C ILE A 86 8.10 -9.08 0.62
N THR A 87 7.73 -10.32 0.90
CA THR A 87 8.70 -11.39 1.11
C THR A 87 8.19 -12.71 0.52
N GLU A 88 9.13 -13.57 0.14
CA GLU A 88 8.78 -14.86 -0.43
C GLU A 88 8.35 -15.84 0.65
N LYS A 89 7.46 -15.38 1.53
CA LYS A 89 6.97 -16.21 2.61
C LYS A 89 5.49 -16.55 2.41
N LYS A 90 4.75 -15.61 1.85
CA LYS A 90 3.32 -15.81 1.59
C LYS A 90 2.81 -14.78 0.59
N ALA A 91 2.20 -15.27 -0.49
CA ALA A 91 1.67 -14.38 -1.52
C ALA A 91 0.14 -14.31 -1.43
N PHE A 92 -0.42 -13.19 -1.86
CA PHE A 92 -1.86 -12.99 -1.82
C PHE A 92 -2.37 -12.51 -3.17
N ARG A 93 -3.69 -12.54 -3.35
CA ARG A 93 -4.31 -12.10 -4.60
C ARG A 93 -3.94 -10.66 -4.91
N GLY A 94 -3.98 -9.80 -3.89
CA GLY A 94 -3.64 -8.41 -4.08
C GLY A 94 -3.24 -7.73 -2.79
N LEU A 95 -2.92 -6.44 -2.87
CA LEU A 95 -2.52 -5.67 -1.70
C LEU A 95 -3.47 -5.93 -0.53
N THR A 96 -4.72 -5.54 -0.68
CA THR A 96 -5.72 -5.73 0.35
C THR A 96 -5.46 -7.00 1.15
N GLU A 97 -5.37 -8.12 0.44
CA GLU A 97 -5.12 -9.41 1.08
C GLU A 97 -3.76 -9.41 1.77
N LEU A 98 -2.71 -9.09 1.01
CA LEU A 98 -1.35 -9.05 1.54
C LEU A 98 -1.30 -8.26 2.84
N VAL A 99 -1.65 -6.97 2.75
CA VAL A 99 -1.64 -6.10 3.91
C VAL A 99 -2.49 -6.67 5.03
N GLU A 100 -3.69 -7.13 4.70
CA GLU A 100 -4.60 -7.71 5.68
C GLU A 100 -3.87 -8.72 6.57
N PHE A 101 -2.96 -9.48 5.96
CA PHE A 101 -2.19 -10.48 6.69
C PHE A 101 -1.17 -9.82 7.62
N TYR A 102 -0.32 -8.98 7.04
CA TYR A 102 0.71 -8.28 7.81
C TYR A 102 0.09 -7.48 8.95
N GLN A 103 -1.22 -7.26 8.87
CA GLN A 103 -1.93 -6.51 9.89
C GLN A 103 -2.08 -7.32 11.17
N GLN A 104 -1.92 -8.64 11.04
CA GLN A 104 -2.03 -9.53 12.18
C GLN A 104 -0.68 -10.14 12.54
N ASN A 105 0.27 -10.03 11.62
CA ASN A 105 1.61 -10.56 11.84
C ASN A 105 2.66 -9.47 11.69
N SER A 106 3.75 -9.60 12.44
CA SER A 106 4.83 -8.62 12.40
C SER A 106 5.56 -8.66 11.06
N LEU A 107 6.04 -7.51 10.62
CA LEU A 107 6.76 -7.42 9.35
C LEU A 107 8.20 -7.90 9.51
N LYS A 108 8.64 -8.03 10.76
CA LYS A 108 10.00 -8.48 11.04
C LYS A 108 10.39 -9.63 10.12
N ASP A 109 9.42 -10.49 9.80
CA ASP A 109 9.67 -11.64 8.94
C ASP A 109 10.60 -11.25 7.78
N CYS A 110 10.37 -10.07 7.22
CA CYS A 110 11.17 -9.59 6.11
C CYS A 110 12.29 -8.67 6.60
N PHE A 111 12.00 -7.91 7.65
CA PHE A 111 12.96 -6.98 8.22
C PHE A 111 13.00 -7.09 9.74
N LYS A 112 13.75 -8.08 10.24
CA LYS A 112 13.88 -8.29 11.66
C LYS A 112 13.93 -6.97 12.42
N SER A 113 14.96 -6.17 12.14
CA SER A 113 15.12 -4.88 12.78
C SER A 113 13.79 -4.16 12.91
N LEU A 114 12.98 -4.24 11.86
CA LEU A 114 11.67 -3.60 11.86
C LEU A 114 10.57 -4.56 12.31
N ASP A 115 10.23 -4.49 13.59
CA ASP A 115 9.19 -5.35 14.16
C ASP A 115 7.89 -4.59 14.35
N THR A 116 7.28 -4.18 13.25
CA THR A 116 6.03 -3.43 13.29
C THR A 116 4.95 -4.12 12.47
N THR A 117 3.80 -3.47 12.36
CA THR A 117 2.69 -4.02 11.60
C THR A 117 1.80 -2.91 11.04
N LEU A 118 0.93 -3.27 10.09
CA LEU A 118 0.03 -2.31 9.47
C LEU A 118 -1.09 -1.90 10.44
N GLN A 119 -0.88 -0.79 11.14
CA GLN A 119 -1.87 -0.31 12.09
C GLN A 119 -3.04 0.36 11.38
N PHE A 120 -2.80 1.54 10.84
CA PHE A 120 -3.83 2.28 10.12
C PHE A 120 -3.25 3.01 8.91
N PRO A 121 -4.10 3.26 7.90
CA PRO A 121 -3.69 3.94 6.67
C PRO A 121 -3.39 5.41 6.90
N PHE A 122 -2.78 6.05 5.91
CA PHE A 122 -2.43 7.46 6.01
C PHE A 122 -3.65 8.35 5.72
N LYS A 123 -4.49 7.90 4.80
CA LYS A 123 -5.69 8.65 4.43
C LYS A 123 -6.72 8.60 5.56
N GLU A 124 -6.61 7.59 6.40
CA GLU A 124 -7.54 7.44 7.52
C GLU A 124 -8.00 8.79 8.03
N PRO A 125 -9.32 8.94 8.25
CA PRO A 125 -9.92 10.18 8.74
C PRO A 125 -9.56 10.46 10.20
N GLU A 126 -9.51 11.74 10.55
CA GLU A 126 -9.18 12.14 11.91
C GLU A 126 -9.74 11.14 12.92
N LYS A 127 -8.94 10.81 13.93
CA LYS A 127 -9.35 9.87 14.96
C LYS A 127 -10.39 10.50 15.89
N ARG A 128 -11.66 10.39 15.51
CA ARG A 128 -12.75 10.96 16.30
C ARG A 128 -13.71 9.87 16.75
N THR A 129 -14.01 9.86 18.05
CA THR A 129 -14.91 8.86 18.61
C THR A 129 -16.36 9.22 18.33
N ILE A 130 -16.85 8.82 17.15
CA ILE A 130 -18.21 9.10 16.74
C ILE A 130 -19.15 7.98 17.19
N SER A 131 -20.44 8.15 16.91
CA SER A 131 -21.44 7.15 17.27
C SER A 131 -20.93 5.74 17.00
N ARG A 132 -20.37 5.55 15.81
CA ARG A 132 -19.84 4.24 15.42
C ARG A 132 -18.49 3.98 16.08
N SER A 133 -18.42 4.21 17.38
CA SER A 133 -17.18 4.02 18.13
C SER A 133 -16.54 2.67 17.76
N GLY A 134 -15.53 2.73 16.90
CA GLY A 134 -14.84 1.52 16.49
C GLY A 134 -15.63 0.74 15.45
N PRO A 135 -14.94 0.31 14.38
CA PRO A 135 -15.55 -0.45 13.29
C PRO A 135 -15.95 -1.86 13.72
N SER A 136 -17.15 -2.28 13.32
CA SER A 136 -17.64 -3.61 13.67
C SER A 136 -17.01 -4.68 12.78
N SER A 137 -16.98 -5.91 13.28
CA SER A 137 -16.40 -7.02 12.53
C SER A 137 -14.97 -6.69 12.07
N GLY A 138 -14.20 -6.07 12.96
CA GLY A 138 -12.84 -5.71 12.64
C GLY A 138 -11.97 -5.57 13.87
N GLY A 1 22.99 -6.83 -60.60
CA GLY A 1 22.69 -7.66 -59.45
C GLY A 1 22.24 -6.86 -58.25
N SER A 2 21.12 -7.25 -57.67
CA SER A 2 20.58 -6.55 -56.50
C SER A 2 19.39 -7.30 -55.92
N SER A 3 19.19 -7.15 -54.61
CA SER A 3 18.09 -7.83 -53.93
C SER A 3 17.87 -7.22 -52.54
N GLY A 4 16.61 -7.03 -52.18
CA GLY A 4 16.28 -6.46 -50.88
C GLY A 4 14.83 -6.05 -50.77
N SER A 5 14.35 -5.92 -49.54
CA SER A 5 12.96 -5.53 -49.30
C SER A 5 12.87 -4.42 -48.27
N SER A 6 11.92 -3.51 -48.46
CA SER A 6 11.74 -2.38 -47.55
C SER A 6 10.28 -2.24 -47.15
N GLY A 7 10.00 -1.33 -46.22
CA GLY A 7 8.64 -1.12 -45.76
C GLY A 7 8.30 -1.98 -44.56
N LYS A 8 8.67 -1.51 -43.37
CA LYS A 8 8.40 -2.24 -42.14
C LYS A 8 7.22 -1.62 -41.40
N ALA A 9 6.33 -2.47 -40.90
CA ALA A 9 5.16 -2.01 -40.15
C ALA A 9 5.56 -1.09 -39.01
N GLU A 10 6.39 -1.60 -38.10
CA GLU A 10 6.84 -0.83 -36.96
C GLU A 10 5.66 -0.27 -36.17
N ALA A 11 4.63 -1.10 -36.00
CA ALA A 11 3.44 -0.68 -35.27
C ALA A 11 3.25 -1.53 -34.02
N GLU A 12 3.06 -0.87 -32.88
CA GLU A 12 2.87 -1.57 -31.60
C GLU A 12 1.64 -1.04 -30.88
N GLN A 13 0.52 -1.76 -31.04
CA GLN A 13 -0.74 -1.37 -30.41
C GLN A 13 -0.87 -2.00 -29.03
N ASN A 14 -1.36 -1.23 -28.07
CA ASN A 14 -1.54 -1.71 -26.70
C ASN A 14 -2.54 -2.86 -26.66
N TRP A 15 -2.10 -4.00 -26.13
CA TRP A 15 -2.96 -5.17 -26.03
C TRP A 15 -3.33 -5.44 -24.57
N TRP A 16 -3.54 -4.39 -23.80
CA TRP A 16 -3.91 -4.52 -22.40
C TRP A 16 -5.43 -4.50 -22.22
N GLU A 17 -5.92 -5.35 -21.33
CA GLU A 17 -7.35 -5.43 -21.06
C GLU A 17 -7.85 -4.16 -20.38
N GLY A 18 -7.10 -3.70 -19.39
CA GLY A 18 -7.49 -2.50 -18.67
C GLY A 18 -6.88 -2.43 -17.28
N PRO A 19 -7.31 -1.43 -16.50
CA PRO A 19 -6.82 -1.24 -15.13
C PRO A 19 -7.32 -2.31 -14.18
N PRO A 20 -6.43 -2.77 -13.28
CA PRO A 20 -6.77 -3.80 -12.30
C PRO A 20 -7.74 -3.30 -11.23
N GLN A 21 -7.98 -4.14 -10.22
CA GLN A 21 -8.89 -3.78 -9.15
C GLN A 21 -8.71 -2.33 -8.73
N ASP A 22 -9.71 -1.77 -8.07
CA ASP A 22 -9.66 -0.38 -7.62
C ASP A 22 -9.01 -0.29 -6.24
N LEU A 23 -7.70 -0.06 -6.23
CA LEU A 23 -6.96 0.06 -4.97
C LEU A 23 -7.07 1.46 -4.40
N SER A 24 -7.42 2.41 -5.25
CA SER A 24 -7.57 3.80 -4.83
C SER A 24 -8.62 3.93 -3.73
N VAL A 25 -9.66 3.13 -3.83
CA VAL A 25 -10.75 3.15 -2.85
C VAL A 25 -10.20 2.98 -1.44
N HIS A 26 -9.10 2.24 -1.31
CA HIS A 26 -8.48 2.00 -0.02
C HIS A 26 -7.90 3.29 0.55
N LEU A 27 -7.67 3.31 1.86
CA LEU A 27 -7.13 4.49 2.53
C LEU A 27 -5.60 4.47 2.50
N TRP A 28 -5.04 3.27 2.57
CA TRP A 28 -3.58 3.10 2.55
C TRP A 28 -3.05 3.13 1.12
N TYR A 29 -3.84 3.69 0.21
CA TYR A 29 -3.45 3.78 -1.19
C TYR A 29 -3.26 5.24 -1.60
N ALA A 30 -2.01 5.70 -1.54
CA ALA A 30 -1.69 7.08 -1.91
C ALA A 30 -1.23 7.16 -3.37
N GLY A 31 -1.86 6.36 -4.22
CA GLY A 31 -1.52 6.36 -5.63
C GLY A 31 -0.03 6.58 -5.86
N PRO A 32 0.32 7.17 -7.01
CA PRO A 32 1.71 7.44 -7.37
C PRO A 32 2.33 8.53 -6.51
N MET A 33 3.22 8.14 -5.60
CA MET A 33 3.89 9.08 -4.72
C MET A 33 5.36 8.72 -4.53
N GLU A 34 6.19 9.72 -4.30
CA GLU A 34 7.62 9.50 -4.10
C GLU A 34 7.92 9.25 -2.62
N ARG A 35 9.17 8.87 -2.35
CA ARG A 35 9.60 8.59 -0.97
C ARG A 35 9.37 9.80 -0.08
N ALA A 36 10.09 10.88 -0.36
CA ALA A 36 9.98 12.11 0.42
C ALA A 36 8.54 12.34 0.86
N GLY A 37 7.62 12.35 -0.10
CA GLY A 37 6.22 12.56 0.22
C GLY A 37 5.75 11.71 1.37
N ALA A 38 5.92 10.40 1.24
CA ALA A 38 5.51 9.47 2.29
C ALA A 38 6.22 9.78 3.61
N GLU A 39 7.46 10.25 3.52
CA GLU A 39 8.24 10.58 4.70
C GLU A 39 7.74 11.89 5.33
N SER A 40 7.04 12.69 4.54
CA SER A 40 6.51 13.96 5.02
C SER A 40 5.08 13.80 5.50
N ILE A 41 4.39 12.79 4.99
CA ILE A 41 3.01 12.53 5.36
C ILE A 41 2.93 11.88 6.74
N LEU A 42 3.57 10.73 6.88
CA LEU A 42 3.57 10.00 8.15
C LEU A 42 4.45 10.72 9.18
N ALA A 43 5.24 11.68 8.72
CA ALA A 43 6.11 12.44 9.60
C ALA A 43 5.35 12.97 10.81
N ASN A 44 4.13 13.45 10.57
CA ASN A 44 3.29 14.00 11.63
C ASN A 44 2.34 12.93 12.17
N ARG A 45 1.96 11.99 11.31
CA ARG A 45 1.06 10.92 11.70
C ARG A 45 1.51 10.27 13.00
N SER A 46 0.70 9.34 13.51
CA SER A 46 1.02 8.66 14.75
C SER A 46 1.68 7.31 14.47
N ASP A 47 2.69 6.98 15.28
CA ASP A 47 3.40 5.72 15.11
C ASP A 47 2.44 4.58 14.80
N GLY A 48 2.67 3.90 13.67
CA GLY A 48 1.81 2.80 13.29
C GLY A 48 1.05 3.09 12.01
N THR A 49 0.90 4.37 11.69
CA THR A 49 0.18 4.77 10.49
C THR A 49 0.92 4.33 9.23
N PHE A 50 0.44 3.23 8.64
CA PHE A 50 1.06 2.69 7.42
C PHE A 50 0.44 3.33 6.17
N LEU A 51 1.20 3.32 5.08
CA LEU A 51 0.73 3.90 3.82
C LEU A 51 1.43 3.25 2.64
N VAL A 52 0.64 2.84 1.66
CA VAL A 52 1.19 2.20 0.46
C VAL A 52 1.40 3.22 -0.66
N ARG A 53 2.60 3.21 -1.24
CA ARG A 53 2.92 4.13 -2.32
C ARG A 53 3.40 3.38 -3.55
N GLN A 54 3.10 3.93 -4.73
CA GLN A 54 3.51 3.31 -5.98
C GLN A 54 4.46 4.20 -6.76
N ARG A 55 5.69 3.73 -6.93
CA ARG A 55 6.71 4.49 -7.65
C ARG A 55 6.16 5.03 -8.96
N VAL A 56 6.99 5.78 -9.68
CA VAL A 56 6.57 6.35 -10.97
C VAL A 56 7.30 5.68 -12.12
N LYS A 57 7.14 4.36 -12.23
CA LYS A 57 7.78 3.60 -13.30
C LYS A 57 6.84 2.51 -13.81
N ASP A 58 7.22 1.89 -14.93
CA ASP A 58 6.41 0.83 -15.52
C ASP A 58 5.74 -0.01 -14.46
N ALA A 59 6.51 -0.89 -13.81
CA ALA A 59 5.99 -1.76 -12.77
C ALA A 59 5.74 -0.96 -11.48
N ALA A 60 6.42 0.17 -11.35
CA ALA A 60 6.27 1.01 -10.16
C ALA A 60 6.36 0.19 -8.88
N GLU A 61 7.46 -0.55 -8.75
CA GLU A 61 7.67 -1.39 -7.57
C GLU A 61 6.96 -0.80 -6.35
N PHE A 62 5.89 -1.46 -5.93
CA PHE A 62 5.13 -1.01 -4.78
C PHE A 62 5.95 -1.11 -3.49
N ALA A 63 5.60 -0.31 -2.50
CA ALA A 63 6.31 -0.31 -1.23
C ALA A 63 5.42 0.21 -0.10
N ILE A 64 5.50 -0.43 1.06
CA ILE A 64 4.70 -0.03 2.21
C ILE A 64 5.53 0.80 3.19
N SER A 65 5.05 2.01 3.46
CA SER A 65 5.74 2.91 4.38
C SER A 65 4.85 3.28 5.57
N ILE A 66 5.39 3.16 6.77
CA ILE A 66 4.64 3.47 7.98
C ILE A 66 5.52 4.20 9.00
N LYS A 67 4.89 4.73 10.04
CA LYS A 67 5.61 5.45 11.08
C LYS A 67 6.04 4.51 12.20
N TYR A 68 7.34 4.29 12.32
CA TYR A 68 7.88 3.41 13.35
C TYR A 68 9.14 3.98 13.97
N ASN A 69 9.31 3.78 15.28
CA ASN A 69 10.48 4.28 15.99
C ASN A 69 10.68 5.77 15.71
N VAL A 70 9.58 6.48 15.48
CA VAL A 70 9.64 7.90 15.21
C VAL A 70 10.27 8.18 13.85
N GLU A 71 10.19 7.20 12.95
CA GLU A 71 10.76 7.34 11.62
C GLU A 71 9.79 6.81 10.56
N VAL A 72 10.20 6.88 9.30
CA VAL A 72 9.37 6.40 8.20
C VAL A 72 10.06 5.26 7.45
N LYS A 73 9.76 4.03 7.88
CA LYS A 73 10.34 2.84 7.24
C LYS A 73 9.49 2.40 6.06
N HIS A 74 10.14 1.78 5.08
CA HIS A 74 9.43 1.31 3.90
C HIS A 74 9.62 -0.21 3.77
N ILE A 75 8.66 -0.84 3.10
CA ILE A 75 8.70 -2.28 2.88
C ILE A 75 8.52 -2.62 1.41
N LYS A 76 9.59 -3.09 0.77
CA LYS A 76 9.55 -3.46 -0.63
C LYS A 76 8.43 -4.46 -0.90
N ILE A 77 7.72 -4.26 -2.01
CA ILE A 77 6.62 -5.15 -2.38
C ILE A 77 6.97 -5.96 -3.62
N MET A 78 7.28 -7.24 -3.42
CA MET A 78 7.62 -8.12 -4.53
C MET A 78 6.38 -8.80 -5.09
N THR A 79 6.32 -8.91 -6.42
CA THR A 79 5.18 -9.54 -7.08
C THR A 79 5.61 -10.80 -7.84
N ALA A 80 4.78 -11.84 -7.74
CA ALA A 80 5.08 -13.10 -8.42
C ALA A 80 3.79 -13.82 -8.83
N GLU A 81 3.72 -14.23 -10.09
CA GLU A 81 2.54 -14.92 -10.60
C GLU A 81 1.32 -14.01 -10.56
N GLY A 82 1.56 -12.71 -10.60
CA GLY A 82 0.46 -11.76 -10.57
C GLY A 82 -0.03 -11.48 -9.16
N LEU A 83 0.78 -11.84 -8.18
CA LEU A 83 0.44 -11.62 -6.77
C LEU A 83 1.30 -10.53 -6.16
N TYR A 84 0.92 -10.08 -4.97
CA TYR A 84 1.66 -9.03 -4.27
C TYR A 84 2.12 -9.51 -2.90
N ARG A 85 3.42 -9.43 -2.66
CA ARG A 85 4.00 -9.85 -1.39
C ARG A 85 5.39 -9.26 -1.20
N ILE A 86 5.60 -8.63 -0.04
CA ILE A 86 6.88 -8.03 0.27
C ILE A 86 7.97 -9.08 0.48
N THR A 87 7.54 -10.31 0.78
CA THR A 87 8.46 -11.41 1.01
C THR A 87 7.98 -12.68 0.31
N GLU A 88 8.93 -13.50 -0.12
CA GLU A 88 8.60 -14.75 -0.80
C GLU A 88 8.17 -15.81 0.19
N LYS A 89 7.29 -15.44 1.11
CA LYS A 89 6.79 -16.35 2.13
C LYS A 89 5.31 -16.63 1.94
N LYS A 90 4.58 -15.61 1.50
CA LYS A 90 3.14 -15.73 1.27
C LYS A 90 2.66 -14.68 0.27
N ALA A 91 2.06 -15.15 -0.82
CA ALA A 91 1.55 -14.26 -1.86
C ALA A 91 0.03 -14.15 -1.78
N PHE A 92 -0.50 -12.99 -2.16
CA PHE A 92 -1.94 -12.76 -2.14
C PHE A 92 -2.42 -12.21 -3.49
N ARG A 93 -3.73 -12.27 -3.69
CA ARG A 93 -4.33 -11.79 -4.93
C ARG A 93 -3.99 -10.31 -5.16
N GLY A 94 -4.14 -9.51 -4.11
CA GLY A 94 -3.85 -8.09 -4.21
C GLY A 94 -3.41 -7.49 -2.90
N LEU A 95 -3.11 -6.20 -2.91
CA LEU A 95 -2.66 -5.50 -1.70
C LEU A 95 -3.59 -5.79 -0.53
N THR A 96 -4.87 -5.41 -0.68
CA THR A 96 -5.86 -5.63 0.36
C THR A 96 -5.57 -6.92 1.12
N GLU A 97 -5.49 -8.03 0.40
CA GLU A 97 -5.21 -9.33 1.02
C GLU A 97 -3.84 -9.33 1.68
N LEU A 98 -2.82 -9.00 0.90
CA LEU A 98 -1.45 -8.96 1.42
C LEU A 98 -1.37 -8.21 2.74
N VAL A 99 -1.74 -6.94 2.70
CA VAL A 99 -1.72 -6.10 3.89
C VAL A 99 -2.52 -6.73 5.02
N GLU A 100 -3.70 -7.24 4.69
CA GLU A 100 -4.57 -7.87 5.68
C GLU A 100 -3.79 -8.85 6.53
N PHE A 101 -2.93 -9.63 5.88
CA PHE A 101 -2.11 -10.63 6.58
C PHE A 101 -1.11 -9.95 7.52
N TYR A 102 -0.31 -9.05 6.95
CA TYR A 102 0.70 -8.33 7.73
C TYR A 102 0.04 -7.52 8.85
N GLN A 103 -1.26 -7.30 8.72
CA GLN A 103 -2.01 -6.53 9.72
C GLN A 103 -2.20 -7.35 10.99
N GLN A 104 -1.88 -8.63 10.92
CA GLN A 104 -2.04 -9.52 12.06
C GLN A 104 -0.69 -10.11 12.48
N ASN A 105 0.27 -10.09 11.55
CA ASN A 105 1.60 -10.63 11.81
C ASN A 105 2.66 -9.55 11.65
N SER A 106 3.70 -9.62 12.47
CA SER A 106 4.78 -8.65 12.43
C SER A 106 5.61 -8.81 11.15
N LEU A 107 5.87 -7.69 10.48
CA LEU A 107 6.65 -7.71 9.24
C LEU A 107 8.06 -8.22 9.50
N LYS A 108 8.40 -8.41 10.77
CA LYS A 108 9.72 -8.89 11.15
C LYS A 108 10.18 -10.01 10.23
N ASP A 109 9.22 -10.78 9.72
CA ASP A 109 9.53 -11.89 8.83
C ASP A 109 10.44 -11.44 7.69
N CYS A 110 10.12 -10.27 7.12
CA CYS A 110 10.91 -9.73 6.02
C CYS A 110 12.08 -8.91 6.54
N PHE A 111 11.86 -8.22 7.66
CA PHE A 111 12.89 -7.39 8.26
C PHE A 111 12.95 -7.60 9.77
N LYS A 112 13.62 -8.68 10.17
CA LYS A 112 13.76 -9.01 11.59
C LYS A 112 14.00 -7.75 12.42
N SER A 113 14.80 -6.83 11.87
CA SER A 113 15.12 -5.59 12.56
C SER A 113 13.87 -4.72 12.71
N LEU A 114 13.02 -4.73 11.70
CA LEU A 114 11.79 -3.95 11.72
C LEU A 114 10.60 -4.81 12.13
N ASP A 115 10.28 -4.81 13.42
CA ASP A 115 9.16 -5.59 13.93
C ASP A 115 7.93 -4.71 14.11
N THR A 116 7.28 -4.39 12.99
CA THR A 116 6.08 -3.55 13.02
C THR A 116 4.95 -4.19 12.22
N THR A 117 3.75 -3.63 12.36
CA THR A 117 2.58 -4.15 11.67
C THR A 117 1.71 -3.02 11.12
N LEU A 118 0.85 -3.35 10.17
CA LEU A 118 -0.03 -2.36 9.56
C LEU A 118 -1.13 -1.95 10.54
N GLN A 119 -0.88 -0.89 11.30
CA GLN A 119 -1.85 -0.39 12.27
C GLN A 119 -3.02 0.29 11.57
N PHE A 120 -2.76 1.48 11.03
CA PHE A 120 -3.80 2.25 10.33
C PHE A 120 -3.21 2.95 9.11
N PRO A 121 -4.08 3.22 8.12
CA PRO A 121 -3.67 3.90 6.89
C PRO A 121 -3.34 5.37 7.11
N PHE A 122 -2.78 6.00 6.09
CA PHE A 122 -2.41 7.41 6.18
C PHE A 122 -3.62 8.31 5.95
N LYS A 123 -4.53 7.87 5.08
CA LYS A 123 -5.73 8.63 4.77
C LYS A 123 -6.74 8.51 5.91
N GLU A 124 -6.54 7.55 6.79
CA GLU A 124 -7.43 7.34 7.92
C GLU A 124 -7.92 8.67 8.48
N PRO A 125 -9.25 8.81 8.59
CA PRO A 125 -9.87 10.03 9.11
C PRO A 125 -9.63 10.21 10.61
N GLU A 126 -9.57 11.46 11.05
CA GLU A 126 -9.35 11.76 12.46
C GLU A 126 -10.67 11.84 13.22
N LYS A 127 -10.70 11.28 14.42
CA LYS A 127 -11.90 11.28 15.24
C LYS A 127 -12.67 12.58 15.06
N ARG A 128 -11.95 13.66 14.79
CA ARG A 128 -12.57 14.97 14.60
C ARG A 128 -12.09 15.62 13.30
N THR A 129 -12.98 16.36 12.66
CA THR A 129 -12.64 17.03 11.41
C THR A 129 -13.64 18.15 11.09
N ILE A 130 -13.11 19.27 10.59
CA ILE A 130 -13.96 20.41 10.25
C ILE A 130 -14.06 20.59 8.73
N SER A 131 -14.27 19.48 8.03
CA SER A 131 -14.38 19.51 6.58
C SER A 131 -13.44 20.56 5.98
N ARG A 132 -12.20 20.56 6.45
CA ARG A 132 -11.20 21.50 5.96
C ARG A 132 -9.97 20.78 5.44
N SER A 133 -9.99 20.43 4.16
CA SER A 133 -8.86 19.72 3.54
C SER A 133 -8.87 19.92 2.04
N GLY A 134 -7.69 20.12 1.46
CA GLY A 134 -7.57 20.32 0.03
C GLY A 134 -6.41 21.21 -0.34
N PRO A 135 -5.70 20.85 -1.42
CA PRO A 135 -4.54 21.62 -1.89
C PRO A 135 -4.95 22.95 -2.50
N SER A 136 -3.96 23.72 -2.96
CA SER A 136 -4.21 25.03 -3.55
C SER A 136 -3.32 25.25 -4.77
N SER A 137 -3.82 26.04 -5.72
CA SER A 137 -3.06 26.33 -6.93
C SER A 137 -3.29 27.77 -7.38
N GLY A 138 -2.50 28.22 -8.35
CA GLY A 138 -2.63 29.57 -8.86
C GLY A 138 -1.33 30.35 -8.78
N GLY A 1 -6.08 30.40 -44.39
CA GLY A 1 -5.35 30.75 -43.20
C GLY A 1 -3.91 30.31 -43.23
N SER A 2 -3.68 29.01 -43.10
CA SER A 2 -2.33 28.46 -43.13
C SER A 2 -2.32 27.05 -43.70
N SER A 3 -1.20 26.66 -44.30
CA SER A 3 -1.06 25.33 -44.90
C SER A 3 0.33 24.76 -44.63
N GLY A 4 0.39 23.75 -43.77
CA GLY A 4 1.66 23.13 -43.45
C GLY A 4 1.62 22.38 -42.12
N SER A 5 0.78 21.36 -42.06
CA SER A 5 0.64 20.56 -40.84
C SER A 5 1.23 19.16 -41.04
N SER A 6 2.47 18.99 -40.62
CA SER A 6 3.15 17.71 -40.75
C SER A 6 2.72 16.75 -39.65
N GLY A 7 1.91 15.76 -40.01
CA GLY A 7 1.43 14.79 -39.03
C GLY A 7 0.16 14.11 -39.48
N LYS A 8 0.15 12.77 -39.39
CA LYS A 8 -1.02 11.99 -39.79
C LYS A 8 -1.86 11.63 -38.57
N ALA A 9 -3.16 11.44 -38.79
CA ALA A 9 -4.08 11.09 -37.71
C ALA A 9 -3.79 9.69 -37.18
N GLU A 10 -3.13 9.63 -36.03
CA GLU A 10 -2.78 8.35 -35.41
C GLU A 10 -3.88 7.89 -34.46
N ALA A 11 -3.84 6.61 -34.08
CA ALA A 11 -4.83 6.05 -33.17
C ALA A 11 -4.19 5.68 -31.84
N GLU A 12 -5.02 5.24 -30.89
CA GLU A 12 -4.53 4.85 -29.58
C GLU A 12 -4.94 3.41 -29.25
N GLN A 13 -3.97 2.61 -28.83
CA GLN A 13 -4.23 1.22 -28.48
C GLN A 13 -3.33 0.77 -27.33
N ASN A 14 -3.93 0.56 -26.17
CA ASN A 14 -3.18 0.13 -24.99
C ASN A 14 -2.41 -1.15 -25.27
N TRP A 15 -1.27 -1.31 -24.62
CA TRP A 15 -0.44 -2.49 -24.81
C TRP A 15 -0.42 -3.35 -23.54
N TRP A 16 -1.13 -2.90 -22.52
CA TRP A 16 -1.20 -3.62 -21.25
C TRP A 16 -2.36 -4.60 -21.24
N GLU A 17 -2.35 -5.52 -20.28
CA GLU A 17 -3.40 -6.52 -20.16
C GLU A 17 -4.63 -5.93 -19.47
N GLY A 18 -4.98 -4.71 -19.83
CA GLY A 18 -6.13 -4.05 -19.23
C GLY A 18 -5.82 -3.45 -17.87
N PRO A 19 -6.75 -2.65 -17.35
CA PRO A 19 -6.60 -1.99 -16.04
C PRO A 19 -6.67 -2.99 -14.89
N PRO A 20 -5.74 -2.86 -13.94
CA PRO A 20 -5.68 -3.74 -12.76
C PRO A 20 -6.83 -3.49 -11.80
N GLN A 21 -6.84 -4.25 -10.70
CA GLN A 21 -7.90 -4.11 -9.70
C GLN A 21 -8.03 -2.66 -9.23
N ASP A 22 -8.98 -2.42 -8.34
CA ASP A 22 -9.20 -1.08 -7.81
C ASP A 22 -8.57 -0.92 -6.43
N LEU A 23 -7.35 -0.42 -6.40
CA LEU A 23 -6.64 -0.21 -5.15
C LEU A 23 -6.77 1.23 -4.67
N SER A 24 -7.12 2.12 -5.58
CA SER A 24 -7.27 3.54 -5.26
C SER A 24 -8.35 3.73 -4.20
N VAL A 25 -9.39 2.92 -4.27
CA VAL A 25 -10.49 2.99 -3.30
C VAL A 25 -9.99 2.83 -1.88
N HIS A 26 -8.83 2.20 -1.74
CA HIS A 26 -8.22 1.98 -0.42
C HIS A 26 -7.65 3.27 0.15
N LEU A 27 -7.55 3.35 1.46
CA LEU A 27 -7.00 4.53 2.12
C LEU A 27 -5.48 4.48 2.16
N TRP A 28 -4.93 3.28 2.25
CA TRP A 28 -3.48 3.10 2.29
C TRP A 28 -2.90 3.07 0.88
N TYR A 29 -3.67 3.56 -0.08
CA TYR A 29 -3.23 3.60 -1.48
C TYR A 29 -3.02 5.04 -1.94
N ALA A 30 -1.78 5.51 -1.84
CA ALA A 30 -1.45 6.87 -2.25
C ALA A 30 -0.92 6.89 -3.69
N GLY A 31 -1.45 5.99 -4.51
CA GLY A 31 -1.03 5.92 -5.91
C GLY A 31 0.44 6.23 -6.07
N PRO A 32 0.79 6.95 -7.16
CA PRO A 32 2.17 7.32 -7.45
C PRO A 32 2.72 8.34 -6.48
N MET A 33 3.40 7.86 -5.44
CA MET A 33 3.98 8.75 -4.43
C MET A 33 5.45 8.40 -4.19
N GLU A 34 6.28 9.43 -4.11
CA GLU A 34 7.71 9.24 -3.88
C GLU A 34 8.00 9.07 -2.40
N ARG A 35 9.17 8.51 -2.09
CA ARG A 35 9.57 8.29 -0.70
C ARG A 35 9.34 9.54 0.14
N ALA A 36 9.92 10.65 -0.31
CA ALA A 36 9.79 11.92 0.40
C ALA A 36 8.37 12.09 0.95
N GLY A 37 7.40 12.15 0.04
CA GLY A 37 6.01 12.32 0.45
C GLY A 37 5.65 11.44 1.63
N ALA A 38 5.90 10.14 1.51
CA ALA A 38 5.59 9.20 2.58
C ALA A 38 6.30 9.59 3.87
N GLU A 39 7.54 10.06 3.74
CA GLU A 39 8.32 10.46 4.91
C GLU A 39 7.79 11.78 5.48
N SER A 40 7.19 12.60 4.63
CA SER A 40 6.65 13.89 5.04
C SER A 40 5.18 13.76 5.40
N ILE A 41 4.55 12.68 4.95
CA ILE A 41 3.14 12.43 5.22
C ILE A 41 2.95 11.76 6.58
N LEU A 42 3.57 10.61 6.76
CA LEU A 42 3.47 9.87 8.01
C LEU A 42 4.33 10.52 9.09
N ALA A 43 5.18 11.45 8.69
CA ALA A 43 6.05 12.15 9.63
C ALA A 43 5.27 12.63 10.84
N ASN A 44 4.22 13.42 10.60
CA ASN A 44 3.40 13.96 11.67
C ASN A 44 2.38 12.91 12.14
N ARG A 45 1.93 12.08 11.22
CA ARG A 45 0.96 11.04 11.55
C ARG A 45 1.32 10.35 12.85
N SER A 46 0.36 9.61 13.41
CA SER A 46 0.58 8.90 14.66
C SER A 46 1.23 7.55 14.42
N ASP A 47 2.24 7.22 15.23
CA ASP A 47 2.95 5.97 15.10
C ASP A 47 1.99 4.83 14.76
N GLY A 48 2.19 4.22 13.60
CA GLY A 48 1.33 3.13 13.17
C GLY A 48 0.66 3.40 11.84
N THR A 49 0.58 4.67 11.47
CA THR A 49 -0.03 5.07 10.21
C THR A 49 0.75 4.53 9.01
N PHE A 50 0.25 3.46 8.40
CA PHE A 50 0.90 2.85 7.26
C PHE A 50 0.36 3.42 5.95
N LEU A 51 1.17 3.36 4.90
CA LEU A 51 0.77 3.88 3.59
C LEU A 51 1.52 3.15 2.48
N VAL A 52 0.78 2.72 1.46
CA VAL A 52 1.37 2.03 0.32
C VAL A 52 1.44 2.93 -0.90
N ARG A 53 2.64 3.04 -1.48
CA ARG A 53 2.84 3.87 -2.66
C ARG A 53 3.36 3.04 -3.83
N GLN A 54 3.31 3.61 -5.03
CA GLN A 54 3.78 2.92 -6.22
C GLN A 54 4.68 3.83 -7.05
N ARG A 55 5.97 3.53 -7.05
CA ARG A 55 6.94 4.32 -7.80
C ARG A 55 6.33 4.86 -9.09
N VAL A 56 6.69 6.09 -9.44
CA VAL A 56 6.17 6.72 -10.65
C VAL A 56 6.70 6.02 -11.90
N LYS A 57 6.20 4.82 -12.16
CA LYS A 57 6.62 4.05 -13.33
C LYS A 57 5.65 2.89 -13.60
N ASP A 58 5.68 2.37 -14.82
CA ASP A 58 4.82 1.26 -15.20
C ASP A 58 4.78 0.20 -14.10
N ALA A 59 3.60 0.00 -13.52
CA ALA A 59 3.43 -0.98 -12.46
C ALA A 59 4.63 -1.00 -11.52
N ALA A 60 5.23 0.17 -11.32
CA ALA A 60 6.38 0.30 -10.44
C ALA A 60 6.17 -0.49 -9.15
N GLU A 61 7.14 -1.35 -8.83
CA GLU A 61 7.07 -2.16 -7.63
C GLU A 61 6.51 -1.36 -6.46
N PHE A 62 5.42 -1.84 -5.88
CA PHE A 62 4.78 -1.17 -4.75
C PHE A 62 5.67 -1.23 -3.51
N ALA A 63 5.32 -0.45 -2.49
CA ALA A 63 6.08 -0.42 -1.25
C ALA A 63 5.20 0.02 -0.09
N ILE A 64 5.45 -0.56 1.08
CA ILE A 64 4.68 -0.21 2.28
C ILE A 64 5.52 0.60 3.25
N SER A 65 5.02 1.80 3.58
CA SER A 65 5.73 2.68 4.50
C SER A 65 4.80 3.15 5.62
N ILE A 66 5.27 3.01 6.86
CA ILE A 66 4.49 3.42 8.02
C ILE A 66 5.36 4.14 9.05
N LYS A 67 4.72 4.81 10.00
CA LYS A 67 5.44 5.54 11.04
C LYS A 67 5.82 4.61 12.18
N TYR A 68 7.12 4.42 12.38
CA TYR A 68 7.62 3.56 13.44
C TYR A 68 8.92 4.11 14.03
N ASN A 69 9.06 3.96 15.35
CA ASN A 69 10.26 4.45 16.03
C ASN A 69 10.55 5.90 15.67
N VAL A 70 9.48 6.67 15.43
CA VAL A 70 9.62 8.07 15.09
C VAL A 70 10.33 8.24 13.74
N GLU A 71 10.25 7.22 12.90
CA GLU A 71 10.89 7.26 11.59
C GLU A 71 10.01 6.58 10.54
N VAL A 72 9.85 7.23 9.40
CA VAL A 72 9.05 6.69 8.31
C VAL A 72 9.76 5.56 7.60
N LYS A 73 9.43 4.32 7.96
CA LYS A 73 10.05 3.15 7.36
C LYS A 73 9.37 2.80 6.04
N HIS A 74 10.09 2.08 5.19
CA HIS A 74 9.54 1.69 3.89
C HIS A 74 9.84 0.22 3.64
N ILE A 75 8.90 -0.45 2.99
CA ILE A 75 9.04 -1.86 2.67
C ILE A 75 8.79 -2.12 1.19
N LYS A 76 9.71 -2.85 0.56
CA LYS A 76 9.60 -3.17 -0.86
C LYS A 76 8.60 -4.30 -1.08
N ILE A 77 7.82 -4.19 -2.15
CA ILE A 77 6.81 -5.21 -2.48
C ILE A 77 7.19 -5.95 -3.76
N MET A 78 7.13 -7.27 -3.70
CA MET A 78 7.46 -8.09 -4.86
C MET A 78 6.21 -8.72 -5.46
N THR A 79 6.17 -8.80 -6.78
CA THR A 79 5.02 -9.37 -7.48
C THR A 79 5.41 -10.62 -8.26
N ALA A 80 4.57 -11.65 -8.19
CA ALA A 80 4.82 -12.90 -8.88
C ALA A 80 3.53 -13.67 -9.11
N GLU A 81 3.29 -14.03 -10.37
CA GLU A 81 2.08 -14.78 -10.72
C GLU A 81 0.83 -13.92 -10.50
N GLY A 82 1.01 -12.61 -10.55
CA GLY A 82 -0.12 -11.70 -10.35
C GLY A 82 -0.44 -11.49 -8.88
N LEU A 83 0.53 -11.79 -8.02
CA LEU A 83 0.35 -11.63 -6.58
C LEU A 83 1.23 -10.50 -6.05
N TYR A 84 1.01 -10.13 -4.79
CA TYR A 84 1.78 -9.07 -4.15
C TYR A 84 2.28 -9.51 -2.78
N ARG A 85 3.60 -9.49 -2.61
CA ARG A 85 4.22 -9.88 -1.35
C ARG A 85 5.64 -9.37 -1.25
N ILE A 86 5.95 -8.71 -0.13
CA ILE A 86 7.29 -8.16 0.09
C ILE A 86 8.32 -9.28 0.28
N THR A 87 7.84 -10.44 0.69
CA THR A 87 8.71 -11.59 0.91
C THR A 87 8.17 -12.84 0.25
N GLU A 88 9.06 -13.71 -0.22
CA GLU A 88 8.66 -14.94 -0.88
C GLU A 88 8.22 -15.99 0.14
N LYS A 89 7.40 -15.58 1.10
CA LYS A 89 6.91 -16.48 2.13
C LYS A 89 5.42 -16.78 1.94
N LYS A 90 4.66 -15.73 1.64
CA LYS A 90 3.22 -15.88 1.44
C LYS A 90 2.68 -14.78 0.52
N ALA A 91 2.19 -15.19 -0.65
CA ALA A 91 1.65 -14.25 -1.62
C ALA A 91 0.15 -14.09 -1.46
N PHE A 92 -0.37 -12.93 -1.82
CA PHE A 92 -1.81 -12.65 -1.72
C PHE A 92 -2.36 -12.13 -3.03
N ARG A 93 -3.57 -12.56 -3.37
CA ARG A 93 -4.21 -12.13 -4.61
C ARG A 93 -3.87 -10.67 -4.93
N GLY A 94 -4.01 -9.81 -3.93
CA GLY A 94 -3.70 -8.41 -4.12
C GLY A 94 -3.27 -7.72 -2.83
N LEU A 95 -2.95 -6.44 -2.93
CA LEU A 95 -2.51 -5.67 -1.77
C LEU A 95 -3.50 -5.84 -0.61
N THR A 96 -4.73 -5.40 -0.81
CA THR A 96 -5.76 -5.50 0.21
C THR A 96 -5.55 -6.74 1.08
N GLU A 97 -5.23 -7.86 0.43
CA GLU A 97 -5.00 -9.11 1.16
C GLU A 97 -3.64 -9.09 1.85
N LEU A 98 -2.58 -8.92 1.07
CA LEU A 98 -1.23 -8.88 1.60
C LEU A 98 -1.16 -8.01 2.86
N VAL A 99 -1.84 -6.86 2.82
CA VAL A 99 -1.86 -5.94 3.94
C VAL A 99 -2.68 -6.51 5.10
N GLU A 100 -3.83 -7.11 4.76
CA GLU A 100 -4.71 -7.68 5.78
C GLU A 100 -3.95 -8.65 6.67
N PHE A 101 -2.97 -9.33 6.09
CA PHE A 101 -2.15 -10.30 6.83
C PHE A 101 -1.20 -9.59 7.78
N TYR A 102 -0.33 -8.76 7.22
CA TYR A 102 0.64 -8.02 8.02
C TYR A 102 -0.05 -7.19 9.10
N GLN A 103 -1.37 -7.07 8.98
CA GLN A 103 -2.15 -6.31 9.94
C GLN A 103 -2.29 -7.07 11.27
N GLN A 104 -2.11 -8.38 11.21
CA GLN A 104 -2.20 -9.21 12.40
C GLN A 104 -0.86 -9.87 12.72
N ASN A 105 0.10 -9.69 11.82
CA ASN A 105 1.43 -10.26 12.01
C ASN A 105 2.52 -9.22 11.74
N SER A 106 3.31 -8.93 12.76
CA SER A 106 4.38 -7.94 12.64
C SER A 106 5.25 -8.23 11.42
N LEU A 107 5.78 -7.18 10.81
CA LEU A 107 6.63 -7.33 9.64
C LEU A 107 7.98 -7.94 10.02
N LYS A 108 8.25 -8.00 11.31
CA LYS A 108 9.50 -8.57 11.81
C LYS A 108 9.87 -9.83 11.04
N ASP A 109 8.86 -10.66 10.74
CA ASP A 109 9.09 -11.89 10.00
C ASP A 109 9.93 -11.64 8.76
N CYS A 110 9.57 -10.62 7.99
CA CYS A 110 10.30 -10.28 6.78
C CYS A 110 11.50 -9.38 7.10
N PHE A 111 11.30 -8.44 8.01
CA PHE A 111 12.35 -7.52 8.41
C PHE A 111 12.42 -7.39 9.92
N LYS A 112 13.13 -8.31 10.57
CA LYS A 112 13.26 -8.29 12.01
C LYS A 112 13.40 -6.86 12.54
N SER A 113 14.48 -6.20 12.15
CA SER A 113 14.73 -4.82 12.56
C SER A 113 13.44 -4.02 12.57
N LEU A 114 12.56 -4.31 11.62
CA LEU A 114 11.28 -3.61 11.51
C LEU A 114 10.15 -4.44 12.11
N ASP A 115 9.87 -4.22 13.39
CA ASP A 115 8.82 -4.95 14.07
C ASP A 115 7.58 -4.08 14.25
N THR A 116 6.80 -3.95 13.18
CA THR A 116 5.59 -3.14 13.20
C THR A 116 4.44 -3.85 12.50
N THR A 117 3.27 -3.21 12.49
CA THR A 117 2.09 -3.78 11.86
C THR A 117 1.23 -2.69 11.23
N LEU A 118 0.54 -3.05 10.16
CA LEU A 118 -0.34 -2.10 9.46
C LEU A 118 -1.49 -1.65 10.36
N GLN A 119 -1.24 -0.61 11.14
CA GLN A 119 -2.25 -0.08 12.05
C GLN A 119 -3.38 0.59 11.28
N PHE A 120 -3.11 1.78 10.74
CA PHE A 120 -4.10 2.52 9.98
C PHE A 120 -3.46 3.21 8.78
N PRO A 121 -4.27 3.44 7.73
CA PRO A 121 -3.81 4.10 6.51
C PRO A 121 -3.48 5.57 6.72
N PHE A 122 -2.74 6.15 5.79
CA PHE A 122 -2.36 7.56 5.87
C PHE A 122 -3.56 8.46 5.56
N LYS A 123 -4.39 8.02 4.63
CA LYS A 123 -5.57 8.77 4.23
C LYS A 123 -6.63 8.77 5.32
N GLU A 124 -6.57 7.75 6.18
CA GLU A 124 -7.52 7.62 7.28
C GLU A 124 -7.95 9.00 7.79
N PRO A 125 -9.27 9.18 7.95
CA PRO A 125 -9.84 10.44 8.43
C PRO A 125 -9.53 10.69 9.90
N GLU A 126 -9.40 11.97 10.27
CA GLU A 126 -9.11 12.33 11.65
C GLU A 126 -9.79 11.37 12.62
N LYS A 127 -9.05 10.98 13.66
CA LYS A 127 -9.57 10.07 14.67
C LYS A 127 -10.82 10.65 15.34
N ARG A 128 -10.86 11.97 15.48
CA ARG A 128 -11.98 12.63 16.10
C ARG A 128 -13.31 12.16 15.49
N THR A 129 -13.30 11.96 14.18
CA THR A 129 -14.49 11.51 13.47
C THR A 129 -14.14 10.69 12.25
N ILE A 130 -14.46 9.40 12.29
CA ILE A 130 -14.17 8.50 11.18
C ILE A 130 -15.45 8.07 10.47
N SER A 131 -15.53 8.34 9.18
CA SER A 131 -16.69 7.98 8.38
C SER A 131 -17.16 6.57 8.73
N ARG A 132 -18.45 6.43 9.03
CA ARG A 132 -19.03 5.14 9.38
C ARG A 132 -18.51 4.05 8.44
N SER A 133 -17.56 3.26 8.93
CA SER A 133 -16.99 2.19 8.14
C SER A 133 -17.81 0.91 8.26
N GLY A 134 -17.72 0.05 7.25
CA GLY A 134 -18.47 -1.19 7.26
C GLY A 134 -17.65 -2.37 6.75
N PRO A 135 -17.98 -3.57 7.24
CA PRO A 135 -17.28 -4.80 6.85
C PRO A 135 -17.58 -5.19 5.41
N SER A 136 -16.81 -6.16 4.90
CA SER A 136 -16.99 -6.63 3.53
C SER A 136 -16.92 -8.15 3.47
N SER A 137 -18.03 -8.77 3.08
CA SER A 137 -18.10 -10.22 2.98
C SER A 137 -17.03 -10.76 2.03
N GLY A 138 -15.93 -11.23 2.60
CA GLY A 138 -14.85 -11.77 1.79
C GLY A 138 -14.97 -13.26 1.58
N GLY A 1 -14.52 29.96 -28.76
CA GLY A 1 -13.31 29.17 -28.70
C GLY A 1 -13.58 27.68 -28.80
N SER A 2 -13.52 26.98 -27.67
CA SER A 2 -13.75 25.54 -27.63
C SER A 2 -15.05 25.22 -26.91
N SER A 3 -15.89 24.41 -27.54
CA SER A 3 -17.17 24.02 -26.97
C SER A 3 -17.04 22.74 -26.14
N GLY A 4 -16.61 21.67 -26.80
CA GLY A 4 -16.44 20.40 -26.11
C GLY A 4 -16.12 19.27 -27.06
N SER A 5 -15.15 18.44 -26.68
CA SER A 5 -14.74 17.31 -27.51
C SER A 5 -14.95 15.99 -26.77
N SER A 6 -16.07 15.87 -26.08
CA SER A 6 -16.38 14.66 -25.32
C SER A 6 -17.10 13.64 -26.21
N GLY A 7 -17.13 12.40 -25.75
CA GLY A 7 -17.77 11.34 -26.51
C GLY A 7 -19.18 11.07 -26.03
N LYS A 8 -20.17 11.48 -26.82
CA LYS A 8 -21.56 11.28 -26.48
C LYS A 8 -21.80 9.87 -25.93
N ALA A 9 -21.40 8.88 -26.70
CA ALA A 9 -21.56 7.48 -26.29
C ALA A 9 -20.82 6.54 -27.23
N GLU A 10 -20.11 5.57 -26.66
CA GLU A 10 -19.37 4.60 -27.47
C GLU A 10 -19.10 3.33 -26.66
N ALA A 11 -18.76 2.26 -27.37
CA ALA A 11 -18.49 0.98 -26.74
C ALA A 11 -17.30 0.28 -27.39
N GLU A 12 -16.23 0.07 -26.63
CA GLU A 12 -15.04 -0.57 -27.14
C GLU A 12 -14.59 -1.70 -26.21
N GLN A 13 -14.30 -2.85 -26.79
CA GLN A 13 -13.86 -4.01 -26.01
C GLN A 13 -12.71 -3.63 -25.08
N ASN A 14 -12.74 -4.13 -23.85
CA ASN A 14 -11.70 -3.84 -22.88
C ASN A 14 -10.61 -4.91 -22.92
N TRP A 15 -10.23 -5.31 -24.12
CA TRP A 15 -9.20 -6.34 -24.29
C TRP A 15 -7.82 -5.70 -24.35
N TRP A 16 -7.61 -4.67 -23.54
CA TRP A 16 -6.33 -3.98 -23.49
C TRP A 16 -5.60 -4.28 -22.18
N GLU A 17 -4.44 -3.67 -22.00
CA GLU A 17 -3.64 -3.87 -20.79
C GLU A 17 -4.19 -3.03 -19.64
N GLY A 18 -5.51 -3.00 -19.51
CA GLY A 18 -6.13 -2.22 -18.45
C GLY A 18 -5.46 -2.44 -17.10
N PRO A 19 -5.71 -1.52 -16.16
CA PRO A 19 -5.13 -1.60 -14.82
C PRO A 19 -5.71 -2.74 -13.99
N PRO A 20 -4.99 -3.14 -12.93
CA PRO A 20 -5.42 -4.23 -12.05
C PRO A 20 -6.62 -3.84 -11.20
N GLN A 21 -6.99 -4.70 -10.26
CA GLN A 21 -8.12 -4.45 -9.39
C GLN A 21 -8.12 -3.00 -8.90
N ASP A 22 -9.24 -2.58 -8.31
CA ASP A 22 -9.36 -1.22 -7.80
C ASP A 22 -8.67 -1.08 -6.44
N LEU A 23 -7.44 -0.60 -6.47
CA LEU A 23 -6.66 -0.41 -5.24
C LEU A 23 -6.73 1.04 -4.77
N SER A 24 -6.96 1.95 -5.71
CA SER A 24 -7.05 3.37 -5.38
C SER A 24 -8.12 3.63 -4.34
N VAL A 25 -9.22 2.89 -4.43
CA VAL A 25 -10.32 3.04 -3.49
C VAL A 25 -9.83 2.92 -2.05
N HIS A 26 -8.80 2.12 -1.84
CA HIS A 26 -8.23 1.93 -0.52
C HIS A 26 -7.64 3.23 0.02
N LEU A 27 -7.49 3.30 1.34
CA LEU A 27 -6.95 4.49 1.98
C LEU A 27 -5.42 4.44 2.00
N TRP A 28 -4.87 3.25 2.14
CA TRP A 28 -3.42 3.08 2.17
C TRP A 28 -2.85 3.03 0.76
N TYR A 29 -3.61 3.55 -0.20
CA TYR A 29 -3.18 3.58 -1.59
C TYR A 29 -2.93 5.00 -2.07
N ALA A 30 -1.68 5.42 -2.04
CA ALA A 30 -1.31 6.77 -2.47
C ALA A 30 -0.62 6.74 -3.83
N GLY A 31 -1.07 5.83 -4.69
CA GLY A 31 -0.50 5.71 -6.02
C GLY A 31 1.00 5.96 -6.02
N PRO A 32 1.53 6.38 -7.19
CA PRO A 32 2.96 6.66 -7.35
C PRO A 32 3.39 7.91 -6.57
N MET A 33 3.84 7.70 -5.34
CA MET A 33 4.29 8.81 -4.50
C MET A 33 5.79 8.72 -4.25
N GLU A 34 6.43 9.88 -4.16
CA GLU A 34 7.87 9.94 -3.93
C GLU A 34 8.19 9.69 -2.45
N ARG A 35 9.21 8.87 -2.21
CA ARG A 35 9.62 8.54 -0.86
C ARG A 35 9.46 9.74 0.07
N ALA A 36 10.06 10.86 -0.32
CA ALA A 36 9.99 12.08 0.47
C ALA A 36 8.57 12.32 0.98
N GLY A 37 7.61 12.30 0.07
CA GLY A 37 6.22 12.51 0.45
C GLY A 37 5.81 11.67 1.64
N ALA A 38 5.98 10.35 1.51
CA ALA A 38 5.61 9.44 2.58
C ALA A 38 6.33 9.79 3.88
N GLU A 39 7.58 10.21 3.76
CA GLU A 39 8.38 10.58 4.93
C GLU A 39 7.86 11.88 5.54
N SER A 40 7.20 12.70 4.73
CA SER A 40 6.66 13.97 5.18
C SER A 40 5.20 13.83 5.57
N ILE A 41 4.54 12.81 5.02
CA ILE A 41 3.13 12.56 5.31
C ILE A 41 2.96 11.89 6.67
N LEU A 42 3.63 10.77 6.86
CA LEU A 42 3.55 10.03 8.12
C LEU A 42 4.36 10.72 9.20
N ALA A 43 5.15 11.71 8.81
CA ALA A 43 5.99 12.45 9.75
C ALA A 43 5.16 12.98 10.90
N ASN A 44 4.02 13.60 10.58
CA ASN A 44 3.13 14.16 11.60
C ASN A 44 2.14 13.11 12.09
N ARG A 45 1.77 12.19 11.20
CA ARG A 45 0.82 11.13 11.55
C ARG A 45 1.24 10.44 12.84
N SER A 46 0.38 9.55 13.33
CA SER A 46 0.66 8.82 14.56
C SER A 46 1.33 7.48 14.26
N ASP A 47 2.33 7.14 15.06
CA ASP A 47 3.05 5.89 14.89
C ASP A 47 2.10 4.76 14.52
N GLY A 48 2.39 4.08 13.41
CA GLY A 48 1.54 2.99 12.97
C GLY A 48 0.85 3.29 11.65
N THR A 49 0.74 4.57 11.31
CA THR A 49 0.09 4.99 10.08
C THR A 49 0.87 4.50 8.85
N PHE A 50 0.38 3.42 8.24
CA PHE A 50 1.02 2.86 7.07
C PHE A 50 0.44 3.45 5.80
N LEU A 51 1.24 3.46 4.73
CA LEU A 51 0.80 4.00 3.45
C LEU A 51 1.51 3.30 2.30
N VAL A 52 0.73 2.77 1.36
CA VAL A 52 1.28 2.07 0.20
C VAL A 52 1.37 3.01 -1.00
N ARG A 53 2.56 3.09 -1.59
CA ARG A 53 2.79 3.94 -2.75
C ARG A 53 3.52 3.17 -3.85
N GLN A 54 3.52 3.74 -5.05
CA GLN A 54 4.20 3.11 -6.18
C GLN A 54 5.51 3.82 -6.50
N ARG A 55 6.31 3.21 -7.37
CA ARG A 55 7.60 3.79 -7.75
C ARG A 55 7.47 4.61 -9.03
N VAL A 56 6.67 5.68 -8.96
CA VAL A 56 6.47 6.55 -10.11
C VAL A 56 6.42 5.76 -11.41
N LYS A 57 5.69 4.65 -11.39
CA LYS A 57 5.56 3.80 -12.57
C LYS A 57 4.31 2.93 -12.48
N ASP A 58 3.91 2.35 -13.61
CA ASP A 58 2.74 1.49 -13.65
C ASP A 58 3.02 0.14 -13.00
N ALA A 59 2.08 -0.34 -12.20
CA ALA A 59 2.24 -1.61 -11.51
C ALA A 59 3.68 -1.85 -11.10
N ALA A 60 4.36 -0.79 -10.68
CA ALA A 60 5.75 -0.88 -10.26
C ALA A 60 5.86 -1.51 -8.89
N GLU A 61 7.07 -1.94 -8.54
CA GLU A 61 7.32 -2.58 -7.25
C GLU A 61 6.76 -1.72 -6.11
N PHE A 62 5.52 -2.01 -5.73
CA PHE A 62 4.86 -1.27 -4.65
C PHE A 62 5.75 -1.23 -3.41
N ALA A 63 5.38 -0.38 -2.45
CA ALA A 63 6.13 -0.23 -1.21
C ALA A 63 5.25 0.31 -0.10
N ILE A 64 5.27 -0.38 1.05
CA ILE A 64 4.47 0.04 2.19
C ILE A 64 5.30 0.85 3.18
N SER A 65 4.98 2.13 3.31
CA SER A 65 5.69 3.02 4.21
C SER A 65 4.82 3.40 5.40
N ILE A 66 5.32 3.14 6.60
CA ILE A 66 4.58 3.45 7.82
C ILE A 66 5.47 4.17 8.83
N LYS A 67 4.84 4.77 9.84
CA LYS A 67 5.58 5.49 10.87
C LYS A 67 5.91 4.57 12.04
N TYR A 68 7.20 4.32 12.25
CA TYR A 68 7.65 3.45 13.33
C TYR A 68 8.97 3.94 13.91
N ASN A 69 9.12 3.80 15.22
CA ASN A 69 10.34 4.23 15.90
C ASN A 69 10.71 5.66 15.51
N VAL A 70 9.69 6.49 15.29
CA VAL A 70 9.90 7.88 14.91
C VAL A 70 10.58 7.98 13.54
N GLU A 71 10.40 6.95 12.72
CA GLU A 71 11.00 6.92 11.39
C GLU A 71 10.06 6.24 10.39
N VAL A 72 10.06 6.75 9.15
CA VAL A 72 9.22 6.19 8.11
C VAL A 72 9.89 5.00 7.44
N LYS A 73 9.54 3.79 7.89
CA LYS A 73 10.10 2.57 7.33
C LYS A 73 9.37 2.16 6.06
N HIS A 74 10.10 1.60 5.11
CA HIS A 74 9.51 1.17 3.86
C HIS A 74 9.59 -0.35 3.75
N ILE A 75 8.60 -0.92 3.05
CA ILE A 75 8.53 -2.36 2.86
C ILE A 75 8.43 -2.71 1.38
N LYS A 76 9.57 -3.02 0.77
CA LYS A 76 9.62 -3.37 -0.64
C LYS A 76 8.60 -4.46 -0.96
N ILE A 77 7.71 -4.18 -1.92
CA ILE A 77 6.69 -5.14 -2.32
C ILE A 77 7.07 -5.85 -3.61
N MET A 78 7.11 -7.18 -3.57
CA MET A 78 7.46 -7.98 -4.73
C MET A 78 6.22 -8.62 -5.34
N THR A 79 6.17 -8.66 -6.67
CA THR A 79 5.04 -9.25 -7.38
C THR A 79 5.46 -10.47 -8.17
N ALA A 80 4.72 -11.57 -7.99
CA ALA A 80 5.02 -12.81 -8.70
C ALA A 80 3.75 -13.55 -9.07
N GLU A 81 3.56 -13.80 -10.36
CA GLU A 81 2.38 -14.50 -10.85
C GLU A 81 1.11 -13.68 -10.58
N GLY A 82 1.28 -12.37 -10.47
CA GLY A 82 0.14 -11.50 -10.22
C GLY A 82 -0.11 -11.29 -8.73
N LEU A 83 0.57 -12.06 -7.91
CA LEU A 83 0.43 -11.96 -6.46
C LEU A 83 1.32 -10.86 -5.90
N TYR A 84 0.89 -10.25 -4.80
CA TYR A 84 1.66 -9.18 -4.16
C TYR A 84 2.19 -9.63 -2.81
N ARG A 85 3.51 -9.51 -2.63
CA ARG A 85 4.14 -9.91 -1.37
C ARG A 85 5.54 -9.29 -1.26
N ILE A 86 5.83 -8.73 -0.08
CA ILE A 86 7.12 -8.10 0.16
C ILE A 86 8.22 -9.15 0.36
N THR A 87 7.80 -10.37 0.68
CA THR A 87 8.74 -11.47 0.90
C THR A 87 8.25 -12.75 0.25
N GLU A 88 9.19 -13.57 -0.22
CA GLU A 88 8.86 -14.83 -0.87
C GLU A 88 8.46 -15.89 0.16
N LYS A 89 7.67 -15.47 1.14
CA LYS A 89 7.22 -16.38 2.19
C LYS A 89 5.71 -16.62 2.10
N LYS A 90 4.98 -15.58 1.73
CA LYS A 90 3.53 -15.67 1.60
C LYS A 90 3.01 -14.68 0.56
N ALA A 91 2.26 -15.19 -0.41
CA ALA A 91 1.70 -14.35 -1.47
C ALA A 91 0.19 -14.23 -1.33
N PHE A 92 -0.35 -13.12 -1.80
CA PHE A 92 -1.79 -12.88 -1.73
C PHE A 92 -2.34 -12.39 -3.07
N ARG A 93 -3.64 -12.58 -3.28
CA ARG A 93 -4.27 -12.16 -4.52
C ARG A 93 -3.94 -10.71 -4.85
N GLY A 94 -4.01 -9.85 -3.83
CA GLY A 94 -3.71 -8.44 -4.02
C GLY A 94 -3.27 -7.76 -2.74
N LEU A 95 -2.95 -6.48 -2.83
CA LEU A 95 -2.51 -5.71 -1.68
C LEU A 95 -3.48 -5.87 -0.52
N THR A 96 -4.71 -5.40 -0.70
CA THR A 96 -5.73 -5.50 0.33
C THR A 96 -5.55 -6.76 1.17
N GLU A 97 -5.28 -7.87 0.50
CA GLU A 97 -5.08 -9.15 1.19
C GLU A 97 -3.71 -9.21 1.85
N LEU A 98 -2.66 -9.11 1.05
CA LEU A 98 -1.29 -9.15 1.56
C LEU A 98 -1.16 -8.29 2.81
N VAL A 99 -1.78 -7.11 2.79
CA VAL A 99 -1.73 -6.21 3.92
C VAL A 99 -2.54 -6.74 5.10
N GLU A 100 -3.71 -7.31 4.80
CA GLU A 100 -4.57 -7.87 5.82
C GLU A 100 -3.80 -8.83 6.72
N PHE A 101 -2.89 -9.58 6.13
CA PHE A 101 -2.07 -10.54 6.87
C PHE A 101 -1.09 -9.82 7.79
N TYR A 102 -0.24 -8.99 7.20
CA TYR A 102 0.75 -8.25 7.97
C TYR A 102 0.10 -7.44 9.08
N GLN A 103 -1.22 -7.24 8.97
CA GLN A 103 -1.96 -6.49 9.96
C GLN A 103 -2.11 -7.29 11.25
N GLN A 104 -1.84 -8.58 11.16
CA GLN A 104 -1.95 -9.47 12.32
C GLN A 104 -0.60 -10.09 12.67
N ASN A 105 0.38 -9.89 11.78
CA ASN A 105 1.71 -10.44 12.00
C ASN A 105 2.77 -9.37 11.73
N SER A 106 3.79 -9.33 12.59
CA SER A 106 4.87 -8.36 12.46
C SER A 106 5.58 -8.53 11.12
N LEU A 107 5.97 -7.40 10.53
CA LEU A 107 6.67 -7.42 9.25
C LEU A 107 8.08 -7.98 9.40
N LYS A 108 8.52 -8.13 10.64
CA LYS A 108 9.85 -8.65 10.93
C LYS A 108 10.18 -9.81 9.99
N ASP A 109 9.17 -10.60 9.63
CA ASP A 109 9.35 -11.73 8.74
C ASP A 109 10.32 -11.39 7.61
N CYS A 110 10.19 -10.19 7.08
CA CYS A 110 11.06 -9.74 5.99
C CYS A 110 12.12 -8.76 6.50
N PHE A 111 11.77 -8.01 7.54
CA PHE A 111 12.69 -7.04 8.12
C PHE A 111 12.79 -7.23 9.63
N LYS A 112 13.49 -8.28 10.05
CA LYS A 112 13.67 -8.57 11.47
C LYS A 112 13.81 -7.29 12.27
N SER A 113 14.79 -6.47 11.90
CA SER A 113 15.03 -5.20 12.59
C SER A 113 13.74 -4.41 12.75
N LEU A 114 12.89 -4.45 11.71
CA LEU A 114 11.63 -3.73 11.73
C LEU A 114 10.49 -4.65 12.18
N ASP A 115 10.14 -4.57 13.46
CA ASP A 115 9.07 -5.39 14.01
C ASP A 115 7.80 -4.56 14.18
N THR A 116 7.16 -4.21 13.08
CA THR A 116 5.94 -3.43 13.11
C THR A 116 4.82 -4.12 12.34
N THR A 117 3.62 -3.52 12.37
CA THR A 117 2.47 -4.08 11.68
C THR A 117 1.57 -2.99 11.13
N LEU A 118 0.84 -3.31 10.07
CA LEU A 118 -0.05 -2.35 9.43
C LEU A 118 -1.16 -1.93 10.39
N GLN A 119 -1.02 -0.74 10.97
CA GLN A 119 -2.01 -0.22 11.90
C GLN A 119 -3.16 0.45 11.16
N PHE A 120 -2.91 1.63 10.61
CA PHE A 120 -3.93 2.37 9.87
C PHE A 120 -3.32 3.09 8.68
N PRO A 121 -4.15 3.33 7.65
CA PRO A 121 -3.71 4.02 6.43
C PRO A 121 -3.41 5.49 6.66
N PHE A 122 -2.72 6.11 5.72
CA PHE A 122 -2.36 7.52 5.81
C PHE A 122 -3.56 8.40 5.47
N LYS A 123 -4.40 7.93 4.56
CA LYS A 123 -5.59 8.67 4.14
C LYS A 123 -6.66 8.63 5.22
N GLU A 124 -6.57 7.64 6.11
CA GLU A 124 -7.53 7.49 7.19
C GLU A 124 -8.02 8.85 7.67
N PRO A 125 -9.35 9.03 7.73
CA PRO A 125 -9.97 10.27 8.18
C PRO A 125 -9.78 10.51 9.68
N GLU A 126 -9.69 11.78 10.07
CA GLU A 126 -9.51 12.14 11.46
C GLU A 126 -10.73 11.73 12.30
N LYS A 127 -10.48 11.41 13.56
CA LYS A 127 -11.56 11.00 14.46
C LYS A 127 -11.98 12.16 15.36
N ARG A 128 -12.82 13.03 14.83
CA ARG A 128 -13.31 14.18 15.59
C ARG A 128 -13.63 13.80 17.03
N THR A 129 -14.55 12.86 17.19
CA THR A 129 -14.95 12.41 18.52
C THR A 129 -14.00 11.33 19.04
N ILE A 130 -14.15 10.97 20.31
CA ILE A 130 -13.30 9.96 20.92
C ILE A 130 -14.14 8.86 21.58
N SER A 131 -13.90 7.62 21.18
CA SER A 131 -14.63 6.48 21.73
C SER A 131 -13.69 5.30 21.98
N ARG A 132 -14.25 4.23 22.54
CA ARG A 132 -13.46 3.04 22.85
C ARG A 132 -13.18 2.24 21.58
N SER A 133 -11.99 1.66 21.50
CA SER A 133 -11.59 0.88 20.34
C SER A 133 -12.42 -0.41 20.25
N GLY A 134 -13.29 -0.48 19.26
CA GLY A 134 -14.12 -1.65 19.07
C GLY A 134 -14.64 -1.78 17.65
N PRO A 135 -13.72 -1.99 16.70
CA PRO A 135 -14.07 -2.13 15.28
C PRO A 135 -14.80 -3.44 15.00
N SER A 136 -15.99 -3.34 14.43
CA SER A 136 -16.80 -4.51 14.11
C SER A 136 -16.14 -5.33 13.02
N SER A 137 -15.64 -6.51 13.37
CA SER A 137 -14.98 -7.39 12.42
C SER A 137 -15.10 -8.86 12.87
N GLY A 138 -15.46 -9.72 11.92
CA GLY A 138 -15.61 -11.13 12.23
C GLY A 138 -16.75 -11.40 13.18
N GLY A 1 38.55 11.11 -14.13
CA GLY A 1 37.19 10.61 -13.99
C GLY A 1 36.23 11.68 -13.52
N SER A 2 35.05 11.73 -14.14
CA SER A 2 34.04 12.72 -13.78
C SER A 2 32.67 12.05 -13.63
N SER A 3 32.00 12.33 -12.52
CA SER A 3 30.68 11.77 -12.25
C SER A 3 29.75 11.99 -13.45
N GLY A 4 28.57 11.39 -13.39
CA GLY A 4 27.60 11.54 -14.47
C GLY A 4 26.53 12.56 -14.16
N SER A 5 26.49 13.62 -14.96
CA SER A 5 25.51 14.68 -14.77
C SER A 5 24.20 14.34 -15.46
N SER A 6 23.15 15.09 -15.12
CA SER A 6 21.82 14.86 -15.70
C SER A 6 21.82 15.23 -17.18
N GLY A 7 21.15 14.42 -17.99
CA GLY A 7 21.08 14.67 -19.41
C GLY A 7 20.14 13.73 -20.13
N LYS A 8 20.66 12.57 -20.54
CA LYS A 8 19.86 11.58 -21.24
C LYS A 8 18.68 11.13 -20.38
N ALA A 9 17.50 11.07 -20.99
CA ALA A 9 16.30 10.65 -20.28
C ALA A 9 15.17 10.36 -21.26
N GLU A 10 14.17 9.60 -20.79
CA GLU A 10 13.03 9.24 -21.63
C GLU A 10 11.75 9.13 -20.79
N ALA A 11 10.63 9.48 -21.40
CA ALA A 11 9.35 9.42 -20.71
C ALA A 11 8.19 9.47 -21.69
N GLU A 12 7.30 8.48 -21.61
CA GLU A 12 6.15 8.41 -22.51
C GLU A 12 4.94 7.83 -21.78
N GLN A 13 3.91 8.65 -21.62
CA GLN A 13 2.69 8.23 -20.94
C GLN A 13 1.78 7.46 -21.90
N ASN A 14 1.04 6.50 -21.37
CA ASN A 14 0.14 5.69 -22.18
C ASN A 14 -1.29 5.77 -21.62
N TRP A 15 -2.26 5.93 -22.52
CA TRP A 15 -3.66 6.01 -22.12
C TRP A 15 -4.40 4.72 -22.46
N TRP A 16 -3.72 3.60 -22.29
CA TRP A 16 -4.32 2.29 -22.58
C TRP A 16 -5.17 1.81 -21.41
N GLU A 17 -6.20 1.03 -21.71
CA GLU A 17 -7.08 0.51 -20.69
C GLU A 17 -6.31 0.19 -19.41
N GLY A 18 -5.12 -0.39 -19.57
CA GLY A 18 -4.30 -0.73 -18.43
C GLY A 18 -4.79 -1.99 -17.72
N PRO A 19 -4.02 -2.45 -16.73
CA PRO A 19 -4.35 -3.65 -15.95
C PRO A 19 -5.55 -3.43 -15.04
N PRO A 20 -6.45 -4.43 -15.00
CA PRO A 20 -7.66 -4.37 -14.16
C PRO A 20 -7.34 -4.46 -12.67
N GLN A 21 -7.72 -3.42 -11.94
CA GLN A 21 -7.46 -3.37 -10.50
C GLN A 21 -8.11 -2.14 -9.88
N ASP A 22 -8.54 -2.26 -8.63
CA ASP A 22 -9.16 -1.16 -7.91
C ASP A 22 -8.57 -1.00 -6.53
N LEU A 23 -7.37 -0.44 -6.45
CA LEU A 23 -6.69 -0.24 -5.17
C LEU A 23 -6.88 1.19 -4.68
N SER A 24 -7.20 2.09 -5.61
CA SER A 24 -7.40 3.49 -5.27
C SER A 24 -8.49 3.65 -4.21
N VAL A 25 -9.52 2.82 -4.30
CA VAL A 25 -10.62 2.85 -3.35
C VAL A 25 -10.13 2.68 -1.92
N HIS A 26 -8.90 2.21 -1.78
CA HIS A 26 -8.30 1.99 -0.46
C HIS A 26 -7.72 3.30 0.08
N LEU A 27 -7.52 3.35 1.39
CA LEU A 27 -6.97 4.53 2.03
C LEU A 27 -5.44 4.49 2.05
N TRP A 28 -4.90 3.28 2.21
CA TRP A 28 -3.46 3.09 2.24
C TRP A 28 -2.88 3.03 0.83
N TYR A 29 -3.65 3.54 -0.14
CA TYR A 29 -3.21 3.53 -1.53
C TYR A 29 -2.95 4.96 -2.02
N ALA A 30 -1.70 5.38 -1.97
CA ALA A 30 -1.32 6.72 -2.40
C ALA A 30 -0.70 6.68 -3.80
N GLY A 31 -1.22 5.79 -4.65
CA GLY A 31 -0.70 5.67 -6.00
C GLY A 31 0.79 5.88 -6.07
N PRO A 32 1.28 6.34 -7.24
CA PRO A 32 2.70 6.59 -7.46
C PRO A 32 3.22 7.79 -6.67
N MET A 33 3.69 7.54 -5.46
CA MET A 33 4.20 8.60 -4.60
C MET A 33 5.67 8.36 -4.26
N GLU A 34 6.48 9.41 -4.37
CA GLU A 34 7.90 9.30 -4.08
C GLU A 34 8.14 9.02 -2.60
N ARG A 35 9.39 8.76 -2.24
CA ARG A 35 9.74 8.47 -0.85
C ARG A 35 9.49 9.67 0.04
N ALA A 36 10.12 10.80 -0.29
CA ALA A 36 9.97 12.03 0.47
C ALA A 36 8.52 12.21 0.92
N GLY A 37 7.60 12.19 -0.05
CA GLY A 37 6.19 12.35 0.25
C GLY A 37 5.75 11.51 1.43
N ALA A 38 5.89 10.20 1.31
CA ALA A 38 5.50 9.27 2.37
C ALA A 38 6.23 9.60 3.67
N GLU A 39 7.50 10.00 3.55
CA GLU A 39 8.29 10.34 4.72
C GLU A 39 7.80 11.62 5.37
N SER A 40 7.16 12.47 4.57
CA SER A 40 6.64 13.74 5.07
C SER A 40 5.17 13.60 5.48
N ILE A 41 4.49 12.63 4.87
CA ILE A 41 3.08 12.40 5.18
C ILE A 41 2.92 11.74 6.54
N LEU A 42 3.61 10.61 6.74
CA LEU A 42 3.54 9.89 8.00
C LEU A 42 4.35 10.59 9.09
N ALA A 43 5.20 11.53 8.66
CA ALA A 43 6.03 12.27 9.60
C ALA A 43 5.20 12.83 10.75
N ASN A 44 4.07 13.46 10.41
CA ASN A 44 3.18 14.03 11.41
C ASN A 44 2.20 12.98 11.93
N ARG A 45 1.82 12.05 11.06
CA ARG A 45 0.88 10.99 11.43
C ARG A 45 1.27 10.38 12.77
N SER A 46 0.40 9.51 13.28
CA SER A 46 0.64 8.85 14.56
C SER A 46 1.30 7.49 14.36
N ASP A 47 2.35 7.24 15.12
CA ASP A 47 3.08 5.98 15.03
C ASP A 47 2.13 4.82 14.72
N GLY A 48 2.39 4.13 13.61
CA GLY A 48 1.55 3.02 13.21
C GLY A 48 0.86 3.26 11.88
N THR A 49 0.76 4.52 11.49
CA THR A 49 0.12 4.88 10.23
C THR A 49 0.89 4.33 9.04
N PHE A 50 0.30 3.35 8.37
CA PHE A 50 0.94 2.74 7.21
C PHE A 50 0.38 3.31 5.91
N LEU A 51 1.21 3.32 4.87
CA LEU A 51 0.79 3.84 3.57
C LEU A 51 1.51 3.11 2.44
N VAL A 52 0.75 2.65 1.45
CA VAL A 52 1.32 1.95 0.32
C VAL A 52 1.57 2.90 -0.85
N ARG A 53 2.82 2.95 -1.31
CA ARG A 53 3.18 3.83 -2.42
C ARG A 53 3.92 3.05 -3.51
N GLN A 54 3.80 3.50 -4.74
CA GLN A 54 4.45 2.84 -5.86
C GLN A 54 5.82 3.45 -6.13
N ARG A 55 6.54 2.88 -7.09
CA ARG A 55 7.87 3.37 -7.45
C ARG A 55 7.81 4.28 -8.66
N VAL A 56 7.14 5.42 -8.51
CA VAL A 56 7.00 6.38 -9.61
C VAL A 56 6.91 5.67 -10.96
N LYS A 57 5.95 4.75 -11.06
CA LYS A 57 5.75 4.01 -12.30
C LYS A 57 4.45 3.21 -12.24
N ASP A 58 3.89 2.91 -13.41
CA ASP A 58 2.65 2.15 -13.50
C ASP A 58 2.83 0.74 -12.94
N ALA A 59 1.92 0.35 -12.05
CA ALA A 59 1.99 -0.98 -11.44
C ALA A 59 3.42 -1.37 -11.13
N ALA A 60 4.17 -0.43 -10.55
CA ALA A 60 5.57 -0.68 -10.20
C ALA A 60 5.68 -1.46 -8.89
N GLU A 61 6.90 -1.67 -8.43
CA GLU A 61 7.13 -2.41 -7.19
C GLU A 61 6.60 -1.63 -5.99
N PHE A 62 5.32 -1.82 -5.69
CA PHE A 62 4.69 -1.15 -4.57
C PHE A 62 5.58 -1.18 -3.33
N ALA A 63 5.21 -0.42 -2.32
CA ALA A 63 5.97 -0.36 -1.07
C ALA A 63 5.10 0.11 0.09
N ILE A 64 5.14 -0.62 1.19
CA ILE A 64 4.36 -0.27 2.37
C ILE A 64 5.20 0.49 3.38
N SER A 65 4.98 1.79 3.48
CA SER A 65 5.73 2.64 4.41
C SER A 65 4.82 3.12 5.53
N ILE A 66 5.29 2.95 6.77
CA ILE A 66 4.53 3.37 7.94
C ILE A 66 5.42 4.11 8.93
N LYS A 67 4.80 4.74 9.92
CA LYS A 67 5.53 5.48 10.95
C LYS A 67 5.85 4.59 12.14
N TYR A 68 7.14 4.33 12.34
CA TYR A 68 7.58 3.49 13.45
C TYR A 68 8.89 3.99 14.03
N ASN A 69 9.06 3.85 15.34
CA ASN A 69 10.27 4.28 16.01
C ASN A 69 10.59 5.73 15.66
N VAL A 70 9.56 6.53 15.44
CA VAL A 70 9.73 7.93 15.09
C VAL A 70 10.43 8.09 13.74
N GLU A 71 10.30 7.07 12.90
CA GLU A 71 10.93 7.09 11.58
C GLU A 71 10.03 6.41 10.55
N VAL A 72 9.95 7.01 9.37
CA VAL A 72 9.13 6.47 8.29
C VAL A 72 9.85 5.32 7.58
N LYS A 73 9.52 4.09 7.97
CA LYS A 73 10.14 2.92 7.37
C LYS A 73 9.43 2.53 6.07
N HIS A 74 10.18 1.95 5.15
CA HIS A 74 9.62 1.54 3.87
C HIS A 74 9.65 0.02 3.75
N ILE A 75 8.61 -0.52 3.13
CA ILE A 75 8.50 -1.96 2.94
C ILE A 75 8.36 -2.31 1.45
N LYS A 76 9.48 -2.64 0.82
CA LYS A 76 9.49 -2.99 -0.59
C LYS A 76 8.54 -4.14 -0.87
N ILE A 77 7.80 -4.05 -1.97
CA ILE A 77 6.85 -5.09 -2.35
C ILE A 77 7.24 -5.74 -3.67
N MET A 78 7.12 -7.06 -3.73
CA MET A 78 7.46 -7.80 -4.94
C MET A 78 6.22 -8.46 -5.54
N THR A 79 6.13 -8.43 -6.87
CA THR A 79 4.98 -9.02 -7.56
C THR A 79 5.41 -10.25 -8.37
N ALA A 80 4.62 -11.31 -8.27
CA ALA A 80 4.92 -12.54 -8.99
C ALA A 80 3.65 -13.35 -9.22
N GLU A 81 3.43 -13.75 -10.47
CA GLU A 81 2.25 -14.53 -10.83
C GLU A 81 0.97 -13.72 -10.61
N GLY A 82 1.10 -12.39 -10.66
CA GLY A 82 -0.05 -11.53 -10.48
C GLY A 82 -0.38 -11.32 -9.01
N LEU A 83 0.56 -11.66 -8.14
CA LEU A 83 0.36 -11.51 -6.71
C LEU A 83 1.25 -10.41 -6.15
N TYR A 84 0.98 -10.00 -4.91
CA TYR A 84 1.75 -8.95 -4.27
C TYR A 84 2.26 -9.40 -2.90
N ARG A 85 3.58 -9.41 -2.74
CA ARG A 85 4.20 -9.82 -1.48
C ARG A 85 5.64 -9.32 -1.39
N ILE A 86 6.02 -8.84 -0.21
CA ILE A 86 7.36 -8.34 0.00
C ILE A 86 8.36 -9.48 0.17
N THR A 87 7.86 -10.65 0.54
CA THR A 87 8.69 -11.83 0.73
C THR A 87 8.10 -13.05 0.03
N GLU A 88 8.97 -13.94 -0.43
CA GLU A 88 8.53 -15.15 -1.11
C GLU A 88 8.09 -16.21 -0.11
N LYS A 89 7.34 -15.79 0.91
CA LYS A 89 6.86 -16.70 1.93
C LYS A 89 5.36 -16.92 1.81
N LYS A 90 4.63 -15.86 1.50
CA LYS A 90 3.18 -15.93 1.35
C LYS A 90 2.67 -14.80 0.46
N ALA A 91 2.16 -15.16 -0.71
CA ALA A 91 1.63 -14.17 -1.66
C ALA A 91 0.12 -14.02 -1.50
N PHE A 92 -0.38 -12.85 -1.89
CA PHE A 92 -1.81 -12.58 -1.78
C PHE A 92 -2.36 -12.04 -3.11
N ARG A 93 -3.60 -12.39 -3.42
CA ARG A 93 -4.25 -11.95 -4.65
C ARG A 93 -3.92 -10.49 -4.93
N GLY A 94 -4.02 -9.65 -3.91
CA GLY A 94 -3.74 -8.24 -4.06
C GLY A 94 -3.27 -7.59 -2.78
N LEU A 95 -2.94 -6.30 -2.85
CA LEU A 95 -2.47 -5.56 -1.68
C LEU A 95 -3.43 -5.75 -0.51
N THR A 96 -4.66 -5.26 -0.67
CA THR A 96 -5.67 -5.37 0.38
C THR A 96 -5.49 -6.66 1.18
N GLU A 97 -5.18 -7.75 0.48
CA GLU A 97 -4.98 -9.04 1.14
C GLU A 97 -3.62 -9.10 1.82
N LEU A 98 -2.56 -8.92 1.05
CA LEU A 98 -1.21 -8.95 1.58
C LEU A 98 -1.09 -8.10 2.83
N VAL A 99 -1.82 -6.99 2.87
CA VAL A 99 -1.81 -6.10 4.01
C VAL A 99 -2.62 -6.66 5.16
N GLU A 100 -3.75 -7.28 4.83
CA GLU A 100 -4.63 -7.87 5.84
C GLU A 100 -3.85 -8.83 6.74
N PHE A 101 -2.91 -9.56 6.16
CA PHE A 101 -2.10 -10.51 6.91
C PHE A 101 -1.18 -9.78 7.89
N TYR A 102 -0.33 -8.91 7.35
CA TYR A 102 0.61 -8.15 8.17
C TYR A 102 -0.13 -7.36 9.25
N GLN A 103 -1.42 -7.16 9.05
CA GLN A 103 -2.24 -6.42 10.01
C GLN A 103 -2.45 -7.23 11.28
N GLN A 104 -2.16 -8.52 11.21
CA GLN A 104 -2.31 -9.41 12.35
C GLN A 104 -0.97 -9.99 12.79
N ASN A 105 0.04 -9.82 11.94
CA ASN A 105 1.38 -10.32 12.23
C ASN A 105 2.43 -9.25 11.96
N SER A 106 3.41 -9.15 12.87
CA SER A 106 4.48 -8.16 12.74
C SER A 106 5.33 -8.46 11.50
N LEU A 107 5.70 -7.40 10.78
CA LEU A 107 6.50 -7.53 9.58
C LEU A 107 7.89 -8.06 9.92
N LYS A 108 8.17 -8.20 11.21
CA LYS A 108 9.46 -8.69 11.68
C LYS A 108 9.94 -9.85 10.80
N ASP A 109 9.04 -10.78 10.52
CA ASP A 109 9.37 -11.94 9.70
C ASP A 109 10.23 -11.53 8.51
N CYS A 110 9.80 -10.49 7.82
CA CYS A 110 10.52 -10.00 6.65
C CYS A 110 11.66 -9.07 7.06
N PHE A 111 11.45 -8.32 8.14
CA PHE A 111 12.45 -7.40 8.64
C PHE A 111 12.59 -7.51 10.16
N LYS A 112 13.36 -8.50 10.61
CA LYS A 112 13.57 -8.70 12.03
C LYS A 112 13.81 -7.38 12.76
N SER A 113 14.46 -6.44 12.08
CA SER A 113 14.75 -5.14 12.65
C SER A 113 13.47 -4.32 12.82
N LEU A 114 12.55 -4.47 11.86
CA LEU A 114 11.29 -3.75 11.90
C LEU A 114 10.16 -4.66 12.38
N ASP A 115 9.86 -4.58 13.68
CA ASP A 115 8.79 -5.40 14.26
C ASP A 115 7.53 -4.57 14.48
N THR A 116 6.83 -4.27 13.39
CA THR A 116 5.60 -3.49 13.45
C THR A 116 4.49 -4.14 12.64
N THR A 117 3.32 -3.50 12.62
CA THR A 117 2.18 -4.01 11.88
C THR A 117 1.37 -2.88 11.27
N LEU A 118 0.55 -3.21 10.28
CA LEU A 118 -0.29 -2.21 9.61
C LEU A 118 -1.41 -1.75 10.53
N GLN A 119 -1.15 -0.66 11.25
CA GLN A 119 -2.14 -0.09 12.17
C GLN A 119 -3.28 0.56 11.40
N PHE A 120 -3.03 1.72 10.83
CA PHE A 120 -4.03 2.45 10.07
C PHE A 120 -3.41 3.13 8.86
N PRO A 121 -4.24 3.35 7.82
CA PRO A 121 -3.78 3.98 6.58
C PRO A 121 -3.48 5.46 6.77
N PHE A 122 -2.72 6.03 5.84
CA PHE A 122 -2.35 7.45 5.91
C PHE A 122 -3.54 8.34 5.54
N LYS A 123 -4.34 7.87 4.59
CA LYS A 123 -5.51 8.62 4.15
C LYS A 123 -6.58 8.66 5.23
N GLU A 124 -6.56 7.66 6.12
CA GLU A 124 -7.52 7.60 7.21
C GLU A 124 -7.92 8.99 7.68
N PRO A 125 -9.24 9.21 7.82
CA PRO A 125 -9.78 10.50 8.26
C PRO A 125 -9.47 10.78 9.73
N GLU A 126 -9.39 12.07 10.06
CA GLU A 126 -9.09 12.47 11.43
C GLU A 126 -9.70 11.50 12.44
N LYS A 127 -8.93 11.17 13.47
CA LYS A 127 -9.38 10.24 14.50
C LYS A 127 -9.89 10.99 15.72
N ARG A 128 -10.33 12.23 15.51
CA ARG A 128 -10.83 13.06 16.59
C ARG A 128 -12.33 12.82 16.80
N THR A 129 -12.66 12.03 17.80
CA THR A 129 -14.06 11.71 18.11
C THR A 129 -14.85 12.97 18.43
N ILE A 130 -16.03 13.10 17.84
CA ILE A 130 -16.87 14.26 18.07
C ILE A 130 -18.29 14.02 17.55
N SER A 131 -19.27 14.61 18.23
CA SER A 131 -20.66 14.45 17.84
C SER A 131 -20.87 14.84 16.39
N ARG A 132 -21.00 13.86 15.52
CA ARG A 132 -21.21 14.11 14.09
C ARG A 132 -22.58 13.60 13.65
N SER A 133 -22.98 13.99 12.44
CA SER A 133 -24.27 13.58 11.89
C SER A 133 -24.20 12.17 11.34
N GLY A 134 -24.97 11.26 11.93
CA GLY A 134 -24.98 9.89 11.47
C GLY A 134 -24.48 8.92 12.52
N PRO A 135 -25.06 7.71 12.55
CA PRO A 135 -24.68 6.67 13.51
C PRO A 135 -23.29 6.11 13.25
N SER A 136 -22.68 5.56 14.29
CA SER A 136 -21.34 4.99 14.18
C SER A 136 -21.41 3.49 13.93
N SER A 137 -20.26 2.90 13.61
CA SER A 137 -20.19 1.47 13.35
C SER A 137 -19.92 0.69 14.63
N GLY A 138 -20.63 -0.41 14.82
CA GLY A 138 -20.46 -1.23 16.01
C GLY A 138 -21.77 -1.70 16.60
N GLY A 1 5.16 -32.07 -22.93
CA GLY A 1 4.71 -30.76 -22.50
C GLY A 1 5.73 -29.67 -22.79
N SER A 2 6.10 -29.53 -24.07
CA SER A 2 7.07 -28.53 -24.48
C SER A 2 6.39 -27.40 -25.23
N SER A 3 6.90 -26.18 -25.03
CA SER A 3 6.34 -25.00 -25.68
C SER A 3 7.44 -24.11 -26.25
N GLY A 4 7.15 -23.46 -27.36
CA GLY A 4 8.12 -22.59 -27.99
C GLY A 4 7.53 -21.76 -29.11
N SER A 5 6.84 -22.42 -30.04
CA SER A 5 6.23 -21.74 -31.17
C SER A 5 5.09 -20.83 -30.70
N SER A 6 5.43 -19.59 -30.36
CA SER A 6 4.45 -18.63 -29.89
C SER A 6 4.84 -17.21 -30.29
N GLY A 7 3.92 -16.51 -30.93
CA GLY A 7 4.18 -15.15 -31.36
C GLY A 7 3.54 -14.12 -30.46
N LYS A 8 4.26 -13.02 -30.20
CA LYS A 8 3.75 -11.96 -29.35
C LYS A 8 4.24 -10.59 -29.82
N ALA A 9 3.36 -9.59 -29.76
CA ALA A 9 3.72 -8.25 -30.19
C ALA A 9 4.41 -7.49 -29.06
N GLU A 10 4.84 -6.27 -29.36
CA GLU A 10 5.53 -5.44 -28.38
C GLU A 10 4.61 -4.31 -27.88
N ALA A 11 3.77 -4.64 -26.91
CA ALA A 11 2.84 -3.67 -26.35
C ALA A 11 2.09 -4.25 -25.16
N GLU A 12 2.07 -3.50 -24.05
CA GLU A 12 1.39 -3.95 -22.85
C GLU A 12 0.12 -3.13 -22.60
N GLN A 13 -1.01 -3.63 -23.09
CA GLN A 13 -2.28 -2.95 -22.93
C GLN A 13 -3.40 -3.94 -22.62
N ASN A 14 -4.54 -3.42 -22.17
CA ASN A 14 -5.68 -4.27 -21.84
C ASN A 14 -6.95 -3.76 -22.51
N TRP A 15 -7.49 -4.56 -23.42
CA TRP A 15 -8.70 -4.19 -24.14
C TRP A 15 -9.92 -4.89 -23.55
N TRP A 16 -9.98 -4.95 -22.22
CA TRP A 16 -11.09 -5.60 -21.54
C TRP A 16 -12.16 -4.59 -21.15
N GLU A 17 -13.42 -4.97 -21.30
CA GLU A 17 -14.54 -4.09 -20.97
C GLU A 17 -14.67 -3.93 -19.45
N GLY A 18 -14.54 -5.04 -18.74
CA GLY A 18 -14.66 -5.00 -17.29
C GLY A 18 -13.54 -4.21 -16.64
N PRO A 19 -13.86 -3.52 -15.54
CA PRO A 19 -12.89 -2.71 -14.80
C PRO A 19 -11.85 -3.56 -14.09
N PRO A 20 -10.56 -3.20 -14.26
CA PRO A 20 -9.45 -3.91 -13.63
C PRO A 20 -9.40 -3.71 -12.12
N GLN A 21 -8.43 -4.34 -11.48
CA GLN A 21 -8.27 -4.23 -10.03
C GLN A 21 -8.54 -2.81 -9.56
N ASP A 22 -8.98 -2.68 -8.31
CA ASP A 22 -9.26 -1.38 -7.74
C ASP A 22 -8.62 -1.23 -6.36
N LEU A 23 -7.39 -0.70 -6.35
CA LEU A 23 -6.66 -0.51 -5.10
C LEU A 23 -6.78 0.94 -4.63
N SER A 24 -7.12 1.83 -5.54
CA SER A 24 -7.26 3.24 -5.22
C SER A 24 -8.36 3.45 -4.17
N VAL A 25 -9.41 2.66 -4.26
CA VAL A 25 -10.52 2.76 -3.33
C VAL A 25 -10.05 2.66 -1.89
N HIS A 26 -8.89 2.02 -1.70
CA HIS A 26 -8.33 1.85 -0.37
C HIS A 26 -7.76 3.17 0.15
N LEU A 27 -7.53 3.23 1.46
CA LEU A 27 -7.00 4.44 2.09
C LEU A 27 -5.47 4.41 2.11
N TRP A 28 -4.91 3.21 2.23
CA TRP A 28 -3.46 3.05 2.28
C TRP A 28 -2.88 2.97 0.87
N TYR A 29 -3.66 3.44 -0.11
CA TYR A 29 -3.21 3.42 -1.50
C TYR A 29 -2.96 4.84 -2.01
N ALA A 30 -1.71 5.26 -1.96
CA ALA A 30 -1.33 6.59 -2.41
C ALA A 30 -0.66 6.54 -3.79
N GLY A 31 -1.02 5.52 -4.57
CA GLY A 31 -0.45 5.37 -5.90
C GLY A 31 1.05 5.65 -5.92
N PRO A 32 1.54 6.15 -7.07
CA PRO A 32 2.96 6.46 -7.24
C PRO A 32 3.38 7.67 -6.42
N MET A 33 3.99 7.42 -5.26
CA MET A 33 4.45 8.48 -4.38
C MET A 33 5.93 8.32 -4.07
N GLU A 34 6.67 9.43 -4.12
CA GLU A 34 8.10 9.41 -3.84
C GLU A 34 8.36 9.19 -2.36
N ARG A 35 9.53 8.66 -2.04
CA ARG A 35 9.91 8.41 -0.65
C ARG A 35 9.64 9.64 0.21
N ALA A 36 10.02 10.80 -0.29
CA ALA A 36 9.83 12.05 0.43
C ALA A 36 8.39 12.18 0.93
N GLY A 37 7.44 12.25 -0.01
CA GLY A 37 6.05 12.38 0.35
C GLY A 37 5.68 11.53 1.55
N ALA A 38 5.94 10.23 1.46
CA ALA A 38 5.64 9.32 2.55
C ALA A 38 6.30 9.77 3.85
N GLU A 39 7.55 10.21 3.75
CA GLU A 39 8.29 10.66 4.92
C GLU A 39 7.72 11.97 5.45
N SER A 40 7.06 12.72 4.56
CA SER A 40 6.47 14.00 4.95
C SER A 40 5.01 13.83 5.33
N ILE A 41 4.40 12.73 4.87
CA ILE A 41 3.00 12.45 5.17
C ILE A 41 2.86 11.75 6.53
N LEU A 42 3.52 10.61 6.67
CA LEU A 42 3.47 9.85 7.91
C LEU A 42 4.30 10.53 9.00
N ALA A 43 5.13 11.48 8.59
CA ALA A 43 5.99 12.20 9.53
C ALA A 43 5.19 12.64 10.76
N ASN A 44 4.16 13.45 10.52
CA ASN A 44 3.32 13.96 11.61
C ASN A 44 2.36 12.87 12.10
N ARG A 45 1.91 12.04 11.17
CA ARG A 45 0.98 10.96 11.51
C ARG A 45 1.40 10.27 12.80
N SER A 46 0.46 9.54 13.40
CA SER A 46 0.74 8.83 14.65
C SER A 46 1.42 7.49 14.37
N ASP A 47 2.45 7.19 15.16
CA ASP A 47 3.19 5.95 15.00
C ASP A 47 2.24 4.80 14.67
N GLY A 48 2.45 4.18 13.51
CA GLY A 48 1.60 3.07 13.10
C GLY A 48 0.89 3.35 11.79
N THR A 49 0.79 4.61 11.42
CA THR A 49 0.12 5.00 10.19
C THR A 49 0.87 4.49 8.97
N PHE A 50 0.40 3.39 8.40
CA PHE A 50 1.03 2.80 7.23
C PHE A 50 0.46 3.37 5.94
N LEU A 51 1.26 3.37 4.88
CA LEU A 51 0.84 3.90 3.60
C LEU A 51 1.52 3.16 2.45
N VAL A 52 0.71 2.63 1.54
CA VAL A 52 1.25 1.90 0.38
C VAL A 52 1.37 2.81 -0.83
N ARG A 53 2.57 2.88 -1.39
CA ARG A 53 2.82 3.71 -2.56
C ARG A 53 3.59 2.94 -3.62
N GLN A 54 3.68 3.52 -4.81
CA GLN A 54 4.40 2.88 -5.92
C GLN A 54 5.73 3.59 -6.20
N ARG A 55 6.59 2.95 -6.97
CA ARG A 55 7.88 3.52 -7.31
C ARG A 55 7.75 4.54 -8.43
N VAL A 56 6.99 5.59 -8.18
CA VAL A 56 6.79 6.64 -9.18
C VAL A 56 6.82 6.07 -10.59
N LYS A 57 5.99 5.07 -10.83
CA LYS A 57 5.92 4.44 -12.15
C LYS A 57 4.69 3.52 -12.25
N ASP A 58 4.22 3.33 -13.47
CA ASP A 58 3.05 2.48 -13.70
C ASP A 58 3.27 1.08 -13.12
N ALA A 59 2.29 0.60 -12.38
CA ALA A 59 2.38 -0.73 -11.77
C ALA A 59 3.81 -1.06 -11.37
N ALA A 60 4.52 -0.07 -10.84
CA ALA A 60 5.90 -0.26 -10.42
C ALA A 60 5.98 -1.06 -9.14
N GLU A 61 7.21 -1.32 -8.68
CA GLU A 61 7.41 -2.08 -7.45
C GLU A 61 6.80 -1.36 -6.25
N PHE A 62 5.60 -1.77 -5.88
CA PHE A 62 4.89 -1.16 -4.75
C PHE A 62 5.78 -1.15 -3.51
N ALA A 63 5.39 -0.34 -2.52
CA ALA A 63 6.16 -0.24 -1.29
C ALA A 63 5.27 0.28 -0.14
N ILE A 64 5.32 -0.41 0.99
CA ILE A 64 4.53 -0.03 2.15
C ILE A 64 5.39 0.69 3.18
N SER A 65 5.04 1.93 3.47
CA SER A 65 5.78 2.73 4.44
C SER A 65 4.87 3.17 5.59
N ILE A 66 5.35 2.97 6.82
CA ILE A 66 4.58 3.35 8.00
C ILE A 66 5.45 4.07 9.01
N LYS A 67 4.80 4.76 9.96
CA LYS A 67 5.52 5.50 10.98
C LYS A 67 5.90 4.58 12.14
N TYR A 68 7.21 4.40 12.35
CA TYR A 68 7.69 3.54 13.42
C TYR A 68 8.99 4.09 14.01
N ASN A 69 9.12 4.02 15.33
CA ASN A 69 10.31 4.51 16.01
C ASN A 69 10.63 5.94 15.59
N VAL A 70 9.58 6.70 15.29
CA VAL A 70 9.75 8.09 14.87
C VAL A 70 10.48 8.19 13.54
N GLU A 71 10.40 7.12 12.75
CA GLU A 71 11.06 7.08 11.45
C GLU A 71 10.18 6.38 10.42
N VAL A 72 10.04 7.00 9.25
CA VAL A 72 9.23 6.43 8.17
C VAL A 72 9.96 5.30 7.47
N LYS A 73 9.61 4.07 7.84
CA LYS A 73 10.23 2.89 7.24
C LYS A 73 9.56 2.53 5.92
N HIS A 74 10.29 1.82 5.08
CA HIS A 74 9.74 1.41 3.79
C HIS A 74 9.79 -0.11 3.67
N ILE A 75 8.76 -0.64 3.01
CA ILE A 75 8.65 -2.09 2.82
C ILE A 75 8.55 -2.43 1.34
N LYS A 76 9.66 -2.85 0.75
CA LYS A 76 9.70 -3.22 -0.66
C LYS A 76 8.69 -4.33 -0.95
N ILE A 77 7.81 -4.08 -1.93
CA ILE A 77 6.80 -5.06 -2.31
C ILE A 77 7.16 -5.74 -3.62
N MET A 78 7.22 -7.06 -3.60
CA MET A 78 7.54 -7.84 -4.79
C MET A 78 6.30 -8.47 -5.40
N THR A 79 6.23 -8.48 -6.72
CA THR A 79 5.09 -9.04 -7.43
C THR A 79 5.52 -10.23 -8.29
N ALA A 80 4.75 -11.31 -8.21
CA ALA A 80 5.04 -12.52 -8.98
C ALA A 80 3.76 -13.21 -9.44
N GLU A 81 3.57 -13.29 -10.76
CA GLU A 81 2.39 -13.92 -11.32
C GLU A 81 1.14 -13.11 -11.00
N GLY A 82 1.32 -11.82 -10.77
CA GLY A 82 0.20 -10.95 -10.45
C GLY A 82 -0.02 -10.82 -8.96
N LEU A 83 0.61 -11.69 -8.18
CA LEU A 83 0.47 -11.67 -6.74
C LEU A 83 1.33 -10.57 -6.12
N TYR A 84 0.94 -10.11 -4.93
CA TYR A 84 1.68 -9.06 -4.24
C TYR A 84 2.22 -9.57 -2.91
N ARG A 85 3.55 -9.49 -2.75
CA ARG A 85 4.20 -9.94 -1.53
C ARG A 85 5.59 -9.34 -1.40
N ILE A 86 5.90 -8.79 -0.23
CA ILE A 86 7.20 -8.19 0.01
C ILE A 86 8.29 -9.24 0.10
N THR A 87 7.88 -10.49 0.35
CA THR A 87 8.83 -11.60 0.46
C THR A 87 8.28 -12.85 -0.21
N GLU A 88 9.17 -13.72 -0.66
CA GLU A 88 8.79 -14.95 -1.31
C GLU A 88 8.38 -16.01 -0.28
N LYS A 89 7.59 -15.60 0.70
CA LYS A 89 7.13 -16.51 1.75
C LYS A 89 5.64 -16.74 1.65
N LYS A 90 4.89 -15.67 1.35
CA LYS A 90 3.44 -15.76 1.24
C LYS A 90 2.92 -14.74 0.22
N ALA A 91 2.26 -15.24 -0.82
CA ALA A 91 1.71 -14.37 -1.86
C ALA A 91 0.20 -14.24 -1.72
N PHE A 92 -0.34 -13.09 -2.09
CA PHE A 92 -1.77 -12.84 -2.01
C PHE A 92 -2.31 -12.30 -3.34
N ARG A 93 -3.61 -12.45 -3.55
CA ARG A 93 -4.26 -11.98 -4.77
C ARG A 93 -3.93 -10.51 -5.02
N GLY A 94 -4.02 -9.71 -3.96
CA GLY A 94 -3.74 -8.28 -4.09
C GLY A 94 -3.28 -7.67 -2.78
N LEU A 95 -2.97 -6.38 -2.81
CA LEU A 95 -2.52 -5.67 -1.62
C LEU A 95 -3.51 -5.84 -0.47
N THR A 96 -4.77 -5.48 -0.74
CA THR A 96 -5.81 -5.59 0.28
C THR A 96 -5.56 -6.79 1.20
N GLU A 97 -5.25 -7.93 0.60
CA GLU A 97 -4.98 -9.14 1.36
C GLU A 97 -3.61 -9.08 2.02
N LEU A 98 -2.56 -9.00 1.20
CA LEU A 98 -1.20 -8.93 1.71
C LEU A 98 -1.12 -8.07 2.96
N VAL A 99 -1.73 -6.89 2.89
CA VAL A 99 -1.73 -5.96 4.02
C VAL A 99 -2.57 -6.51 5.17
N GLU A 100 -3.75 -7.01 4.84
CA GLU A 100 -4.66 -7.55 5.85
C GLU A 100 -3.95 -8.60 6.70
N PHE A 101 -3.17 -9.46 6.05
CA PHE A 101 -2.44 -10.52 6.75
C PHE A 101 -1.40 -9.91 7.69
N TYR A 102 -0.65 -8.94 7.19
CA TYR A 102 0.38 -8.28 7.99
C TYR A 102 -0.23 -7.50 9.14
N GLN A 103 -1.50 -7.12 8.98
CA GLN A 103 -2.20 -6.36 10.01
C GLN A 103 -2.38 -7.19 11.27
N GLN A 104 -2.11 -8.49 11.17
CA GLN A 104 -2.25 -9.39 12.30
C GLN A 104 -0.89 -10.00 12.67
N ASN A 105 0.05 -9.94 11.74
CA ASN A 105 1.39 -10.49 11.97
C ASN A 105 2.45 -9.40 11.84
N SER A 106 3.46 -9.48 12.69
CA SER A 106 4.55 -8.49 12.67
C SER A 106 5.38 -8.63 11.41
N LEU A 107 5.72 -7.49 10.81
CA LEU A 107 6.52 -7.48 9.59
C LEU A 107 7.94 -7.96 9.86
N LYS A 108 8.29 -8.07 11.14
CA LYS A 108 9.62 -8.51 11.52
C LYS A 108 10.07 -9.70 10.68
N ASP A 109 9.17 -10.66 10.49
CA ASP A 109 9.47 -11.84 9.69
C ASP A 109 10.36 -11.49 8.50
N CYS A 110 9.96 -10.45 7.77
CA CYS A 110 10.72 -10.01 6.60
C CYS A 110 11.86 -9.08 7.01
N PHE A 111 11.62 -8.29 8.04
CA PHE A 111 12.62 -7.35 8.53
C PHE A 111 12.71 -7.40 10.05
N LYS A 112 13.49 -8.34 10.56
CA LYS A 112 13.67 -8.49 12.01
C LYS A 112 13.90 -7.15 12.67
N SER A 113 14.67 -6.28 12.01
CA SER A 113 14.96 -4.95 12.54
C SER A 113 13.69 -4.12 12.64
N LEU A 114 12.76 -4.36 11.72
CA LEU A 114 11.50 -3.62 11.69
C LEU A 114 10.36 -4.48 12.25
N ASP A 115 10.07 -4.29 13.53
CA ASP A 115 9.00 -5.04 14.18
C ASP A 115 7.74 -4.19 14.32
N THR A 116 7.05 -3.97 13.21
CA THR A 116 5.84 -3.17 13.21
C THR A 116 4.74 -3.84 12.40
N THR A 117 3.52 -3.31 12.48
CA THR A 117 2.38 -3.85 11.77
C THR A 117 1.55 -2.75 11.12
N LEU A 118 0.67 -3.14 10.21
CA LEU A 118 -0.20 -2.19 9.53
C LEU A 118 -1.32 -1.71 10.43
N GLN A 119 -1.04 -0.67 11.23
CA GLN A 119 -2.03 -0.12 12.14
C GLN A 119 -3.17 0.53 11.37
N PHE A 120 -2.91 1.69 10.79
CA PHE A 120 -3.92 2.41 10.03
C PHE A 120 -3.30 3.09 8.80
N PRO A 121 -4.13 3.34 7.79
CA PRO A 121 -3.69 3.97 6.54
C PRO A 121 -3.35 5.45 6.73
N PHE A 122 -2.73 6.05 5.73
CA PHE A 122 -2.34 7.45 5.79
C PHE A 122 -3.52 8.36 5.47
N LYS A 123 -4.37 7.90 4.55
CA LYS A 123 -5.55 8.67 4.15
C LYS A 123 -6.59 8.68 5.26
N GLU A 124 -6.51 7.70 6.15
CA GLU A 124 -7.46 7.59 7.26
C GLU A 124 -7.89 8.98 7.73
N PRO A 125 -9.21 9.18 7.82
CA PRO A 125 -9.79 10.45 8.27
C PRO A 125 -9.54 10.72 9.75
N GLU A 126 -9.65 11.98 10.14
CA GLU A 126 -9.44 12.38 11.53
C GLU A 126 -10.38 11.61 12.46
N LYS A 127 -11.37 10.94 11.87
CA LYS A 127 -12.33 10.17 12.64
C LYS A 127 -11.63 9.30 13.69
N ARG A 128 -11.57 9.81 14.91
CA ARG A 128 -10.92 9.09 16.00
C ARG A 128 -11.79 7.92 16.46
N THR A 129 -11.39 6.71 16.08
CA THR A 129 -12.13 5.51 16.45
C THR A 129 -11.19 4.38 16.86
N ILE A 130 -11.41 3.82 18.04
CA ILE A 130 -10.58 2.74 18.55
C ILE A 130 -10.37 1.66 17.49
N SER A 131 -9.55 0.67 17.82
CA SER A 131 -9.28 -0.42 16.89
C SER A 131 -10.53 -0.84 16.14
N ARG A 132 -10.67 -0.35 14.91
CA ARG A 132 -11.82 -0.67 14.09
C ARG A 132 -11.67 -2.04 13.43
N SER A 133 -12.28 -3.05 14.04
CA SER A 133 -12.20 -4.41 13.53
C SER A 133 -12.86 -4.51 12.15
N GLY A 134 -12.04 -4.75 11.13
CA GLY A 134 -12.56 -4.87 9.78
C GLY A 134 -13.87 -5.62 9.73
N PRO A 135 -14.96 -4.89 9.41
CA PRO A 135 -16.30 -5.48 9.31
C PRO A 135 -16.45 -6.41 8.11
N SER A 136 -17.58 -7.10 8.03
CA SER A 136 -17.84 -8.02 6.93
C SER A 136 -19.11 -7.61 6.18
N SER A 137 -19.07 -7.81 4.86
CA SER A 137 -20.22 -7.46 4.01
C SER A 137 -20.51 -8.59 3.03
N GLY A 138 -21.79 -8.98 2.95
CA GLY A 138 -22.18 -10.04 2.04
C GLY A 138 -23.64 -9.95 1.65
N GLY A 1 -19.20 -5.03 -26.94
CA GLY A 1 -18.24 -5.75 -26.15
C GLY A 1 -18.67 -7.18 -25.88
N SER A 2 -17.99 -8.14 -26.49
CA SER A 2 -18.30 -9.55 -26.32
C SER A 2 -17.23 -10.25 -25.49
N SER A 3 -17.51 -11.49 -25.11
CA SER A 3 -16.58 -12.27 -24.32
C SER A 3 -15.20 -12.33 -24.98
N GLY A 4 -14.20 -12.81 -24.25
CA GLY A 4 -12.87 -12.91 -24.79
C GLY A 4 -11.86 -12.12 -23.98
N SER A 5 -11.40 -12.69 -22.87
CA SER A 5 -10.43 -12.04 -22.01
C SER A 5 -9.01 -12.42 -22.40
N SER A 6 -8.45 -11.68 -23.35
CA SER A 6 -7.09 -11.94 -23.83
C SER A 6 -6.18 -12.30 -22.66
N GLY A 7 -6.10 -11.41 -21.68
CA GLY A 7 -5.26 -11.65 -20.52
C GLY A 7 -3.81 -11.28 -20.78
N LYS A 8 -3.55 -9.99 -20.96
CA LYS A 8 -2.19 -9.51 -21.22
C LYS A 8 -1.98 -8.14 -20.59
N ALA A 9 -0.92 -8.02 -19.78
CA ALA A 9 -0.60 -6.77 -19.13
C ALA A 9 -0.21 -5.70 -20.14
N GLU A 10 -1.03 -4.65 -20.23
CA GLU A 10 -0.77 -3.56 -21.16
C GLU A 10 -1.46 -2.29 -20.71
N ALA A 11 -1.01 -1.15 -21.23
CA ALA A 11 -1.58 0.15 -20.88
C ALA A 11 -3.10 0.09 -20.91
N GLU A 12 -3.74 1.01 -20.18
CA GLU A 12 -5.20 1.06 -20.13
C GLU A 12 -5.74 2.24 -20.93
N GLN A 13 -4.98 2.64 -21.95
CA GLN A 13 -5.37 3.77 -22.79
C GLN A 13 -5.87 3.29 -24.15
N ASN A 14 -6.66 2.22 -24.14
CA ASN A 14 -7.20 1.65 -25.38
C ASN A 14 -8.57 1.03 -25.13
N TRP A 15 -9.10 0.40 -26.16
CA TRP A 15 -10.41 -0.25 -26.06
C TRP A 15 -10.29 -1.63 -25.42
N TRP A 16 -9.46 -1.72 -24.39
CA TRP A 16 -9.26 -2.98 -23.68
C TRP A 16 -10.39 -3.24 -22.70
N GLU A 17 -10.70 -4.52 -22.48
CA GLU A 17 -11.77 -4.90 -21.56
C GLU A 17 -11.82 -3.95 -20.37
N GLY A 18 -10.65 -3.60 -19.84
CA GLY A 18 -10.58 -2.70 -18.71
C GLY A 18 -9.36 -2.95 -17.84
N PRO A 19 -9.09 -2.02 -16.92
CA PRO A 19 -7.94 -2.13 -16.01
C PRO A 19 -8.11 -3.23 -14.99
N PRO A 20 -7.01 -3.59 -14.30
CA PRO A 20 -7.01 -4.64 -13.28
C PRO A 20 -7.77 -4.21 -12.02
N GLN A 21 -7.69 -5.04 -10.99
CA GLN A 21 -8.36 -4.75 -9.73
C GLN A 21 -8.25 -3.28 -9.37
N ASP A 22 -9.15 -2.80 -8.51
CA ASP A 22 -9.15 -1.41 -8.08
C ASP A 22 -8.51 -1.26 -6.72
N LEU A 23 -7.28 -0.74 -6.69
CA LEU A 23 -6.56 -0.54 -5.44
C LEU A 23 -6.68 0.89 -4.96
N SER A 24 -7.05 1.78 -5.87
CA SER A 24 -7.21 3.21 -5.54
C SER A 24 -8.30 3.40 -4.50
N VAL A 25 -9.34 2.58 -4.57
CA VAL A 25 -10.45 2.67 -3.63
C VAL A 25 -9.96 2.56 -2.19
N HIS A 26 -8.78 1.95 -2.02
CA HIS A 26 -8.20 1.79 -0.69
C HIS A 26 -7.64 3.10 -0.16
N LEU A 27 -7.49 3.19 1.15
CA LEU A 27 -6.97 4.41 1.77
C LEU A 27 -5.44 4.38 1.83
N TRP A 28 -4.89 3.17 1.95
CA TRP A 28 -3.44 3.01 2.01
C TRP A 28 -2.83 2.95 0.61
N TYR A 29 -3.59 3.42 -0.38
CA TYR A 29 -3.13 3.42 -1.76
C TYR A 29 -2.88 4.85 -2.24
N ALA A 30 -1.63 5.29 -2.14
CA ALA A 30 -1.25 6.63 -2.58
C ALA A 30 -0.57 6.60 -3.94
N GLY A 31 -1.03 5.71 -4.81
CA GLY A 31 -0.45 5.59 -6.14
C GLY A 31 1.03 5.87 -6.14
N PRO A 32 1.54 6.36 -7.28
CA PRO A 32 2.96 6.68 -7.44
C PRO A 32 3.38 7.89 -6.61
N MET A 33 3.87 7.63 -5.40
CA MET A 33 4.31 8.69 -4.50
C MET A 33 5.79 8.56 -4.18
N GLU A 34 6.51 9.68 -4.23
CA GLU A 34 7.93 9.68 -3.94
C GLU A 34 8.19 9.40 -2.46
N ARG A 35 9.43 9.02 -2.16
CA ARG A 35 9.81 8.71 -0.78
C ARG A 35 9.56 9.91 0.13
N ALA A 36 10.14 11.05 -0.24
CA ALA A 36 9.98 12.27 0.54
C ALA A 36 8.54 12.44 1.02
N GLY A 37 7.60 12.24 0.11
CA GLY A 37 6.19 12.37 0.44
C GLY A 37 5.81 11.53 1.64
N ALA A 38 5.90 10.21 1.49
CA ALA A 38 5.56 9.29 2.57
C ALA A 38 6.22 9.70 3.88
N GLU A 39 7.42 10.26 3.78
CA GLU A 39 8.15 10.71 4.96
C GLU A 39 7.61 12.04 5.48
N SER A 40 6.99 12.80 4.59
CA SER A 40 6.43 14.10 4.95
C SER A 40 4.96 13.95 5.38
N ILE A 41 4.34 12.86 4.95
CA ILE A 41 2.94 12.60 5.29
C ILE A 41 2.83 11.94 6.66
N LEU A 42 3.40 10.75 6.79
CA LEU A 42 3.36 10.01 8.04
C LEU A 42 4.35 10.60 9.05
N ALA A 43 5.03 11.67 8.65
CA ALA A 43 6.00 12.32 9.52
C ALA A 43 5.52 12.31 10.97
N ASN A 44 4.51 13.12 11.25
CA ASN A 44 3.96 13.21 12.60
C ASN A 44 2.51 12.73 12.63
N ARG A 45 2.13 11.95 11.63
CA ARG A 45 0.77 11.43 11.54
C ARG A 45 0.40 10.68 12.82
N SER A 46 0.89 9.45 12.94
CA SER A 46 0.61 8.63 14.11
C SER A 46 1.35 7.30 14.03
N ASP A 47 2.29 7.09 14.95
CA ASP A 47 3.07 5.86 14.98
C ASP A 47 2.22 4.66 14.56
N GLY A 48 2.48 4.16 13.36
CA GLY A 48 1.74 3.02 12.85
C GLY A 48 1.02 3.33 11.55
N THR A 49 0.97 4.61 11.19
CA THR A 49 0.31 5.04 9.96
C THR A 49 1.03 4.49 8.74
N PHE A 50 0.50 3.41 8.18
CA PHE A 50 1.08 2.80 7.00
C PHE A 50 0.48 3.37 5.72
N LEU A 51 1.28 3.41 4.66
CA LEU A 51 0.83 3.95 3.38
C LEU A 51 1.57 3.27 2.22
N VAL A 52 0.80 2.82 1.23
CA VAL A 52 1.39 2.17 0.06
C VAL A 52 1.52 3.13 -1.10
N ARG A 53 2.62 3.03 -1.82
CA ARG A 53 2.87 3.90 -2.98
C ARG A 53 3.60 3.14 -4.08
N GLN A 54 3.69 3.77 -5.25
CA GLN A 54 4.36 3.15 -6.39
C GLN A 54 5.64 3.88 -6.73
N ARG A 55 6.56 3.19 -7.40
CA ARG A 55 7.84 3.78 -7.78
C ARG A 55 7.66 4.77 -8.93
N VAL A 56 6.94 5.86 -8.67
CA VAL A 56 6.69 6.88 -9.68
C VAL A 56 6.49 6.26 -11.05
N LYS A 57 5.59 5.28 -11.13
CA LYS A 57 5.30 4.60 -12.39
C LYS A 57 3.99 3.84 -12.29
N ASP A 58 3.66 3.12 -13.37
CA ASP A 58 2.42 2.34 -13.42
C ASP A 58 2.69 0.87 -13.11
N ALA A 59 2.35 0.44 -11.90
CA ALA A 59 2.55 -0.93 -11.48
C ALA A 59 4.02 -1.32 -11.56
N ALA A 60 4.89 -0.38 -11.22
CA ALA A 60 6.33 -0.62 -11.25
C ALA A 60 6.77 -1.48 -10.06
N GLU A 61 6.62 -0.93 -8.86
CA GLU A 61 7.00 -1.65 -7.65
C GLU A 61 6.34 -1.03 -6.43
N PHE A 62 5.33 -1.71 -5.90
CA PHE A 62 4.60 -1.23 -4.73
C PHE A 62 5.52 -1.21 -3.51
N ALA A 63 5.22 -0.30 -2.57
CA ALA A 63 6.01 -0.17 -1.36
C ALA A 63 5.15 0.32 -0.20
N ILE A 64 5.20 -0.40 0.91
CA ILE A 64 4.42 -0.03 2.10
C ILE A 64 5.30 0.70 3.12
N SER A 65 5.01 1.98 3.32
CA SER A 65 5.78 2.79 4.26
C SER A 65 4.89 3.22 5.43
N ILE A 66 5.38 3.00 6.65
CA ILE A 66 4.64 3.37 7.85
C ILE A 66 5.54 4.10 8.84
N LYS A 67 4.91 4.83 9.77
CA LYS A 67 5.66 5.57 10.78
C LYS A 67 5.94 4.70 12.00
N TYR A 68 7.23 4.44 12.23
CA TYR A 68 7.65 3.61 13.35
C TYR A 68 8.97 4.11 13.93
N ASN A 69 9.11 4.00 15.25
CA ASN A 69 10.32 4.44 15.93
C ASN A 69 10.67 5.87 15.55
N VAL A 70 9.65 6.67 15.27
CA VAL A 70 9.85 8.06 14.88
C VAL A 70 10.57 8.16 13.54
N GLU A 71 10.44 7.12 12.73
CA GLU A 71 11.08 7.09 11.41
C GLU A 71 10.19 6.38 10.39
N VAL A 72 9.98 7.03 9.25
CA VAL A 72 9.16 6.46 8.19
C VAL A 72 9.90 5.33 7.46
N LYS A 73 9.60 4.09 7.84
CA LYS A 73 10.23 2.93 7.23
C LYS A 73 9.53 2.56 5.93
N HIS A 74 10.28 1.98 5.00
CA HIS A 74 9.72 1.57 3.72
C HIS A 74 9.76 0.05 3.60
N ILE A 75 8.75 -0.49 2.92
CA ILE A 75 8.65 -1.93 2.72
C ILE A 75 8.54 -2.26 1.23
N LYS A 76 9.57 -2.91 0.70
CA LYS A 76 9.59 -3.29 -0.71
C LYS A 76 8.61 -4.42 -0.97
N ILE A 77 7.70 -4.20 -1.91
CA ILE A 77 6.70 -5.21 -2.26
C ILE A 77 7.11 -5.96 -3.53
N MET A 78 7.14 -7.29 -3.44
CA MET A 78 7.51 -8.13 -4.57
C MET A 78 6.28 -8.77 -5.18
N THR A 79 6.24 -8.83 -6.52
CA THR A 79 5.12 -9.42 -7.22
C THR A 79 5.55 -10.67 -7.99
N ALA A 80 4.80 -11.76 -7.81
CA ALA A 80 5.10 -13.01 -8.48
C ALA A 80 3.83 -13.79 -8.80
N GLU A 81 3.63 -14.09 -10.08
CA GLU A 81 2.44 -14.83 -10.51
C GLU A 81 1.17 -14.03 -10.24
N GLY A 82 1.31 -12.71 -10.19
CA GLY A 82 0.17 -11.85 -9.94
C GLY A 82 -0.05 -11.59 -8.46
N LEU A 83 0.64 -12.34 -7.62
CA LEU A 83 0.51 -12.20 -6.18
C LEU A 83 1.47 -11.14 -5.64
N TYR A 84 1.04 -10.43 -4.62
CA TYR A 84 1.85 -9.38 -4.02
C TYR A 84 2.33 -9.78 -2.63
N ARG A 85 3.63 -9.65 -2.39
CA ARG A 85 4.22 -10.00 -1.10
C ARG A 85 5.60 -9.36 -0.94
N ILE A 86 5.80 -8.70 0.20
CA ILE A 86 7.06 -8.04 0.48
C ILE A 86 8.17 -9.06 0.76
N THR A 87 7.76 -10.29 1.06
CA THR A 87 8.71 -11.36 1.34
C THR A 87 8.25 -12.68 0.73
N GLU A 88 9.21 -13.55 0.42
CA GLU A 88 8.90 -14.84 -0.17
C GLU A 88 8.42 -15.83 0.90
N LYS A 89 7.52 -15.36 1.76
CA LYS A 89 6.99 -16.19 2.83
C LYS A 89 5.53 -16.53 2.58
N LYS A 90 4.75 -15.54 2.14
CA LYS A 90 3.34 -15.73 1.85
C LYS A 90 2.85 -14.72 0.82
N ALA A 91 2.22 -15.22 -0.24
CA ALA A 91 1.71 -14.36 -1.30
C ALA A 91 0.19 -14.25 -1.22
N PHE A 92 -0.34 -13.15 -1.74
CA PHE A 92 -1.78 -12.92 -1.73
C PHE A 92 -2.27 -12.42 -3.09
N ARG A 93 -3.53 -12.68 -3.39
CA ARG A 93 -4.12 -12.26 -4.66
C ARG A 93 -3.79 -10.80 -4.95
N GLY A 94 -3.98 -9.94 -3.95
CA GLY A 94 -3.71 -8.53 -4.11
C GLY A 94 -3.25 -7.87 -2.84
N LEU A 95 -3.02 -6.57 -2.89
CA LEU A 95 -2.57 -5.82 -1.72
C LEU A 95 -3.55 -5.97 -0.57
N THR A 96 -4.80 -5.57 -0.80
CA THR A 96 -5.84 -5.65 0.21
C THR A 96 -5.62 -6.87 1.12
N GLU A 97 -5.37 -8.02 0.50
CA GLU A 97 -5.15 -9.25 1.25
C GLU A 97 -3.79 -9.22 1.94
N LEU A 98 -2.74 -9.06 1.15
CA LEU A 98 -1.38 -9.03 1.68
C LEU A 98 -1.31 -8.16 2.94
N VAL A 99 -1.77 -6.92 2.82
CA VAL A 99 -1.76 -6.00 3.95
C VAL A 99 -2.60 -6.54 5.11
N GLU A 100 -3.78 -7.06 4.79
CA GLU A 100 -4.67 -7.61 5.81
C GLU A 100 -3.94 -8.63 6.68
N PHE A 101 -3.14 -9.47 6.05
CA PHE A 101 -2.38 -10.49 6.75
C PHE A 101 -1.34 -9.86 7.67
N TYR A 102 -0.56 -8.92 7.12
CA TYR A 102 0.48 -8.24 7.89
C TYR A 102 -0.14 -7.44 9.02
N GLN A 103 -1.42 -7.11 8.90
CA GLN A 103 -2.12 -6.34 9.91
C GLN A 103 -2.32 -7.16 11.19
N GLN A 104 -2.00 -8.45 11.11
CA GLN A 104 -2.15 -9.34 12.25
C GLN A 104 -0.79 -9.94 12.64
N ASN A 105 0.17 -9.86 11.72
CA ASN A 105 1.50 -10.41 11.97
C ASN A 105 2.57 -9.33 11.80
N SER A 106 3.63 -9.41 12.60
CA SER A 106 4.71 -8.44 12.54
C SER A 106 5.44 -8.53 11.21
N LEU A 107 5.89 -7.38 10.71
CA LEU A 107 6.61 -7.33 9.44
C LEU A 107 8.05 -7.82 9.62
N LYS A 108 8.48 -7.96 10.86
CA LYS A 108 9.82 -8.42 11.16
C LYS A 108 10.23 -9.57 10.24
N ASP A 109 9.26 -10.40 9.89
CA ASP A 109 9.51 -11.54 9.00
C ASP A 109 10.46 -11.14 7.87
N CYS A 110 10.25 -9.95 7.31
CA CYS A 110 11.09 -9.47 6.23
C CYS A 110 12.21 -8.58 6.76
N PHE A 111 11.93 -7.89 7.86
CA PHE A 111 12.92 -7.00 8.48
C PHE A 111 12.96 -7.20 9.99
N LYS A 112 13.68 -8.23 10.42
CA LYS A 112 13.82 -8.54 11.84
C LYS A 112 14.00 -7.27 12.65
N SER A 113 14.69 -6.29 12.07
CA SER A 113 14.95 -5.03 12.74
C SER A 113 13.66 -4.24 12.92
N LEU A 114 12.79 -4.28 11.91
CA LEU A 114 11.53 -3.58 11.95
C LEU A 114 10.39 -4.50 12.39
N ASP A 115 10.07 -4.45 13.67
CA ASP A 115 9.01 -5.29 14.22
C ASP A 115 7.73 -4.48 14.39
N THR A 116 7.10 -4.12 13.28
CA THR A 116 5.87 -3.35 13.31
C THR A 116 4.77 -4.03 12.51
N THR A 117 3.62 -3.36 12.38
CA THR A 117 2.50 -3.91 11.64
C THR A 117 1.62 -2.81 11.07
N LEU A 118 0.84 -3.15 10.05
CA LEU A 118 -0.05 -2.18 9.42
C LEU A 118 -1.14 -1.74 10.37
N GLN A 119 -0.96 -0.57 10.97
CA GLN A 119 -1.94 -0.04 11.92
C GLN A 119 -3.09 0.63 11.18
N PHE A 120 -2.82 1.79 10.59
CA PHE A 120 -3.82 2.54 9.86
C PHE A 120 -3.23 3.18 8.60
N PRO A 121 -4.09 3.40 7.59
CA PRO A 121 -3.67 4.01 6.32
C PRO A 121 -3.30 5.47 6.47
N PHE A 122 -2.86 6.09 5.38
CA PHE A 122 -2.48 7.49 5.39
C PHE A 122 -3.65 8.38 5.01
N LYS A 123 -4.45 7.94 4.04
CA LYS A 123 -5.61 8.69 3.58
C LYS A 123 -6.66 8.78 4.68
N GLU A 124 -6.60 7.85 5.63
CA GLU A 124 -7.54 7.82 6.72
C GLU A 124 -7.98 9.23 7.11
N PRO A 125 -9.30 9.44 7.18
CA PRO A 125 -9.87 10.75 7.53
C PRO A 125 -9.64 11.11 9.00
N GLU A 126 -9.54 12.40 9.27
CA GLU A 126 -9.31 12.88 10.63
C GLU A 126 -10.49 12.52 11.54
N LYS A 127 -11.55 11.99 10.94
CA LYS A 127 -12.74 11.61 11.68
C LYS A 127 -12.37 11.09 13.07
N ARG A 128 -12.47 11.96 14.07
CA ARG A 128 -12.15 11.59 15.44
C ARG A 128 -12.57 10.15 15.73
N THR A 129 -13.88 9.93 15.74
CA THR A 129 -14.42 8.59 16.01
C THR A 129 -14.34 7.71 14.76
N ILE A 130 -13.47 6.71 14.82
CA ILE A 130 -13.29 5.79 13.69
C ILE A 130 -14.02 4.48 13.95
N SER A 131 -14.64 3.93 12.91
CA SER A 131 -15.37 2.67 13.01
C SER A 131 -15.84 2.20 11.64
N ARG A 132 -16.17 0.92 11.55
CA ARG A 132 -16.62 0.33 10.29
C ARG A 132 -17.70 1.20 9.65
N SER A 133 -18.61 1.72 10.47
CA SER A 133 -19.69 2.56 9.98
C SER A 133 -20.11 3.58 11.05
N GLY A 134 -19.85 4.85 10.77
CA GLY A 134 -20.20 5.91 11.70
C GLY A 134 -19.68 7.26 11.28
N PRO A 135 -20.43 7.94 10.39
CA PRO A 135 -20.06 9.26 9.88
C PRO A 135 -20.16 10.34 10.95
N SER A 136 -19.39 11.41 10.78
CA SER A 136 -19.39 12.52 11.73
C SER A 136 -20.19 13.70 11.19
N SER A 137 -20.64 14.57 12.08
CA SER A 137 -21.42 15.74 11.70
C SER A 137 -21.69 16.63 12.90
N GLY A 138 -21.13 17.83 12.89
CA GLY A 138 -21.33 18.76 13.99
C GLY A 138 -20.42 19.97 13.89
N GLY A 1 -29.47 -3.72 -19.39
CA GLY A 1 -28.27 -4.38 -19.87
C GLY A 1 -27.47 -5.02 -18.75
N SER A 2 -26.28 -5.51 -19.09
CA SER A 2 -25.42 -6.16 -18.10
C SER A 2 -23.95 -5.96 -18.45
N SER A 3 -23.09 -6.03 -17.44
CA SER A 3 -21.66 -5.86 -17.64
C SER A 3 -21.03 -7.15 -18.16
N GLY A 4 -19.73 -7.09 -18.47
CA GLY A 4 -19.03 -8.25 -18.97
C GLY A 4 -18.96 -9.37 -17.94
N SER A 5 -17.80 -10.01 -17.86
CA SER A 5 -17.59 -11.11 -16.91
C SER A 5 -16.11 -11.36 -16.69
N SER A 6 -15.79 -12.06 -15.61
CA SER A 6 -14.40 -12.38 -15.29
C SER A 6 -14.04 -13.78 -15.76
N GLY A 7 -12.75 -14.08 -15.76
CA GLY A 7 -12.29 -15.39 -16.20
C GLY A 7 -10.78 -15.54 -16.10
N LYS A 8 -10.27 -16.66 -16.59
CA LYS A 8 -8.84 -16.93 -16.57
C LYS A 8 -8.11 -16.09 -17.61
N ALA A 9 -6.91 -15.62 -17.26
CA ALA A 9 -6.11 -14.81 -18.17
C ALA A 9 -5.24 -15.68 -19.06
N GLU A 10 -5.62 -15.77 -20.34
CA GLU A 10 -4.87 -16.58 -21.29
C GLU A 10 -3.86 -15.73 -22.05
N ALA A 11 -3.20 -14.82 -21.34
CA ALA A 11 -2.21 -13.94 -21.95
C ALA A 11 -1.49 -13.12 -20.88
N GLU A 12 -0.17 -12.99 -21.03
CA GLU A 12 0.63 -12.22 -20.08
C GLU A 12 0.97 -10.84 -20.65
N GLN A 13 -0.06 -10.03 -20.87
CA GLN A 13 0.13 -8.69 -21.41
C GLN A 13 -0.97 -7.75 -20.95
N ASN A 14 -0.87 -6.49 -21.35
CA ASN A 14 -1.87 -5.49 -20.98
C ASN A 14 -2.62 -4.99 -22.21
N TRP A 15 -2.93 -5.90 -23.12
CA TRP A 15 -3.65 -5.54 -24.34
C TRP A 15 -5.15 -5.72 -24.15
N TRP A 16 -5.65 -5.36 -22.97
CA TRP A 16 -7.07 -5.47 -22.66
C TRP A 16 -7.71 -4.10 -22.55
N GLU A 17 -9.00 -4.02 -22.87
CA GLU A 17 -9.73 -2.77 -22.81
C GLU A 17 -10.46 -2.63 -21.48
N GLY A 18 -9.78 -3.00 -20.40
CA GLY A 18 -10.38 -2.93 -19.08
C GLY A 18 -9.43 -2.34 -18.05
N PRO A 19 -9.98 -1.60 -17.08
CA PRO A 19 -9.18 -0.98 -16.01
C PRO A 19 -8.61 -2.00 -15.04
N PRO A 20 -7.51 -1.64 -14.36
CA PRO A 20 -6.85 -2.52 -13.39
C PRO A 20 -7.68 -2.71 -12.12
N GLN A 21 -7.09 -3.36 -11.13
CA GLN A 21 -7.78 -3.61 -9.86
C GLN A 21 -8.17 -2.30 -9.19
N ASP A 22 -9.11 -2.38 -8.25
CA ASP A 22 -9.57 -1.20 -7.53
C ASP A 22 -8.85 -1.07 -6.19
N LEU A 23 -7.63 -0.56 -6.23
CA LEU A 23 -6.84 -0.38 -5.01
C LEU A 23 -6.93 1.05 -4.51
N SER A 24 -7.23 1.97 -5.42
CA SER A 24 -7.34 3.39 -5.06
C SER A 24 -8.40 3.59 -3.98
N VAL A 25 -9.47 2.82 -4.05
CA VAL A 25 -10.55 2.91 -3.08
C VAL A 25 -10.03 2.75 -1.65
N HIS A 26 -8.84 2.16 -1.52
CA HIS A 26 -8.23 1.95 -0.22
C HIS A 26 -7.65 3.24 0.32
N LEU A 27 -7.46 3.29 1.63
CA LEU A 27 -6.90 4.48 2.29
C LEU A 27 -5.39 4.44 2.29
N TRP A 28 -4.82 3.24 2.38
CA TRP A 28 -3.38 3.08 2.39
C TRP A 28 -2.81 3.10 0.97
N TYR A 29 -3.64 3.50 0.02
CA TYR A 29 -3.23 3.57 -1.38
C TYR A 29 -3.06 5.01 -1.82
N ALA A 30 -1.82 5.51 -1.74
CA ALA A 30 -1.52 6.88 -2.14
C ALA A 30 -1.04 6.94 -3.59
N GLY A 31 -1.53 6.01 -4.41
CA GLY A 31 -1.14 5.98 -5.80
C GLY A 31 0.32 6.29 -6.01
N PRO A 32 0.65 6.92 -7.14
CA PRO A 32 2.03 7.30 -7.47
C PRO A 32 2.56 8.40 -6.58
N MET A 33 3.02 8.03 -5.39
CA MET A 33 3.56 8.99 -4.43
C MET A 33 5.06 8.80 -4.26
N GLU A 34 5.80 9.91 -4.26
CA GLU A 34 7.25 9.86 -4.09
C GLU A 34 7.62 9.58 -2.64
N ARG A 35 8.67 8.77 -2.45
CA ARG A 35 9.13 8.43 -1.11
C ARG A 35 9.04 9.64 -0.17
N ALA A 36 9.65 10.73 -0.58
CA ALA A 36 9.65 11.96 0.22
C ALA A 36 8.26 12.22 0.79
N GLY A 37 7.26 12.21 -0.08
CA GLY A 37 5.89 12.46 0.36
C GLY A 37 5.49 11.58 1.52
N ALA A 38 5.80 10.29 1.42
CA ALA A 38 5.46 9.34 2.47
C ALA A 38 6.23 9.64 3.76
N GLU A 39 7.48 10.09 3.60
CA GLU A 39 8.32 10.41 4.75
C GLU A 39 7.86 11.70 5.41
N SER A 40 7.17 12.55 4.64
CA SER A 40 6.68 13.82 5.15
C SER A 40 5.23 13.69 5.61
N ILE A 41 4.52 12.72 5.05
CA ILE A 41 3.12 12.49 5.41
C ILE A 41 3.00 11.81 6.76
N LEU A 42 3.66 10.66 6.89
CA LEU A 42 3.63 9.90 8.14
C LEU A 42 4.41 10.62 9.23
N ALA A 43 5.26 11.56 8.83
CA ALA A 43 6.07 12.32 9.76
C ALA A 43 5.22 12.81 10.95
N ASN A 44 4.13 13.48 10.64
CA ASN A 44 3.23 14.00 11.68
C ASN A 44 2.29 12.91 12.17
N ARG A 45 1.92 12.01 11.28
CA ARG A 45 1.01 10.92 11.62
C ARG A 45 1.43 10.27 12.94
N SER A 46 0.60 9.35 13.44
CA SER A 46 0.88 8.66 14.69
C SER A 46 1.56 7.31 14.43
N ASP A 47 2.61 7.03 15.18
CA ASP A 47 3.34 5.78 15.04
C ASP A 47 2.40 4.63 14.68
N GLY A 48 2.70 3.96 13.57
CA GLY A 48 1.87 2.85 13.13
C GLY A 48 1.14 3.15 11.83
N THR A 49 1.01 4.43 11.51
CA THR A 49 0.32 4.84 10.29
C THR A 49 1.08 4.38 9.05
N PHE A 50 0.59 3.31 8.44
CA PHE A 50 1.22 2.76 7.24
C PHE A 50 0.63 3.39 5.98
N LEU A 51 1.42 3.42 4.92
CA LEU A 51 0.99 4.00 3.64
C LEU A 51 1.68 3.32 2.47
N VAL A 52 0.90 2.89 1.48
CA VAL A 52 1.43 2.23 0.31
C VAL A 52 1.63 3.23 -0.84
N ARG A 53 2.81 3.20 -1.44
CA ARG A 53 3.12 4.09 -2.55
C ARG A 53 3.75 3.33 -3.71
N GLN A 54 3.56 3.83 -4.92
CA GLN A 54 4.11 3.19 -6.11
C GLN A 54 4.91 4.19 -6.95
N ARG A 55 6.23 4.14 -6.83
CA ARG A 55 7.11 5.04 -7.58
C ARG A 55 6.49 5.39 -8.93
N VAL A 56 6.20 6.68 -9.13
CA VAL A 56 5.62 7.14 -10.38
C VAL A 56 6.13 6.33 -11.57
N LYS A 57 5.42 5.27 -11.89
CA LYS A 57 5.79 4.41 -13.02
C LYS A 57 4.66 3.46 -13.38
N ASP A 58 4.90 2.62 -14.37
CA ASP A 58 3.90 1.66 -14.82
C ASP A 58 3.63 0.61 -13.75
N ALA A 59 4.63 -0.22 -13.47
CA ALA A 59 4.50 -1.27 -12.47
C ALA A 59 5.55 -1.11 -11.37
N ALA A 60 5.92 0.14 -11.09
CA ALA A 60 6.91 0.43 -10.07
C ALA A 60 6.67 -0.41 -8.81
N GLU A 61 7.59 -1.32 -8.53
CA GLU A 61 7.47 -2.19 -7.36
C GLU A 61 6.83 -1.45 -6.20
N PHE A 62 5.61 -1.85 -5.86
CA PHE A 62 4.88 -1.22 -4.76
C PHE A 62 5.70 -1.25 -3.47
N ALA A 63 5.31 -0.43 -2.50
CA ALA A 63 5.99 -0.36 -1.22
C ALA A 63 5.07 0.12 -0.12
N ILE A 64 5.33 -0.32 1.11
CA ILE A 64 4.52 0.07 2.26
C ILE A 64 5.36 0.78 3.31
N SER A 65 5.18 2.10 3.41
CA SER A 65 5.93 2.90 4.38
C SER A 65 5.04 3.29 5.56
N ILE A 66 5.53 3.04 6.77
CA ILE A 66 4.78 3.37 7.98
C ILE A 66 5.67 4.08 8.99
N LYS A 67 5.04 4.70 9.98
CA LYS A 67 5.76 5.41 11.03
C LYS A 67 6.13 4.47 12.17
N TYR A 68 7.43 4.25 12.36
CA TYR A 68 7.90 3.38 13.42
C TYR A 68 9.23 3.89 14.00
N ASN A 69 9.40 3.72 15.30
CA ASN A 69 10.62 4.16 15.97
C ASN A 69 10.93 5.62 15.63
N VAL A 70 9.88 6.41 15.42
CA VAL A 70 10.05 7.82 15.09
C VAL A 70 10.71 7.99 13.73
N GLU A 71 10.58 6.98 12.88
CA GLU A 71 11.17 7.02 11.55
C GLU A 71 10.27 6.34 10.52
N VAL A 72 10.24 6.90 9.32
CA VAL A 72 9.40 6.34 8.25
C VAL A 72 10.12 5.19 7.55
N LYS A 73 9.78 3.97 7.94
CA LYS A 73 10.39 2.78 7.35
C LYS A 73 9.67 2.40 6.07
N HIS A 74 10.43 1.89 5.10
CA HIS A 74 9.87 1.49 3.82
C HIS A 74 9.83 -0.03 3.74
N ILE A 75 8.82 -0.53 3.03
CA ILE A 75 8.66 -1.97 2.85
C ILE A 75 8.53 -2.32 1.37
N LYS A 76 9.62 -2.83 0.81
CA LYS A 76 9.64 -3.22 -0.61
C LYS A 76 8.66 -4.36 -0.86
N ILE A 77 7.72 -4.13 -1.78
CA ILE A 77 6.73 -5.13 -2.13
C ILE A 77 7.11 -5.86 -3.41
N MET A 78 7.20 -7.18 -3.33
CA MET A 78 7.55 -7.99 -4.50
C MET A 78 6.31 -8.63 -5.12
N THR A 79 6.28 -8.68 -6.44
CA THR A 79 5.14 -9.26 -7.15
C THR A 79 5.57 -10.46 -7.99
N ALA A 80 4.81 -11.56 -7.87
CA ALA A 80 5.12 -12.77 -8.62
C ALA A 80 3.83 -13.49 -9.02
N GLU A 81 3.68 -13.71 -10.33
CA GLU A 81 2.51 -14.39 -10.85
C GLU A 81 1.24 -13.57 -10.59
N GLY A 82 1.42 -12.26 -10.45
CA GLY A 82 0.29 -11.38 -10.20
C GLY A 82 0.02 -11.19 -8.72
N LEU A 83 0.68 -12.00 -7.90
CA LEU A 83 0.50 -11.91 -6.44
C LEU A 83 1.37 -10.81 -5.85
N TYR A 84 0.95 -10.27 -4.72
CA TYR A 84 1.69 -9.21 -4.06
C TYR A 84 2.19 -9.67 -2.68
N ARG A 85 3.50 -9.56 -2.48
CA ARG A 85 4.11 -9.97 -1.23
C ARG A 85 5.49 -9.35 -1.07
N ILE A 86 5.74 -8.74 0.09
CA ILE A 86 7.02 -8.11 0.37
C ILE A 86 8.11 -9.16 0.60
N THR A 87 7.69 -10.39 0.87
CA THR A 87 8.63 -11.48 1.12
C THR A 87 8.12 -12.78 0.50
N GLU A 88 9.06 -13.68 0.18
CA GLU A 88 8.71 -14.96 -0.41
C GLU A 88 8.25 -15.96 0.66
N LYS A 89 7.34 -15.51 1.51
CA LYS A 89 6.81 -16.36 2.58
C LYS A 89 5.35 -16.69 2.35
N LYS A 90 4.59 -15.68 1.90
CA LYS A 90 3.17 -15.86 1.64
C LYS A 90 2.66 -14.81 0.66
N ALA A 91 2.14 -15.26 -0.48
CA ALA A 91 1.62 -14.35 -1.50
C ALA A 91 0.10 -14.28 -1.44
N PHE A 92 -0.44 -13.14 -1.85
CA PHE A 92 -1.88 -12.92 -1.84
C PHE A 92 -2.37 -12.38 -3.18
N ARG A 93 -3.65 -12.59 -3.46
CA ARG A 93 -4.24 -12.12 -4.71
C ARG A 93 -3.82 -10.68 -5.00
N GLY A 94 -3.92 -9.82 -3.99
CA GLY A 94 -3.56 -8.43 -4.16
C GLY A 94 -3.21 -7.76 -2.84
N LEU A 95 -2.87 -6.48 -2.91
CA LEU A 95 -2.51 -5.72 -1.72
C LEU A 95 -3.53 -5.94 -0.60
N THR A 96 -4.78 -5.57 -0.87
CA THR A 96 -5.85 -5.73 0.10
C THR A 96 -5.62 -6.95 0.98
N GLU A 97 -5.47 -8.11 0.33
CA GLU A 97 -5.24 -9.36 1.05
C GLU A 97 -3.92 -9.32 1.81
N LEU A 98 -2.83 -9.13 1.07
CA LEU A 98 -1.50 -9.08 1.66
C LEU A 98 -1.49 -8.17 2.89
N VAL A 99 -1.77 -6.89 2.68
CA VAL A 99 -1.80 -5.92 3.77
C VAL A 99 -2.64 -6.43 4.93
N GLU A 100 -3.79 -7.02 4.60
CA GLU A 100 -4.69 -7.54 5.63
C GLU A 100 -3.98 -8.59 6.49
N PHE A 101 -3.08 -9.34 5.87
CA PHE A 101 -2.34 -10.38 6.58
C PHE A 101 -1.31 -9.76 7.53
N TYR A 102 -0.43 -8.94 6.97
CA TYR A 102 0.61 -8.28 7.75
C TYR A 102 0.00 -7.48 8.90
N GLN A 103 -1.31 -7.29 8.85
CA GLN A 103 -2.02 -6.54 9.89
C GLN A 103 -2.20 -7.39 11.14
N GLN A 104 -2.04 -8.71 10.99
CA GLN A 104 -2.19 -9.62 12.11
C GLN A 104 -0.86 -10.31 12.42
N ASN A 105 0.11 -10.13 11.54
CA ASN A 105 1.43 -10.74 11.72
C ASN A 105 2.54 -9.70 11.55
N SER A 106 3.56 -9.79 12.40
CA SER A 106 4.68 -8.86 12.35
C SER A 106 5.33 -8.87 10.97
N LEU A 107 5.90 -7.73 10.59
CA LEU A 107 6.56 -7.61 9.29
C LEU A 107 7.98 -8.14 9.34
N LYS A 108 8.50 -8.33 10.55
CA LYS A 108 9.86 -8.84 10.74
C LYS A 108 10.14 -9.98 9.77
N ASP A 109 9.13 -10.80 9.52
CA ASP A 109 9.27 -11.93 8.61
C ASP A 109 10.21 -11.58 7.45
N CYS A 110 10.18 -10.32 7.04
CA CYS A 110 11.03 -9.86 5.94
C CYS A 110 12.15 -8.96 6.46
N PHE A 111 11.86 -8.22 7.53
CA PHE A 111 12.84 -7.32 8.12
C PHE A 111 12.97 -7.56 9.62
N LYS A 112 13.71 -8.59 10.00
CA LYS A 112 13.91 -8.93 11.41
C LYS A 112 14.15 -7.67 12.23
N SER A 113 14.89 -6.72 11.67
CA SER A 113 15.18 -5.47 12.35
C SER A 113 13.92 -4.67 12.59
N LEU A 114 13.00 -4.71 11.62
CA LEU A 114 11.74 -3.98 11.73
C LEU A 114 10.61 -4.91 12.17
N ASP A 115 10.33 -4.90 13.47
CA ASP A 115 9.27 -5.73 14.03
C ASP A 115 7.99 -4.92 14.24
N THR A 116 7.38 -4.49 13.14
CA THR A 116 6.16 -3.72 13.20
C THR A 116 5.05 -4.35 12.37
N THR A 117 3.88 -3.72 12.36
CA THR A 117 2.75 -4.22 11.60
C THR A 117 1.93 -3.07 11.00
N LEU A 118 0.92 -3.42 10.22
CA LEU A 118 0.07 -2.42 9.58
C LEU A 118 -1.04 -1.98 10.53
N GLN A 119 -0.83 -0.84 11.19
CA GLN A 119 -1.81 -0.30 12.13
C GLN A 119 -2.96 0.35 11.39
N PHE A 120 -2.70 1.53 10.82
CA PHE A 120 -3.72 2.26 10.08
C PHE A 120 -3.11 2.98 8.88
N PRO A 121 -3.95 3.24 7.86
CA PRO A 121 -3.51 3.92 6.64
C PRO A 121 -3.18 5.39 6.88
N PHE A 122 -2.60 6.03 5.87
CA PHE A 122 -2.24 7.44 5.97
C PHE A 122 -3.43 8.34 5.68
N LYS A 123 -4.22 7.97 4.67
CA LYS A 123 -5.40 8.74 4.30
C LYS A 123 -6.42 8.75 5.43
N GLU A 124 -6.37 7.73 6.28
CA GLU A 124 -7.29 7.62 7.41
C GLU A 124 -7.65 9.01 7.94
N PRO A 125 -8.96 9.28 8.06
CA PRO A 125 -9.47 10.55 8.55
C PRO A 125 -9.19 10.76 10.04
N GLU A 126 -8.98 12.00 10.44
CA GLU A 126 -8.71 12.32 11.84
C GLU A 126 -9.52 11.45 12.77
N LYS A 127 -8.96 11.13 13.93
CA LYS A 127 -9.64 10.31 14.92
C LYS A 127 -11.10 10.72 15.06
N ARG A 128 -11.32 12.01 15.23
CA ARG A 128 -12.67 12.54 15.40
C ARG A 128 -13.54 12.19 14.18
N THR A 129 -13.12 12.66 13.01
CA THR A 129 -13.86 12.40 11.77
C THR A 129 -13.69 10.96 11.33
N ILE A 130 -14.80 10.27 11.15
CA ILE A 130 -14.77 8.87 10.71
C ILE A 130 -15.89 8.59 9.72
N SER A 131 -15.54 7.94 8.61
CA SER A 131 -16.51 7.61 7.58
C SER A 131 -17.16 6.26 7.86
N ARG A 132 -18.13 6.26 8.77
CA ARG A 132 -18.83 5.04 9.13
C ARG A 132 -19.14 4.19 7.90
N SER A 133 -18.30 3.18 7.66
CA SER A 133 -18.47 2.30 6.51
C SER A 133 -17.82 0.95 6.77
N GLY A 134 -18.61 -0.12 6.67
CA GLY A 134 -18.10 -1.46 6.89
C GLY A 134 -17.75 -2.16 5.60
N PRO A 135 -18.66 -3.02 5.12
CA PRO A 135 -18.46 -3.77 3.88
C PRO A 135 -18.49 -2.89 2.64
N SER A 136 -17.61 -3.16 1.69
CA SER A 136 -17.54 -2.39 0.46
C SER A 136 -18.30 -3.08 -0.66
N SER A 137 -18.48 -2.37 -1.77
CA SER A 137 -19.20 -2.91 -2.92
C SER A 137 -18.40 -2.70 -4.20
N GLY A 138 -18.10 -3.79 -4.89
CA GLY A 138 -17.35 -3.71 -6.13
C GLY A 138 -17.94 -2.72 -7.11
N GLY A 1 6.19 -11.96 -16.93
CA GLY A 1 7.54 -11.53 -16.62
C GLY A 1 8.51 -11.80 -17.75
N SER A 2 9.77 -11.40 -17.56
CA SER A 2 10.80 -11.61 -18.57
C SER A 2 12.12 -12.01 -17.92
N SER A 3 13.00 -12.64 -18.71
CA SER A 3 14.29 -13.08 -18.21
C SER A 3 15.41 -12.21 -18.78
N GLY A 4 16.61 -12.37 -18.24
CA GLY A 4 17.75 -11.59 -18.71
C GLY A 4 17.38 -10.15 -18.99
N SER A 5 18.16 -9.50 -19.84
CA SER A 5 17.92 -8.10 -20.19
C SER A 5 17.82 -7.93 -21.70
N SER A 6 16.60 -7.75 -22.19
CA SER A 6 16.36 -7.56 -23.62
C SER A 6 15.34 -6.45 -23.88
N GLY A 7 15.80 -5.35 -24.45
CA GLY A 7 14.92 -4.24 -24.74
C GLY A 7 15.63 -2.90 -24.65
N LYS A 8 15.28 -2.00 -25.55
CA LYS A 8 15.88 -0.67 -25.58
C LYS A 8 14.92 0.38 -25.02
N ALA A 9 13.67 0.30 -25.43
CA ALA A 9 12.65 1.24 -24.97
C ALA A 9 12.68 1.38 -23.44
N GLU A 10 12.05 2.43 -22.94
CA GLU A 10 12.01 2.68 -21.50
C GLU A 10 10.94 1.81 -20.84
N ALA A 11 10.91 0.53 -21.21
CA ALA A 11 9.95 -0.41 -20.64
C ALA A 11 10.34 -1.85 -20.95
N GLU A 12 9.64 -2.79 -20.32
CA GLU A 12 9.93 -4.21 -20.52
C GLU A 12 8.94 -4.81 -21.51
N GLN A 13 9.19 -4.59 -22.80
CA GLN A 13 8.33 -5.12 -23.85
C GLN A 13 6.87 -5.15 -23.40
N ASN A 14 6.45 -4.08 -22.73
CA ASN A 14 5.07 -3.99 -22.24
C ASN A 14 4.59 -2.54 -22.25
N TRP A 15 3.42 -2.32 -22.84
CA TRP A 15 2.85 -0.99 -22.93
C TRP A 15 1.41 -0.98 -22.42
N TRP A 16 1.16 -1.75 -21.37
CA TRP A 16 -0.18 -1.83 -20.78
C TRP A 16 -0.16 -1.29 -19.35
N GLU A 17 -1.34 -0.88 -18.88
CA GLU A 17 -1.47 -0.33 -17.54
C GLU A 17 -1.69 -1.45 -16.52
N GLY A 18 -0.95 -2.54 -16.68
CA GLY A 18 -1.08 -3.66 -15.77
C GLY A 18 -2.51 -4.14 -15.63
N PRO A 19 -2.71 -5.17 -14.80
CA PRO A 19 -4.04 -5.75 -14.58
C PRO A 19 -4.96 -4.81 -13.80
N PRO A 20 -6.28 -4.92 -14.05
CA PRO A 20 -7.28 -4.09 -13.39
C PRO A 20 -7.43 -4.42 -11.91
N GLN A 21 -7.20 -3.43 -11.06
CA GLN A 21 -7.30 -3.61 -9.61
C GLN A 21 -7.72 -2.32 -8.93
N ASP A 22 -8.88 -2.34 -8.29
CA ASP A 22 -9.40 -1.17 -7.59
C ASP A 22 -8.73 -1.02 -6.22
N LEU A 23 -7.52 -0.47 -6.22
CA LEU A 23 -6.78 -0.28 -4.97
C LEU A 23 -6.91 1.16 -4.48
N SER A 24 -7.20 2.07 -5.40
CA SER A 24 -7.35 3.48 -5.06
C SER A 24 -8.42 3.67 -3.99
N VAL A 25 -9.47 2.87 -4.07
CA VAL A 25 -10.57 2.94 -3.10
C VAL A 25 -10.05 2.82 -1.68
N HIS A 26 -8.93 2.11 -1.52
CA HIS A 26 -8.33 1.91 -0.21
C HIS A 26 -7.78 3.23 0.34
N LEU A 27 -7.54 3.27 1.65
CA LEU A 27 -7.02 4.46 2.30
C LEU A 27 -5.49 4.45 2.31
N TRP A 28 -4.92 3.26 2.42
CA TRP A 28 -3.47 3.10 2.44
C TRP A 28 -2.90 3.11 1.03
N TYR A 29 -3.68 3.63 0.09
CA TYR A 29 -3.25 3.70 -1.30
C TYR A 29 -3.09 5.15 -1.76
N ALA A 30 -1.87 5.65 -1.68
CA ALA A 30 -1.58 7.02 -2.09
C ALA A 30 -1.09 7.09 -3.53
N GLY A 31 -1.72 6.28 -4.39
CA GLY A 31 -1.34 6.26 -5.80
C GLY A 31 0.15 6.46 -5.99
N PRO A 32 0.52 7.06 -7.14
CA PRO A 32 1.91 7.32 -7.48
C PRO A 32 2.53 8.42 -6.60
N MET A 33 3.19 8.00 -5.53
CA MET A 33 3.83 8.93 -4.61
C MET A 33 5.29 8.59 -4.40
N GLU A 34 6.13 9.61 -4.26
CA GLU A 34 7.56 9.41 -4.05
C GLU A 34 7.86 9.10 -2.59
N ARG A 35 9.10 8.74 -2.30
CA ARG A 35 9.52 8.42 -0.94
C ARG A 35 9.36 9.63 -0.02
N ALA A 36 10.03 10.73 -0.38
CA ALA A 36 9.96 11.95 0.41
C ALA A 36 8.55 12.22 0.88
N GLY A 37 7.60 12.17 -0.05
CA GLY A 37 6.20 12.41 0.29
C GLY A 37 5.75 11.59 1.48
N ALA A 38 5.87 10.27 1.36
CA ALA A 38 5.47 9.36 2.42
C ALA A 38 6.19 9.68 3.72
N GLU A 39 7.48 10.00 3.62
CA GLU A 39 8.28 10.33 4.79
C GLU A 39 7.81 11.62 5.42
N SER A 40 7.16 12.47 4.63
CA SER A 40 6.67 13.76 5.12
C SER A 40 5.21 13.64 5.55
N ILE A 41 4.50 12.66 4.99
CA ILE A 41 3.10 12.44 5.32
C ILE A 41 2.95 11.77 6.68
N LEU A 42 3.66 10.66 6.87
CA LEU A 42 3.61 9.93 8.13
C LEU A 42 4.42 10.64 9.20
N ALA A 43 5.20 11.63 8.79
CA ALA A 43 6.02 12.39 9.73
C ALA A 43 5.21 12.86 10.92
N ASN A 44 4.06 13.47 10.64
CA ASN A 44 3.18 13.98 11.70
C ASN A 44 2.26 12.88 12.20
N ARG A 45 1.90 11.96 11.32
CA ARG A 45 1.01 10.86 11.67
C ARG A 45 1.46 10.21 12.97
N SER A 46 0.65 9.28 13.48
CA SER A 46 0.95 8.59 14.72
C SER A 46 1.62 7.25 14.45
N ASP A 47 2.66 6.94 15.23
CA ASP A 47 3.38 5.70 15.07
C ASP A 47 2.43 4.55 14.73
N GLY A 48 2.69 3.89 13.61
CA GLY A 48 1.84 2.78 13.19
C GLY A 48 1.09 3.08 11.92
N THR A 49 0.94 4.36 11.60
CA THR A 49 0.23 4.78 10.40
C THR A 49 0.95 4.32 9.14
N PHE A 50 0.48 3.23 8.55
CA PHE A 50 1.08 2.68 7.35
C PHE A 50 0.46 3.31 6.10
N LEU A 51 1.23 3.35 5.02
CA LEU A 51 0.76 3.93 3.77
C LEU A 51 1.48 3.30 2.57
N VAL A 52 0.70 2.83 1.60
CA VAL A 52 1.26 2.21 0.40
C VAL A 52 1.41 3.23 -0.73
N ARG A 53 2.61 3.26 -1.33
CA ARG A 53 2.88 4.19 -2.41
C ARG A 53 3.44 3.44 -3.63
N GLN A 54 2.66 3.41 -4.70
CA GLN A 54 3.07 2.73 -5.93
C GLN A 54 4.09 3.57 -6.70
N ARG A 55 5.28 3.01 -6.91
CA ARG A 55 6.33 3.71 -7.63
C ARG A 55 5.78 4.34 -8.90
N VAL A 56 6.66 5.07 -9.61
CA VAL A 56 6.26 5.73 -10.84
C VAL A 56 6.93 5.08 -12.05
N LYS A 57 6.67 3.79 -12.25
CA LYS A 57 7.24 3.06 -13.37
C LYS A 57 6.30 1.96 -13.85
N ASP A 58 6.62 1.35 -14.98
CA ASP A 58 5.80 0.29 -15.54
C ASP A 58 5.17 -0.55 -14.44
N ALA A 59 5.98 -1.41 -13.81
CA ALA A 59 5.50 -2.27 -12.74
C ALA A 59 5.20 -1.46 -11.49
N ALA A 60 5.76 -0.25 -11.41
CA ALA A 60 5.55 0.62 -10.26
C ALA A 60 5.77 -0.14 -8.95
N GLU A 61 6.93 -0.76 -8.81
CA GLU A 61 7.26 -1.51 -7.61
C GLU A 61 6.53 -0.94 -6.40
N PHE A 62 5.53 -1.67 -5.91
CA PHE A 62 4.76 -1.24 -4.75
C PHE A 62 5.62 -1.22 -3.50
N ALA A 63 5.23 -0.40 -2.53
CA ALA A 63 5.97 -0.29 -1.27
C ALA A 63 5.08 0.25 -0.16
N ILE A 64 5.16 -0.39 1.00
CA ILE A 64 4.36 0.04 2.14
C ILE A 64 5.21 0.76 3.18
N SER A 65 4.98 2.07 3.33
CA SER A 65 5.73 2.87 4.29
C SER A 65 4.85 3.27 5.47
N ILE A 66 5.38 3.07 6.68
CA ILE A 66 4.66 3.41 7.89
C ILE A 66 5.54 4.15 8.88
N LYS A 67 4.92 4.70 9.93
CA LYS A 67 5.67 5.44 10.94
C LYS A 67 6.07 4.53 12.09
N TYR A 68 7.38 4.35 12.27
CA TYR A 68 7.89 3.50 13.33
C TYR A 68 9.19 4.06 13.90
N ASN A 69 9.36 3.94 15.21
CA ASN A 69 10.55 4.44 15.88
C ASN A 69 10.83 5.89 15.51
N VAL A 70 9.76 6.65 15.29
CA VAL A 70 9.87 8.05 14.92
C VAL A 70 10.54 8.21 13.56
N GLU A 71 10.43 7.17 12.73
CA GLU A 71 11.02 7.19 11.39
C GLU A 71 10.10 6.51 10.39
N VAL A 72 10.02 7.06 9.19
CA VAL A 72 9.18 6.51 8.13
C VAL A 72 9.91 5.37 7.40
N LYS A 73 9.61 4.14 7.80
CA LYS A 73 10.23 2.97 7.19
C LYS A 73 9.50 2.58 5.90
N HIS A 74 10.23 1.95 4.98
CA HIS A 74 9.64 1.54 3.72
C HIS A 74 9.63 0.02 3.64
N ILE A 75 8.61 -0.51 2.96
CA ILE A 75 8.47 -1.94 2.80
C ILE A 75 8.41 -2.33 1.33
N LYS A 76 9.54 -2.83 0.81
CA LYS A 76 9.63 -3.24 -0.58
C LYS A 76 8.66 -4.39 -0.87
N ILE A 77 7.79 -4.17 -1.85
CA ILE A 77 6.81 -5.19 -2.23
C ILE A 77 7.26 -5.94 -3.48
N MET A 78 7.20 -7.26 -3.43
CA MET A 78 7.59 -8.10 -4.56
C MET A 78 6.38 -8.80 -5.17
N THR A 79 6.33 -8.86 -6.50
CA THR A 79 5.23 -9.50 -7.20
C THR A 79 5.68 -10.80 -7.85
N ALA A 80 4.93 -11.87 -7.60
CA ALA A 80 5.25 -13.18 -8.16
C ALA A 80 3.98 -13.95 -8.49
N GLU A 81 3.92 -14.47 -9.71
CA GLU A 81 2.75 -15.24 -10.15
C GLU A 81 1.50 -14.37 -10.17
N GLY A 82 1.70 -13.06 -10.31
CA GLY A 82 0.58 -12.15 -10.34
C GLY A 82 0.12 -11.75 -8.95
N LEU A 83 0.81 -12.27 -7.92
CA LEU A 83 0.46 -11.97 -6.55
C LEU A 83 1.40 -10.91 -5.97
N TYR A 84 0.99 -10.31 -4.85
CA TYR A 84 1.80 -9.28 -4.20
C TYR A 84 2.26 -9.75 -2.83
N ARG A 85 3.57 -9.68 -2.59
CA ARG A 85 4.14 -10.09 -1.32
C ARG A 85 5.56 -9.53 -1.15
N ILE A 86 5.78 -8.83 -0.05
CA ILE A 86 7.09 -8.25 0.23
C ILE A 86 8.14 -9.33 0.49
N THR A 87 7.66 -10.51 0.86
CA THR A 87 8.55 -11.64 1.15
C THR A 87 8.08 -12.90 0.44
N GLU A 88 9.04 -13.74 0.04
CA GLU A 88 8.72 -14.99 -0.65
C GLU A 88 8.24 -16.05 0.34
N LYS A 89 7.36 -15.64 1.25
CA LYS A 89 6.82 -16.56 2.25
C LYS A 89 5.33 -16.80 2.03
N LYS A 90 4.63 -15.76 1.59
CA LYS A 90 3.20 -15.86 1.33
C LYS A 90 2.76 -14.80 0.32
N ALA A 91 2.02 -15.23 -0.70
CA ALA A 91 1.53 -14.33 -1.73
C ALA A 91 0.01 -14.25 -1.72
N PHE A 92 -0.53 -13.07 -1.96
CA PHE A 92 -1.96 -12.86 -1.98
C PHE A 92 -2.42 -12.31 -3.33
N ARG A 93 -3.73 -12.29 -3.54
CA ARG A 93 -4.31 -11.79 -4.78
C ARG A 93 -3.90 -10.33 -5.02
N GLY A 94 -4.20 -9.48 -4.05
CA GLY A 94 -3.86 -8.07 -4.18
C GLY A 94 -3.44 -7.46 -2.86
N LEU A 95 -3.00 -6.20 -2.90
CA LEU A 95 -2.56 -5.50 -1.71
C LEU A 95 -3.55 -5.71 -0.56
N THR A 96 -4.81 -5.36 -0.81
CA THR A 96 -5.86 -5.50 0.19
C THR A 96 -5.60 -6.71 1.09
N GLU A 97 -5.28 -7.85 0.47
CA GLU A 97 -5.01 -9.07 1.22
C GLU A 97 -3.62 -9.02 1.85
N LEU A 98 -2.60 -8.91 1.02
CA LEU A 98 -1.23 -8.86 1.51
C LEU A 98 -1.13 -8.04 2.79
N VAL A 99 -1.76 -6.86 2.78
CA VAL A 99 -1.75 -5.99 3.94
C VAL A 99 -2.58 -6.57 5.09
N GLU A 100 -3.76 -7.09 4.75
CA GLU A 100 -4.65 -7.69 5.74
C GLU A 100 -3.91 -8.73 6.58
N PHE A 101 -3.01 -9.47 5.93
CA PHE A 101 -2.24 -10.50 6.61
C PHE A 101 -1.20 -9.89 7.54
N TYR A 102 -0.33 -9.05 6.99
CA TYR A 102 0.71 -8.39 7.76
C TYR A 102 0.10 -7.60 8.92
N GLN A 103 -1.21 -7.41 8.88
CA GLN A 103 -1.91 -6.67 9.91
C GLN A 103 -2.07 -7.53 11.18
N GLN A 104 -1.95 -8.84 11.01
CA GLN A 104 -2.09 -9.76 12.13
C GLN A 104 -0.75 -10.41 12.47
N ASN A 105 0.20 -10.31 11.55
CA ASN A 105 1.52 -10.88 11.75
C ASN A 105 2.61 -9.82 11.60
N SER A 106 3.50 -9.74 12.58
CA SER A 106 4.58 -8.77 12.57
C SER A 106 5.35 -8.83 11.24
N LEU A 107 5.74 -7.67 10.74
CA LEU A 107 6.48 -7.59 9.49
C LEU A 107 7.92 -8.04 9.68
N LYS A 108 8.35 -8.13 10.93
CA LYS A 108 9.70 -8.56 11.26
C LYS A 108 10.12 -9.74 10.38
N ASP A 109 9.27 -10.74 10.31
CA ASP A 109 9.55 -11.93 9.51
C ASP A 109 10.34 -11.57 8.25
N CYS A 110 9.94 -10.48 7.61
CA CYS A 110 10.60 -10.01 6.40
C CYS A 110 11.75 -9.07 6.73
N PHE A 111 11.56 -8.28 7.79
CA PHE A 111 12.58 -7.32 8.22
C PHE A 111 12.79 -7.38 9.73
N LYS A 112 13.59 -8.35 10.17
CA LYS A 112 13.87 -8.51 11.58
C LYS A 112 14.13 -7.17 12.25
N SER A 113 14.79 -6.27 11.53
CA SER A 113 15.10 -4.94 12.05
C SER A 113 13.83 -4.13 12.25
N LEU A 114 12.86 -4.31 11.35
CA LEU A 114 11.60 -3.60 11.42
C LEU A 114 10.50 -4.48 12.00
N ASP A 115 10.26 -4.35 13.31
CA ASP A 115 9.24 -5.13 13.99
C ASP A 115 7.97 -4.31 14.17
N THR A 116 7.23 -4.10 13.09
CA THR A 116 5.99 -3.34 13.14
C THR A 116 4.88 -4.03 12.35
N THR A 117 3.65 -3.56 12.53
CA THR A 117 2.50 -4.13 11.83
C THR A 117 1.61 -3.03 11.26
N LEU A 118 0.91 -3.35 10.18
CA LEU A 118 0.01 -2.39 9.55
C LEU A 118 -1.09 -1.95 10.50
N GLN A 119 -0.81 -0.92 11.29
CA GLN A 119 -1.77 -0.41 12.26
C GLN A 119 -2.96 0.25 11.55
N PHE A 120 -2.72 1.42 10.99
CA PHE A 120 -3.76 2.16 10.28
C PHE A 120 -3.19 2.89 9.06
N PRO A 121 -4.06 3.15 8.07
CA PRO A 121 -3.66 3.85 6.85
C PRO A 121 -3.33 5.32 7.09
N PHE A 122 -2.86 5.99 6.05
CA PHE A 122 -2.51 7.41 6.16
C PHE A 122 -3.71 8.29 5.79
N LYS A 123 -4.43 7.89 4.75
CA LYS A 123 -5.61 8.64 4.31
C LYS A 123 -6.66 8.70 5.40
N GLU A 124 -6.64 7.72 6.29
CA GLU A 124 -7.59 7.66 7.39
C GLU A 124 -8.01 9.06 7.83
N PRO A 125 -9.33 9.30 7.87
CA PRO A 125 -9.88 10.60 8.27
C PRO A 125 -9.69 10.89 9.75
N GLU A 126 -9.93 12.13 10.15
CA GLU A 126 -9.78 12.53 11.55
C GLU A 126 -10.16 11.38 12.48
N LYS A 127 -9.40 11.25 13.58
CA LYS A 127 -9.65 10.20 14.55
C LYS A 127 -10.91 10.49 15.36
N ARG A 128 -12.03 9.94 14.92
CA ARG A 128 -13.31 10.15 15.61
C ARG A 128 -13.93 8.81 16.01
N THR A 129 -14.20 7.97 15.02
CA THR A 129 -14.80 6.66 15.28
C THR A 129 -14.01 5.55 14.58
N ILE A 130 -13.63 4.53 15.35
CA ILE A 130 -12.87 3.41 14.81
C ILE A 130 -13.80 2.31 14.31
N SER A 131 -13.38 1.61 13.26
CA SER A 131 -14.17 0.53 12.70
C SER A 131 -13.35 -0.28 11.70
N ARG A 132 -13.38 -1.60 11.86
CA ARG A 132 -12.65 -2.50 10.98
C ARG A 132 -13.21 -2.47 9.56
N SER A 133 -12.32 -2.37 8.58
CA SER A 133 -12.74 -2.32 7.18
C SER A 133 -12.37 -3.61 6.46
N GLY A 134 -12.98 -3.84 5.31
CA GLY A 134 -12.71 -5.04 4.54
C GLY A 134 -13.80 -5.36 3.54
N PRO A 135 -13.92 -6.64 3.18
CA PRO A 135 -14.94 -7.11 2.24
C PRO A 135 -16.35 -7.02 2.81
N SER A 136 -17.03 -5.92 2.53
CA SER A 136 -18.39 -5.72 3.01
C SER A 136 -19.36 -6.67 2.32
N SER A 137 -19.43 -6.58 1.01
CA SER A 137 -20.34 -7.42 0.22
C SER A 137 -21.71 -7.51 0.89
N GLY A 138 -22.19 -6.37 1.37
CA GLY A 138 -23.50 -6.35 2.02
C GLY A 138 -24.02 -4.94 2.19
#